data_7PXH
#
_entry.id   7PXH
#
_cell.length_a   1.00
_cell.length_b   1.00
_cell.length_c   1.00
_cell.angle_alpha   90.00
_cell.angle_beta   90.00
_cell.angle_gamma   90.00
#
_symmetry.space_group_name_H-M   'P 1'
#
loop_
_entity.id
_entity.type
_entity.pdbx_description
1 polymer 'Isoform J of Calcium-activated potassium channel slowpoke'
2 non-polymer 'CALCIUM ION'
3 non-polymer 'MAGNESIUM ION'
4 non-polymer '(4S,7R)-4-HYDROXY-N,N,N-TRIMETHYL-9-OXO-7-[(PALMITOYLOXY)METHYL]-3,5,8-TRIOXA-4-PHOSPHAHEXACOSAN-1-AMINIUM 4-OXIDE'
5 non-polymer CHOLESTEROL
6 non-polymer 'POTASSIUM ION'
7 non-polymer (3~{S},6~{R},9~{S},12~{R},15~{S},18~{R},21~{S},24~{R})-4,6,10,16,18,22-hexamethyl-3,9,15,21-tetrakis(2-methylpropyl)-12,24-bis[(4-morpholin-4-ylphenyl)methyl]-1,7,13,19-tetraoxa-4,10,16,22-tetrazacyclotetracosane-2,5,8,11,14,17,20,23-octone
#
_entity_poly.entity_id   1
_entity_poly.type   'polypeptide(L)'
_entity_poly.pdbx_seq_one_letter_code
;MASGLIDTNFSSTLANGMSGCDQSTVESLADDPTDSPFDADDCLKVRKYWCFLLSSIFTFLAGLLVVLLWRAFAFVCCRK
EPDLGPNDPKQKEQKASRNKQEFEGTFMTEAKDWAGELISGQTTTGRILVVLVFILSIASLIIYFVDASSEEVERCQKWS
NNITQQIDLAFNIFFMVYFFIRFIAASDKLWFMLEMYSFVDYFTIPPSFVSIYLDRTWIGLRFLRALRLMTVPDILQYLN
VLKTSSSIRLAQLVSIFISVWLTAAGIIHLLENSGDPLDFDNAHRLSYWTCVYFLIVTMSTVGYGDVYCETVLGRTFLVF
FLLVGLAIFASCIPEIIDLIGTRAKYGGTLKNEKGRRHIVVCGHITYESVSHFLKDFLHEDREDVDVEVVFLHRKPPDLE
LEGLFKRHFTTVEFFQGTIMNPIDLQRVKVHEADACLVLANKYCQDPDAEDAANIMRVISIKNYSDDIRVIIQLMQYHNK
AYLLNIPSWDWKQGDDVICLAELKLGFIAQSCLAPGFSTMMANLFAMRSFKTSPDMQSWTNDYLRGTGMEMYTETLSPTF
IGIPFAQATELCFSKLKLLLLAIEIKGAEEGADSKISINPRGAKIQANTQGFFIAQSADEVKRAWFYCKACHEDIKDETL
IKKCKCKNLATFRKGVRAVQMVGRASDITRDREDTNLLNRNVRRPNGTGNGTGGMHHMNNTAAAAAAAAAAGKQVNKVKP
TVNVSRQVEGQVISPSQYNRPTSRSSGTGTQNQNGGVSLPAGIADDQSKDFDFEKTEMKYDSTGMFHWSPAKSLEDCILD
RNQAAMTVLNGHVVVCLFADPDSPLIGLRNLVMPLRASNFHYHELKHVVIVGSVDYIRREWKMLQNLPKISVLNGSPLSR
ADLRAVNVNLCDMCCILSAKVPSNDDPTLADKEAILASLNIKAMTFDDTIGVLSQRGPEFDNLSATAGSPIVLQRRGSVY
GANVPMITELVNDGNVQFLDQDDDDDPDTELYLTQPFACGTAFAVSVLDSLMSTTYFNQNALTLIRSLITGGATPELELI
LAEGAGLRGGYSTVESLSNRDRCRVGQISLYDGPLAQFGECGKYGDLFVAALKSYGMLCIGLYRFRDTSSSCDASSKRYV
ITNPPDDFSLLPTDQVFVLMQFDPGLEYKPPAVRAPAGGRGTNTQGSGVGGGGSNKDDNS
;
_entity_poly.pdbx_strand_id   A,B,C,D
#
loop_
_chem_comp.id
_chem_comp.type
_chem_comp.name
_chem_comp.formula
6PL non-polymer '(4S,7R)-4-HYDROXY-N,N,N-TRIMETHYL-9-OXO-7-[(PALMITOYLOXY)METHYL]-3,5,8-TRIOXA-4-PHOSPHAHEXACOSAN-1-AMINIUM 4-OXIDE' 'C42 H85 N O8 P 1'
8I2 non-polymer (3~{S},6~{R},9~{S},12~{R},15~{S},18~{R},21~{S},24~{R})-4,6,10,16,18,22-hexamethyl-3,9,15,21-tetrakis(2-methylpropyl)-12,24-bis[(4-morpholin-4-ylphenyl)methyl]-1,7,13,19-tetraoxa-4,10,16,22-tetrazacyclotetracosane-2,5,8,11,14,17,20,23-octone 'C60 H90 N6 O14'
CA non-polymer 'CALCIUM ION' 'Ca 2'
CLR non-polymer CHOLESTEROL 'C27 H46 O'
K non-polymer 'POTASSIUM ION' 'K 1'
MG non-polymer 'MAGNESIUM ION' 'Mg 2'
#
# COMPACT_ATOMS: atom_id res chain seq x y z
N LEU A 44 42.83 6.44 -59.01
CA LEU A 44 43.08 5.99 -57.65
C LEU A 44 44.17 6.84 -56.99
N LYS A 45 44.88 7.62 -57.80
CA LYS A 45 45.92 8.48 -57.27
C LYS A 45 45.34 9.54 -56.33
N VAL A 46 44.20 10.12 -56.70
CA VAL A 46 43.49 11.09 -55.87
C VAL A 46 42.10 10.56 -55.57
N ARG A 47 41.71 10.63 -54.30
CA ARG A 47 40.41 10.12 -53.88
C ARG A 47 39.31 11.11 -54.23
N LYS A 48 38.22 10.61 -54.80
CA LYS A 48 37.06 11.42 -55.16
C LYS A 48 35.91 11.21 -54.18
N TYR A 49 36.23 10.96 -52.91
CA TYR A 49 35.19 10.74 -51.91
C TYR A 49 34.39 12.00 -51.64
N TRP A 50 35.01 13.17 -51.81
CA TRP A 50 34.29 14.43 -51.56
C TRP A 50 33.18 14.65 -52.56
N CYS A 51 33.33 14.14 -53.79
CA CYS A 51 32.28 14.29 -54.80
C CYS A 51 31.00 13.59 -54.36
N PHE A 52 31.12 12.38 -53.80
CA PHE A 52 29.95 11.69 -53.28
C PHE A 52 29.36 12.44 -52.09
N LEU A 53 30.21 12.94 -51.21
CA LEU A 53 29.73 13.67 -50.03
C LEU A 53 29.11 15.01 -50.41
N LEU A 54 29.71 15.70 -51.39
CA LEU A 54 29.22 17.02 -51.77
C LEU A 54 27.80 16.95 -52.32
N SER A 55 27.50 15.96 -53.16
CA SER A 55 26.17 15.82 -53.72
C SER A 55 25.14 15.52 -52.63
N SER A 56 25.50 14.66 -51.68
CA SER A 56 24.59 14.33 -50.58
C SER A 56 24.28 15.57 -49.75
N ILE A 57 25.31 16.36 -49.43
CA ILE A 57 25.10 17.60 -48.69
C ILE A 57 24.28 18.58 -49.52
N PHE A 58 24.60 18.70 -50.81
CA PHE A 58 23.86 19.60 -51.69
C PHE A 58 22.40 19.20 -51.80
N THR A 59 22.13 17.90 -51.92
CA THR A 59 20.75 17.44 -52.03
C THR A 59 19.94 17.78 -50.78
N PHE A 60 20.54 17.58 -49.61
CA PHE A 60 19.86 17.96 -48.37
C PHE A 60 19.66 19.47 -48.28
N LEU A 61 20.68 20.23 -48.66
CA LEU A 61 20.57 21.69 -48.60
C LEU A 61 19.59 22.22 -49.64
N ALA A 62 19.68 21.73 -50.88
CA ALA A 62 18.78 22.20 -51.93
C ALA A 62 17.34 21.82 -51.62
N GLY A 63 17.10 20.60 -51.15
CA GLY A 63 15.75 20.19 -50.81
C GLY A 63 15.17 20.98 -49.66
N LEU A 64 16.02 21.34 -48.69
CA LEU A 64 15.55 22.11 -47.54
C LEU A 64 15.15 23.53 -47.95
N LEU A 65 15.98 24.19 -48.75
CA LEU A 65 15.69 25.57 -49.13
C LEU A 65 14.50 25.67 -50.08
N VAL A 66 14.31 24.66 -50.93
CA VAL A 66 13.18 24.67 -51.85
C VAL A 66 11.86 24.69 -51.08
N VAL A 67 11.78 23.90 -50.01
CA VAL A 67 10.59 23.93 -49.16
C VAL A 67 10.38 25.32 -48.57
N LEU A 68 11.46 25.93 -48.07
CA LEU A 68 11.39 27.32 -47.62
C LEU A 68 11.12 28.26 -48.79
N LEU A 69 11.73 28.00 -49.94
CA LEU A 69 11.47 28.82 -51.12
C LEU A 69 10.02 28.68 -51.57
N TRP A 70 9.48 27.46 -51.51
CA TRP A 70 8.07 27.27 -51.85
C TRP A 70 7.16 28.03 -50.89
N ARG A 71 7.50 28.03 -49.60
CA ARG A 71 6.74 28.82 -48.65
C ARG A 71 6.84 30.32 -48.97
N ALA A 72 8.04 30.78 -49.34
CA ALA A 72 8.18 32.15 -49.81
C ALA A 72 7.42 32.38 -51.10
N PHE A 73 7.46 31.39 -52.01
CA PHE A 73 6.69 31.50 -53.25
C PHE A 73 5.19 31.43 -52.99
N ALA A 74 4.77 30.67 -51.97
CA ALA A 74 3.36 30.62 -51.62
C ALA A 74 2.85 31.96 -51.09
N PHE A 75 3.74 32.80 -50.58
CA PHE A 75 3.31 34.12 -50.10
C PHE A 75 2.79 34.98 -51.25
N VAL A 76 3.45 34.94 -52.41
CA VAL A 76 2.99 35.70 -53.57
C VAL A 76 1.94 34.96 -54.38
N CYS A 77 1.72 33.68 -54.10
CA CYS A 77 0.71 32.90 -54.83
C CYS A 77 -0.55 32.73 -54.00
N THR A 106 -8.43 20.26 -54.74
CA THR A 106 -7.40 20.34 -55.76
C THR A 106 -6.62 19.02 -55.85
N PHE A 107 -5.48 19.06 -56.55
CA PHE A 107 -4.63 17.87 -56.65
C PHE A 107 -4.09 17.46 -55.29
N MET A 108 -3.67 18.43 -54.47
CA MET A 108 -3.11 18.11 -53.15
C MET A 108 -4.18 17.53 -52.24
N THR A 109 -5.44 17.96 -52.40
CA THR A 109 -6.51 17.40 -51.59
C THR A 109 -6.70 15.92 -51.84
N GLU A 110 -6.58 15.49 -53.10
CA GLU A 110 -6.75 14.09 -53.44
C GLU A 110 -5.46 13.31 -53.25
N ALA A 111 -4.34 13.82 -53.77
CA ALA A 111 -3.09 13.08 -53.74
C ALA A 111 -2.60 12.82 -52.32
N LYS A 112 -2.66 13.84 -51.46
CA LYS A 112 -2.19 13.66 -50.08
C LYS A 112 -3.02 12.61 -49.34
N ASP A 113 -4.35 12.65 -49.51
CA ASP A 113 -5.19 11.63 -48.91
C ASP A 113 -4.96 10.28 -49.58
N TRP A 114 -4.81 10.26 -50.90
CA TRP A 114 -4.55 9.01 -51.61
C TRP A 114 -3.22 8.39 -51.20
N ALA A 115 -2.18 9.21 -51.06
CA ALA A 115 -0.88 8.70 -50.64
C ALA A 115 -0.88 8.28 -49.17
N GLY A 116 -1.85 8.74 -48.39
CA GLY A 116 -1.92 8.32 -46.99
C GLY A 116 -2.20 6.84 -46.84
N GLU A 117 -3.14 6.32 -47.63
CA GLU A 117 -3.45 4.89 -47.55
C GLU A 117 -2.37 4.04 -48.21
N LEU A 118 -1.67 4.60 -49.20
CA LEU A 118 -0.62 3.85 -49.88
C LEU A 118 0.53 3.50 -48.93
N ILE A 119 0.94 4.46 -48.09
CA ILE A 119 2.05 4.21 -47.18
C ILE A 119 1.60 3.47 -45.92
N SER A 120 0.32 3.56 -45.56
CA SER A 120 -0.20 2.86 -44.39
C SER A 120 -0.81 1.51 -44.74
N GLY A 121 -0.83 1.14 -46.00
CA GLY A 121 -1.39 -0.14 -46.41
C GLY A 121 -2.86 -0.31 -46.13
N GLN A 122 -3.67 0.71 -46.38
CA GLN A 122 -5.10 0.63 -46.14
C GLN A 122 -5.87 0.09 -47.35
N THR A 123 -5.46 0.46 -48.56
CA THR A 123 -6.09 -0.03 -49.77
C THR A 123 -5.45 -1.34 -50.22
N THR A 124 -6.09 -1.99 -51.19
CA THR A 124 -5.56 -3.26 -51.70
C THR A 124 -4.21 -3.05 -52.39
N THR A 125 -4.04 -1.94 -53.10
CA THR A 125 -2.75 -1.60 -53.68
C THR A 125 -1.79 -1.03 -52.64
N GLY A 126 -2.30 -0.50 -51.53
CA GLY A 126 -1.42 0.00 -50.49
C GLY A 126 -0.65 -1.11 -49.81
N ARG A 127 -1.30 -2.25 -49.54
CA ARG A 127 -0.61 -3.37 -48.91
C ARG A 127 0.47 -3.95 -49.81
N ILE A 128 0.27 -3.91 -51.13
CA ILE A 128 1.29 -4.39 -52.05
C ILE A 128 2.56 -3.56 -51.91
N LEU A 129 2.42 -2.23 -51.85
CA LEU A 129 3.58 -1.37 -51.66
C LEU A 129 4.25 -1.61 -50.32
N VAL A 130 3.44 -1.80 -49.26
CA VAL A 130 4.00 -1.99 -47.93
C VAL A 130 4.80 -3.29 -47.86
N VAL A 131 4.25 -4.37 -48.42
CA VAL A 131 4.97 -5.64 -48.41
C VAL A 131 6.19 -5.60 -49.30
N LEU A 132 6.06 -4.98 -50.49
CA LEU A 132 7.18 -4.93 -51.43
C LEU A 132 8.34 -4.13 -50.87
N VAL A 133 8.06 -2.99 -50.24
CA VAL A 133 9.13 -2.19 -49.65
C VAL A 133 9.75 -2.91 -48.47
N PHE A 134 8.97 -3.75 -47.78
CA PHE A 134 9.52 -4.58 -46.71
C PHE A 134 10.54 -5.58 -47.25
N ILE A 135 10.22 -6.21 -48.38
CA ILE A 135 11.12 -7.20 -48.97
C ILE A 135 12.36 -6.52 -49.53
N LEU A 136 12.18 -5.40 -50.25
CA LEU A 136 13.32 -4.73 -50.86
C LEU A 136 14.25 -4.11 -49.82
N SER A 137 13.71 -3.72 -48.66
CA SER A 137 14.57 -3.23 -47.59
C SER A 137 15.50 -4.33 -47.10
N ILE A 138 15.00 -5.56 -46.97
CA ILE A 138 15.85 -6.68 -46.59
C ILE A 138 16.86 -6.98 -47.69
N ALA A 139 16.41 -6.98 -48.94
CA ALA A 139 17.30 -7.31 -50.06
C ALA A 139 18.37 -6.24 -50.24
N SER A 140 18.02 -4.97 -50.00
CA SER A 140 19.01 -3.89 -50.16
C SER A 140 20.16 -4.05 -49.17
N LEU A 141 19.86 -4.44 -47.94
CA LEU A 141 20.92 -4.65 -46.95
C LEU A 141 21.85 -5.79 -47.36
N ILE A 142 21.29 -6.83 -47.99
CA ILE A 142 22.12 -7.95 -48.43
C ILE A 142 23.10 -7.49 -49.51
N ILE A 143 22.65 -6.59 -50.39
CA ILE A 143 23.53 -6.05 -51.43
C ILE A 143 24.71 -5.33 -50.80
N TYR A 144 24.48 -4.62 -49.70
CA TYR A 144 25.57 -3.96 -49.00
C TYR A 144 26.56 -4.96 -48.41
N PHE A 145 26.07 -6.12 -47.95
CA PHE A 145 26.94 -7.10 -47.32
C PHE A 145 27.99 -7.62 -48.31
N VAL A 146 27.56 -7.96 -49.54
CA VAL A 146 28.52 -8.41 -50.53
C VAL A 146 29.39 -7.25 -51.01
N ASP A 147 28.86 -6.03 -50.98
CA ASP A 147 29.68 -4.87 -51.33
C ASP A 147 30.78 -4.66 -50.30
N ALA A 148 30.46 -4.80 -49.02
CA ALA A 148 31.46 -4.61 -47.97
C ALA A 148 32.53 -5.68 -47.99
N SER A 149 32.30 -6.81 -48.66
CA SER A 149 33.31 -7.85 -48.75
C SER A 149 34.50 -7.43 -49.61
N SER A 150 34.38 -6.34 -50.38
CA SER A 150 35.49 -5.88 -51.19
C SER A 150 36.62 -5.38 -50.31
N GLU A 151 37.86 -5.77 -50.65
CA GLU A 151 39.01 -5.36 -49.86
C GLU A 151 39.30 -3.86 -50.01
N GLU A 152 39.14 -3.32 -51.21
CA GLU A 152 39.40 -1.92 -51.47
C GLU A 152 38.17 -1.07 -51.15
N VAL A 153 38.41 0.17 -50.75
CA VAL A 153 37.32 1.08 -50.42
C VAL A 153 36.84 1.86 -51.65
N GLU A 154 37.72 2.08 -52.63
CA GLU A 154 37.36 2.78 -53.86
C GLU A 154 37.76 1.92 -55.04
N ARG A 155 36.81 1.71 -55.95
CA ARG A 155 37.05 0.89 -57.15
C ARG A 155 36.56 1.65 -58.38
N CYS A 156 37.26 1.48 -59.49
CA CYS A 156 36.87 2.07 -60.77
C CYS A 156 36.36 0.96 -61.68
N GLN A 157 35.12 1.08 -62.13
CA GLN A 157 34.50 0.05 -62.94
C GLN A 157 33.31 0.65 -63.69
N LYS A 158 33.05 0.12 -64.87
CA LYS A 158 31.91 0.55 -65.66
C LYS A 158 30.63 -0.08 -65.12
N TRP A 159 29.50 0.52 -65.49
CA TRP A 159 28.21 0.05 -65.00
C TRP A 159 27.90 -1.35 -65.51
N SER A 160 28.22 -1.63 -66.78
CA SER A 160 27.91 -2.94 -67.35
C SER A 160 28.84 -4.04 -66.86
N ASN A 161 30.02 -3.68 -66.35
CA ASN A 161 30.97 -4.69 -65.92
C ASN A 161 30.46 -5.47 -64.71
N ASN A 162 29.83 -4.80 -63.75
CA ASN A 162 29.34 -5.42 -62.53
C ASN A 162 27.82 -5.36 -62.50
N ILE A 163 27.20 -6.50 -62.17
CA ILE A 163 25.74 -6.54 -62.08
C ILE A 163 25.23 -6.10 -60.71
N THR A 164 26.10 -6.03 -59.69
CA THR A 164 25.68 -5.56 -58.39
C THR A 164 25.26 -4.10 -58.43
N GLN A 165 26.00 -3.27 -59.16
CA GLN A 165 25.63 -1.87 -59.30
C GLN A 165 24.32 -1.69 -60.04
N GLN A 166 24.07 -2.52 -61.06
CA GLN A 166 22.82 -2.42 -61.81
C GLN A 166 21.62 -2.73 -60.92
N ILE A 167 21.72 -3.78 -60.10
CA ILE A 167 20.63 -4.13 -59.20
C ILE A 167 20.48 -3.07 -58.11
N ASP A 168 21.60 -2.49 -57.66
CA ASP A 168 21.53 -1.39 -56.71
C ASP A 168 20.77 -0.20 -57.30
N LEU A 169 21.03 0.11 -58.58
CA LEU A 169 20.28 1.18 -59.24
C LEU A 169 18.81 0.83 -59.33
N ALA A 170 18.48 -0.45 -59.57
CA ALA A 170 17.09 -0.85 -59.67
C ALA A 170 16.35 -0.65 -58.36
N PHE A 171 17.02 -0.93 -57.24
CA PHE A 171 16.39 -0.73 -55.92
C PHE A 171 16.30 0.74 -55.53
N ASN A 172 17.21 1.58 -56.01
CA ASN A 172 17.24 2.97 -55.58
C ASN A 172 16.13 3.80 -56.22
N ILE A 173 15.76 3.48 -57.47
CA ILE A 173 14.68 4.22 -58.12
C ILE A 173 13.35 3.96 -57.42
N PHE A 174 13.14 2.73 -56.93
CA PHE A 174 11.95 2.46 -56.14
C PHE A 174 11.97 3.21 -54.81
N PHE A 175 13.15 3.26 -54.17
CA PHE A 175 13.27 4.01 -52.93
C PHE A 175 13.20 5.51 -53.15
N MET A 176 13.34 5.98 -54.38
CA MET A 176 13.19 7.40 -54.69
C MET A 176 11.73 7.78 -54.93
N VAL A 177 11.00 6.98 -55.71
CA VAL A 177 9.59 7.25 -55.90
C VAL A 177 8.82 7.03 -54.61
N TYR A 178 9.23 6.06 -53.79
CA TYR A 178 8.61 5.87 -52.48
C TYR A 178 8.88 7.08 -51.58
N PHE A 179 10.06 7.68 -51.71
CA PHE A 179 10.35 8.91 -50.98
C PHE A 179 9.42 10.03 -51.41
N PHE A 180 9.14 10.14 -52.71
CA PHE A 180 8.24 11.18 -53.19
C PHE A 180 6.80 10.93 -52.71
N ILE A 181 6.39 9.67 -52.65
CA ILE A 181 5.02 9.36 -52.20
C ILE A 181 4.81 9.80 -50.77
N ARG A 182 5.78 9.52 -49.89
CA ARG A 182 5.67 9.94 -48.50
C ARG A 182 5.71 11.46 -48.38
N PHE A 183 6.44 12.14 -49.27
CA PHE A 183 6.47 13.60 -49.25
C PHE A 183 5.08 14.18 -49.53
N ILE A 184 4.35 13.61 -50.48
CA ILE A 184 2.99 14.06 -50.75
C ILE A 184 2.09 13.78 -49.56
N ALA A 185 2.22 12.59 -48.96
CA ALA A 185 1.39 12.24 -47.81
C ALA A 185 1.78 12.98 -46.54
N ALA A 186 2.96 13.60 -46.52
CA ALA A 186 3.41 14.32 -45.33
C ALA A 186 2.57 15.57 -45.13
N SER A 187 2.05 15.73 -43.91
CA SER A 187 1.24 16.92 -43.60
C SER A 187 2.12 18.17 -43.49
N ASP A 188 3.30 18.02 -42.89
CA ASP A 188 4.24 19.12 -42.76
C ASP A 188 5.48 18.81 -43.61
N LYS A 189 5.85 19.75 -44.48
CA LYS A 189 6.95 19.53 -45.41
C LYS A 189 8.31 19.84 -44.80
N LEU A 190 8.39 20.86 -43.94
CA LEU A 190 9.68 21.22 -43.35
C LEU A 190 10.19 20.11 -42.43
N TRP A 191 9.33 19.59 -41.57
CA TRP A 191 9.74 18.52 -40.66
C TRP A 191 9.92 17.19 -41.37
N PHE A 192 9.27 16.99 -42.52
CA PHE A 192 9.48 15.76 -43.28
C PHE A 192 10.91 15.70 -43.82
N MET A 193 11.46 16.83 -44.25
CA MET A 193 12.84 16.85 -44.72
C MET A 193 13.81 16.61 -43.58
N LEU A 194 13.48 17.06 -42.37
CA LEU A 194 14.37 16.96 -41.22
C LEU A 194 14.18 15.69 -40.41
N GLU A 195 13.23 14.83 -40.79
CA GLU A 195 13.04 13.59 -40.06
C GLU A 195 14.22 12.64 -40.28
N MET A 196 14.41 11.73 -39.34
CA MET A 196 15.59 10.87 -39.36
C MET A 196 15.58 9.93 -40.56
N TYR A 197 14.41 9.54 -41.05
CA TYR A 197 14.32 8.67 -42.22
C TYR A 197 14.86 9.35 -43.49
N SER A 198 14.59 10.64 -43.67
CA SER A 198 14.99 11.30 -44.91
C SER A 198 16.51 11.40 -45.04
N PHE A 199 17.23 11.50 -43.91
CA PHE A 199 18.67 11.59 -44.00
C PHE A 199 19.28 10.31 -44.55
N VAL A 200 18.61 9.17 -44.35
CA VAL A 200 19.07 7.93 -44.96
C VAL A 200 19.00 8.01 -46.48
N ASP A 201 17.90 8.56 -47.00
CA ASP A 201 17.74 8.69 -48.45
C ASP A 201 18.71 9.72 -49.01
N TYR A 202 19.01 10.77 -48.24
CA TYR A 202 19.90 11.83 -48.73
C TYR A 202 21.32 11.32 -48.93
N PHE A 203 21.77 10.41 -48.06
CA PHE A 203 23.14 9.90 -48.13
C PHE A 203 23.23 8.54 -48.82
N THR A 204 22.15 8.07 -49.43
CA THR A 204 22.15 6.80 -50.15
C THR A 204 21.81 6.93 -51.62
N ILE A 205 20.77 7.69 -51.96
CA ILE A 205 20.29 7.77 -53.34
C ILE A 205 21.17 8.68 -54.19
N PRO A 206 21.45 9.93 -53.79
CA PRO A 206 22.27 10.81 -54.64
C PRO A 206 23.67 10.26 -54.90
N PRO A 207 24.30 9.56 -53.93
CA PRO A 207 25.58 8.91 -54.26
C PRO A 207 25.52 7.98 -55.45
N SER A 208 24.41 7.26 -55.63
CA SER A 208 24.33 6.29 -56.73
C SER A 208 24.40 6.97 -58.09
N PHE A 209 23.71 8.09 -58.26
CA PHE A 209 23.73 8.78 -59.55
C PHE A 209 25.09 9.42 -59.80
N VAL A 210 25.78 9.84 -58.74
CA VAL A 210 27.15 10.32 -58.89
C VAL A 210 28.06 9.19 -59.34
N SER A 211 27.88 8.00 -58.77
CA SER A 211 28.69 6.85 -59.16
C SER A 211 28.43 6.47 -60.62
N ILE A 212 27.16 6.51 -61.04
CA ILE A 212 26.83 6.14 -62.41
C ILE A 212 27.27 7.22 -63.38
N TYR A 213 27.56 8.43 -62.89
CA TYR A 213 27.98 9.52 -63.76
C TYR A 213 29.50 9.60 -63.87
N LEU A 214 30.20 9.51 -62.74
CA LEU A 214 31.66 9.61 -62.75
C LEU A 214 32.33 8.28 -63.12
N ASP A 215 31.56 7.19 -63.14
CA ASP A 215 32.06 5.86 -63.51
C ASP A 215 33.08 5.34 -62.51
N ARG A 216 32.79 5.52 -61.21
CA ARG A 216 33.56 4.90 -60.15
C ARG A 216 32.65 4.65 -58.97
N THR A 217 33.05 3.71 -58.11
CA THR A 217 32.26 3.35 -56.94
C THR A 217 33.08 3.56 -55.68
N TRP A 218 32.36 3.85 -54.59
CA TRP A 218 32.96 4.05 -53.28
C TRP A 218 32.01 3.51 -52.23
N ILE A 219 32.59 2.97 -51.15
CA ILE A 219 31.76 2.41 -50.08
C ILE A 219 30.89 3.49 -49.46
N GLY A 220 31.43 4.70 -49.33
CA GLY A 220 30.69 5.87 -48.87
C GLY A 220 30.02 5.65 -47.53
N LEU A 221 28.75 6.06 -47.46
CA LEU A 221 27.91 5.88 -46.29
C LEU A 221 26.78 4.89 -46.59
N ARG A 222 27.10 3.86 -47.37
CA ARG A 222 26.08 2.91 -47.84
C ARG A 222 25.52 2.05 -46.72
N PHE A 223 26.16 2.01 -45.55
CA PHE A 223 25.65 1.23 -44.44
C PHE A 223 24.38 1.81 -43.84
N LEU A 224 23.99 3.03 -44.22
CA LEU A 224 22.83 3.68 -43.63
C LEU A 224 21.51 2.99 -43.96
N ARG A 225 21.47 2.13 -44.97
CA ARG A 225 20.24 1.39 -45.24
C ARG A 225 19.91 0.40 -44.13
N ALA A 226 20.88 0.06 -43.27
CA ALA A 226 20.60 -0.77 -42.11
C ALA A 226 19.67 -0.06 -41.13
N LEU A 227 19.61 1.27 -41.18
CA LEU A 227 18.68 2.01 -40.33
C LEU A 227 17.23 1.78 -40.74
N ARG A 228 16.98 1.28 -41.95
CA ARG A 228 15.63 0.98 -42.39
C ARG A 228 15.04 -0.24 -41.68
N LEU A 229 15.85 -1.00 -40.95
CA LEU A 229 15.36 -2.17 -40.24
C LEU A 229 14.47 -1.82 -39.06
N MET A 230 14.52 -0.57 -38.59
CA MET A 230 13.69 -0.15 -37.46
C MET A 230 12.26 0.17 -37.85
N THR A 231 11.97 0.24 -39.16
CA THR A 231 10.60 0.39 -39.63
C THR A 231 9.89 -0.95 -39.80
N VAL A 232 10.57 -2.06 -39.51
CA VAL A 232 9.93 -3.37 -39.58
C VAL A 232 8.73 -3.48 -38.65
N PRO A 233 8.79 -3.05 -37.38
CA PRO A 233 7.57 -3.09 -36.56
C PRO A 233 6.44 -2.26 -37.14
N ASP A 234 6.76 -1.11 -37.74
CA ASP A 234 5.71 -0.29 -38.36
C ASP A 234 5.08 -1.02 -39.53
N ILE A 235 5.88 -1.71 -40.34
CA ILE A 235 5.35 -2.47 -41.48
C ILE A 235 4.46 -3.60 -40.99
N LEU A 236 4.90 -4.31 -39.95
CA LEU A 236 4.10 -5.42 -39.42
C LEU A 236 2.78 -4.93 -38.84
N GLN A 237 2.80 -3.79 -38.14
CA GLN A 237 1.56 -3.24 -37.61
C GLN A 237 0.63 -2.76 -38.72
N TYR A 238 1.19 -2.30 -39.85
CA TYR A 238 0.35 -1.88 -40.97
C TYR A 238 -0.41 -3.06 -41.56
N LEU A 239 0.22 -4.24 -41.60
CA LEU A 239 -0.42 -5.44 -42.12
C LEU A 239 -1.20 -6.20 -41.06
N ASN A 240 -1.31 -5.65 -39.84
CA ASN A 240 -2.06 -6.26 -38.75
C ASN A 240 -1.52 -7.66 -38.42
N VAL A 241 -0.20 -7.80 -38.46
CA VAL A 241 0.45 -9.05 -38.09
C VAL A 241 0.70 -9.11 -36.59
N LEU A 242 1.11 -7.99 -35.99
CA LEU A 242 1.35 -7.90 -34.56
C LEU A 242 0.16 -7.23 -33.88
N LYS A 243 -0.46 -7.93 -32.94
CA LYS A 243 -1.62 -7.43 -32.22
C LYS A 243 -1.40 -7.30 -30.73
N THR A 244 -0.72 -8.27 -30.11
CA THR A 244 -0.45 -8.21 -28.68
C THR A 244 0.55 -7.11 -28.37
N SER A 245 0.37 -6.44 -27.23
CA SER A 245 1.28 -5.39 -26.83
C SER A 245 2.69 -5.93 -26.58
N SER A 246 2.79 -7.11 -25.98
CA SER A 246 4.10 -7.71 -25.73
C SER A 246 4.81 -8.03 -27.04
N SER A 247 4.07 -8.53 -28.04
CA SER A 247 4.67 -8.83 -29.33
C SER A 247 5.18 -7.56 -30.02
N ILE A 248 4.40 -6.48 -29.94
CA ILE A 248 4.83 -5.22 -30.54
C ILE A 248 6.07 -4.68 -29.84
N ARG A 249 6.09 -4.74 -28.51
CA ARG A 249 7.26 -4.26 -27.77
C ARG A 249 8.50 -5.09 -28.08
N LEU A 250 8.34 -6.41 -28.17
CA LEU A 250 9.49 -7.27 -28.46
C LEU A 250 10.05 -6.99 -29.85
N ALA A 251 9.17 -6.79 -30.85
CA ALA A 251 9.63 -6.51 -32.20
C ALA A 251 10.37 -5.18 -32.28
N GLN A 252 9.86 -4.16 -31.57
CA GLN A 252 10.50 -2.85 -31.60
C GLN A 252 11.90 -2.91 -31.01
N LEU A 253 12.06 -3.61 -29.88
CA LEU A 253 13.37 -3.69 -29.25
C LEU A 253 14.36 -4.51 -30.09
N VAL A 254 13.89 -5.60 -30.70
CA VAL A 254 14.77 -6.42 -31.53
C VAL A 254 15.24 -5.64 -32.75
N SER A 255 14.33 -4.90 -33.38
CA SER A 255 14.69 -4.13 -34.57
C SER A 255 15.70 -3.02 -34.22
N ILE A 256 15.50 -2.36 -33.09
CA ILE A 256 16.41 -1.28 -32.69
C ILE A 256 17.80 -1.83 -32.42
N PHE A 257 17.89 -2.95 -31.69
CA PHE A 257 19.19 -3.52 -31.37
C PHE A 257 19.92 -3.98 -32.61
N ILE A 258 19.21 -4.63 -33.53
CA ILE A 258 19.87 -5.13 -34.75
C ILE A 258 20.28 -3.99 -35.66
N SER A 259 19.40 -3.01 -35.84
CA SER A 259 19.70 -1.89 -36.73
C SER A 259 20.90 -1.08 -36.24
N VAL A 260 20.96 -0.81 -34.94
CA VAL A 260 22.08 -0.06 -34.39
C VAL A 260 23.36 -0.88 -34.46
N TRP A 261 23.26 -2.18 -34.20
CA TRP A 261 24.45 -3.05 -34.23
C TRP A 261 25.07 -3.07 -35.63
N LEU A 262 24.24 -3.21 -36.66
CA LEU A 262 24.76 -3.25 -38.03
C LEU A 262 25.24 -1.88 -38.48
N THR A 263 24.50 -0.82 -38.11
CA THR A 263 24.90 0.53 -38.51
C THR A 263 26.22 0.94 -37.86
N ALA A 264 26.39 0.60 -36.57
CA ALA A 264 27.63 0.94 -35.88
C ALA A 264 28.82 0.21 -36.49
N ALA A 265 28.62 -1.05 -36.90
CA ALA A 265 29.70 -1.80 -37.53
C ALA A 265 30.10 -1.15 -38.85
N GLY A 266 29.12 -0.65 -39.61
CA GLY A 266 29.45 0.02 -40.87
C GLY A 266 30.26 1.29 -40.66
N ILE A 267 29.92 2.05 -39.62
CA ILE A 267 30.70 3.26 -39.31
C ILE A 267 32.13 2.90 -38.95
N ILE A 268 32.32 1.87 -38.13
CA ILE A 268 33.66 1.44 -37.75
C ILE A 268 34.40 0.92 -38.97
N HIS A 269 33.72 0.14 -39.82
CA HIS A 269 34.37 -0.43 -41.00
C HIS A 269 34.84 0.66 -41.95
N LEU A 270 34.02 1.70 -42.15
CA LEU A 270 34.40 2.78 -43.06
C LEU A 270 35.56 3.59 -42.49
N LEU A 271 35.45 4.00 -41.22
CA LEU A 271 36.47 4.86 -40.62
C LEU A 271 37.82 4.15 -40.52
N GLU A 272 37.82 2.88 -40.10
CA GLU A 272 39.07 2.15 -39.93
C GLU A 272 39.74 1.89 -41.28
N ASN A 273 38.96 1.52 -42.29
CA ASN A 273 39.54 1.17 -43.58
C ASN A 273 40.01 2.42 -44.33
N SER A 274 39.22 3.49 -44.30
CA SER A 274 39.58 4.69 -45.04
C SER A 274 40.83 5.35 -44.47
N GLY A 275 40.94 5.41 -43.14
CA GLY A 275 42.07 6.05 -42.50
C GLY A 275 41.77 7.50 -42.14
N ASP A 276 42.80 8.16 -41.61
CA ASP A 276 42.67 9.55 -41.19
C ASP A 276 42.44 10.45 -42.41
N PRO A 277 41.57 11.45 -42.28
CA PRO A 277 41.23 12.30 -43.43
C PRO A 277 42.42 13.12 -43.90
N LEU A 278 42.36 13.46 -45.19
CA LEU A 278 43.25 14.37 -45.91
C LEU A 278 44.62 13.75 -46.20
N ASP A 279 44.95 12.63 -45.60
CA ASP A 279 46.17 11.94 -46.03
C ASP A 279 45.95 10.45 -46.24
N PHE A 280 45.15 9.81 -45.37
CA PHE A 280 44.76 8.41 -45.53
C PHE A 280 45.96 7.49 -45.67
N ASP A 281 46.97 7.68 -44.82
CA ASP A 281 48.13 6.81 -44.80
C ASP A 281 48.04 5.70 -43.77
N ASN A 282 47.20 5.84 -42.76
CA ASN A 282 47.05 4.82 -41.71
C ASN A 282 45.73 4.09 -41.95
N ALA A 283 45.77 3.08 -42.82
CA ALA A 283 44.59 2.29 -43.17
C ALA A 283 44.66 0.96 -42.42
N HIS A 284 43.75 0.77 -41.48
CA HIS A 284 43.68 -0.46 -40.69
C HIS A 284 42.74 -1.43 -41.42
N ARG A 285 43.32 -2.43 -42.07
CA ARG A 285 42.52 -3.41 -42.80
C ARG A 285 41.64 -4.19 -41.83
N LEU A 286 40.33 -4.07 -41.99
CA LEU A 286 39.39 -4.67 -41.05
C LEU A 286 38.13 -5.07 -41.81
N SER A 287 37.83 -6.36 -41.82
CA SER A 287 36.64 -6.85 -42.50
C SER A 287 35.38 -6.37 -41.80
N TYR A 288 34.29 -6.25 -42.58
CA TYR A 288 33.03 -5.78 -42.02
C TYR A 288 32.50 -6.74 -40.97
N TRP A 289 32.60 -8.05 -41.22
CA TRP A 289 32.15 -9.03 -40.25
C TRP A 289 33.01 -9.03 -39.00
N THR A 290 34.30 -8.74 -39.15
CA THR A 290 35.15 -8.57 -37.97
C THR A 290 34.72 -7.36 -37.16
N CYS A 291 34.26 -6.29 -37.83
CA CYS A 291 33.69 -5.15 -37.13
C CYS A 291 32.46 -5.55 -36.34
N VAL A 292 31.62 -6.40 -36.93
CA VAL A 292 30.43 -6.89 -36.22
C VAL A 292 30.84 -7.64 -34.96
N TYR A 293 31.87 -8.49 -35.07
CA TYR A 293 32.41 -9.16 -33.89
C TYR A 293 33.06 -8.19 -32.93
N PHE A 294 33.62 -7.08 -33.45
CA PHE A 294 34.24 -6.09 -32.58
C PHE A 294 33.20 -5.32 -31.78
N LEU A 295 32.06 -4.99 -32.41
CA LEU A 295 31.04 -4.20 -31.73
C LEU A 295 30.36 -4.99 -30.62
N ILE A 296 30.07 -6.28 -30.87
CA ILE A 296 29.38 -7.08 -29.87
C ILE A 296 30.26 -7.28 -28.63
N VAL A 297 31.58 -7.40 -28.83
CA VAL A 297 32.49 -7.46 -27.70
C VAL A 297 32.51 -6.13 -26.96
N THR A 298 32.52 -5.02 -27.71
CA THR A 298 32.51 -3.70 -27.10
C THR A 298 31.23 -3.45 -26.32
N MET A 299 30.08 -3.81 -26.91
CA MET A 299 28.80 -3.56 -26.25
C MET A 299 28.67 -4.36 -24.97
N SER A 300 29.14 -5.60 -24.97
CA SER A 300 29.06 -6.46 -23.79
C SER A 300 30.10 -6.12 -22.73
N THR A 301 30.91 -5.09 -22.95
CA THR A 301 31.95 -4.66 -22.01
C THR A 301 32.93 -5.79 -21.72
N VAL A 302 33.23 -6.60 -22.73
CA VAL A 302 34.21 -7.66 -22.60
C VAL A 302 35.62 -7.17 -22.89
N GLY A 303 35.80 -6.52 -24.04
CA GLY A 303 37.08 -5.92 -24.39
C GLY A 303 38.24 -6.88 -24.46
N TYR A 304 38.20 -7.81 -25.42
CA TYR A 304 39.30 -8.75 -25.57
C TYR A 304 40.60 -8.04 -25.93
N GLY A 305 40.53 -7.04 -26.81
CA GLY A 305 41.69 -6.31 -27.25
C GLY A 305 42.38 -6.86 -28.47
N ASP A 306 41.95 -8.03 -28.97
CA ASP A 306 42.52 -8.55 -30.21
C ASP A 306 42.21 -7.64 -31.39
N VAL A 307 41.00 -7.10 -31.43
CA VAL A 307 40.58 -6.15 -32.46
C VAL A 307 40.26 -4.84 -31.78
N TYR A 308 40.88 -3.76 -32.24
CA TYR A 308 40.67 -2.44 -31.64
C TYR A 308 40.87 -1.38 -32.70
N CYS A 309 40.31 -0.19 -32.44
CA CYS A 309 40.43 0.92 -33.36
C CYS A 309 41.77 1.61 -33.20
N GLU A 310 42.37 1.99 -34.32
CA GLU A 310 43.67 2.66 -34.34
C GLU A 310 43.61 4.08 -34.86
N THR A 311 42.70 4.37 -35.79
CA THR A 311 42.58 5.71 -36.34
C THR A 311 41.94 6.66 -35.32
N VAL A 312 42.21 7.95 -35.49
CA VAL A 312 41.65 8.96 -34.59
C VAL A 312 40.14 9.00 -34.72
N LEU A 313 39.63 8.99 -35.95
CA LEU A 313 38.18 9.03 -36.15
C LEU A 313 37.51 7.75 -35.68
N GLY A 314 38.18 6.61 -35.84
CA GLY A 314 37.64 5.37 -35.30
C GLY A 314 37.51 5.41 -33.79
N ARG A 315 38.51 5.95 -33.10
CA ARG A 315 38.43 6.10 -31.65
C ARG A 315 37.45 7.19 -31.26
N THR A 316 37.36 8.26 -32.04
CA THR A 316 36.44 9.35 -31.72
C THR A 316 34.99 8.88 -31.74
N PHE A 317 34.62 8.10 -32.76
CA PHE A 317 33.27 7.56 -32.81
C PHE A 317 33.03 6.55 -31.70
N LEU A 318 34.04 5.77 -31.35
CA LEU A 318 33.90 4.79 -30.29
C LEU A 318 33.65 5.45 -28.93
N VAL A 319 34.22 6.63 -28.71
CA VAL A 319 34.01 7.34 -27.46
C VAL A 319 32.54 7.71 -27.30
N PHE A 320 31.93 8.24 -28.36
CA PHE A 320 30.52 8.61 -28.30
C PHE A 320 29.62 7.39 -28.25
N PHE A 321 30.01 6.30 -28.94
CA PHE A 321 29.22 5.07 -28.89
C PHE A 321 29.20 4.48 -27.49
N LEU A 322 30.33 4.55 -26.78
CA LEU A 322 30.39 4.02 -25.42
C LEU A 322 29.51 4.82 -24.47
N LEU A 323 29.20 6.06 -24.81
CA LEU A 323 28.39 6.91 -23.92
C LEU A 323 26.91 6.62 -24.08
N VAL A 324 26.38 6.73 -25.30
CA VAL A 324 24.95 6.58 -25.51
C VAL A 324 24.56 5.16 -25.90
N GLY A 325 25.43 4.42 -26.58
CA GLY A 325 25.08 3.08 -27.00
C GLY A 325 24.86 2.14 -25.84
N LEU A 326 25.76 2.18 -24.85
CA LEU A 326 25.61 1.33 -23.68
C LEU A 326 24.49 1.82 -22.77
N ALA A 327 24.32 3.14 -22.66
CA ALA A 327 23.27 3.68 -21.80
C ALA A 327 21.88 3.30 -22.31
N ILE A 328 21.68 3.40 -23.63
CA ILE A 328 20.39 3.00 -24.20
C ILE A 328 20.16 1.51 -24.03
N PHE A 329 21.18 0.70 -24.27
CA PHE A 329 21.08 -0.75 -24.17
C PHE A 329 21.01 -1.23 -22.73
N ALA A 330 21.23 -0.35 -21.76
CA ALA A 330 21.15 -0.76 -20.35
C ALA A 330 19.74 -1.18 -19.98
N SER A 331 18.73 -0.46 -20.48
CA SER A 331 17.35 -0.77 -20.20
C SER A 331 16.68 -1.59 -21.30
N CYS A 332 17.43 -2.02 -22.30
CA CYS A 332 16.86 -2.75 -23.43
C CYS A 332 16.88 -4.26 -23.21
N ILE A 333 18.07 -4.82 -22.95
CA ILE A 333 18.18 -6.27 -22.78
C ILE A 333 17.37 -6.79 -21.59
N PRO A 334 17.41 -6.15 -20.40
CA PRO A 334 16.58 -6.68 -19.30
C PRO A 334 15.10 -6.79 -19.63
N GLU A 335 14.56 -5.86 -20.41
CA GLU A 335 13.15 -5.91 -20.78
C GLU A 335 12.91 -6.72 -22.04
N ILE A 336 13.97 -7.32 -22.62
CA ILE A 336 13.81 -8.24 -23.74
C ILE A 336 13.72 -9.68 -23.25
N ILE A 337 14.56 -10.05 -22.28
CA ILE A 337 14.61 -11.44 -21.83
C ILE A 337 13.32 -11.83 -21.11
N ASP A 338 12.74 -10.90 -20.35
CA ASP A 338 11.49 -11.21 -19.65
C ASP A 338 10.29 -11.24 -20.58
N LEU A 339 10.32 -10.44 -21.65
CA LEU A 339 9.23 -10.47 -22.63
C LEU A 339 9.16 -11.83 -23.31
N ILE A 340 10.31 -12.39 -23.70
CA ILE A 340 10.34 -13.76 -24.22
C ILE A 340 9.95 -14.74 -23.12
N GLY A 341 10.51 -14.56 -21.93
CA GLY A 341 10.16 -15.39 -20.80
C GLY A 341 10.49 -16.85 -21.04
N THR A 342 9.63 -17.73 -20.55
CA THR A 342 9.77 -19.17 -20.72
C THR A 342 8.49 -19.74 -21.33
N ARG A 343 8.63 -20.92 -21.94
CA ARG A 343 7.49 -21.58 -22.53
C ARG A 343 6.47 -21.97 -21.46
N ALA A 344 5.21 -22.07 -21.87
CA ALA A 344 4.15 -22.48 -20.96
C ALA A 344 4.41 -23.88 -20.45
N LYS A 345 4.75 -24.00 -19.17
CA LYS A 345 5.11 -25.30 -18.60
C LYS A 345 3.91 -26.26 -18.62
N TYR A 346 2.73 -25.76 -18.28
CA TYR A 346 1.53 -26.58 -18.20
C TYR A 346 0.50 -26.04 -19.18
N GLY A 347 -0.03 -26.93 -20.02
CA GLY A 347 -1.02 -26.53 -21.01
C GLY A 347 -1.38 -27.70 -21.89
N GLY A 348 -2.13 -27.39 -22.94
CA GLY A 348 -2.56 -28.41 -23.88
C GLY A 348 -3.79 -29.16 -23.41
N THR A 349 -4.08 -30.25 -24.12
CA THR A 349 -5.25 -31.08 -23.88
C THR A 349 -4.82 -32.43 -23.33
N LEU A 350 -5.59 -32.94 -22.37
CA LEU A 350 -5.34 -34.27 -21.83
C LEU A 350 -5.50 -35.32 -22.92
N LYS A 351 -4.53 -36.22 -23.02
CA LYS A 351 -4.53 -37.23 -24.07
C LYS A 351 -5.55 -38.32 -23.73
N ASN A 352 -6.39 -38.65 -24.70
CA ASN A 352 -7.43 -39.65 -24.50
C ASN A 352 -6.82 -41.06 -24.53
N GLU A 353 -7.35 -41.93 -23.68
CA GLU A 353 -6.95 -43.33 -23.64
C GLU A 353 -8.20 -44.21 -23.60
N LYS A 354 -8.08 -45.39 -24.21
CA LYS A 354 -9.21 -46.31 -24.25
C LYS A 354 -9.40 -46.97 -22.89
N GLY A 355 -10.63 -46.94 -22.39
CA GLY A 355 -10.93 -47.53 -21.10
C GLY A 355 -10.19 -46.87 -19.94
N ARG A 356 -10.11 -45.55 -19.95
CA ARG A 356 -9.42 -44.79 -18.92
C ARG A 356 -10.42 -43.97 -18.12
N ARG A 357 -10.37 -44.09 -16.80
CA ARG A 357 -11.24 -43.35 -15.90
C ARG A 357 -10.43 -42.24 -15.23
N HIS A 358 -10.94 -41.02 -15.29
CA HIS A 358 -10.26 -39.87 -14.72
C HIS A 358 -11.27 -38.94 -14.06
N ILE A 359 -10.79 -38.18 -13.08
CA ILE A 359 -11.60 -37.20 -12.37
C ILE A 359 -10.88 -35.86 -12.41
N VAL A 360 -11.65 -34.80 -12.24
CA VAL A 360 -11.15 -33.42 -12.29
C VAL A 360 -11.28 -32.82 -10.90
N VAL A 361 -10.18 -32.27 -10.38
CA VAL A 361 -10.15 -31.63 -9.07
C VAL A 361 -9.82 -30.16 -9.29
N CYS A 362 -10.67 -29.28 -8.78
CA CYS A 362 -10.49 -27.84 -8.93
C CYS A 362 -10.78 -27.17 -7.58
N GLY A 363 -10.64 -25.86 -7.56
CA GLY A 363 -10.88 -25.09 -6.35
C GLY A 363 -9.58 -24.67 -5.68
N HIS A 364 -9.44 -25.00 -4.40
CA HIS A 364 -8.23 -24.67 -3.65
C HIS A 364 -7.17 -25.71 -3.94
N ILE A 365 -6.27 -25.39 -4.87
CA ILE A 365 -5.19 -26.28 -5.27
C ILE A 365 -3.90 -25.71 -4.69
N THR A 366 -3.54 -26.17 -3.50
CA THR A 366 -2.32 -25.76 -2.82
C THR A 366 -1.58 -27.02 -2.37
N TYR A 367 -0.43 -26.81 -1.71
CA TYR A 367 0.39 -27.94 -1.31
C TYR A 367 -0.26 -28.73 -0.18
N GLU A 368 -0.95 -28.03 0.73
CA GLU A 368 -1.67 -28.72 1.80
C GLU A 368 -2.77 -29.60 1.26
N SER A 369 -3.62 -29.06 0.39
CA SER A 369 -4.78 -29.80 -0.09
C SER A 369 -4.36 -30.97 -0.98
N VAL A 370 -3.47 -30.72 -1.94
CA VAL A 370 -3.10 -31.75 -2.91
C VAL A 370 -2.42 -32.93 -2.23
N SER A 371 -1.46 -32.64 -1.34
CA SER A 371 -0.74 -33.72 -0.67
C SER A 371 -1.67 -34.53 0.23
N HIS A 372 -2.53 -33.85 0.99
CA HIS A 372 -3.45 -34.56 1.87
C HIS A 372 -4.49 -35.34 1.07
N PHE A 373 -5.01 -34.76 -0.01
CA PHE A 373 -5.99 -35.46 -0.84
C PHE A 373 -5.39 -36.68 -1.51
N LEU A 374 -4.17 -36.56 -2.03
CA LEU A 374 -3.55 -37.68 -2.74
C LEU A 374 -3.25 -38.84 -1.79
N LYS A 375 -2.84 -38.54 -0.56
CA LYS A 375 -2.55 -39.60 0.40
C LYS A 375 -3.81 -40.42 0.71
N ASP A 376 -4.94 -39.75 0.91
CA ASP A 376 -6.18 -40.45 1.19
C ASP A 376 -6.76 -41.12 -0.06
N PHE A 377 -6.68 -40.44 -1.21
CA PHE A 377 -7.20 -41.01 -2.44
C PHE A 377 -6.43 -42.25 -2.85
N LEU A 378 -5.11 -42.23 -2.73
CA LEU A 378 -4.25 -43.34 -3.10
C LEU A 378 -3.69 -43.95 -1.81
N HIS A 379 -4.42 -44.91 -1.26
CA HIS A 379 -4.03 -45.59 -0.03
C HIS A 379 -4.03 -47.09 -0.26
N GLU A 380 -3.12 -47.78 0.44
CA GLU A 380 -3.01 -49.22 0.31
C GLU A 380 -4.20 -49.95 0.91
N ASP A 381 -4.81 -49.37 1.95
CA ASP A 381 -5.97 -50.02 2.58
C ASP A 381 -7.15 -50.08 1.62
N ARG A 382 -7.40 -49.01 0.88
CA ARG A 382 -8.47 -49.01 -0.11
C ARG A 382 -8.09 -49.92 -1.28
N GLU A 383 -9.10 -50.57 -1.86
CA GLU A 383 -8.86 -51.41 -3.03
C GLU A 383 -8.41 -50.55 -4.21
N ASP A 384 -7.39 -51.04 -4.92
CA ASP A 384 -6.78 -50.27 -5.98
C ASP A 384 -7.69 -50.21 -7.21
N VAL A 385 -7.93 -49.01 -7.71
CA VAL A 385 -8.69 -48.78 -8.92
C VAL A 385 -7.92 -47.83 -9.82
N ASP A 386 -7.91 -48.09 -11.12
CA ASP A 386 -7.17 -47.29 -12.08
C ASP A 386 -7.97 -46.03 -12.37
N VAL A 387 -7.79 -45.02 -11.54
CA VAL A 387 -8.47 -43.73 -11.68
C VAL A 387 -7.41 -42.64 -11.80
N GLU A 388 -7.45 -41.89 -12.89
CA GLU A 388 -6.53 -40.79 -13.10
C GLU A 388 -7.03 -39.54 -12.38
N VAL A 389 -6.10 -38.75 -11.85
CA VAL A 389 -6.42 -37.52 -11.14
C VAL A 389 -5.89 -36.36 -11.96
N VAL A 390 -6.78 -35.42 -12.28
CA VAL A 390 -6.43 -34.24 -13.08
C VAL A 390 -6.72 -33.00 -12.24
N PHE A 391 -5.72 -32.15 -12.10
CA PHE A 391 -5.83 -30.91 -11.34
C PHE A 391 -5.86 -29.72 -12.28
N LEU A 392 -6.80 -28.81 -12.05
CA LEU A 392 -6.94 -27.59 -12.84
C LEU A 392 -6.90 -26.40 -11.90
N HIS A 393 -5.99 -25.47 -12.17
CA HIS A 393 -5.83 -24.29 -11.34
C HIS A 393 -5.34 -23.13 -12.20
N ARG A 394 -5.57 -21.91 -11.71
CA ARG A 394 -5.18 -20.72 -12.45
C ARG A 394 -3.70 -20.41 -12.27
N LYS A 395 -3.29 -20.18 -11.02
CA LYS A 395 -1.90 -19.84 -10.75
C LYS A 395 -0.99 -21.04 -11.00
N PRO A 396 0.19 -20.84 -11.57
CA PRO A 396 1.14 -21.94 -11.73
C PRO A 396 1.59 -22.46 -10.38
N PRO A 397 1.83 -23.77 -10.27
CA PRO A 397 2.27 -24.33 -8.99
C PRO A 397 3.69 -23.91 -8.65
N ASP A 398 3.96 -23.88 -7.35
CA ASP A 398 5.31 -23.57 -6.88
C ASP A 398 6.20 -24.80 -7.05
N LEU A 399 7.49 -24.62 -6.75
CA LEU A 399 8.45 -25.71 -6.90
C LEU A 399 8.10 -26.92 -6.05
N GLU A 400 7.52 -26.72 -4.86
CA GLU A 400 7.14 -27.84 -4.00
C GLU A 400 6.02 -28.68 -4.61
N LEU A 401 5.01 -28.04 -5.20
CA LEU A 401 3.91 -28.77 -5.81
C LEU A 401 4.36 -29.48 -7.08
N GLU A 402 5.28 -28.87 -7.82
CA GLU A 402 5.80 -29.51 -9.04
C GLU A 402 6.52 -30.81 -8.72
N GLY A 403 7.30 -30.82 -7.63
CA GLY A 403 7.95 -32.06 -7.23
C GLY A 403 6.97 -33.12 -6.80
N LEU A 404 5.88 -32.72 -6.14
CA LEU A 404 4.85 -33.67 -5.75
C LEU A 404 4.20 -34.30 -6.97
N PHE A 405 3.93 -33.50 -8.01
CA PHE A 405 3.37 -34.04 -9.25
C PHE A 405 4.37 -34.96 -9.95
N LYS A 406 5.66 -34.68 -9.85
CA LYS A 406 6.67 -35.54 -10.47
C LYS A 406 6.66 -36.94 -9.85
N ARG A 407 6.53 -37.02 -8.52
CA ARG A 407 6.50 -38.31 -7.85
C ARG A 407 5.24 -39.10 -8.18
N HIS A 408 4.19 -38.45 -8.66
CA HIS A 408 2.96 -39.09 -9.09
C HIS A 408 2.74 -38.89 -10.58
N PHE A 409 3.81 -39.04 -11.36
CA PHE A 409 3.75 -38.74 -12.79
C PHE A 409 2.77 -39.65 -13.53
N THR A 410 2.76 -40.93 -13.19
CA THR A 410 1.94 -41.89 -13.93
C THR A 410 0.47 -41.90 -13.52
N THR A 411 0.11 -41.17 -12.46
CA THR A 411 -1.26 -41.18 -11.97
C THR A 411 -1.86 -39.81 -11.69
N VAL A 412 -1.05 -38.75 -11.68
CA VAL A 412 -1.52 -37.40 -11.37
C VAL A 412 -1.00 -36.44 -12.43
N GLU A 413 -1.89 -35.61 -12.96
CA GLU A 413 -1.53 -34.60 -13.94
C GLU A 413 -2.13 -33.26 -13.51
N PHE A 414 -1.46 -32.18 -13.92
CA PHE A 414 -1.90 -30.84 -13.60
C PHE A 414 -2.03 -30.02 -14.87
N PHE A 415 -3.05 -29.15 -14.90
CA PHE A 415 -3.28 -28.27 -16.04
C PHE A 415 -3.52 -26.85 -15.52
N GLN A 416 -3.12 -25.87 -16.32
CA GLN A 416 -3.26 -24.46 -15.98
C GLN A 416 -4.50 -23.90 -16.67
N GLY A 417 -5.41 -23.35 -15.88
CA GLY A 417 -6.63 -22.80 -16.43
C GLY A 417 -7.70 -22.71 -15.36
N THR A 418 -8.78 -22.02 -15.72
CA THR A 418 -9.90 -21.81 -14.81
C THR A 418 -11.09 -22.67 -15.23
N ILE A 419 -11.86 -23.11 -14.24
CA ILE A 419 -13.05 -23.91 -14.52
C ILE A 419 -14.16 -23.07 -15.13
N MET A 420 -14.07 -21.74 -15.03
CA MET A 420 -15.08 -20.86 -15.58
C MET A 420 -14.95 -20.68 -17.09
N ASN A 421 -13.85 -21.13 -17.69
CA ASN A 421 -13.62 -20.99 -19.12
C ASN A 421 -14.08 -22.25 -19.82
N PRO A 422 -15.03 -22.19 -20.74
CA PRO A 422 -15.42 -23.39 -21.48
C PRO A 422 -14.28 -23.99 -22.29
N ILE A 423 -13.33 -23.17 -22.74
CA ILE A 423 -12.18 -23.69 -23.47
C ILE A 423 -11.34 -24.57 -22.56
N ASP A 424 -11.10 -24.14 -21.31
CA ASP A 424 -10.31 -24.94 -20.39
C ASP A 424 -11.05 -26.21 -19.97
N LEU A 425 -12.38 -26.18 -19.94
CA LEU A 425 -13.14 -27.38 -19.61
C LEU A 425 -12.95 -28.46 -20.67
N GLN A 426 -12.86 -28.04 -21.94
CA GLN A 426 -12.63 -29.01 -23.02
C GLN A 426 -11.25 -29.62 -22.92
N ARG A 427 -10.25 -28.85 -22.48
CA ARG A 427 -8.89 -29.36 -22.41
C ARG A 427 -8.77 -30.53 -21.43
N VAL A 428 -9.43 -30.43 -20.27
CA VAL A 428 -9.37 -31.50 -19.28
C VAL A 428 -10.44 -32.57 -19.51
N LYS A 429 -11.31 -32.39 -20.49
CA LYS A 429 -12.32 -33.38 -20.87
C LYS A 429 -13.23 -33.72 -19.68
N VAL A 430 -13.97 -32.71 -19.22
CA VAL A 430 -14.87 -32.90 -18.10
C VAL A 430 -16.01 -33.84 -18.47
N HIS A 431 -16.47 -33.76 -19.72
CA HIS A 431 -17.60 -34.59 -20.14
C HIS A 431 -17.29 -36.08 -20.05
N GLU A 432 -16.02 -36.45 -20.23
CA GLU A 432 -15.61 -37.84 -20.10
C GLU A 432 -15.13 -38.19 -18.69
N ALA A 433 -15.09 -37.23 -17.79
CA ALA A 433 -14.64 -37.47 -16.42
C ALA A 433 -15.72 -38.19 -15.62
N ASP A 434 -15.27 -39.09 -14.73
CA ASP A 434 -16.21 -39.80 -13.88
C ASP A 434 -16.92 -38.84 -12.93
N ALA A 435 -16.19 -37.90 -12.34
CA ALA A 435 -16.77 -36.93 -11.44
C ALA A 435 -15.84 -35.72 -11.35
N CYS A 436 -16.39 -34.62 -10.87
CA CYS A 436 -15.64 -33.38 -10.66
C CYS A 436 -15.66 -33.02 -9.19
N LEU A 437 -14.49 -32.76 -8.63
CA LEU A 437 -14.33 -32.45 -7.22
C LEU A 437 -13.91 -30.99 -7.06
N VAL A 438 -14.65 -30.25 -6.25
CA VAL A 438 -14.40 -28.82 -6.03
C VAL A 438 -13.95 -28.66 -4.59
N LEU A 439 -12.65 -28.49 -4.38
CA LEU A 439 -12.12 -28.23 -3.05
C LEU A 439 -12.44 -26.79 -2.63
N ALA A 440 -12.46 -26.59 -1.31
CA ALA A 440 -12.78 -25.28 -0.74
C ALA A 440 -11.69 -24.87 0.23
N ASN A 441 -11.50 -23.55 0.35
CA ASN A 441 -10.53 -22.98 1.28
C ASN A 441 -11.21 -22.81 2.63
N LYS A 442 -10.98 -23.77 3.54
CA LYS A 442 -11.61 -23.72 4.85
C LYS A 442 -11.14 -22.51 5.65
N TYR A 443 -9.85 -22.20 5.59
CA TYR A 443 -9.28 -21.07 6.32
C TYR A 443 -9.34 -19.81 5.46
N CYS A 444 -10.56 -19.33 5.26
CA CYS A 444 -10.82 -18.15 4.46
C CYS A 444 -11.40 -17.04 5.33
N GLN A 445 -11.03 -15.79 5.01
CA GLN A 445 -11.51 -14.66 5.78
C GLN A 445 -13.03 -14.50 5.65
N ASP A 446 -13.56 -14.65 4.44
CA ASP A 446 -14.99 -14.48 4.18
C ASP A 446 -15.60 -15.80 3.71
N PRO A 447 -16.32 -16.52 4.56
CA PRO A 447 -16.98 -17.74 4.10
C PRO A 447 -17.99 -17.50 2.99
N ASP A 448 -18.67 -16.35 2.99
CA ASP A 448 -19.62 -16.04 1.93
C ASP A 448 -18.92 -15.92 0.58
N ALA A 449 -17.76 -15.25 0.54
CA ALA A 449 -17.04 -15.09 -0.71
C ALA A 449 -16.52 -16.43 -1.22
N GLU A 450 -16.00 -17.28 -0.32
CA GLU A 450 -15.51 -18.59 -0.74
C GLU A 450 -16.64 -19.46 -1.26
N ASP A 451 -17.79 -19.46 -0.57
CA ASP A 451 -18.92 -20.26 -1.01
C ASP A 451 -19.48 -19.77 -2.34
N ALA A 452 -19.56 -18.45 -2.54
CA ALA A 452 -20.09 -17.92 -3.79
C ALA A 452 -19.22 -18.30 -4.96
N ALA A 453 -17.89 -18.23 -4.81
CA ALA A 453 -17.00 -18.61 -5.88
C ALA A 453 -17.12 -20.09 -6.21
N ASN A 454 -17.22 -20.95 -5.18
CA ASN A 454 -17.35 -22.38 -5.41
C ASN A 454 -18.68 -22.72 -6.04
N ILE A 455 -19.75 -22.01 -5.68
CA ILE A 455 -21.05 -22.25 -6.29
C ILE A 455 -21.02 -21.91 -7.78
N MET A 456 -20.36 -20.81 -8.13
CA MET A 456 -20.23 -20.44 -9.54
C MET A 456 -19.47 -21.49 -10.34
N ARG A 457 -18.53 -22.19 -9.69
CA ARG A 457 -17.79 -23.24 -10.37
C ARG A 457 -18.72 -24.39 -10.78
N VAL A 458 -19.66 -24.76 -9.91
CA VAL A 458 -20.60 -25.83 -10.23
C VAL A 458 -21.49 -25.42 -11.39
N ILE A 459 -21.93 -24.15 -11.41
CA ILE A 459 -22.77 -23.67 -12.50
C ILE A 459 -22.03 -23.77 -13.83
N SER A 460 -20.75 -23.39 -13.84
CA SER A 460 -19.96 -23.49 -15.07
C SER A 460 -19.82 -24.94 -15.51
N ILE A 461 -19.57 -25.84 -14.56
CA ILE A 461 -19.44 -27.27 -14.91
C ILE A 461 -20.76 -27.81 -15.42
N LYS A 462 -21.86 -27.48 -14.73
CA LYS A 462 -23.18 -27.96 -15.18
C LYS A 462 -23.58 -27.33 -16.50
N ASN A 463 -23.16 -26.09 -16.76
CA ASN A 463 -23.47 -25.45 -18.03
C ASN A 463 -22.81 -26.19 -19.20
N TYR A 464 -21.57 -26.63 -19.00
CA TYR A 464 -20.88 -27.40 -20.05
C TYR A 464 -21.59 -28.71 -20.32
N SER A 465 -22.02 -29.41 -19.28
CA SER A 465 -22.76 -30.66 -19.44
C SER A 465 -23.44 -30.97 -18.11
N ASP A 466 -24.75 -31.28 -18.18
CA ASP A 466 -25.53 -31.50 -16.96
C ASP A 466 -25.26 -32.86 -16.34
N ASP A 467 -24.96 -33.88 -17.14
CA ASP A 467 -24.79 -35.24 -16.65
C ASP A 467 -23.39 -35.52 -16.13
N ILE A 468 -22.90 -34.65 -15.25
CA ILE A 468 -21.60 -34.80 -14.62
C ILE A 468 -21.79 -34.84 -13.12
N ARG A 469 -21.21 -35.85 -12.47
CA ARG A 469 -21.25 -35.93 -11.02
C ARG A 469 -20.34 -34.87 -10.42
N VAL A 470 -20.88 -34.07 -9.51
CA VAL A 470 -20.16 -32.96 -8.89
C VAL A 470 -20.19 -33.13 -7.38
N ILE A 471 -19.01 -33.10 -6.78
CA ILE A 471 -18.85 -33.12 -5.32
C ILE A 471 -18.14 -31.84 -4.91
N ILE A 472 -18.77 -31.08 -4.02
CA ILE A 472 -18.27 -29.77 -3.62
C ILE A 472 -18.22 -29.68 -2.11
N GLN A 473 -17.18 -29.03 -1.59
CA GLN A 473 -17.10 -28.71 -0.17
C GLN A 473 -17.75 -27.36 0.08
N LEU A 474 -18.68 -27.31 1.04
CA LEU A 474 -19.45 -26.12 1.31
C LEU A 474 -19.11 -25.60 2.71
N MET A 475 -18.93 -24.28 2.81
CA MET A 475 -18.51 -23.68 4.07
C MET A 475 -19.68 -23.45 5.02
N GLN A 476 -20.79 -22.91 4.52
CA GLN A 476 -21.92 -22.54 5.35
C GLN A 476 -23.19 -23.19 4.82
N TYR A 477 -24.09 -23.53 5.74
CA TYR A 477 -25.28 -24.32 5.39
C TYR A 477 -26.28 -23.52 4.57
N HIS A 478 -26.42 -22.22 4.81
CA HIS A 478 -27.42 -21.44 4.10
C HIS A 478 -27.11 -21.28 2.62
N ASN A 479 -25.89 -21.60 2.18
CA ASN A 479 -25.57 -21.59 0.76
C ASN A 479 -25.96 -22.90 0.07
N LYS A 480 -26.40 -23.91 0.83
CA LYS A 480 -26.81 -25.16 0.22
C LYS A 480 -28.09 -25.01 -0.60
N ALA A 481 -28.93 -24.02 -0.25
CA ALA A 481 -30.18 -23.83 -0.97
C ALA A 481 -29.94 -23.40 -2.41
N TYR A 482 -28.90 -22.60 -2.66
CA TYR A 482 -28.61 -22.14 -4.02
C TYR A 482 -28.28 -23.32 -4.93
N LEU A 483 -27.48 -24.26 -4.44
CA LEU A 483 -27.12 -25.42 -5.25
C LEU A 483 -28.31 -26.33 -5.49
N LEU A 484 -29.17 -26.49 -4.49
CA LEU A 484 -30.34 -27.34 -4.63
C LEU A 484 -31.33 -26.77 -5.63
N ASN A 485 -31.44 -25.45 -5.74
CA ASN A 485 -32.35 -24.81 -6.66
C ASN A 485 -31.87 -24.85 -8.11
N ILE A 486 -30.65 -25.30 -8.35
CA ILE A 486 -30.14 -25.42 -9.72
C ILE A 486 -30.95 -26.48 -10.47
N PRO A 487 -31.48 -26.18 -11.65
CA PRO A 487 -32.28 -27.19 -12.37
C PRO A 487 -31.51 -28.45 -12.72
N SER A 488 -30.21 -28.34 -12.97
CA SER A 488 -29.39 -29.48 -13.38
C SER A 488 -28.85 -30.27 -12.19
N TRP A 489 -29.10 -29.82 -10.96
CA TRP A 489 -28.62 -30.52 -9.77
C TRP A 489 -29.54 -31.68 -9.44
N ASP A 490 -28.98 -32.88 -9.37
CA ASP A 490 -29.75 -34.08 -9.06
C ASP A 490 -28.95 -34.93 -8.08
N TRP A 491 -29.48 -35.10 -6.86
CA TRP A 491 -28.80 -35.90 -5.86
C TRP A 491 -28.81 -37.38 -6.21
N LYS A 492 -29.86 -37.85 -6.89
CA LYS A 492 -29.95 -39.26 -7.25
C LYS A 492 -28.88 -39.66 -8.26
N GLN A 493 -28.38 -38.71 -9.05
CA GLN A 493 -27.37 -38.99 -10.05
C GLN A 493 -25.95 -39.00 -9.48
N GLY A 494 -25.78 -38.71 -8.20
CA GLY A 494 -24.48 -38.72 -7.56
C GLY A 494 -23.97 -37.38 -7.09
N ASP A 495 -24.69 -36.29 -7.39
CA ASP A 495 -24.27 -34.98 -6.93
C ASP A 495 -24.39 -34.89 -5.42
N ASP A 496 -23.31 -34.45 -4.76
CA ASP A 496 -23.26 -34.37 -3.31
C ASP A 496 -22.67 -33.05 -2.88
N VAL A 497 -23.14 -32.56 -1.74
CA VAL A 497 -22.62 -31.35 -1.10
C VAL A 497 -22.08 -31.74 0.27
N ILE A 498 -20.81 -31.48 0.51
CA ILE A 498 -20.18 -31.72 1.80
C ILE A 498 -20.14 -30.38 2.53
N CYS A 499 -21.07 -30.20 3.46
CA CYS A 499 -21.17 -28.96 4.22
C CYS A 499 -20.26 -29.07 5.45
N LEU A 500 -19.21 -28.24 5.48
CA LEU A 500 -18.29 -28.27 6.60
C LEU A 500 -18.98 -27.87 7.90
N ALA A 501 -19.80 -26.82 7.85
CA ALA A 501 -20.49 -26.35 9.06
C ALA A 501 -21.47 -27.38 9.58
N GLU A 502 -22.24 -28.01 8.69
CA GLU A 502 -23.23 -29.00 9.13
C GLU A 502 -22.55 -30.22 9.75
N LEU A 503 -21.48 -30.72 9.13
CA LEU A 503 -20.81 -31.90 9.66
C LEU A 503 -20.04 -31.58 10.93
N LYS A 504 -19.38 -30.42 10.98
CA LYS A 504 -18.61 -30.06 12.17
C LYS A 504 -19.49 -29.94 13.40
N LEU A 505 -20.60 -29.21 13.29
CA LEU A 505 -21.52 -29.05 14.41
C LEU A 505 -22.32 -30.31 14.68
N GLY A 506 -22.54 -31.16 13.67
CA GLY A 506 -23.22 -32.42 13.91
C GLY A 506 -22.42 -33.34 14.82
N PHE A 507 -21.09 -33.35 14.66
CA PHE A 507 -20.25 -34.15 15.54
C PHE A 507 -20.27 -33.61 16.96
N ILE A 508 -20.30 -32.29 17.11
CA ILE A 508 -20.36 -31.69 18.44
C ILE A 508 -21.65 -32.08 19.15
N ALA A 509 -22.78 -32.04 18.43
CA ALA A 509 -24.06 -32.40 19.03
C ALA A 509 -24.07 -33.87 19.45
N GLN A 510 -23.51 -34.75 18.62
CA GLN A 510 -23.44 -36.16 18.97
C GLN A 510 -22.55 -36.39 20.19
N SER A 511 -21.54 -35.54 20.39
CA SER A 511 -20.69 -35.66 21.57
C SER A 511 -21.43 -35.35 22.85
N CYS A 512 -22.45 -34.48 22.77
CA CYS A 512 -23.26 -34.19 23.95
C CYS A 512 -24.01 -35.43 24.44
N LEU A 513 -24.59 -36.19 23.51
CA LEU A 513 -25.28 -37.42 23.89
C LEU A 513 -24.29 -38.48 24.37
N ALA A 514 -23.14 -38.58 23.71
CA ALA A 514 -22.11 -39.55 24.09
C ALA A 514 -20.73 -38.91 23.95
N PRO A 515 -20.07 -38.57 25.05
CA PRO A 515 -18.75 -37.94 24.96
C PRO A 515 -17.74 -38.83 24.25
N GLY A 516 -16.86 -38.20 23.48
CA GLY A 516 -15.86 -38.91 22.72
C GLY A 516 -16.33 -39.47 21.39
N PHE A 517 -17.59 -39.23 21.01
CA PHE A 517 -18.09 -39.77 19.75
C PHE A 517 -17.47 -39.06 18.55
N SER A 518 -17.10 -37.78 18.70
CA SER A 518 -16.50 -37.05 17.59
C SER A 518 -15.16 -37.65 17.19
N THR A 519 -14.34 -38.03 18.17
CA THR A 519 -13.05 -38.67 17.86
C THR A 519 -13.26 -40.01 17.18
N MET A 520 -14.19 -40.83 17.68
CA MET A 520 -14.45 -42.12 17.07
C MET A 520 -14.96 -41.96 15.64
N MET A 521 -15.87 -41.02 15.42
CA MET A 521 -16.47 -40.87 14.10
C MET A 521 -15.47 -40.33 13.09
N ALA A 522 -14.62 -39.38 13.51
CA ALA A 522 -13.65 -38.79 12.59
C ALA A 522 -12.60 -39.81 12.17
N ASN A 523 -12.14 -40.65 13.09
CA ASN A 523 -11.09 -41.62 12.79
C ASN A 523 -11.58 -42.74 11.88
N LEU A 524 -12.89 -42.90 11.72
CA LEU A 524 -13.43 -44.00 10.93
C LEU A 524 -13.45 -43.72 9.44
N PHE A 525 -13.15 -42.48 9.01
CA PHE A 525 -13.18 -42.13 7.60
C PHE A 525 -11.86 -41.53 7.13
N ALA A 526 -10.78 -41.69 7.89
CA ALA A 526 -9.45 -41.27 7.49
C ALA A 526 -8.61 -42.49 7.19
N MET A 527 -7.97 -42.51 6.03
CA MET A 527 -7.16 -43.66 5.63
C MET A 527 -5.91 -43.76 6.48
N ARG A 528 -5.92 -44.67 7.45
CA ARG A 528 -4.79 -44.88 8.36
C ARG A 528 -4.37 -46.35 8.32
N SER A 529 -3.08 -46.58 8.15
CA SER A 529 -2.51 -47.93 8.19
C SER A 529 -1.89 -48.14 9.56
N PHE A 530 -2.34 -49.18 10.26
CA PHE A 530 -1.91 -49.45 11.62
C PHE A 530 -0.90 -50.59 11.63
N LYS A 531 0.26 -50.34 12.24
CA LYS A 531 1.29 -51.35 12.44
C LYS A 531 1.49 -51.55 13.93
N THR A 532 1.47 -52.81 14.36
CA THR A 532 1.63 -53.12 15.77
C THR A 532 3.03 -52.72 16.24
N SER A 533 3.12 -52.27 17.49
CA SER A 533 4.38 -51.81 18.06
C SER A 533 4.86 -52.79 19.13
N PRO A 534 6.16 -53.05 19.20
CA PRO A 534 6.67 -54.00 20.21
C PRO A 534 6.50 -53.50 21.63
N ASP A 535 6.96 -52.29 21.91
CA ASP A 535 6.92 -51.77 23.28
C ASP A 535 6.88 -50.25 23.25
N MET A 536 5.75 -49.68 23.69
CA MET A 536 5.63 -48.25 23.92
C MET A 536 4.48 -48.05 24.90
N GLN A 537 3.98 -46.81 25.00
CA GLN A 537 2.90 -46.51 25.92
C GLN A 537 1.69 -47.40 25.65
N SER A 538 1.15 -47.99 26.71
CA SER A 538 0.14 -49.04 26.56
C SER A 538 -1.17 -48.49 26.01
N TRP A 539 -1.67 -47.40 26.60
CA TRP A 539 -2.97 -46.87 26.17
C TRP A 539 -2.90 -46.31 24.76
N THR A 540 -1.70 -45.91 24.30
CA THR A 540 -1.56 -45.46 22.92
C THR A 540 -1.73 -46.62 21.95
N ASN A 541 -1.25 -47.81 22.33
CA ASN A 541 -1.40 -48.98 21.46
C ASN A 541 -2.87 -49.31 21.22
N ASP A 542 -3.69 -49.28 22.27
CA ASP A 542 -5.11 -49.53 22.12
C ASP A 542 -5.78 -48.46 21.27
N TYR A 543 -5.41 -47.19 21.48
CA TYR A 543 -6.00 -46.11 20.71
C TYR A 543 -5.59 -46.19 19.24
N LEU A 544 -4.32 -46.48 18.97
CA LEU A 544 -3.84 -46.53 17.59
C LEU A 544 -4.46 -47.67 16.81
N ARG A 545 -4.76 -48.79 17.47
CA ARG A 545 -5.43 -49.90 16.79
C ARG A 545 -6.82 -49.49 16.33
N GLY A 546 -7.54 -48.73 17.16
CA GLY A 546 -8.85 -48.25 16.77
C GLY A 546 -8.81 -47.26 15.61
N THR A 547 -7.77 -46.41 15.59
CA THR A 547 -7.66 -45.41 14.53
C THR A 547 -7.44 -46.05 13.17
N GLY A 548 -6.90 -47.26 13.11
CA GLY A 548 -6.63 -47.91 11.84
C GLY A 548 -7.83 -48.56 11.18
N MET A 549 -8.98 -48.60 11.85
CA MET A 549 -10.15 -49.23 11.27
C MET A 549 -11.03 -48.20 10.57
N GLU A 550 -11.63 -48.60 9.47
CA GLU A 550 -12.35 -47.68 8.59
C GLU A 550 -13.66 -48.33 8.14
N MET A 551 -14.52 -47.50 7.54
CA MET A 551 -15.81 -47.95 7.07
C MET A 551 -15.69 -48.47 5.64
N TYR A 552 -16.22 -49.66 5.40
CA TYR A 552 -16.19 -50.28 4.08
C TYR A 552 -17.55 -50.88 3.76
N THR A 553 -17.81 -51.05 2.46
CA THR A 553 -19.05 -51.63 1.97
C THR A 553 -18.74 -52.86 1.13
N GLU A 554 -19.55 -53.90 1.31
CA GLU A 554 -19.37 -55.14 0.57
C GLU A 554 -20.71 -55.84 0.43
N THR A 555 -20.91 -56.50 -0.71
CA THR A 555 -22.14 -57.24 -0.94
C THR A 555 -22.19 -58.47 -0.04
N LEU A 556 -23.31 -58.66 0.65
CA LEU A 556 -23.45 -59.78 1.56
C LEU A 556 -23.52 -61.10 0.80
N SER A 557 -23.00 -62.14 1.42
CA SER A 557 -23.00 -63.46 0.81
C SER A 557 -24.43 -64.00 0.72
N PRO A 558 -24.71 -64.85 -0.27
CA PRO A 558 -26.03 -65.47 -0.34
C PRO A 558 -26.38 -66.34 0.85
N THR A 559 -25.37 -66.78 1.63
CA THR A 559 -25.65 -67.55 2.83
C THR A 559 -26.44 -66.73 3.85
N PHE A 560 -26.21 -65.42 3.91
CA PHE A 560 -26.90 -64.56 4.85
C PHE A 560 -28.35 -64.28 4.45
N ILE A 561 -28.77 -64.71 3.26
CA ILE A 561 -30.14 -64.45 2.81
C ILE A 561 -31.13 -65.21 3.67
N GLY A 562 -32.18 -64.53 4.11
CA GLY A 562 -33.24 -65.15 4.88
C GLY A 562 -33.09 -65.09 6.38
N ILE A 563 -31.99 -64.56 6.90
CA ILE A 563 -31.79 -64.45 8.35
C ILE A 563 -31.98 -63.00 8.77
N PRO A 564 -32.39 -62.75 10.02
CA PRO A 564 -32.54 -61.36 10.47
C PRO A 564 -31.19 -60.67 10.61
N PHE A 565 -31.25 -59.34 10.68
CA PHE A 565 -30.02 -58.55 10.80
C PHE A 565 -29.29 -58.84 12.10
N ALA A 566 -30.04 -59.01 13.19
CA ALA A 566 -29.41 -59.25 14.49
C ALA A 566 -28.60 -60.54 14.47
N GLN A 567 -29.12 -61.60 13.86
CA GLN A 567 -28.36 -62.83 13.75
C GLN A 567 -27.24 -62.70 12.72
N ALA A 568 -27.40 -61.84 11.72
CA ALA A 568 -26.39 -61.69 10.68
C ALA A 568 -25.14 -61.00 11.22
N THR A 569 -25.31 -59.89 11.95
CA THR A 569 -24.16 -59.17 12.47
C THR A 569 -23.48 -59.90 13.62
N GLU A 570 -24.25 -60.66 14.41
CA GLU A 570 -23.65 -61.47 15.47
C GLU A 570 -22.77 -62.56 14.89
N LEU A 571 -23.22 -63.20 13.81
CA LEU A 571 -22.42 -64.23 13.16
C LEU A 571 -21.16 -63.66 12.55
N CYS A 572 -21.25 -62.47 11.94
CA CYS A 572 -20.09 -61.85 11.32
C CYS A 572 -19.03 -61.50 12.36
N PHE A 573 -19.45 -60.97 13.51
CA PHE A 573 -18.50 -60.60 14.55
C PHE A 573 -17.79 -61.83 15.12
N SER A 574 -18.53 -62.91 15.35
CA SER A 574 -17.94 -64.10 15.97
C SER A 574 -17.07 -64.87 14.99
N LYS A 575 -17.51 -65.00 13.74
CA LYS A 575 -16.81 -65.83 12.76
C LYS A 575 -15.84 -65.02 11.91
N LEU A 576 -16.35 -64.01 11.20
CA LEU A 576 -15.55 -63.23 10.28
C LEU A 576 -14.79 -62.09 10.93
N LYS A 577 -15.00 -61.87 12.23
CA LYS A 577 -14.35 -60.78 12.97
C LYS A 577 -14.61 -59.43 12.31
N LEU A 578 -15.83 -59.24 11.83
CA LEU A 578 -16.24 -57.99 11.18
C LEU A 578 -17.47 -57.44 11.87
N LEU A 579 -17.56 -56.12 11.97
CA LEU A 579 -18.68 -55.45 12.61
C LEU A 579 -19.61 -54.90 11.53
N LEU A 580 -20.79 -55.49 11.42
CA LEU A 580 -21.82 -55.01 10.50
C LEU A 580 -22.83 -54.18 11.28
N LEU A 581 -22.97 -52.91 10.91
CA LEU A 581 -23.84 -52.00 11.64
C LEU A 581 -24.98 -51.44 10.80
N ALA A 582 -24.87 -51.42 9.48
CA ALA A 582 -25.92 -50.88 8.64
C ALA A 582 -26.01 -51.67 7.34
N ILE A 583 -27.21 -51.73 6.79
CA ILE A 583 -27.48 -52.37 5.51
C ILE A 583 -28.36 -51.46 4.69
N GLU A 584 -28.37 -51.70 3.38
CA GLU A 584 -29.20 -50.94 2.45
C GLU A 584 -30.42 -51.78 2.07
N ILE A 585 -31.60 -51.22 2.26
CA ILE A 585 -32.86 -51.92 2.01
C ILE A 585 -33.53 -51.28 0.80
N LYS A 586 -33.87 -52.10 -0.18
CA LYS A 586 -34.53 -51.62 -1.39
C LYS A 586 -35.97 -52.10 -1.47
N SER A 594 -33.03 -48.56 -1.17
CA SER A 594 -33.17 -47.13 -1.46
C SER A 594 -32.90 -46.31 -0.20
N LYS A 595 -32.90 -46.97 0.96
CA LYS A 595 -32.64 -46.31 2.23
C LYS A 595 -31.66 -47.15 3.04
N ILE A 596 -30.95 -46.48 3.94
CA ILE A 596 -29.95 -47.11 4.80
C ILE A 596 -30.50 -47.16 6.22
N SER A 597 -30.50 -48.36 6.80
CA SER A 597 -30.97 -48.57 8.16
C SER A 597 -29.79 -48.89 9.06
N ILE A 598 -29.65 -48.15 10.15
CA ILE A 598 -28.56 -48.32 11.10
C ILE A 598 -29.03 -49.28 12.19
N ASN A 599 -28.46 -50.47 12.21
CA ASN A 599 -28.83 -51.52 13.15
C ASN A 599 -30.35 -51.78 13.15
N PRO A 600 -30.91 -52.24 12.04
CA PRO A 600 -32.35 -52.45 11.98
C PRO A 600 -32.78 -53.59 12.89
N ARG A 601 -34.02 -53.49 13.37
CA ARG A 601 -34.60 -54.48 14.26
C ARG A 601 -35.62 -55.32 13.47
N GLY A 602 -35.41 -56.63 13.46
CA GLY A 602 -36.32 -57.52 12.74
C GLY A 602 -36.38 -57.29 11.25
N ALA A 603 -35.23 -57.06 10.62
CA ALA A 603 -35.16 -56.83 9.19
C ALA A 603 -34.44 -58.00 8.53
N LYS A 604 -35.08 -58.60 7.54
CA LYS A 604 -34.49 -59.72 6.82
C LYS A 604 -33.40 -59.24 5.87
N ILE A 605 -32.50 -60.15 5.50
CA ILE A 605 -31.42 -59.87 4.58
C ILE A 605 -31.87 -60.29 3.18
N GLN A 606 -31.87 -59.34 2.25
CA GLN A 606 -32.30 -59.60 0.89
C GLN A 606 -31.12 -60.00 0.02
N ALA A 607 -31.41 -60.36 -1.23
CA ALA A 607 -30.38 -60.75 -2.17
C ALA A 607 -29.54 -59.55 -2.58
N ASN A 608 -28.22 -59.75 -2.64
CA ASN A 608 -27.26 -58.70 -3.01
C ASN A 608 -27.42 -57.46 -2.12
N THR A 609 -27.62 -57.69 -0.82
CA THR A 609 -27.75 -56.60 0.12
C THR A 609 -26.39 -55.96 0.38
N GLN A 610 -26.33 -54.64 0.31
CA GLN A 610 -25.11 -53.89 0.58
C GLN A 610 -25.01 -53.60 2.07
N GLY A 611 -23.95 -54.09 2.70
CA GLY A 611 -23.74 -53.91 4.12
C GLY A 611 -22.55 -53.04 4.40
N PHE A 612 -22.58 -52.33 5.53
CA PHE A 612 -21.51 -51.45 5.96
C PHE A 612 -20.71 -52.14 7.06
N PHE A 613 -19.41 -52.27 6.86
CA PHE A 613 -18.54 -52.98 7.78
C PHE A 613 -17.41 -52.06 8.24
N ILE A 614 -16.92 -52.34 9.46
CA ILE A 614 -15.78 -51.63 10.03
C ILE A 614 -14.63 -52.61 10.13
N ALA A 615 -13.52 -52.31 9.47
CA ALA A 615 -12.38 -53.21 9.44
C ALA A 615 -11.11 -52.42 9.18
N GLN A 616 -9.97 -53.08 9.44
CA GLN A 616 -8.68 -52.43 9.24
C GLN A 616 -8.45 -52.09 7.77
N SER A 617 -8.81 -53.00 6.87
CA SER A 617 -8.58 -52.83 5.45
C SER A 617 -9.70 -53.49 4.66
N ALA A 618 -9.81 -53.10 3.39
CA ALA A 618 -10.85 -53.66 2.52
C ALA A 618 -10.64 -55.14 2.25
N ASP A 619 -9.41 -55.65 2.38
CA ASP A 619 -9.15 -57.07 2.18
C ASP A 619 -9.90 -57.92 3.20
N GLU A 620 -9.92 -57.48 4.46
CA GLU A 620 -10.62 -58.22 5.50
C GLU A 620 -12.14 -58.22 5.27
N VAL A 621 -12.67 -57.15 4.67
CA VAL A 621 -14.10 -57.06 4.42
C VAL A 621 -14.56 -58.08 3.40
N LYS A 622 -13.67 -58.53 2.51
CA LYS A 622 -14.05 -59.49 1.48
C LYS A 622 -14.44 -60.84 2.06
N ARG A 623 -14.11 -61.11 3.32
CA ARG A 623 -14.49 -62.38 3.93
C ARG A 623 -16.00 -62.54 4.02
N ALA A 624 -16.72 -61.43 4.12
CA ALA A 624 -18.18 -61.49 4.16
C ALA A 624 -18.74 -62.02 2.84
N TRP A 625 -18.17 -61.58 1.71
CA TRP A 625 -18.66 -62.03 0.42
C TRP A 625 -18.37 -63.51 0.19
N PHE A 626 -17.20 -63.98 0.62
CA PHE A 626 -16.76 -65.34 0.37
C PHE A 626 -17.17 -66.32 1.49
N TYR A 627 -17.92 -65.86 2.48
CA TYR A 627 -18.29 -66.73 3.59
C TYR A 627 -19.21 -67.85 3.13
N CYS A 628 -18.95 -69.06 3.61
CA CYS A 628 -19.79 -70.21 3.32
C CYS A 628 -19.78 -71.15 4.53
N LYS A 629 -20.87 -71.90 4.67
CA LYS A 629 -21.00 -72.82 5.79
C LYS A 629 -19.99 -73.96 5.71
N ALA A 630 -19.76 -74.49 4.52
CA ALA A 630 -18.83 -75.60 4.33
C ALA A 630 -17.38 -75.12 4.44
N MET A 778 -48.66 -31.27 15.51
CA MET A 778 -47.82 -30.11 15.78
C MET A 778 -46.67 -30.45 16.72
N LYS A 779 -46.70 -31.67 17.27
CA LYS A 779 -45.61 -32.11 18.14
C LYS A 779 -44.31 -32.25 17.37
N TYR A 780 -44.37 -32.74 16.14
CA TYR A 780 -43.21 -32.95 15.30
C TYR A 780 -43.37 -32.16 14.00
N ASP A 781 -42.33 -32.22 13.16
CA ASP A 781 -42.35 -31.53 11.88
C ASP A 781 -43.08 -32.36 10.83
N SER A 782 -43.06 -31.89 9.59
CA SER A 782 -43.73 -32.60 8.51
C SER A 782 -43.09 -33.97 8.28
N THR A 783 -41.76 -34.04 8.32
CA THR A 783 -41.09 -35.32 8.14
C THR A 783 -41.23 -36.24 9.34
N GLY A 784 -41.56 -35.68 10.52
CA GLY A 784 -41.72 -36.50 11.70
C GLY A 784 -40.42 -36.98 12.32
N MET A 785 -39.30 -36.32 12.01
CA MET A 785 -38.01 -36.72 12.53
C MET A 785 -37.51 -35.85 13.66
N PHE A 786 -38.08 -34.66 13.86
CA PHE A 786 -37.65 -33.75 14.90
C PHE A 786 -38.87 -33.15 15.60
N HIS A 787 -38.67 -32.76 16.86
CA HIS A 787 -39.73 -32.10 17.62
C HIS A 787 -39.95 -30.69 17.08
N TRP A 788 -41.16 -30.18 17.33
CA TRP A 788 -41.58 -28.90 16.79
C TRP A 788 -42.21 -28.04 17.88
N SER A 789 -42.04 -26.72 17.73
CA SER A 789 -42.61 -25.74 18.65
C SER A 789 -43.25 -24.63 17.83
N PRO A 790 -44.26 -23.94 18.39
CA PRO A 790 -44.98 -22.91 17.61
C PRO A 790 -44.29 -21.55 17.59
N ALA A 791 -43.06 -21.52 17.09
CA ALA A 791 -42.34 -20.28 16.77
C ALA A 791 -42.23 -19.36 17.99
N LYS A 792 -41.49 -19.84 18.98
CA LYS A 792 -41.24 -19.04 20.17
C LYS A 792 -40.41 -17.81 19.83
N SER A 793 -40.76 -16.68 20.45
CA SER A 793 -40.06 -15.43 20.19
C SER A 793 -38.70 -15.41 20.90
N LEU A 794 -37.79 -14.59 20.37
CA LEU A 794 -36.46 -14.48 20.96
C LEU A 794 -36.52 -13.83 22.34
N GLU A 795 -37.33 -12.78 22.50
CA GLU A 795 -37.36 -12.04 23.76
C GLU A 795 -37.85 -12.92 24.90
N ASP A 796 -38.81 -13.81 24.63
CA ASP A 796 -39.30 -14.71 25.67
C ASP A 796 -38.25 -15.73 26.11
N CYS A 797 -37.20 -15.93 25.32
CA CYS A 797 -36.16 -16.90 25.61
C CYS A 797 -34.92 -16.28 26.23
N ILE A 798 -34.93 -14.97 26.43
CA ILE A 798 -33.78 -14.25 26.97
C ILE A 798 -33.86 -14.22 28.49
N LEU A 799 -32.81 -14.68 29.14
CA LEU A 799 -32.77 -14.82 30.59
C LEU A 799 -31.61 -14.02 31.17
N ASP A 800 -31.78 -13.55 32.40
CA ASP A 800 -30.77 -12.77 33.10
C ASP A 800 -30.04 -13.66 34.11
N ARG A 801 -29.08 -13.06 34.82
CA ARG A 801 -28.31 -13.79 35.81
C ARG A 801 -29.21 -14.28 36.94
N ASN A 802 -30.10 -13.41 37.44
CA ASN A 802 -31.01 -13.81 38.51
C ASN A 802 -32.03 -14.83 38.03
N GLN A 803 -32.54 -14.67 36.81
CA GLN A 803 -33.49 -15.63 36.27
C GLN A 803 -32.83 -17.00 36.08
N ALA A 804 -31.61 -17.03 35.58
CA ALA A 804 -30.91 -18.29 35.38
C ALA A 804 -30.45 -18.90 36.69
N ALA A 805 -30.30 -18.09 37.74
CA ALA A 805 -29.82 -18.61 39.01
C ALA A 805 -30.88 -19.42 39.72
N MET A 806 -32.13 -18.93 39.72
CA MET A 806 -33.20 -19.60 40.46
C MET A 806 -33.72 -20.85 39.74
N THR A 807 -33.55 -20.96 38.43
CA THR A 807 -34.07 -22.10 37.69
C THR A 807 -33.08 -23.25 37.74
N VAL A 808 -33.61 -24.47 37.79
CA VAL A 808 -32.81 -25.68 37.85
C VAL A 808 -32.37 -26.06 36.44
N LEU A 809 -31.07 -26.34 36.28
CA LEU A 809 -30.49 -26.76 35.00
C LEU A 809 -29.58 -27.94 35.28
N ASN A 810 -30.14 -29.15 35.23
CA ASN A 810 -29.40 -30.38 35.46
C ASN A 810 -29.42 -31.22 34.18
N GLY A 811 -28.24 -31.69 33.78
CA GLY A 811 -28.14 -32.47 32.56
C GLY A 811 -28.38 -31.68 31.29
N HIS A 812 -28.17 -30.38 31.32
CA HIS A 812 -28.39 -29.52 30.16
C HIS A 812 -27.12 -29.41 29.35
N VAL A 813 -27.20 -28.65 28.25
CA VAL A 813 -26.07 -28.41 27.36
C VAL A 813 -25.81 -26.91 27.30
N VAL A 814 -24.56 -26.53 27.56
CA VAL A 814 -24.14 -25.13 27.54
C VAL A 814 -23.29 -24.90 26.30
N VAL A 815 -23.66 -23.90 25.51
CA VAL A 815 -22.97 -23.56 24.27
C VAL A 815 -22.28 -22.22 24.50
N CYS A 816 -20.96 -22.26 24.68
CA CYS A 816 -20.17 -21.05 24.85
C CYS A 816 -19.83 -20.49 23.47
N LEU A 817 -20.40 -19.32 23.15
CA LEU A 817 -20.27 -18.74 21.82
C LEU A 817 -19.46 -17.44 21.90
N PHE A 818 -18.41 -17.37 21.09
CA PHE A 818 -17.62 -16.15 20.92
C PHE A 818 -17.91 -15.60 19.53
N ALA A 819 -18.68 -14.51 19.47
CA ALA A 819 -19.10 -13.97 18.19
C ALA A 819 -19.37 -12.48 18.32
N ASP A 820 -18.84 -11.71 17.38
CA ASP A 820 -19.18 -10.30 17.25
C ASP A 820 -20.55 -10.17 16.59
N PRO A 821 -21.22 -9.02 16.76
CA PRO A 821 -22.51 -8.83 16.09
C PRO A 821 -22.44 -8.93 14.58
N ASP A 822 -21.29 -8.63 13.98
CA ASP A 822 -21.10 -8.71 12.53
C ASP A 822 -20.35 -9.97 12.11
N SER A 823 -20.18 -10.93 13.02
CA SER A 823 -19.46 -12.15 12.69
C SER A 823 -20.26 -12.99 11.70
N PRO A 824 -19.57 -13.75 10.84
CA PRO A 824 -20.28 -14.62 9.89
C PRO A 824 -21.12 -15.66 10.62
N LEU A 825 -22.27 -15.99 10.04
CA LEU A 825 -23.15 -16.98 10.64
C LEU A 825 -22.52 -18.36 10.56
N ILE A 826 -22.64 -19.13 11.66
CA ILE A 826 -22.11 -20.48 11.73
C ILE A 826 -23.21 -21.53 11.72
N GLY A 827 -24.48 -21.12 11.70
CA GLY A 827 -25.57 -22.06 11.66
C GLY A 827 -25.75 -22.86 12.93
N LEU A 828 -26.18 -22.19 14.00
CA LEU A 828 -26.43 -22.89 15.27
C LEU A 828 -27.56 -23.90 15.15
N ARG A 829 -28.36 -23.82 14.09
CA ARG A 829 -29.42 -24.80 13.88
C ARG A 829 -28.86 -26.22 13.72
N ASN A 830 -27.67 -26.33 13.14
CA ASN A 830 -27.08 -27.66 12.92
C ASN A 830 -26.65 -28.29 14.24
N LEU A 831 -26.59 -27.50 15.31
CA LEU A 831 -26.14 -28.03 16.59
C LEU A 831 -27.32 -28.48 17.46
N VAL A 832 -28.49 -27.89 17.24
CA VAL A 832 -29.63 -28.14 18.11
C VAL A 832 -30.51 -29.26 17.59
N MET A 833 -30.75 -29.31 16.28
CA MET A 833 -31.64 -30.33 15.72
C MET A 833 -31.20 -31.75 16.03
N PRO A 834 -29.91 -32.13 15.95
CA PRO A 834 -29.53 -33.49 16.37
C PRO A 834 -29.90 -33.79 17.82
N LEU A 835 -29.92 -32.77 18.69
CA LEU A 835 -30.38 -32.95 20.06
C LEU A 835 -31.90 -32.90 20.19
N ARG A 836 -32.61 -32.56 19.10
CA ARG A 836 -34.07 -32.47 19.11
C ARG A 836 -34.71 -33.52 18.20
N ALA A 837 -34.01 -34.63 17.98
CA ALA A 837 -34.54 -35.69 17.12
C ALA A 837 -35.72 -36.40 17.79
N SER A 838 -36.55 -37.02 16.96
CA SER A 838 -37.71 -37.75 17.46
C SER A 838 -37.34 -39.03 18.18
N ASN A 839 -36.07 -39.46 18.11
CA ASN A 839 -35.65 -40.66 18.82
C ASN A 839 -35.74 -40.47 20.33
N PHE A 840 -35.58 -39.25 20.82
CA PHE A 840 -35.63 -38.96 22.24
C PHE A 840 -37.03 -38.52 22.64
N HIS A 841 -37.50 -39.04 23.77
CA HIS A 841 -38.77 -38.60 24.32
C HIS A 841 -38.67 -37.16 24.81
N TYR A 842 -39.82 -36.52 24.94
CA TYR A 842 -39.85 -35.12 25.36
C TYR A 842 -39.30 -34.94 26.77
N HIS A 843 -39.48 -35.95 27.63
CA HIS A 843 -38.99 -35.84 29.00
C HIS A 843 -37.47 -35.96 29.07
N GLU A 844 -36.87 -36.73 28.16
CA GLU A 844 -35.43 -36.95 28.16
C GLU A 844 -34.67 -35.97 27.28
N LEU A 845 -35.35 -34.99 26.69
CA LEU A 845 -34.68 -33.99 25.87
C LEU A 845 -33.76 -33.13 26.74
N LYS A 846 -32.58 -32.84 26.22
CA LYS A 846 -31.59 -32.06 26.94
C LYS A 846 -31.81 -30.57 26.69
N HIS A 847 -31.93 -29.80 27.77
CA HIS A 847 -32.08 -28.36 27.65
C HIS A 847 -30.82 -27.74 27.08
N VAL A 848 -31.00 -26.76 26.19
CA VAL A 848 -29.89 -26.10 25.51
C VAL A 848 -29.91 -24.62 25.91
N VAL A 849 -28.79 -24.16 26.46
CA VAL A 849 -28.63 -22.75 26.84
C VAL A 849 -27.42 -22.21 26.09
N ILE A 850 -27.59 -21.03 25.48
CA ILE A 850 -26.56 -20.39 24.68
C ILE A 850 -26.08 -19.15 25.41
N VAL A 851 -24.77 -19.07 25.64
CA VAL A 851 -24.15 -17.93 26.30
C VAL A 851 -23.40 -17.14 25.24
N GLY A 852 -23.84 -15.91 25.00
CA GLY A 852 -23.21 -15.08 24.00
C GLY A 852 -23.98 -13.78 23.81
N SER A 853 -23.53 -13.01 22.83
CA SER A 853 -24.16 -11.73 22.54
C SER A 853 -25.52 -11.95 21.87
N VAL A 854 -26.52 -11.21 22.35
CA VAL A 854 -27.87 -11.31 21.76
C VAL A 854 -27.88 -10.86 20.32
N ASP A 855 -27.06 -9.86 19.98
CA ASP A 855 -27.09 -9.30 18.64
C ASP A 855 -26.74 -10.36 17.59
N TYR A 856 -25.76 -11.21 17.90
CA TYR A 856 -25.42 -12.28 16.97
C TYR A 856 -26.49 -13.36 16.94
N ILE A 857 -26.98 -13.77 18.11
CA ILE A 857 -28.00 -14.82 18.18
C ILE A 857 -29.31 -14.36 17.55
N ARG A 858 -29.56 -13.04 17.51
CA ARG A 858 -30.78 -12.54 16.89
C ARG A 858 -30.84 -12.92 15.42
N ARG A 859 -29.72 -12.83 14.71
CA ARG A 859 -29.67 -13.28 13.32
C ARG A 859 -29.83 -14.79 13.22
N GLU A 860 -29.35 -15.53 14.21
CA GLU A 860 -29.45 -16.99 14.21
C GLU A 860 -30.82 -17.49 14.68
N TRP A 861 -31.64 -16.63 15.28
CA TRP A 861 -32.94 -17.04 15.79
C TRP A 861 -33.95 -17.35 14.69
N LYS A 862 -33.62 -17.03 13.43
CA LYS A 862 -34.57 -17.27 12.34
C LYS A 862 -34.88 -18.75 12.19
N MET A 863 -33.87 -19.60 12.34
CA MET A 863 -34.03 -21.05 12.20
C MET A 863 -34.15 -21.77 13.53
N LEU A 864 -34.25 -21.05 14.63
CA LEU A 864 -34.33 -21.67 15.96
C LEU A 864 -35.66 -21.41 16.65
N GLN A 865 -36.65 -20.86 15.95
CA GLN A 865 -37.92 -20.54 16.58
C GLN A 865 -38.68 -21.79 17.01
N ASN A 866 -38.66 -22.83 16.18
CA ASN A 866 -39.51 -24.00 16.36
C ASN A 866 -38.84 -25.12 17.15
N LEU A 867 -37.63 -24.91 17.65
CA LEU A 867 -36.93 -25.95 18.40
C LEU A 867 -37.22 -25.79 19.88
N PRO A 868 -37.81 -26.78 20.55
CA PRO A 868 -38.18 -26.63 21.95
C PRO A 868 -36.97 -26.62 22.88
N LYS A 869 -37.17 -26.02 24.05
CA LYS A 869 -36.19 -26.00 25.13
C LYS A 869 -34.87 -25.37 24.69
N ILE A 870 -34.95 -24.09 24.34
CA ILE A 870 -33.78 -23.30 23.97
C ILE A 870 -33.75 -22.05 24.84
N SER A 871 -32.61 -21.79 25.47
CA SER A 871 -32.43 -20.64 26.33
C SER A 871 -31.25 -19.80 25.86
N VAL A 872 -31.36 -18.49 26.00
CA VAL A 872 -30.33 -17.55 25.60
C VAL A 872 -29.98 -16.69 26.80
N LEU A 873 -28.68 -16.63 27.13
CA LEU A 873 -28.19 -15.81 28.23
C LEU A 873 -27.18 -14.81 27.67
N ASN A 874 -27.43 -13.53 27.91
CA ASN A 874 -26.51 -12.49 27.46
C ASN A 874 -25.27 -12.44 28.36
N GLY A 875 -24.15 -12.08 27.75
CA GLY A 875 -22.89 -11.96 28.45
C GLY A 875 -21.79 -12.68 27.71
N SER A 876 -20.66 -12.86 28.39
CA SER A 876 -19.50 -13.53 27.83
C SER A 876 -19.22 -14.81 28.59
N PRO A 877 -18.96 -15.93 27.91
CA PRO A 877 -18.64 -17.18 28.62
C PRO A 877 -17.36 -17.11 29.43
N LEU A 878 -16.47 -16.16 29.14
CA LEU A 878 -15.24 -16.03 29.91
C LEU A 878 -15.50 -15.62 31.35
N SER A 879 -16.53 -14.82 31.59
CA SER A 879 -16.85 -14.38 32.94
C SER A 879 -17.30 -15.54 33.80
N ARG A 880 -16.83 -15.56 35.05
CA ARG A 880 -17.19 -16.64 35.96
C ARG A 880 -18.63 -16.51 36.46
N ALA A 881 -19.15 -15.28 36.52
CA ALA A 881 -20.52 -15.08 37.01
C ALA A 881 -21.55 -15.73 36.11
N ASP A 882 -21.38 -15.60 34.79
CA ASP A 882 -22.32 -16.21 33.86
C ASP A 882 -22.24 -17.73 33.91
N LEU A 883 -21.03 -18.29 34.05
CA LEU A 883 -20.88 -19.74 34.10
C LEU A 883 -21.55 -20.32 35.32
N ARG A 884 -21.42 -19.66 36.47
CA ARG A 884 -22.05 -20.16 37.70
C ARG A 884 -23.56 -20.04 37.62
N ALA A 885 -24.08 -19.06 36.88
CA ALA A 885 -25.52 -18.89 36.76
C ALA A 885 -26.17 -20.07 36.05
N VAL A 886 -25.51 -20.57 34.98
CA VAL A 886 -26.07 -21.68 34.21
C VAL A 886 -25.67 -23.05 34.76
N ASN A 887 -24.88 -23.08 35.85
CA ASN A 887 -24.48 -24.32 36.50
C ASN A 887 -23.75 -25.26 35.53
N VAL A 888 -22.58 -24.79 35.07
CA VAL A 888 -21.77 -25.58 34.16
C VAL A 888 -21.25 -26.85 34.82
N ASN A 889 -21.22 -26.89 36.15
CA ASN A 889 -20.77 -28.09 36.86
C ASN A 889 -21.77 -29.23 36.74
N LEU A 890 -23.01 -28.94 36.37
CA LEU A 890 -24.04 -29.97 36.23
C LEU A 890 -24.43 -30.23 34.79
N CYS A 891 -23.86 -29.51 33.83
CA CYS A 891 -24.20 -29.71 32.43
C CYS A 891 -23.61 -31.01 31.92
N ASP A 892 -24.31 -31.63 30.95
CA ASP A 892 -23.83 -32.87 30.36
C ASP A 892 -22.66 -32.64 29.41
N MET A 893 -22.61 -31.47 28.76
CA MET A 893 -21.53 -31.16 27.85
C MET A 893 -21.46 -29.64 27.66
N CYS A 894 -20.25 -29.11 27.69
CA CYS A 894 -20.01 -27.69 27.46
C CYS A 894 -19.30 -27.53 26.12
N CYS A 895 -19.91 -26.79 25.21
CA CYS A 895 -19.38 -26.58 23.88
C CYS A 895 -18.86 -25.16 23.75
N ILE A 896 -17.61 -25.02 23.33
CA ILE A 896 -16.97 -23.74 23.13
C ILE A 896 -16.81 -23.52 21.63
N LEU A 897 -17.52 -22.54 21.09
CA LEU A 897 -17.52 -22.24 19.66
C LEU A 897 -17.12 -20.79 19.45
N SER A 898 -16.29 -20.56 18.43
CA SER A 898 -15.85 -19.22 18.07
C SER A 898 -16.30 -18.90 16.66
N ALA A 899 -16.95 -17.75 16.49
CA ALA A 899 -17.44 -17.30 15.20
C ALA A 899 -16.69 -16.09 14.67
N LYS A 900 -15.77 -15.53 15.45
CA LYS A 900 -15.04 -14.35 15.01
C LYS A 900 -14.07 -14.70 13.89
N VAL A 901 -13.87 -13.76 12.98
CA VAL A 901 -12.96 -13.94 11.85
C VAL A 901 -11.52 -13.98 12.37
N PRO A 902 -10.63 -14.73 11.73
CA PRO A 902 -9.24 -14.76 12.19
C PRO A 902 -8.48 -13.55 11.66
N SER A 903 -7.85 -12.81 12.58
CA SER A 903 -7.10 -11.61 12.20
C SER A 903 -5.85 -11.95 11.40
N ASN A 904 -5.40 -13.21 11.43
CA ASN A 904 -4.24 -13.71 10.71
C ASN A 904 -2.94 -13.02 11.12
N ASP A 905 -2.94 -12.31 12.26
CA ASP A 905 -1.70 -11.70 12.75
C ASP A 905 -0.70 -12.77 13.16
N ASP A 906 -1.17 -13.85 13.79
CA ASP A 906 -0.33 -14.95 14.21
C ASP A 906 -1.19 -16.20 14.23
N PRO A 907 -0.77 -17.28 13.59
CA PRO A 907 -1.59 -18.51 13.59
C PRO A 907 -1.83 -19.06 14.98
N THR A 908 -0.87 -18.92 15.89
CA THR A 908 -1.03 -19.39 17.26
C THR A 908 -2.06 -18.57 18.05
N LEU A 909 -2.26 -17.32 17.69
CA LEU A 909 -3.21 -16.44 18.37
C LEU A 909 -4.64 -16.63 17.91
N ALA A 910 -4.88 -17.52 16.94
CA ALA A 910 -6.23 -17.71 16.39
C ALA A 910 -7.18 -18.26 17.45
N ASP A 911 -6.72 -19.24 18.24
CA ASP A 911 -7.55 -19.88 19.26
C ASP A 911 -7.36 -19.24 20.64
N LYS A 912 -7.13 -17.93 20.67
CA LYS A 912 -6.82 -17.25 21.93
C LYS A 912 -7.98 -17.32 22.91
N GLU A 913 -9.19 -17.03 22.44
CA GLU A 913 -10.35 -17.00 23.34
C GLU A 913 -10.81 -18.39 23.72
N ALA A 914 -10.75 -19.34 22.78
CA ALA A 914 -11.19 -20.70 23.07
C ALA A 914 -10.31 -21.36 24.13
N ILE A 915 -8.99 -21.15 24.05
CA ILE A 915 -8.09 -21.72 25.04
C ILE A 915 -8.33 -21.11 26.41
N LEU A 916 -8.51 -19.78 26.47
CA LEU A 916 -8.72 -19.12 27.75
C LEU A 916 -10.02 -19.58 28.41
N ALA A 917 -11.09 -19.75 27.62
CA ALA A 917 -12.35 -20.23 28.17
C ALA A 917 -12.22 -21.65 28.70
N SER A 918 -11.51 -22.51 27.97
CA SER A 918 -11.32 -23.89 28.43
C SER A 918 -10.54 -23.94 29.73
N LEU A 919 -9.48 -23.13 29.83
CA LEU A 919 -8.67 -23.14 31.05
C LEU A 919 -9.41 -22.52 32.23
N ASN A 920 -10.24 -21.51 31.97
CA ASN A 920 -10.97 -20.85 33.06
C ASN A 920 -11.95 -21.82 33.72
N ILE A 921 -12.66 -22.63 32.93
CA ILE A 921 -13.63 -23.57 33.49
C ILE A 921 -12.92 -24.66 34.27
N LYS A 922 -11.76 -25.10 33.79
CA LYS A 922 -11.03 -26.19 34.46
C LYS A 922 -10.55 -25.79 35.86
N ALA A 923 -10.49 -24.50 36.16
CA ALA A 923 -9.95 -24.03 37.43
C ALA A 923 -11.02 -23.62 38.44
N MET A 924 -12.26 -23.37 38.01
CA MET A 924 -13.28 -22.91 38.93
C MET A 924 -13.70 -24.03 39.88
N THR A 925 -14.05 -23.64 41.10
CA THR A 925 -14.49 -24.58 42.14
C THR A 925 -15.94 -24.29 42.49
N PHE A 926 -16.72 -25.36 42.61
CA PHE A 926 -18.15 -25.27 42.90
C PHE A 926 -18.44 -25.89 44.25
N ASP A 927 -19.42 -25.32 44.95
CA ASP A 927 -19.83 -25.80 46.27
C ASP A 927 -20.97 -26.80 46.15
N VAL A 959 -17.23 -30.74 44.02
CA VAL A 959 -17.10 -30.85 42.57
C VAL A 959 -16.37 -29.65 42.01
N TYR A 960 -15.22 -29.89 41.37
CA TYR A 960 -14.42 -28.85 40.76
C TYR A 960 -14.63 -28.84 39.25
N GLY A 961 -14.15 -27.77 38.62
CA GLY A 961 -14.35 -27.60 37.19
C GLY A 961 -13.49 -28.49 36.30
N ALA A 962 -12.49 -29.15 36.87
CA ALA A 962 -11.64 -30.03 36.06
C ALA A 962 -12.38 -31.28 35.60
N ASN A 963 -13.47 -31.65 36.28
CA ASN A 963 -14.26 -32.82 35.90
C ASN A 963 -15.41 -32.49 34.95
N VAL A 964 -15.57 -31.22 34.59
CA VAL A 964 -16.64 -30.81 33.68
C VAL A 964 -16.31 -31.30 32.28
N PRO A 965 -17.21 -32.06 31.64
CA PRO A 965 -16.95 -32.52 30.26
C PRO A 965 -17.09 -31.35 29.28
N MET A 966 -16.03 -31.10 28.52
CA MET A 966 -15.99 -29.98 27.58
C MET A 966 -15.45 -30.45 26.25
N ILE A 967 -15.92 -29.81 25.18
CA ILE A 967 -15.42 -30.03 23.83
C ILE A 967 -15.19 -28.69 23.17
N THR A 968 -14.01 -28.51 22.58
CA THR A 968 -13.65 -27.29 21.88
C THR A 968 -13.18 -27.64 20.48
N GLU A 969 -13.83 -27.04 19.48
CA GLU A 969 -13.46 -27.24 18.08
C GLU A 969 -12.65 -26.03 17.62
N LEU A 970 -11.49 -26.29 17.03
CA LEU A 970 -10.46 -25.29 16.84
C LEU A 970 -10.33 -24.92 15.37
N VAL A 971 -10.21 -23.62 15.09
CA VAL A 971 -9.94 -23.17 13.73
C VAL A 971 -8.51 -23.49 13.29
N ASN A 972 -7.55 -23.52 14.21
CA ASN A 972 -6.17 -23.86 13.90
C ASN A 972 -5.80 -25.10 14.72
N ASP A 973 -5.28 -26.13 14.05
CA ASP A 973 -4.97 -27.38 14.73
C ASP A 973 -3.67 -27.35 15.50
N GLY A 974 -2.83 -26.33 15.28
CA GLY A 974 -1.56 -26.25 15.99
C GLY A 974 -1.68 -25.77 17.42
N ASN A 975 -2.85 -25.30 17.83
CA ASN A 975 -3.08 -24.80 19.17
C ASN A 975 -3.63 -25.86 20.12
N VAL A 976 -3.74 -27.11 19.66
CA VAL A 976 -4.23 -28.19 20.51
C VAL A 976 -3.26 -28.48 21.66
N GLN A 977 -2.00 -28.06 21.54
CA GLN A 977 -1.02 -28.30 22.58
C GLN A 977 -1.34 -27.58 23.88
N PHE A 978 -2.10 -26.48 23.82
CA PHE A 978 -2.42 -25.67 24.98
C PHE A 978 -3.69 -26.13 25.69
N LEU A 979 -4.42 -27.09 25.12
CA LEU A 979 -5.66 -27.55 25.74
C LEU A 979 -5.38 -28.42 26.96
N ASP A 980 -4.32 -29.23 26.92
CA ASP A 980 -3.95 -30.11 28.02
C ASP A 980 -2.58 -29.72 28.56
N GLN A 981 -2.38 -29.97 29.85
CA GLN A 981 -1.14 -29.61 30.53
C GLN A 981 -0.24 -30.79 30.84
N ASP A 982 -0.82 -31.95 31.17
CA ASP A 982 -0.03 -33.14 31.54
C ASP A 982 0.27 -34.01 30.33
N ASP A 983 0.85 -33.43 29.29
CA ASP A 983 1.21 -34.16 28.09
C ASP A 983 2.38 -33.47 27.40
N ASP A 984 3.06 -34.23 26.54
CA ASP A 984 4.17 -33.71 25.77
C ASP A 984 3.65 -33.14 24.45
N ASP A 985 4.16 -31.97 24.08
CA ASP A 985 3.69 -31.25 22.90
C ASP A 985 4.77 -31.22 21.83
N ASP A 986 4.36 -31.38 20.58
CA ASP A 986 5.26 -31.35 19.44
C ASP A 986 4.58 -30.63 18.28
N PRO A 987 5.21 -29.60 17.71
CA PRO A 987 4.58 -28.90 16.58
C PRO A 987 4.30 -29.78 15.38
N ASP A 988 5.13 -30.79 15.13
CA ASP A 988 5.03 -31.60 13.93
C ASP A 988 4.18 -32.85 14.10
N THR A 989 3.60 -33.08 15.28
CA THR A 989 2.81 -34.28 15.50
C THR A 989 1.52 -34.24 14.69
N GLU A 990 1.02 -35.43 14.34
CA GLU A 990 -0.24 -35.52 13.63
C GLU A 990 -1.40 -35.21 14.57
N LEU A 991 -2.47 -34.64 14.00
CA LEU A 991 -3.56 -34.14 14.82
C LEU A 991 -4.23 -35.26 15.62
N TYR A 992 -4.58 -36.37 14.96
CA TYR A 992 -5.24 -37.46 15.67
C TYR A 992 -4.33 -38.18 16.64
N LEU A 993 -3.02 -37.92 16.59
CA LEU A 993 -2.10 -38.51 17.57
C LEU A 993 -2.06 -37.73 18.87
N THR A 994 -2.64 -36.53 18.91
CA THR A 994 -2.59 -35.71 20.11
C THR A 994 -3.52 -36.25 21.19
N GLN A 995 -3.13 -36.04 22.45
CA GLN A 995 -3.93 -36.48 23.57
C GLN A 995 -5.31 -35.82 23.62
N PRO A 996 -5.45 -34.50 23.48
CA PRO A 996 -6.81 -33.92 23.56
C PRO A 996 -7.78 -34.46 22.53
N PHE A 997 -7.30 -34.75 21.31
CA PHE A 997 -8.17 -35.33 20.30
C PHE A 997 -8.52 -36.77 20.64
N ALA A 998 -7.55 -37.53 21.16
CA ALA A 998 -7.80 -38.92 21.52
C ALA A 998 -8.80 -39.06 22.66
N CYS A 999 -8.95 -38.03 23.50
CA CYS A 999 -9.88 -38.06 24.60
C CYS A 999 -11.25 -37.47 24.24
N GLY A 1000 -11.45 -37.07 22.99
CA GLY A 1000 -12.72 -36.49 22.60
C GLY A 1000 -12.94 -35.07 23.09
N THR A 1001 -11.87 -34.36 23.43
CA THR A 1001 -11.97 -32.98 23.93
C THR A 1001 -11.76 -31.96 22.83
N ALA A 1002 -10.79 -32.16 21.95
CA ALA A 1002 -10.48 -31.22 20.88
C ALA A 1002 -11.08 -31.69 19.56
N PHE A 1003 -11.36 -30.74 18.68
CA PHE A 1003 -11.91 -31.03 17.37
C PHE A 1003 -11.46 -29.95 16.40
N ALA A 1004 -11.49 -30.29 15.11
CA ALA A 1004 -11.13 -29.33 14.06
C ALA A 1004 -11.75 -29.78 12.74
N VAL A 1005 -11.85 -28.83 11.81
CA VAL A 1005 -12.39 -29.14 10.49
C VAL A 1005 -11.36 -29.79 9.58
N SER A 1006 -10.09 -29.84 9.99
CA SER A 1006 -9.07 -30.44 9.16
C SER A 1006 -9.22 -31.96 9.05
N VAL A 1007 -9.90 -32.59 10.01
CA VAL A 1007 -10.13 -34.03 9.94
C VAL A 1007 -11.23 -34.42 8.96
N LEU A 1008 -11.96 -33.44 8.43
CA LEU A 1008 -13.04 -33.69 7.49
C LEU A 1008 -12.60 -33.62 6.04
N ASP A 1009 -11.30 -33.40 5.78
CA ASP A 1009 -10.81 -33.33 4.40
C ASP A 1009 -10.91 -34.69 3.70
N SER A 1010 -10.82 -35.78 4.46
CA SER A 1010 -10.87 -37.11 3.87
C SER A 1010 -12.26 -37.50 3.38
N LEU A 1011 -13.30 -36.72 3.74
CA LEU A 1011 -14.65 -37.06 3.34
C LEU A 1011 -14.87 -36.89 1.84
N MET A 1012 -14.12 -36.01 1.18
CA MET A 1012 -14.27 -35.83 -0.26
C MET A 1012 -13.88 -37.10 -1.02
N SER A 1013 -12.78 -37.74 -0.62
CA SER A 1013 -12.37 -38.98 -1.26
C SER A 1013 -13.34 -40.11 -0.96
N THR A 1014 -13.84 -40.18 0.28
CA THR A 1014 -14.77 -41.23 0.65
C THR A 1014 -16.08 -41.12 -0.12
N THR A 1015 -16.57 -39.89 -0.31
CA THR A 1015 -17.85 -39.69 -1.00
C THR A 1015 -17.76 -40.14 -2.46
N TYR A 1016 -16.65 -39.84 -3.13
CA TYR A 1016 -16.52 -40.19 -4.54
C TYR A 1016 -16.55 -41.70 -4.75
N PHE A 1017 -15.84 -42.45 -3.91
CA PHE A 1017 -15.77 -43.90 -4.09
C PHE A 1017 -17.10 -44.57 -3.78
N ASN A 1018 -17.92 -43.97 -2.91
CA ASN A 1018 -19.23 -44.52 -2.61
C ASN A 1018 -20.12 -43.41 -2.09
N GLN A 1019 -21.21 -43.12 -2.82
CA GLN A 1019 -22.15 -42.09 -2.39
C GLN A 1019 -22.88 -42.50 -1.12
N ASN A 1020 -23.17 -43.79 -0.95
CA ASN A 1020 -23.89 -44.26 0.22
C ASN A 1020 -23.10 -44.05 1.51
N ALA A 1021 -21.77 -43.94 1.43
CA ALA A 1021 -20.96 -43.70 2.61
C ALA A 1021 -21.30 -42.36 3.24
N LEU A 1022 -21.46 -41.31 2.41
CA LEU A 1022 -21.82 -40.01 2.93
C LEU A 1022 -23.23 -39.99 3.49
N THR A 1023 -24.15 -40.75 2.88
CA THR A 1023 -25.52 -40.82 3.38
C THR A 1023 -25.57 -41.40 4.78
N LEU A 1024 -24.75 -42.44 5.04
CA LEU A 1024 -24.70 -43.01 6.37
C LEU A 1024 -24.18 -42.00 7.40
N ILE A 1025 -23.18 -41.20 7.00
CA ILE A 1025 -22.61 -40.22 7.93
C ILE A 1025 -23.65 -39.18 8.31
N ARG A 1026 -24.39 -38.66 7.34
CA ARG A 1026 -25.37 -37.61 7.61
C ARG A 1026 -26.49 -38.13 8.49
N SER A 1027 -26.98 -39.35 8.22
CA SER A 1027 -28.06 -39.90 9.02
C SER A 1027 -27.60 -40.23 10.45
N LEU A 1028 -26.32 -40.55 10.63
CA LEU A 1028 -25.82 -40.94 11.93
C LEU A 1028 -25.59 -39.75 12.86
N ILE A 1029 -25.25 -38.58 12.31
CA ILE A 1029 -24.89 -37.43 13.12
C ILE A 1029 -25.97 -36.36 13.17
N THR A 1030 -26.84 -36.26 12.16
CA THR A 1030 -27.87 -35.24 12.13
C THR A 1030 -29.20 -35.72 12.71
N GLY A 1031 -29.26 -36.95 13.21
CA GLY A 1031 -30.50 -37.48 13.75
C GLY A 1031 -31.51 -37.89 12.70
N GLY A 1032 -31.12 -37.93 11.43
CA GLY A 1032 -32.04 -38.28 10.36
C GLY A 1032 -32.49 -37.07 9.58
N ALA A 1033 -31.91 -36.86 8.41
CA ALA A 1033 -32.23 -35.73 7.53
C ALA A 1033 -32.72 -36.28 6.21
N THR A 1034 -34.03 -36.45 6.08
CA THR A 1034 -34.63 -36.95 4.86
C THR A 1034 -34.46 -35.94 3.73
N PRO A 1035 -34.38 -36.41 2.48
CA PRO A 1035 -34.12 -35.47 1.37
C PRO A 1035 -35.12 -34.34 1.25
N GLU A 1036 -36.42 -34.60 1.43
CA GLU A 1036 -37.40 -33.55 1.25
C GLU A 1036 -37.39 -32.55 2.41
N LEU A 1037 -36.74 -32.89 3.52
CA LEU A 1037 -36.52 -31.89 4.57
C LEU A 1037 -35.61 -30.78 4.07
N GLU A 1038 -34.60 -31.14 3.28
CA GLU A 1038 -33.73 -30.13 2.68
C GLU A 1038 -34.50 -29.22 1.73
N LEU A 1039 -35.39 -29.80 0.92
CA LEU A 1039 -36.20 -28.98 0.01
C LEU A 1039 -37.11 -28.03 0.78
N ILE A 1040 -37.71 -28.50 1.87
CA ILE A 1040 -38.57 -27.65 2.68
C ILE A 1040 -37.74 -26.52 3.30
N LEU A 1041 -36.56 -26.85 3.82
CA LEU A 1041 -35.69 -25.83 4.42
C LEU A 1041 -35.18 -24.85 3.37
N ALA A 1042 -34.92 -25.31 2.15
CA ALA A 1042 -34.43 -24.45 1.09
C ALA A 1042 -35.47 -23.45 0.60
N GLU A 1043 -36.74 -23.63 0.96
CA GLU A 1043 -37.78 -22.69 0.55
C GLU A 1043 -37.54 -21.30 1.17
N GLY A 1044 -37.10 -21.27 2.42
CA GLY A 1044 -36.83 -20.02 3.12
C GLY A 1044 -37.82 -19.69 4.22
N ALA A 1045 -38.79 -20.56 4.51
CA ALA A 1045 -39.75 -20.34 5.56
C ALA A 1045 -39.36 -20.98 6.88
N GLY A 1046 -38.18 -21.59 6.95
CA GLY A 1046 -37.74 -22.25 8.17
C GLY A 1046 -38.38 -23.61 8.33
N LEU A 1047 -38.19 -24.17 9.54
CA LEU A 1047 -38.78 -25.46 9.86
C LEU A 1047 -40.30 -25.39 9.86
N ARG A 1048 -40.93 -26.36 9.24
CA ARG A 1048 -42.39 -26.42 9.12
C ARG A 1048 -42.91 -27.64 9.84
N GLY A 1049 -43.90 -27.42 10.71
CA GLY A 1049 -44.51 -28.51 11.45
C GLY A 1049 -45.53 -29.28 10.64
N GLY A 1050 -46.05 -30.33 11.25
CA GLY A 1050 -47.05 -31.17 10.61
C GLY A 1050 -47.80 -31.99 11.62
N TYR A 1051 -48.98 -32.45 11.21
CA TYR A 1051 -49.84 -33.26 12.07
C TYR A 1051 -49.38 -34.71 12.03
N SER A 1052 -49.15 -35.29 13.20
CA SER A 1052 -48.67 -36.66 13.27
C SER A 1052 -49.77 -37.65 12.90
N THR A 1053 -49.43 -38.60 12.04
CA THR A 1053 -50.33 -39.67 11.62
C THR A 1053 -49.76 -41.02 12.05
N VAL A 1054 -50.46 -42.09 11.71
CA VAL A 1054 -49.99 -43.43 12.06
C VAL A 1054 -48.72 -43.76 11.28
N GLU A 1055 -48.63 -43.33 10.02
CA GLU A 1055 -47.43 -43.56 9.24
C GLU A 1055 -46.32 -42.60 9.63
N SER A 1056 -46.68 -41.34 9.95
CA SER A 1056 -45.67 -40.36 10.31
C SER A 1056 -44.97 -40.73 11.62
N LEU A 1057 -45.73 -41.25 12.59
CA LEU A 1057 -45.16 -41.65 13.87
C LEU A 1057 -44.26 -42.88 13.76
N SER A 1058 -44.34 -43.63 12.67
CA SER A 1058 -43.49 -44.80 12.49
C SER A 1058 -42.02 -44.42 12.29
N ASN A 1059 -41.74 -43.19 11.85
CA ASN A 1059 -40.37 -42.77 11.63
C ASN A 1059 -39.61 -42.58 12.94
N ARG A 1060 -40.32 -42.52 14.07
CA ARG A 1060 -39.65 -42.36 15.36
C ARG A 1060 -38.87 -43.61 15.77
N ASP A 1061 -39.14 -44.75 15.15
CA ASP A 1061 -38.50 -46.01 15.52
C ASP A 1061 -37.24 -46.18 14.69
N ARG A 1062 -36.11 -45.72 15.23
CA ARG A 1062 -34.81 -45.93 14.60
C ARG A 1062 -33.74 -45.86 15.67
N CYS A 1063 -32.57 -46.41 15.35
CA CYS A 1063 -31.48 -46.46 16.31
C CYS A 1063 -30.89 -45.07 16.56
N ARG A 1064 -30.35 -44.89 17.76
CA ARG A 1064 -29.75 -43.62 18.17
C ARG A 1064 -28.39 -43.90 18.80
N VAL A 1065 -27.54 -42.88 18.78
CA VAL A 1065 -26.20 -42.96 19.34
C VAL A 1065 -26.27 -42.70 20.84
N GLY A 1066 -25.76 -43.63 21.64
CA GLY A 1066 -25.77 -43.50 23.08
C GLY A 1066 -24.56 -44.16 23.70
N GLN A 1067 -24.41 -43.93 25.02
CA GLN A 1067 -23.30 -44.47 25.79
C GLN A 1067 -23.85 -45.12 27.05
N ILE A 1068 -23.30 -46.28 27.41
CA ILE A 1068 -23.69 -47.00 28.62
C ILE A 1068 -22.45 -47.20 29.48
N SER A 1069 -22.70 -47.57 30.74
CA SER A 1069 -21.65 -47.85 31.70
C SER A 1069 -21.85 -49.26 32.28
N LEU A 1070 -20.75 -49.95 32.51
CA LEU A 1070 -20.78 -51.30 33.07
C LEU A 1070 -20.65 -51.32 34.59
N TYR A 1071 -20.85 -50.17 35.25
CA TYR A 1071 -20.65 -50.10 36.69
C TYR A 1071 -21.74 -50.85 37.45
N ASP A 1072 -22.99 -50.44 37.26
CA ASP A 1072 -24.13 -51.04 37.94
C ASP A 1072 -25.29 -51.30 36.99
N GLY A 1073 -25.54 -52.56 36.66
CA GLY A 1073 -26.65 -52.91 35.80
C GLY A 1073 -26.69 -54.37 35.45
N PRO A 1074 -27.61 -54.76 34.57
CA PRO A 1074 -27.70 -56.16 34.15
C PRO A 1074 -26.51 -56.63 33.32
N LEU A 1075 -25.72 -55.71 32.78
CA LEU A 1075 -24.53 -56.06 32.01
C LEU A 1075 -23.25 -55.89 32.81
N ALA A 1076 -23.34 -55.69 34.13
CA ALA A 1076 -22.17 -55.44 34.96
C ALA A 1076 -21.30 -56.67 35.15
N GLN A 1077 -21.80 -57.87 34.86
CA GLN A 1077 -21.00 -59.08 35.07
C GLN A 1077 -19.80 -59.15 34.13
N PHE A 1078 -19.86 -58.49 32.98
CA PHE A 1078 -18.74 -58.47 32.06
C PHE A 1078 -17.71 -57.39 32.39
N GLY A 1079 -18.05 -56.47 33.30
CA GLY A 1079 -17.10 -55.41 33.65
C GLY A 1079 -15.88 -55.93 34.39
N GLU A 1080 -16.07 -56.90 35.29
CA GLU A 1080 -14.97 -57.38 36.11
C GLU A 1080 -13.89 -58.03 35.25
N CYS A 1081 -14.22 -59.13 34.57
CA CYS A 1081 -13.25 -59.83 33.75
C CYS A 1081 -13.83 -60.33 32.43
N GLY A 1082 -15.08 -60.01 32.10
CA GLY A 1082 -15.67 -60.50 30.87
C GLY A 1082 -15.01 -59.89 29.64
N LYS A 1083 -14.95 -60.69 28.58
CA LYS A 1083 -14.36 -60.25 27.33
C LYS A 1083 -15.31 -59.31 26.59
N TYR A 1084 -14.74 -58.54 25.66
CA TYR A 1084 -15.54 -57.62 24.87
C TYR A 1084 -16.52 -58.39 23.98
N GLY A 1085 -16.08 -59.51 23.42
CA GLY A 1085 -16.97 -60.30 22.57
C GLY A 1085 -18.19 -60.81 23.31
N ASP A 1086 -18.01 -61.22 24.57
CA ASP A 1086 -19.14 -61.67 25.37
C ASP A 1086 -20.14 -60.55 25.61
N LEU A 1087 -19.64 -59.35 25.90
CA LEU A 1087 -20.53 -58.20 26.10
C LEU A 1087 -21.27 -57.85 24.82
N PHE A 1088 -20.59 -57.88 23.68
CA PHE A 1088 -21.24 -57.58 22.41
C PHE A 1088 -22.33 -58.58 22.09
N VAL A 1089 -22.07 -59.87 22.34
CA VAL A 1089 -23.07 -60.90 22.04
C VAL A 1089 -24.27 -60.78 22.96
N ALA A 1090 -24.02 -60.62 24.27
CA ALA A 1090 -25.10 -60.58 25.25
C ALA A 1090 -25.99 -59.35 25.05
N ALA A 1091 -25.39 -58.19 24.81
CA ALA A 1091 -26.17 -56.97 24.64
C ALA A 1091 -27.05 -57.03 23.40
N LEU A 1092 -26.53 -57.58 22.31
CA LEU A 1092 -27.29 -57.64 21.06
C LEU A 1092 -28.50 -58.55 21.18
N LYS A 1093 -28.33 -59.73 21.78
CA LYS A 1093 -29.42 -60.69 21.86
C LYS A 1093 -30.54 -60.19 22.76
N SER A 1094 -30.18 -59.60 23.91
CA SER A 1094 -31.18 -59.24 24.91
C SER A 1094 -31.82 -57.88 24.64
N TYR A 1095 -31.02 -56.87 24.28
CA TYR A 1095 -31.50 -55.50 24.17
C TYR A 1095 -31.46 -54.95 22.76
N GLY A 1096 -30.79 -55.61 21.82
CA GLY A 1096 -30.61 -55.08 20.49
C GLY A 1096 -29.51 -54.04 20.37
N MET A 1097 -28.80 -53.75 21.46
CA MET A 1097 -27.73 -52.77 21.42
C MET A 1097 -26.55 -53.32 20.62
N LEU A 1098 -25.92 -52.46 19.83
CA LEU A 1098 -24.76 -52.82 19.03
C LEU A 1098 -23.55 -52.05 19.57
N CYS A 1099 -22.61 -52.76 20.18
CA CYS A 1099 -21.43 -52.12 20.72
C CYS A 1099 -20.49 -51.69 19.60
N ILE A 1100 -20.03 -50.45 19.67
CA ILE A 1100 -19.14 -49.89 18.65
C ILE A 1100 -17.72 -49.74 19.17
N GLY A 1101 -17.55 -49.31 20.41
CA GLY A 1101 -16.22 -49.13 20.95
C GLY A 1101 -16.26 -48.96 22.46
N LEU A 1102 -15.10 -48.56 23.01
CA LEU A 1102 -14.95 -48.39 24.44
C LEU A 1102 -14.47 -46.98 24.76
N TYR A 1103 -14.78 -46.53 25.97
CA TYR A 1103 -14.41 -45.21 26.46
C TYR A 1103 -13.77 -45.44 27.83
N ARG A 1104 -12.46 -45.66 27.84
CA ARG A 1104 -11.73 -46.16 29.00
C ARG A 1104 -10.79 -45.10 29.55
N PHE A 1105 -10.62 -45.11 30.87
CA PHE A 1105 -9.69 -44.21 31.53
C PHE A 1105 -8.28 -44.39 31.00
N ARG A 1106 -7.56 -43.27 30.84
CA ARG A 1106 -6.18 -43.34 30.36
C ARG A 1106 -5.29 -44.09 31.34
N ASP A 1107 -5.44 -43.82 32.64
CA ASP A 1107 -4.64 -44.46 33.67
C ASP A 1107 -5.51 -45.30 34.57
N THR A 1108 -5.09 -46.54 34.81
CA THR A 1108 -5.82 -47.47 35.66
C THR A 1108 -5.42 -47.42 37.12
N SER A 1109 -4.47 -46.54 37.46
CA SER A 1109 -3.98 -46.40 38.84
C SER A 1109 -3.51 -47.72 39.42
N ALA A 1114 -4.56 -39.47 39.94
CA ALA A 1114 -5.24 -40.03 38.78
C ALA A 1114 -6.22 -39.02 38.19
N SER A 1115 -6.14 -38.80 36.89
CA SER A 1115 -7.00 -37.87 36.18
C SER A 1115 -8.18 -38.61 35.57
N SER A 1116 -9.31 -37.90 35.46
CA SER A 1116 -10.52 -38.47 34.88
C SER A 1116 -10.59 -38.24 33.37
N LYS A 1117 -9.54 -38.65 32.67
CA LYS A 1117 -9.45 -38.51 31.23
C LYS A 1117 -9.65 -39.87 30.58
N ARG A 1118 -10.60 -39.96 29.66
CA ARG A 1118 -10.95 -41.20 28.98
C ARG A 1118 -10.66 -41.06 27.50
N TYR A 1119 -9.94 -42.05 26.95
CA TYR A 1119 -9.67 -42.10 25.52
C TYR A 1119 -10.60 -43.08 24.83
N VAL A 1120 -10.64 -43.01 23.51
CA VAL A 1120 -11.60 -43.75 22.70
C VAL A 1120 -10.89 -44.93 22.04
N ILE A 1121 -11.45 -46.13 22.21
CA ILE A 1121 -11.01 -47.33 21.51
C ILE A 1121 -12.13 -47.74 20.58
N THR A 1122 -11.84 -47.80 19.28
CA THR A 1122 -12.84 -48.11 18.27
C THR A 1122 -12.76 -49.60 17.92
N ASN A 1123 -13.85 -50.32 18.19
CA ASN A 1123 -13.99 -51.73 17.85
C ASN A 1123 -12.84 -52.57 18.40
N PRO A 1124 -12.77 -52.79 19.71
CA PRO A 1124 -11.73 -53.65 20.27
C PRO A 1124 -11.95 -55.09 19.87
N PRO A 1125 -10.89 -55.90 19.86
CA PRO A 1125 -11.05 -57.32 19.50
C PRO A 1125 -11.92 -58.05 20.51
N ASP A 1126 -12.47 -59.18 20.06
CA ASP A 1126 -13.37 -59.97 20.91
C ASP A 1126 -12.65 -60.52 22.14
N ASP A 1127 -11.33 -60.60 22.11
CA ASP A 1127 -10.55 -61.08 23.25
C ASP A 1127 -10.11 -59.95 24.18
N PHE A 1128 -10.58 -58.72 23.94
CA PHE A 1128 -10.19 -57.60 24.78
C PHE A 1128 -10.73 -57.77 26.20
N SER A 1129 -9.95 -57.30 27.17
CA SER A 1129 -10.31 -57.40 28.57
C SER A 1129 -11.00 -56.11 29.02
N LEU A 1130 -12.17 -56.25 29.64
CA LEU A 1130 -12.95 -55.11 30.07
C LEU A 1130 -12.59 -54.70 31.49
N LEU A 1131 -13.05 -53.52 31.89
CA LEU A 1131 -12.82 -52.97 33.21
C LEU A 1131 -14.15 -52.49 33.78
N PRO A 1132 -14.30 -52.51 35.11
CA PRO A 1132 -15.56 -52.04 35.72
C PRO A 1132 -15.85 -50.57 35.47
N THR A 1133 -14.82 -49.77 35.20
CA THR A 1133 -14.99 -48.34 34.92
C THR A 1133 -14.95 -48.02 33.43
N ASP A 1134 -15.46 -48.92 32.60
CA ASP A 1134 -15.43 -48.75 31.16
C ASP A 1134 -16.82 -48.38 30.63
N GLN A 1135 -16.83 -47.46 29.66
CA GLN A 1135 -18.06 -47.04 29.00
C GLN A 1135 -18.02 -47.50 27.55
N VAL A 1136 -19.18 -47.93 27.05
CA VAL A 1136 -19.29 -48.58 25.75
C VAL A 1136 -20.17 -47.73 24.84
N PHE A 1137 -19.67 -47.45 23.64
CA PHE A 1137 -20.48 -46.77 22.62
C PHE A 1137 -21.42 -47.79 21.99
N VAL A 1138 -22.73 -47.55 22.11
CA VAL A 1138 -23.75 -48.48 21.65
C VAL A 1138 -24.81 -47.73 20.84
N LEU A 1139 -25.54 -48.49 20.03
CA LEU A 1139 -26.63 -47.97 19.20
C LEU A 1139 -27.92 -48.59 19.74
N MET A 1140 -28.65 -47.83 20.54
CA MET A 1140 -29.88 -48.31 21.18
C MET A 1140 -31.09 -48.07 20.29
N GLN A 1141 -32.03 -49.01 20.33
CA GLN A 1141 -33.28 -48.90 19.59
C GLN A 1141 -34.23 -47.93 20.28
N PHE A 1142 -35.30 -47.57 19.58
CA PHE A 1142 -36.30 -46.66 20.12
C PHE A 1142 -37.34 -47.46 20.91
N ASP A 1143 -37.48 -47.14 22.19
CA ASP A 1143 -38.43 -47.85 23.05
C ASP A 1143 -39.64 -46.96 23.28
N PRO A 1144 -40.81 -47.31 22.74
CA PRO A 1144 -42.00 -46.48 22.97
C PRO A 1144 -42.41 -46.51 24.44
N GLY A 1145 -42.97 -45.38 24.89
CA GLY A 1145 -43.41 -45.25 26.26
C GLY A 1145 -42.39 -44.56 27.16
N LEU B 44 69.07 -24.38 -1.48
CA LEU B 44 68.19 -23.82 -2.51
C LEU B 44 68.02 -24.81 -3.66
N LYS B 45 68.86 -25.85 -3.68
CA LYS B 45 68.76 -26.86 -4.73
C LYS B 45 67.42 -27.61 -4.63
N VAL B 46 66.98 -27.93 -3.41
CA VAL B 46 65.71 -28.59 -3.18
C VAL B 46 64.87 -27.70 -2.28
N ARG B 47 63.61 -27.52 -2.64
CA ARG B 47 62.72 -26.64 -1.88
C ARG B 47 62.19 -27.38 -0.66
N LYS B 48 62.22 -26.70 0.49
CA LYS B 48 61.71 -27.24 1.75
C LYS B 48 60.37 -26.65 2.12
N TYR B 49 59.55 -26.30 1.11
CA TYR B 49 58.25 -25.71 1.38
C TYR B 49 57.30 -26.70 2.05
N TRP B 50 57.47 -28.00 1.79
CA TRP B 50 56.59 -29.00 2.39
C TRP B 50 56.79 -29.08 3.90
N CYS B 51 57.99 -28.79 4.39
CA CYS B 51 58.23 -28.81 5.83
C CYS B 51 57.38 -27.77 6.54
N PHE B 52 57.28 -26.56 5.99
CA PHE B 52 56.42 -25.55 6.56
C PHE B 52 54.95 -25.96 6.48
N LEU B 53 54.55 -26.54 5.35
CA LEU B 53 53.16 -26.96 5.18
C LEU B 53 52.83 -28.15 6.08
N LEU B 54 53.77 -29.09 6.24
CA LEU B 54 53.50 -30.30 7.02
C LEU B 54 53.23 -29.96 8.48
N SER B 55 54.01 -29.04 9.05
CA SER B 55 53.81 -28.66 10.44
C SER B 55 52.46 -27.97 10.64
N SER B 56 52.08 -27.11 9.70
CA SER B 56 50.78 -26.43 9.81
C SER B 56 49.63 -27.43 9.74
N ILE B 57 49.72 -28.40 8.83
CA ILE B 57 48.69 -29.45 8.75
C ILE B 57 48.72 -30.30 10.01
N PHE B 58 49.91 -30.66 10.49
CA PHE B 58 50.02 -31.47 11.70
C PHE B 58 49.45 -30.74 12.91
N THR B 59 49.73 -29.44 13.02
CA THR B 59 49.22 -28.67 14.16
C THR B 59 47.70 -28.65 14.17
N PHE B 60 47.09 -28.44 13.00
CA PHE B 60 45.63 -28.47 12.92
C PHE B 60 45.09 -29.86 13.23
N LEU B 61 45.74 -30.91 12.70
CA LEU B 61 45.29 -32.26 12.94
C LEU B 61 45.49 -32.67 14.40
N ALA B 62 46.69 -32.40 14.95
CA ALA B 62 46.95 -32.76 16.34
C ALA B 62 46.04 -32.01 17.30
N GLY B 63 45.85 -30.72 17.06
CA GLY B 63 44.97 -29.95 17.93
C GLY B 63 43.53 -30.42 17.86
N LEU B 64 43.08 -30.84 16.68
CA LEU B 64 41.71 -31.32 16.53
C LEU B 64 41.49 -32.64 17.27
N LEU B 65 42.42 -33.58 17.11
CA LEU B 65 42.24 -34.89 17.74
C LEU B 65 42.38 -34.82 19.26
N VAL B 66 43.22 -33.92 19.76
CA VAL B 66 43.39 -33.77 21.20
C VAL B 66 42.07 -33.38 21.86
N VAL B 67 41.33 -32.45 21.22
CA VAL B 67 40.02 -32.08 21.74
C VAL B 67 39.10 -33.30 21.75
N LEU B 68 39.10 -34.07 20.67
CA LEU B 68 38.35 -35.33 20.65
C LEU B 68 38.94 -36.32 21.65
N LEU B 69 40.26 -36.37 21.76
CA LEU B 69 40.89 -37.26 22.74
C LEU B 69 40.54 -36.83 24.16
N TRP B 70 40.51 -35.52 24.41
CA TRP B 70 40.11 -35.04 25.73
C TRP B 70 38.67 -35.43 26.04
N ARG B 71 37.78 -35.34 25.04
CA ARG B 71 36.41 -35.79 25.23
C ARG B 71 36.37 -37.28 25.52
N ALA B 72 37.18 -38.07 24.81
CA ALA B 72 37.30 -39.49 25.13
C ALA B 72 37.91 -39.69 26.51
N PHE B 73 38.92 -38.88 26.85
CA PHE B 73 39.51 -38.95 28.18
C PHE B 73 38.54 -38.49 29.26
N ALA B 74 37.67 -37.52 28.94
CA ALA B 74 36.66 -37.09 29.89
C ALA B 74 35.64 -38.17 30.19
N PHE B 75 35.47 -39.15 29.29
CA PHE B 75 34.54 -40.24 29.54
C PHE B 75 35.00 -41.09 30.72
N VAL B 76 36.30 -41.36 30.82
CA VAL B 76 36.82 -42.14 31.94
C VAL B 76 37.13 -41.29 33.16
N CYS B 77 37.10 -39.97 33.02
CA CYS B 77 37.36 -39.07 34.15
C CYS B 77 36.06 -38.50 34.70
N THR B 106 35.63 -24.68 39.96
CA THR B 106 36.98 -25.15 39.69
C THR B 106 37.77 -24.09 38.93
N PHE B 107 38.92 -24.49 38.39
CA PHE B 107 39.73 -23.57 37.60
C PHE B 107 39.00 -23.12 36.35
N MET B 108 38.32 -24.05 35.67
CA MET B 108 37.60 -23.70 34.44
C MET B 108 36.44 -22.76 34.73
N THR B 109 35.81 -22.89 35.90
CA THR B 109 34.73 -21.99 36.26
C THR B 109 35.20 -20.55 36.36
N GLU B 110 36.40 -20.34 36.92
CA GLU B 110 36.93 -18.99 37.05
C GLU B 110 37.63 -18.52 35.79
N ALA B 111 38.51 -19.37 35.23
CA ALA B 111 39.33 -18.96 34.09
C ALA B 111 38.48 -18.64 32.87
N LYS B 112 37.48 -19.47 32.57
CA LYS B 112 36.65 -19.24 31.39
C LYS B 112 35.87 -17.93 31.53
N ASP B 113 35.31 -17.68 32.71
CA ASP B 113 34.63 -16.41 32.95
C ASP B 113 35.63 -15.25 32.94
N TRP B 114 36.80 -15.46 33.55
CA TRP B 114 37.82 -14.40 33.58
C TRP B 114 38.31 -14.07 32.18
N ALA B 115 38.54 -15.09 31.35
CA ALA B 115 38.99 -14.87 29.99
C ALA B 115 37.89 -14.27 29.11
N GLY B 116 36.63 -14.36 29.53
CA GLY B 116 35.55 -13.76 28.76
C GLY B 116 35.64 -12.25 28.71
N GLU B 117 35.93 -11.62 29.86
CA GLU B 117 36.06 -10.17 29.88
C GLU B 117 37.36 -9.70 29.25
N LEU B 118 38.40 -10.55 29.29
CA LEU B 118 39.69 -10.16 28.72
C LEU B 118 39.59 -9.98 27.21
N ILE B 119 38.89 -10.89 26.52
CA ILE B 119 38.76 -10.79 25.07
C ILE B 119 37.69 -9.81 24.64
N SER B 120 36.71 -9.54 25.50
CA SER B 120 35.64 -8.59 25.19
C SER B 120 35.93 -7.19 25.71
N GLY B 121 37.06 -7.00 26.39
CA GLY B 121 37.43 -5.68 26.90
C GLY B 121 36.46 -5.12 27.93
N GLN B 122 36.00 -5.94 28.87
CA GLN B 122 35.08 -5.49 29.90
C GLN B 122 35.80 -4.94 31.13
N THR B 123 36.92 -5.55 31.51
CA THR B 123 37.70 -5.09 32.64
C THR B 123 38.73 -4.05 32.20
N THR B 124 39.35 -3.40 33.18
CA THR B 124 40.34 -2.37 32.86
C THR B 124 41.56 -2.99 32.17
N THR B 125 41.96 -4.20 32.57
CA THR B 125 43.02 -4.91 31.87
C THR B 125 42.54 -5.55 30.58
N GLY B 126 41.23 -5.79 30.45
CA GLY B 126 40.71 -6.34 29.22
C GLY B 126 40.82 -5.39 28.06
N ARG B 127 40.54 -4.10 28.29
CA ARG B 127 40.65 -3.10 27.24
C ARG B 127 42.09 -2.92 26.78
N ILE B 128 43.05 -3.09 27.69
CA ILE B 128 44.45 -2.99 27.30
C ILE B 128 44.81 -4.08 26.28
N LEU B 129 44.35 -5.31 26.54
CA LEU B 129 44.60 -6.40 25.60
C LEU B 129 43.89 -6.15 24.27
N VAL B 130 42.67 -5.64 24.31
CA VAL B 130 41.91 -5.41 23.09
C VAL B 130 42.57 -4.35 22.23
N VAL B 131 43.02 -3.25 22.85
CA VAL B 131 43.68 -2.19 22.09
C VAL B 131 45.05 -2.66 21.59
N LEU B 132 45.79 -3.37 22.44
CA LEU B 132 47.13 -3.82 22.05
C LEU B 132 47.08 -4.80 20.89
N VAL B 133 46.14 -5.75 20.92
CA VAL B 133 46.03 -6.70 19.82
C VAL B 133 45.55 -5.99 18.55
N PHE B 134 44.79 -4.90 18.69
CA PHE B 134 44.41 -4.11 17.54
C PHE B 134 45.61 -3.45 16.89
N ILE B 135 46.53 -2.92 17.70
CA ILE B 135 47.72 -2.27 17.16
C ILE B 135 48.65 -3.29 16.53
N LEU B 136 48.87 -4.42 17.22
CA LEU B 136 49.80 -5.42 16.72
C LEU B 136 49.29 -6.09 15.46
N SER B 137 47.96 -6.20 15.31
CA SER B 137 47.40 -6.72 14.07
C SER B 137 47.76 -5.83 12.88
N ILE B 138 47.69 -4.52 13.08
CA ILE B 138 48.09 -3.59 12.02
C ILE B 138 49.59 -3.69 11.76
N ALA B 139 50.39 -3.75 12.83
CA ALA B 139 51.84 -3.80 12.68
C ALA B 139 52.29 -5.11 12.04
N SER B 140 51.61 -6.22 12.35
CA SER B 140 51.97 -7.51 11.78
C SER B 140 51.81 -7.51 10.26
N LEU B 141 50.73 -6.89 9.76
CA LEU B 141 50.53 -6.82 8.33
C LEU B 141 51.62 -6.00 7.64
N ILE B 142 52.10 -4.95 8.30
CA ILE B 142 53.16 -4.13 7.74
C ILE B 142 54.44 -4.95 7.60
N ILE B 143 54.72 -5.83 8.57
CA ILE B 143 55.90 -6.69 8.49
C ILE B 143 55.81 -7.59 7.27
N TYR B 144 54.61 -8.07 6.93
CA TYR B 144 54.44 -8.88 5.73
C TYR B 144 54.72 -8.07 4.47
N PHE B 145 54.37 -6.79 4.47
CA PHE B 145 54.55 -5.97 3.27
C PHE B 145 56.03 -5.85 2.91
N VAL B 146 56.89 -5.59 3.89
CA VAL B 146 58.32 -5.51 3.60
C VAL B 146 58.87 -6.90 3.30
N ASP B 147 58.28 -7.95 3.88
CA ASP B 147 58.71 -9.31 3.56
C ASP B 147 58.39 -9.64 2.10
N ALA B 148 57.20 -9.26 1.63
CA ALA B 148 56.81 -9.54 0.25
C ALA B 148 57.65 -8.77 -0.76
N SER B 149 58.36 -7.72 -0.33
CA SER B 149 59.21 -6.98 -1.25
C SER B 149 60.43 -7.78 -1.69
N SER B 150 60.73 -8.89 -1.02
CA SER B 150 61.86 -9.72 -1.42
C SER B 150 61.60 -10.36 -2.78
N GLU B 151 62.62 -10.33 -3.64
CA GLU B 151 62.47 -10.91 -4.98
C GLU B 151 62.38 -12.42 -4.95
N GLU B 152 63.14 -13.06 -4.07
CA GLU B 152 63.14 -14.51 -3.96
C GLU B 152 62.03 -14.98 -3.02
N VAL B 153 61.53 -16.19 -3.28
CA VAL B 153 60.48 -16.75 -2.45
C VAL B 153 61.04 -17.54 -1.28
N GLU B 154 62.25 -18.10 -1.41
CA GLU B 154 62.90 -18.84 -0.35
C GLU B 154 64.30 -18.27 -0.12
N ARG B 155 64.61 -17.96 1.13
CA ARG B 155 65.90 -17.40 1.50
C ARG B 155 66.46 -18.18 2.69
N CYS B 156 67.79 -18.33 2.71
CA CYS B 156 68.49 -18.96 3.81
C CYS B 156 69.24 -17.89 4.59
N GLN B 157 68.93 -17.77 5.88
CA GLN B 157 69.54 -16.74 6.71
C GLN B 157 69.38 -17.13 8.17
N LYS B 158 70.36 -16.71 8.98
CA LYS B 158 70.30 -16.95 10.41
C LYS B 158 69.34 -15.96 11.08
N TRP B 159 68.91 -16.32 12.29
CA TRP B 159 67.96 -15.48 13.02
C TRP B 159 68.55 -14.13 13.37
N SER B 160 69.82 -14.10 13.78
CA SER B 160 70.45 -12.85 14.19
C SER B 160 70.80 -11.95 13.01
N ASN B 161 70.90 -12.52 11.80
CA ASN B 161 71.29 -11.72 10.64
C ASN B 161 70.23 -10.68 10.29
N ASN B 162 68.95 -11.06 10.36
CA ASN B 162 67.85 -10.18 10.00
C ASN B 162 67.02 -9.86 11.24
N ILE B 163 66.71 -8.58 11.42
CA ILE B 163 65.88 -8.16 12.55
C ILE B 163 64.39 -8.29 12.27
N THR B 164 64.00 -8.43 10.99
CA THR B 164 62.58 -8.61 10.68
C THR B 164 62.05 -9.92 11.24
N GLN B 165 62.83 -10.99 11.14
CA GLN B 165 62.41 -12.27 11.70
C GLN B 165 62.30 -12.21 13.21
N GLN B 166 63.21 -11.49 13.87
CA GLN B 166 63.15 -11.38 15.33
C GLN B 166 61.87 -10.68 15.78
N ILE B 167 61.50 -9.59 15.11
CA ILE B 167 60.29 -8.88 15.45
C ILE B 167 59.06 -9.71 15.11
N ASP B 168 59.14 -10.48 14.01
CA ASP B 168 58.05 -11.40 13.68
C ASP B 168 57.85 -12.42 14.79
N LEU B 169 58.95 -12.96 15.33
CA LEU B 169 58.85 -13.89 16.45
C LEU B 169 58.24 -13.21 17.67
N ALA B 170 58.58 -11.95 17.90
CA ALA B 170 58.04 -11.22 19.05
C ALA B 170 56.53 -11.07 18.94
N PHE B 171 56.02 -10.81 17.73
CA PHE B 171 54.59 -10.68 17.54
C PHE B 171 53.84 -12.01 17.58
N ASN B 172 54.52 -13.11 17.23
CA ASN B 172 53.83 -14.39 17.14
C ASN B 172 53.58 -15.00 18.52
N ILE B 173 54.49 -14.77 19.47
CA ILE B 173 54.28 -15.31 20.82
C ILE B 173 53.09 -14.65 21.49
N PHE B 174 52.87 -13.36 21.22
CA PHE B 174 51.68 -12.69 21.73
C PHE B 174 50.42 -13.24 21.05
N PHE B 175 50.48 -13.49 19.75
CA PHE B 175 49.35 -14.08 19.05
C PHE B 175 49.12 -15.54 19.43
N MET B 176 50.10 -16.19 20.06
CA MET B 176 49.94 -17.56 20.54
C MET B 176 49.28 -17.60 21.91
N VAL B 177 49.73 -16.76 22.84
CA VAL B 177 49.09 -16.70 24.15
C VAL B 177 47.68 -16.13 24.03
N TYR B 178 47.46 -15.19 23.12
CA TYR B 178 46.11 -14.69 22.86
C TYR B 178 45.23 -15.79 22.30
N PHE B 179 45.79 -16.67 21.48
CA PHE B 179 45.05 -17.83 20.99
C PHE B 179 44.64 -18.74 22.13
N PHE B 180 45.53 -18.94 23.11
CA PHE B 180 45.21 -19.79 24.26
C PHE B 180 44.13 -19.15 25.13
N ILE B 181 44.17 -17.82 25.28
CA ILE B 181 43.18 -17.13 26.10
C ILE B 181 41.78 -17.32 25.53
N ARG B 182 41.63 -17.16 24.22
CA ARG B 182 40.34 -17.36 23.58
C ARG B 182 39.89 -18.81 23.68
N PHE B 183 40.82 -19.76 23.68
CA PHE B 183 40.47 -21.17 23.82
C PHE B 183 39.83 -21.42 25.18
N ILE B 184 40.39 -20.82 26.24
CA ILE B 184 39.79 -20.96 27.57
C ILE B 184 38.40 -20.31 27.60
N ALA B 185 38.27 -19.13 27.01
CA ALA B 185 36.99 -18.44 27.01
C ALA B 185 35.97 -19.07 26.07
N ALA B 186 36.41 -19.95 25.17
CA ALA B 186 35.49 -20.59 24.24
C ALA B 186 34.59 -21.57 24.98
N SER B 187 33.28 -21.44 24.75
CA SER B 187 32.33 -22.34 25.38
C SER B 187 32.38 -23.74 24.77
N ASP B 188 32.54 -23.81 23.45
CA ASP B 188 32.66 -25.08 22.74
C ASP B 188 34.06 -25.19 22.16
N LYS B 189 34.74 -26.30 22.47
CA LYS B 189 36.13 -26.47 22.06
C LYS B 189 36.26 -27.01 20.64
N LEU B 190 35.35 -27.90 20.22
CA LEU B 190 35.45 -28.49 18.89
C LEU B 190 35.23 -27.42 17.81
N TRP B 191 34.20 -26.59 17.97
CA TRP B 191 33.94 -25.55 16.99
C TRP B 191 34.94 -24.41 17.06
N PHE B 192 35.58 -24.21 18.21
CA PHE B 192 36.61 -23.19 18.31
C PHE B 192 37.81 -23.54 17.43
N MET B 193 38.17 -24.82 17.37
CA MET B 193 39.26 -25.24 16.49
C MET B 193 38.91 -25.09 15.02
N LEU B 194 37.63 -25.28 14.68
CA LEU B 194 37.17 -25.24 13.29
C LEU B 194 36.71 -23.87 12.84
N GLU B 195 36.75 -22.86 13.71
CA GLU B 195 36.34 -21.53 13.31
C GLU B 195 37.38 -20.93 12.35
N MET B 196 36.92 -19.97 11.54
CA MET B 196 37.76 -19.44 10.47
C MET B 196 38.97 -18.69 11.02
N TYR B 197 38.85 -18.10 12.21
CA TYR B 197 39.99 -17.40 12.82
C TYR B 197 41.13 -18.34 13.18
N SER B 198 40.83 -19.54 13.67
CA SER B 198 41.89 -20.44 14.12
C SER B 198 42.76 -20.92 12.95
N PHE B 199 42.20 -21.04 11.76
CA PHE B 199 42.99 -21.49 10.62
C PHE B 199 44.07 -20.47 10.26
N VAL B 200 43.84 -19.19 10.56
CA VAL B 200 44.88 -18.19 10.36
C VAL B 200 46.06 -18.46 11.28
N ASP B 201 45.78 -18.79 12.54
CA ASP B 201 46.85 -19.08 13.49
C ASP B 201 47.56 -20.38 13.14
N TYR B 202 46.84 -21.35 12.60
CA TYR B 202 47.44 -22.65 12.29
C TYR B 202 48.47 -22.52 11.16
N PHE B 203 48.22 -21.65 10.19
CA PHE B 203 49.09 -21.48 9.04
C PHE B 203 50.05 -20.31 9.18
N THR B 204 50.10 -19.67 10.35
CA THR B 204 50.99 -18.55 10.58
C THR B 204 52.00 -18.78 11.70
N ILE B 205 51.55 -19.30 12.83
CA ILE B 205 52.41 -19.45 14.01
C ILE B 205 53.34 -20.66 13.88
N PRO B 206 52.85 -21.86 13.59
CA PRO B 206 53.76 -23.03 13.50
C PRO B 206 54.83 -22.86 12.43
N PRO B 207 54.53 -22.21 11.29
CA PRO B 207 55.63 -21.94 10.33
C PRO B 207 56.81 -21.20 10.93
N SER B 208 56.55 -20.26 11.85
CA SER B 208 57.64 -19.45 12.39
C SER B 208 58.63 -20.30 13.18
N PHE B 209 58.14 -21.24 13.99
CA PHE B 209 59.04 -22.08 14.78
C PHE B 209 59.79 -23.06 13.89
N VAL B 210 59.18 -23.48 12.78
CA VAL B 210 59.90 -24.30 11.81
C VAL B 210 61.01 -23.49 11.17
N SER B 211 60.74 -22.23 10.83
CA SER B 211 61.77 -21.37 10.25
C SER B 211 62.92 -21.13 11.23
N ILE B 212 62.59 -20.92 12.51
CA ILE B 212 63.64 -20.66 13.50
C ILE B 212 64.40 -21.94 13.81
N TYR B 213 63.84 -23.11 13.46
CA TYR B 213 64.51 -24.37 13.74
C TYR B 213 65.37 -24.83 12.56
N LEU B 214 64.83 -24.76 11.34
CA LEU B 214 65.57 -25.21 10.17
C LEU B 214 66.53 -24.16 9.65
N ASP B 215 66.44 -22.92 10.15
CA ASP B 215 67.32 -21.81 9.78
C ASP B 215 67.15 -21.42 8.31
N ARG B 216 65.89 -21.34 7.86
CA ARG B 216 65.58 -20.80 6.55
C ARG B 216 64.19 -20.19 6.61
N THR B 217 63.92 -19.27 5.68
CA THR B 217 62.65 -18.57 5.63
C THR B 217 61.97 -18.80 4.28
N TRP B 218 60.65 -18.76 4.30
CA TRP B 218 59.85 -18.94 3.10
C TRP B 218 58.62 -18.04 3.22
N ILE B 219 58.16 -17.51 2.09
CA ILE B 219 56.99 -16.63 2.09
C ILE B 219 55.77 -17.39 2.60
N GLY B 220 55.64 -18.67 2.23
CA GLY B 220 54.60 -19.54 2.74
C GLY B 220 53.21 -18.99 2.52
N LEU B 221 52.40 -19.08 3.57
CA LEU B 221 51.05 -18.54 3.59
C LEU B 221 50.94 -17.36 4.55
N ARG B 222 52.00 -16.54 4.59
CA ARG B 222 52.09 -15.45 5.56
C ARG B 222 51.09 -14.34 5.29
N PHE B 223 50.48 -14.30 4.11
CA PHE B 223 49.49 -13.27 3.80
C PHE B 223 48.20 -13.45 4.59
N LEU B 224 48.01 -14.58 5.27
CA LEU B 224 46.77 -14.85 5.99
C LEU B 224 46.52 -13.91 7.16
N ARG B 225 47.54 -13.20 7.64
CA ARG B 225 47.31 -12.23 8.71
C ARG B 225 46.46 -11.05 8.23
N ALA B 226 46.35 -10.85 6.91
CA ALA B 226 45.45 -9.83 6.39
C ALA B 226 43.98 -10.16 6.69
N LEU B 227 43.67 -11.43 6.95
CA LEU B 227 42.31 -11.80 7.33
C LEU B 227 41.95 -11.28 8.72
N ARG B 228 42.94 -10.90 9.54
CA ARG B 228 42.67 -10.34 10.85
C ARG B 228 42.09 -8.93 10.78
N LEU B 229 42.09 -8.31 9.60
CA LEU B 229 41.54 -6.97 9.46
C LEU B 229 40.02 -6.93 9.58
N MET B 230 39.36 -8.09 9.43
CA MET B 230 37.90 -8.13 9.54
C MET B 230 37.40 -8.15 10.98
N THR B 231 38.31 -8.32 11.95
CA THR B 231 37.95 -8.19 13.35
C THR B 231 38.05 -6.76 13.85
N VAL B 232 38.43 -5.82 12.99
CA VAL B 232 38.47 -4.41 13.39
C VAL B 232 37.11 -3.90 13.85
N PRO B 233 36.00 -4.15 13.14
CA PRO B 233 34.71 -3.72 13.68
C PRO B 233 34.38 -4.31 15.03
N ASP B 234 34.76 -5.58 15.26
CA ASP B 234 34.54 -6.19 16.57
C ASP B 234 35.35 -5.49 17.65
N ILE B 235 36.60 -5.13 17.35
CA ILE B 235 37.43 -4.42 18.32
C ILE B 235 36.84 -3.05 18.63
N LEU B 236 36.39 -2.33 17.60
CA LEU B 236 35.82 -1.00 17.81
C LEU B 236 34.54 -1.08 18.64
N GLN B 237 33.70 -2.09 18.38
CA GLN B 237 32.49 -2.26 19.18
C GLN B 237 32.80 -2.62 20.61
N TYR B 238 33.89 -3.36 20.85
CA TYR B 238 34.28 -3.71 22.21
C TYR B 238 34.65 -2.47 23.01
N LEU B 239 35.30 -1.50 22.37
CA LEU B 239 35.69 -0.26 23.02
C LEU B 239 34.60 0.80 22.98
N ASN B 240 33.41 0.46 22.46
CA ASN B 240 32.28 1.38 22.38
C ASN B 240 32.63 2.63 21.58
N VAL B 241 33.39 2.44 20.49
CA VAL B 241 33.71 3.55 19.60
C VAL B 241 32.63 3.73 18.54
N LEU B 242 32.08 2.63 18.02
CA LEU B 242 31.02 2.68 17.04
C LEU B 242 29.68 2.42 17.73
N LYS B 243 28.76 3.37 17.61
CA LYS B 243 27.44 3.26 18.23
C LYS B 243 26.30 3.28 17.23
N THR B 244 26.38 4.13 16.21
CA THR B 244 25.32 4.20 15.21
C THR B 244 25.33 2.94 14.35
N SER B 245 24.14 2.50 13.95
CA SER B 245 24.02 1.30 13.12
C SER B 245 24.69 1.52 11.75
N SER B 246 24.53 2.72 11.19
CA SER B 246 25.16 3.01 9.90
C SER B 246 26.68 2.96 10.00
N SER B 247 27.23 3.49 11.10
CA SER B 247 28.68 3.47 11.28
C SER B 247 29.19 2.03 11.41
N ILE B 248 28.47 1.19 12.15
CA ILE B 248 28.87 -0.20 12.30
C ILE B 248 28.82 -0.93 10.96
N ARG B 249 27.75 -0.70 10.19
CA ARG B 249 27.63 -1.34 8.88
C ARG B 249 28.72 -0.89 7.93
N LEU B 250 29.04 0.40 7.95
CA LEU B 250 30.09 0.91 7.06
C LEU B 250 31.44 0.32 7.40
N ALA B 251 31.75 0.21 8.70
CA ALA B 251 33.04 -0.35 9.11
C ALA B 251 33.16 -1.81 8.74
N GLN B 252 32.07 -2.57 8.88
CA GLN B 252 32.10 -4.00 8.54
C GLN B 252 32.36 -4.20 7.06
N LEU B 253 31.69 -3.41 6.21
CA LEU B 253 31.87 -3.56 4.77
C LEU B 253 33.26 -3.13 4.32
N VAL B 254 33.79 -2.05 4.91
CA VAL B 254 35.13 -1.58 4.54
C VAL B 254 36.17 -2.62 4.94
N SER B 255 36.05 -3.18 6.14
CA SER B 255 37.02 -4.18 6.59
C SER B 255 36.99 -5.43 5.72
N ILE B 256 35.79 -5.88 5.34
CA ILE B 256 35.68 -7.08 4.51
C ILE B 256 36.30 -6.85 3.14
N PHE B 257 36.02 -5.70 2.52
CA PHE B 257 36.57 -5.42 1.21
C PHE B 257 38.09 -5.32 1.23
N ILE B 258 38.64 -4.65 2.24
CA ILE B 258 40.09 -4.47 2.32
C ILE B 258 40.78 -5.80 2.64
N SER B 259 40.22 -6.56 3.60
CA SER B 259 40.84 -7.82 3.99
C SER B 259 40.86 -8.82 2.84
N VAL B 260 39.76 -8.92 2.09
CA VAL B 260 39.71 -9.84 0.97
C VAL B 260 40.64 -9.38 -0.15
N TRP B 261 40.69 -8.06 -0.40
CA TRP B 261 41.54 -7.53 -1.45
C TRP B 261 43.01 -7.83 -1.19
N LEU B 262 43.46 -7.64 0.05
CA LEU B 262 44.86 -7.91 0.38
C LEU B 262 45.14 -9.41 0.42
N THR B 263 44.21 -10.19 0.96
CA THR B 263 44.41 -11.64 1.02
C THR B 263 44.45 -12.27 -0.37
N ALA B 264 43.58 -11.81 -1.27
CA ALA B 264 43.58 -12.35 -2.63
C ALA B 264 44.86 -12.01 -3.37
N ALA B 265 45.40 -10.81 -3.13
CA ALA B 265 46.66 -10.43 -3.75
C ALA B 265 47.81 -11.33 -3.26
N GLY B 266 47.79 -11.68 -1.98
CA GLY B 266 48.82 -12.56 -1.46
C GLY B 266 48.76 -13.95 -2.06
N ILE B 267 47.55 -14.47 -2.29
CA ILE B 267 47.40 -15.77 -2.93
C ILE B 267 47.95 -15.73 -4.35
N ILE B 268 47.61 -14.67 -5.09
CA ILE B 268 48.11 -14.54 -6.46
C ILE B 268 49.63 -14.37 -6.47
N HIS B 269 50.15 -13.57 -5.53
CA HIS B 269 51.59 -13.34 -5.48
C HIS B 269 52.35 -14.63 -5.19
N LEU B 270 51.84 -15.45 -4.28
CA LEU B 270 52.51 -16.70 -3.94
C LEU B 270 52.45 -17.69 -5.11
N LEU B 271 51.25 -17.89 -5.67
CA LEU B 271 51.09 -18.88 -6.73
C LEU B 271 51.88 -18.51 -7.98
N GLU B 272 51.83 -17.23 -8.37
CA GLU B 272 52.53 -16.82 -9.59
C GLU B 272 54.04 -16.90 -9.43
N ASN B 273 54.56 -16.49 -8.27
CA ASN B 273 56.01 -16.47 -8.08
C ASN B 273 56.57 -17.88 -7.88
N SER B 274 55.86 -18.72 -7.11
CA SER B 274 56.37 -20.06 -6.84
C SER B 274 56.38 -20.92 -8.09
N GLY B 275 55.34 -20.83 -8.92
CA GLY B 275 55.24 -21.64 -10.12
C GLY B 275 54.44 -22.90 -9.89
N ASP B 276 54.38 -23.72 -10.94
CA ASP B 276 53.64 -24.96 -10.88
C ASP B 276 54.29 -25.93 -9.90
N PRO B 277 53.48 -26.67 -9.13
CA PRO B 277 54.04 -27.55 -8.11
C PRO B 277 54.85 -28.70 -8.70
N LEU B 278 55.79 -29.18 -7.89
CA LEU B 278 56.62 -30.36 -8.10
C LEU B 278 57.72 -30.14 -9.15
N ASP B 279 57.68 -29.06 -9.90
CA ASP B 279 58.83 -28.75 -10.74
C ASP B 279 59.24 -27.28 -10.64
N PHE B 280 58.27 -26.37 -10.55
CA PHE B 280 58.54 -24.96 -10.33
C PHE B 280 59.50 -24.37 -11.36
N ASP B 281 59.28 -24.69 -12.63
CA ASP B 281 60.08 -24.13 -13.71
C ASP B 281 59.46 -22.90 -14.34
N ASN B 282 58.16 -22.69 -14.21
CA ASN B 282 57.48 -21.55 -14.80
C ASN B 282 57.17 -20.56 -13.67
N ALA B 283 58.14 -19.71 -13.36
CA ALA B 283 58.01 -18.71 -12.31
C ALA B 283 57.77 -17.35 -12.94
N HIS B 284 56.56 -16.82 -12.75
CA HIS B 284 56.19 -15.51 -13.29
C HIS B 284 56.53 -14.46 -12.24
N ARG B 285 57.61 -13.73 -12.49
CA ARG B 285 58.03 -12.68 -11.56
C ARG B 285 56.96 -11.59 -11.48
N LEU B 286 56.39 -11.43 -10.29
CA LEU B 286 55.28 -10.48 -10.11
C LEU B 286 55.35 -9.90 -8.71
N SER B 287 55.50 -8.59 -8.62
CA SER B 287 55.57 -7.91 -7.34
C SER B 287 54.23 -7.98 -6.63
N TYR B 288 54.26 -7.94 -5.29
CA TYR B 288 53.04 -8.01 -4.50
C TYR B 288 52.14 -6.80 -4.79
N TRP B 289 52.72 -5.61 -4.89
CA TRP B 289 51.92 -4.43 -5.18
C TRP B 289 51.35 -4.47 -6.59
N THR B 290 52.07 -5.10 -7.54
CA THR B 290 51.50 -5.30 -8.87
C THR B 290 50.32 -6.25 -8.80
N CYS B 291 50.38 -7.25 -7.91
CA CYS B 291 49.23 -8.12 -7.69
C CYS B 291 48.03 -7.34 -7.16
N VAL B 292 48.28 -6.39 -6.26
CA VAL B 292 47.21 -5.54 -5.75
C VAL B 292 46.58 -4.75 -6.88
N TYR B 293 47.41 -4.21 -7.78
CA TYR B 293 46.88 -3.53 -8.96
C TYR B 293 46.20 -4.50 -9.91
N PHE B 294 46.64 -5.76 -9.93
CA PHE B 294 46.00 -6.74 -10.80
C PHE B 294 44.62 -7.13 -10.29
N LEU B 295 44.48 -7.26 -8.96
CA LEU B 295 43.18 -7.68 -8.40
C LEU B 295 42.12 -6.61 -8.56
N ILE B 296 42.49 -5.34 -8.36
CA ILE B 296 41.50 -4.26 -8.45
C ILE B 296 41.00 -4.13 -9.89
N VAL B 297 41.87 -4.35 -10.87
CA VAL B 297 41.43 -4.37 -12.26
C VAL B 297 40.51 -5.56 -12.51
N THR B 298 40.86 -6.72 -11.96
CA THR B 298 40.04 -7.92 -12.13
C THR B 298 38.67 -7.74 -11.47
N MET B 299 38.65 -7.19 -10.25
CA MET B 299 37.38 -7.03 -9.53
C MET B 299 36.45 -6.06 -10.25
N SER B 300 37.00 -4.97 -10.80
CA SER B 300 36.21 -3.97 -11.50
C SER B 300 35.80 -4.42 -12.90
N THR B 301 36.14 -5.63 -13.30
CA THR B 301 35.81 -6.17 -14.63
C THR B 301 36.35 -5.28 -15.75
N VAL B 302 37.53 -4.72 -15.52
CA VAL B 302 38.19 -3.90 -16.55
C VAL B 302 39.04 -4.76 -17.47
N GLY B 303 39.92 -5.59 -16.90
CA GLY B 303 40.72 -6.52 -17.67
C GLY B 303 41.62 -5.88 -18.71
N TYR B 304 42.61 -5.11 -18.26
CA TYR B 304 43.55 -4.49 -19.20
C TYR B 304 44.33 -5.53 -19.98
N GLY B 305 44.77 -6.59 -19.29
CA GLY B 305 45.55 -7.64 -19.91
C GLY B 305 47.05 -7.43 -19.86
N ASP B 306 47.52 -6.28 -19.38
CA ASP B 306 48.96 -6.07 -19.24
C ASP B 306 49.55 -7.03 -18.21
N VAL B 307 48.82 -7.26 -17.11
CA VAL B 307 49.21 -8.21 -16.07
C VAL B 307 48.16 -9.31 -16.02
N TYR B 308 48.60 -10.55 -16.14
CA TYR B 308 47.68 -11.69 -16.13
C TYR B 308 48.40 -12.91 -15.56
N CYS B 309 47.60 -13.87 -15.09
CA CYS B 309 48.15 -15.10 -14.53
C CYS B 309 48.54 -16.05 -15.64
N GLU B 310 49.69 -16.71 -15.45
CA GLU B 310 50.20 -17.67 -16.41
C GLU B 310 50.26 -19.10 -15.89
N THR B 311 50.48 -19.28 -14.59
CA THR B 311 50.54 -20.61 -14.02
C THR B 311 49.15 -21.23 -13.94
N VAL B 312 49.11 -22.56 -13.90
CA VAL B 312 47.84 -23.27 -13.81
C VAL B 312 47.14 -22.97 -12.49
N LEU B 313 47.89 -23.00 -11.38
CA LEU B 313 47.29 -22.72 -10.08
C LEU B 313 46.86 -21.27 -9.96
N GLY B 314 47.63 -20.34 -10.58
CA GLY B 314 47.21 -18.96 -10.59
C GLY B 314 45.89 -18.76 -11.31
N ARG B 315 45.72 -19.43 -12.45
CA ARG B 315 44.45 -19.35 -13.18
C ARG B 315 43.35 -20.12 -12.44
N THR B 316 43.69 -21.23 -11.80
CA THR B 316 42.68 -22.01 -11.08
C THR B 316 42.06 -21.22 -9.94
N PHE B 317 42.89 -20.50 -9.17
CA PHE B 317 42.36 -19.67 -8.10
C PHE B 317 41.58 -18.48 -8.65
N LEU B 318 42.01 -17.94 -9.78
CA LEU B 318 41.30 -16.82 -10.39
C LEU B 318 39.91 -17.22 -10.85
N VAL B 319 39.74 -18.46 -11.29
CA VAL B 319 38.42 -18.93 -11.72
C VAL B 319 37.43 -18.90 -10.56
N PHE B 320 37.86 -19.41 -9.40
CA PHE B 320 36.99 -19.41 -8.23
C PHE B 320 36.78 -18.01 -7.68
N PHE B 321 37.81 -17.15 -7.75
CA PHE B 321 37.66 -15.78 -7.29
C PHE B 321 36.64 -15.01 -8.14
N LEU B 322 36.64 -15.26 -9.45
CA LEU B 322 35.68 -14.59 -10.32
C LEU B 322 34.25 -15.02 -10.04
N LEU B 323 34.06 -16.20 -9.42
CA LEU B 323 32.72 -16.69 -9.14
C LEU B 323 32.15 -16.06 -7.88
N VAL B 324 32.85 -16.21 -6.75
CA VAL B 324 32.31 -15.75 -5.48
C VAL B 324 32.77 -14.33 -5.12
N GLY B 325 33.97 -13.93 -5.56
CA GLY B 325 34.46 -12.60 -5.21
C GLY B 325 33.62 -11.49 -5.80
N LEU B 326 33.26 -11.63 -7.08
CA LEU B 326 32.43 -10.62 -7.72
C LEU B 326 30.98 -10.69 -7.25
N ALA B 327 30.49 -11.91 -7.00
CA ALA B 327 29.10 -12.06 -6.54
C ALA B 327 28.90 -11.44 -5.17
N ILE B 328 29.85 -11.64 -4.25
CA ILE B 328 29.74 -11.03 -2.93
C ILE B 328 29.84 -9.52 -3.03
N PHE B 329 30.78 -9.02 -3.84
CA PHE B 329 30.99 -7.59 -4.00
C PHE B 329 29.89 -6.91 -4.80
N ALA B 330 28.99 -7.68 -5.42
CA ALA B 330 27.90 -7.09 -6.20
C ALA B 330 26.97 -6.29 -5.30
N SER B 331 26.67 -6.81 -4.10
CA SER B 331 25.80 -6.14 -3.16
C SER B 331 26.55 -5.34 -2.10
N CYS B 332 27.87 -5.24 -2.22
CA CYS B 332 28.68 -4.54 -1.22
C CYS B 332 28.87 -3.07 -1.55
N ILE B 333 29.42 -2.78 -2.74
CA ILE B 333 29.69 -1.39 -3.10
C ILE B 333 28.42 -0.55 -3.18
N PRO B 334 27.31 -1.00 -3.79
CA PRO B 334 26.10 -0.16 -3.79
C PRO B 334 25.64 0.27 -2.41
N GLU B 335 25.75 -0.60 -1.42
CA GLU B 335 25.36 -0.26 -0.06
C GLU B 335 26.47 0.41 0.73
N ILE B 336 27.62 0.65 0.12
CA ILE B 336 28.69 1.43 0.75
C ILE B 336 28.58 2.90 0.36
N ILE B 337 28.33 3.19 -0.92
CA ILE B 337 28.32 4.56 -1.39
C ILE B 337 27.15 5.34 -0.78
N ASP B 338 26.00 4.69 -0.60
CA ASP B 338 24.85 5.39 -0.02
C ASP B 338 25.00 5.58 1.48
N LEU B 339 25.70 4.67 2.16
CA LEU B 339 25.95 4.83 3.60
C LEU B 339 26.79 6.07 3.86
N ILE B 340 27.85 6.27 3.06
CA ILE B 340 28.62 7.50 3.15
C ILE B 340 27.76 8.69 2.73
N GLY B 341 27.04 8.53 1.63
CA GLY B 341 26.12 9.58 1.17
C GLY B 341 26.86 10.87 0.84
N THR B 342 26.21 11.98 1.17
CA THR B 342 26.78 13.31 0.96
C THR B 342 26.76 14.08 2.28
N ARG B 343 27.61 15.11 2.35
CA ARG B 343 27.67 15.95 3.53
C ARG B 343 26.36 16.70 3.71
N ALA B 344 26.06 17.05 4.97
CA ALA B 344 24.87 17.81 5.27
C ALA B 344 24.93 19.18 4.60
N LYS B 345 24.08 19.37 3.58
CA LYS B 345 24.12 20.61 2.81
C LYS B 345 23.75 21.81 3.67
N TYR B 346 22.72 21.68 4.52
CA TYR B 346 22.24 22.76 5.37
C TYR B 346 22.38 22.37 6.82
N GLY B 347 23.01 23.23 7.60
CA GLY B 347 23.21 22.96 9.01
C GLY B 347 24.03 24.06 9.65
N GLY B 348 24.43 23.80 10.90
CA GLY B 348 25.22 24.76 11.64
C GLY B 348 24.38 25.84 12.29
N THR B 349 25.08 26.86 12.77
CA THR B 349 24.48 27.97 13.50
C THR B 349 24.58 29.24 12.66
N LEU B 350 23.52 30.05 12.70
CA LEU B 350 23.53 31.33 12.01
C LEU B 350 24.60 32.24 12.62
N LYS B 351 25.40 32.86 11.76
CA LYS B 351 26.50 33.69 12.21
C LYS B 351 25.97 35.03 12.72
N ASN B 352 26.40 35.42 13.92
CA ASN B 352 25.95 36.67 14.51
C ASN B 352 26.63 37.86 13.86
N GLU B 353 25.86 38.94 13.70
CA GLU B 353 26.38 40.19 13.17
C GLU B 353 25.92 41.34 14.05
N LYS B 354 26.76 42.37 14.16
CA LYS B 354 26.44 43.52 14.98
C LYS B 354 25.39 44.39 14.29
N GLY B 355 24.32 44.72 15.03
CA GLY B 355 23.26 45.53 14.47
C GLY B 355 22.53 44.88 13.32
N ARG B 356 22.26 43.58 13.42
CA ARG B 356 21.58 42.83 12.37
C ARG B 356 20.21 42.38 12.86
N ARG B 357 19.19 42.66 12.06
CA ARG B 357 17.82 42.27 12.37
C ARG B 357 17.43 41.10 11.48
N HIS B 358 16.91 40.04 12.09
CA HIS B 358 16.51 38.85 11.36
C HIS B 358 15.22 38.30 11.94
N ILE B 359 14.48 37.57 11.09
CA ILE B 359 13.24 36.92 11.49
C ILE B 359 13.32 35.44 11.10
N VAL B 360 12.52 34.64 11.78
CA VAL B 360 12.49 33.19 11.56
C VAL B 360 11.13 32.82 10.99
N VAL B 361 11.15 32.10 9.86
CA VAL B 361 9.94 31.64 9.20
C VAL B 361 9.93 30.13 9.23
N CYS B 362 8.85 29.55 9.76
CA CYS B 362 8.72 28.11 9.88
C CYS B 362 7.30 27.72 9.46
N GLY B 363 7.03 26.42 9.49
CA GLY B 363 5.73 25.89 9.13
C GLY B 363 5.76 25.26 7.73
N HIS B 364 4.87 25.73 6.86
CA HIS B 364 4.78 25.22 5.49
C HIS B 364 5.84 25.93 4.65
N ILE B 365 6.99 25.28 4.48
CA ILE B 365 8.10 25.81 3.70
C ILE B 365 8.15 25.03 2.39
N THR B 366 7.47 25.54 1.37
CA THR B 366 7.45 24.95 0.04
C THR B 366 7.76 26.03 -0.98
N TYR B 367 7.76 25.64 -2.26
CA TYR B 367 8.14 26.59 -3.30
C TYR B 367 7.06 27.64 -3.50
N GLU B 368 5.79 27.27 -3.35
CA GLU B 368 4.71 28.24 -3.46
C GLU B 368 4.80 29.29 -2.36
N SER B 369 4.94 28.86 -1.10
CA SER B 369 4.91 29.79 0.01
C SER B 369 6.14 30.69 0.02
N VAL B 370 7.33 30.10 -0.15
CA VAL B 370 8.56 30.88 -0.04
C VAL B 370 8.65 31.93 -1.13
N SER B 371 8.36 31.55 -2.38
CA SER B 371 8.44 32.50 -3.48
C SER B 371 7.41 33.61 -3.33
N HIS B 372 6.18 33.27 -2.96
CA HIS B 372 5.16 34.30 -2.78
C HIS B 372 5.47 35.20 -1.58
N PHE B 373 5.94 34.61 -0.48
CA PHE B 373 6.27 35.42 0.69
C PHE B 373 7.43 36.36 0.42
N LEU B 374 8.47 35.87 -0.28
CA LEU B 374 9.64 36.71 -0.54
C LEU B 374 9.30 37.88 -1.46
N LYS B 375 8.43 37.66 -2.45
CA LYS B 375 8.05 38.74 -3.35
C LYS B 375 7.34 39.86 -2.61
N ASP B 376 6.43 39.52 -1.70
CA ASP B 376 5.73 40.54 -0.93
C ASP B 376 6.62 41.14 0.15
N PHE B 377 7.43 40.32 0.81
CA PHE B 377 8.31 40.83 1.86
C PHE B 377 9.35 41.79 1.30
N LEU B 378 9.93 41.45 0.15
CA LEU B 378 10.96 42.27 -0.51
C LEU B 378 10.34 42.90 -1.76
N HIS B 379 9.74 44.07 -1.58
CA HIS B 379 9.10 44.79 -2.67
C HIS B 379 9.65 46.20 -2.75
N GLU B 380 9.72 46.74 -3.97
CA GLU B 380 10.24 48.08 -4.16
C GLU B 380 9.30 49.14 -3.63
N ASP B 381 7.99 48.88 -3.64
CA ASP B 381 7.03 49.85 -3.11
C ASP B 381 7.23 50.08 -1.63
N ARG B 382 7.44 49.01 -0.86
CA ARG B 382 7.70 49.15 0.56
C ARG B 382 9.07 49.77 0.79
N GLU B 383 9.19 50.57 1.85
CA GLU B 383 10.46 51.16 2.20
C GLU B 383 11.45 50.07 2.60
N ASP B 384 12.69 50.19 2.11
CA ASP B 384 13.69 49.16 2.29
C ASP B 384 14.21 49.17 3.72
N VAL B 385 14.20 47.99 4.35
CA VAL B 385 14.75 47.81 5.69
C VAL B 385 15.65 46.58 5.67
N ASP B 386 16.78 46.67 6.36
CA ASP B 386 17.76 45.58 6.39
C ASP B 386 17.28 44.53 7.38
N VAL B 387 16.43 43.62 6.90
CA VAL B 387 15.90 42.53 7.70
C VAL B 387 16.28 41.21 7.03
N GLU B 388 16.97 40.36 7.78
CA GLU B 388 17.35 39.04 7.27
C GLU B 388 16.19 38.07 7.45
N VAL B 389 16.05 37.15 6.50
CA VAL B 389 15.00 36.13 6.52
C VAL B 389 15.65 34.78 6.70
N VAL B 390 15.24 34.04 7.72
CA VAL B 390 15.78 32.73 8.04
C VAL B 390 14.65 31.72 7.96
N PHE B 391 14.84 30.67 7.17
CA PHE B 391 13.85 29.62 6.99
C PHE B 391 14.32 28.35 7.71
N LEU B 392 13.42 27.74 8.47
CA LEU B 392 13.71 26.50 9.18
C LEU B 392 12.67 25.46 8.78
N HIS B 393 13.13 24.31 8.30
CA HIS B 393 12.24 23.24 7.86
C HIS B 393 12.93 21.90 8.09
N ARG B 394 12.11 20.85 8.17
CA ARG B 394 12.62 19.51 8.41
C ARG B 394 13.16 18.88 7.13
N LYS B 395 12.31 18.73 6.13
CA LYS B 395 12.72 18.10 4.88
C LYS B 395 13.68 19.01 4.13
N PRO B 396 14.71 18.45 3.50
CA PRO B 396 15.61 19.25 2.67
C PRO B 396 14.87 19.83 1.48
N PRO B 397 15.22 21.04 1.05
CA PRO B 397 14.53 21.64 -0.09
C PRO B 397 14.89 20.94 -1.39
N ASP B 398 13.96 21.01 -2.34
CA ASP B 398 14.20 20.46 -3.67
C ASP B 398 15.10 21.40 -4.46
N LEU B 399 15.47 20.96 -5.67
CA LEU B 399 16.36 21.75 -6.51
C LEU B 399 15.77 23.12 -6.85
N GLU B 400 14.45 23.21 -7.03
CA GLU B 400 13.82 24.49 -7.32
C GLU B 400 13.94 25.50 -6.18
N LEU B 401 13.74 25.05 -4.93
CA LEU B 401 13.86 25.94 -3.78
C LEU B 401 15.31 26.34 -3.54
N GLU B 402 16.25 25.43 -3.81
CA GLU B 402 17.66 25.75 -3.63
C GLU B 402 18.10 26.87 -4.57
N GLY B 403 17.61 26.84 -5.81
CA GLY B 403 17.92 27.92 -6.74
C GLY B 403 17.32 29.24 -6.31
N LEU B 404 16.11 29.21 -5.73
CA LEU B 404 15.49 30.42 -5.22
C LEU B 404 16.30 31.03 -4.09
N PHE B 405 16.83 30.18 -3.20
CA PHE B 405 17.68 30.67 -2.12
C PHE B 405 18.99 31.23 -2.65
N LYS B 406 19.51 30.66 -3.74
CA LYS B 406 20.75 31.15 -4.33
C LYS B 406 20.58 32.57 -4.86
N ARG B 407 19.45 32.87 -5.49
CA ARG B 407 19.19 34.20 -6.01
C ARG B 407 19.00 35.23 -4.90
N HIS B 408 18.69 34.79 -3.69
CA HIS B 408 18.57 35.65 -2.52
C HIS B 408 19.62 35.31 -1.47
N PHE B 409 20.85 35.10 -1.94
CA PHE B 409 21.92 34.62 -1.05
C PHE B 409 22.24 35.64 0.04
N THR B 410 22.27 36.93 -0.31
CA THR B 410 22.69 37.95 0.65
C THR B 410 21.59 38.36 1.63
N THR B 411 20.36 37.89 1.44
CA THR B 411 19.25 38.30 2.28
C THR B 411 18.37 37.15 2.79
N VAL B 412 18.52 35.95 2.26
CA VAL B 412 17.69 34.81 2.64
C VAL B 412 18.60 33.63 2.94
N GLU B 413 18.38 32.96 4.08
CA GLU B 413 19.11 31.77 4.45
C GLU B 413 18.14 30.69 4.88
N PHE B 414 18.54 29.43 4.71
CA PHE B 414 17.73 28.29 5.06
C PHE B 414 18.51 27.37 5.98
N PHE B 415 17.80 26.77 6.94
CA PHE B 415 18.38 25.83 7.88
C PHE B 415 17.50 24.60 7.97
N GLN B 416 18.13 23.45 8.21
CA GLN B 416 17.42 22.18 8.32
C GLN B 416 17.22 21.85 9.79
N GLY B 417 15.96 21.65 10.17
CA GLY B 417 15.64 21.34 11.55
C GLY B 417 14.19 21.65 11.84
N THR B 418 13.75 21.20 13.01
CA THR B 418 12.38 21.39 13.46
C THR B 418 12.32 22.44 14.56
N ILE B 419 11.21 23.18 14.58
CA ILE B 419 11.02 24.21 15.60
C ILE B 419 10.73 23.59 16.97
N MET B 420 10.37 22.31 17.00
CA MET B 420 10.09 21.63 18.26
C MET B 420 11.35 21.23 19.02
N ASN B 421 12.52 21.30 18.38
CA ASN B 421 13.78 20.93 19.02
C ASN B 421 14.43 22.16 19.62
N PRO B 422 14.66 22.21 20.93
CA PRO B 422 15.37 23.36 21.50
C PRO B 422 16.76 23.56 20.94
N ILE B 423 17.43 22.47 20.51
CA ILE B 423 18.75 22.60 19.91
C ILE B 423 18.66 23.37 18.59
N ASP B 424 17.66 23.06 17.77
CA ASP B 424 17.49 23.76 16.50
C ASP B 424 17.08 25.22 16.71
N LEU B 425 16.35 25.51 17.78
CA LEU B 425 15.99 26.90 18.07
C LEU B 425 17.22 27.73 18.36
N GLN B 426 18.20 27.16 19.05
CA GLN B 426 19.44 27.88 19.34
C GLN B 426 20.23 28.16 18.07
N ARG B 427 20.19 27.23 17.10
CA ARG B 427 20.97 27.40 15.88
C ARG B 427 20.51 28.62 15.10
N VAL B 428 19.19 28.84 15.00
CA VAL B 428 18.67 29.99 14.26
C VAL B 428 18.56 31.24 15.11
N LYS B 429 18.87 31.15 16.42
CA LYS B 429 18.90 32.30 17.32
C LYS B 429 17.54 33.00 17.35
N VAL B 430 16.54 32.27 17.84
CA VAL B 430 15.19 32.82 17.93
C VAL B 430 15.14 33.95 18.96
N HIS B 431 15.91 33.82 20.03
CA HIS B 431 15.86 34.84 21.09
C HIS B 431 16.32 36.20 20.60
N GLU B 432 17.21 36.23 19.60
CA GLU B 432 17.66 37.48 19.00
C GLU B 432 16.84 37.89 17.79
N ALA B 433 15.87 37.07 17.37
CA ALA B 433 15.06 37.38 16.20
C ALA B 433 14.01 38.43 16.55
N ASP B 434 13.74 39.32 15.58
CA ASP B 434 12.72 40.34 15.78
C ASP B 434 11.34 39.71 15.97
N ALA B 435 11.02 38.71 15.15
CA ALA B 435 9.73 38.03 15.24
C ALA B 435 9.85 36.66 14.60
N CYS B 436 8.89 35.79 14.92
CA CYS B 436 8.82 34.45 14.36
C CYS B 436 7.51 34.31 13.60
N LEU B 437 7.60 33.85 12.35
CA LEU B 437 6.45 33.69 11.48
C LEU B 437 6.19 32.21 11.24
N VAL B 438 4.95 31.78 11.48
CA VAL B 438 4.56 30.39 11.35
C VAL B 438 3.57 30.32 10.18
N LEU B 439 4.03 29.85 9.03
CA LEU B 439 3.15 29.66 7.89
C LEU B 439 2.28 28.41 8.10
N ALA B 440 1.15 28.39 7.41
CA ALA B 440 0.20 27.29 7.53
C ALA B 440 -0.14 26.75 6.15
N ASN B 441 -0.46 25.47 6.09
CA ASN B 441 -0.86 24.80 4.85
C ASN B 441 -2.36 24.99 4.68
N LYS B 442 -2.75 25.96 3.86
CA LYS B 442 -4.16 26.25 3.65
C LYS B 442 -4.87 25.08 2.98
N TYR B 443 -4.22 24.46 1.99
CA TYR B 443 -4.81 23.34 1.26
C TYR B 443 -4.43 22.02 1.95
N CYS B 444 -5.02 21.83 3.13
CA CYS B 444 -4.79 20.65 3.95
C CYS B 444 -6.07 19.84 4.08
N GLN B 445 -5.91 18.51 4.12
CA GLN B 445 -7.08 17.63 4.24
C GLN B 445 -7.80 17.83 5.56
N ASP B 446 -7.04 17.94 6.65
CA ASP B 446 -7.61 18.10 7.99
C ASP B 446 -7.22 19.43 8.59
N PRO B 447 -8.12 20.42 8.60
CA PRO B 447 -7.78 21.70 9.25
C PRO B 447 -7.45 21.57 10.73
N ASP B 448 -8.09 20.62 11.43
CA ASP B 448 -7.79 20.42 12.84
C ASP B 448 -6.35 19.95 13.03
N ALA B 449 -5.88 19.02 12.19
CA ALA B 449 -4.52 18.53 12.32
C ALA B 449 -3.51 19.63 12.01
N GLU B 450 -3.77 20.43 10.97
CA GLU B 450 -2.85 21.51 10.63
C GLU B 450 -2.80 22.56 11.73
N ASP B 451 -3.95 22.92 12.29
CA ASP B 451 -3.99 23.91 13.36
C ASP B 451 -3.31 23.40 14.63
N ALA B 452 -3.51 22.12 14.97
CA ALA B 452 -2.89 21.57 16.17
C ALA B 452 -1.38 21.57 16.07
N ALA B 453 -0.84 21.20 14.90
CA ALA B 453 0.60 21.22 14.71
C ALA B 453 1.17 22.63 14.80
N ASN B 454 0.48 23.60 14.21
CA ASN B 454 0.95 24.98 14.24
C ASN B 454 0.86 25.56 15.66
N ILE B 455 -0.16 25.18 16.42
CA ILE B 455 -0.29 25.64 17.79
C ILE B 455 0.87 25.11 18.64
N MET B 456 1.24 23.84 18.44
CA MET B 456 2.36 23.27 19.17
C MET B 456 3.67 23.99 18.85
N ARG B 457 3.80 24.52 17.63
CA ARG B 457 5.00 25.27 17.27
C ARG B 457 5.12 26.54 18.11
N VAL B 458 4.01 27.24 18.33
CA VAL B 458 4.05 28.45 19.16
C VAL B 458 4.45 28.12 20.59
N ILE B 459 3.92 27.01 21.12
CA ILE B 459 4.26 26.59 22.48
C ILE B 459 5.76 26.34 22.60
N SER B 460 6.34 25.66 21.61
CA SER B 460 7.78 25.41 21.63
C SER B 460 8.57 26.70 21.56
N ILE B 461 8.14 27.65 20.72
CA ILE B 461 8.83 28.93 20.63
C ILE B 461 8.71 29.71 21.92
N LYS B 462 7.49 29.75 22.49
CA LYS B 462 7.29 30.46 23.74
C LYS B 462 8.00 29.78 24.91
N ASN B 463 8.13 28.45 24.86
CA ASN B 463 8.87 27.75 25.91
C ASN B 463 10.34 28.15 25.91
N TYR B 464 10.94 28.30 24.73
CA TYR B 464 12.33 28.73 24.65
C TYR B 464 12.51 30.13 25.23
N SER B 465 11.61 31.04 24.90
CA SER B 465 11.65 32.40 25.43
C SER B 465 10.29 33.04 25.22
N ASP B 466 9.74 33.63 26.28
CA ASP B 466 8.39 34.19 26.21
C ASP B 466 8.35 35.53 25.46
N ASP B 467 9.42 36.33 25.55
CA ASP B 467 9.43 37.66 24.96
C ASP B 467 9.81 37.65 23.48
N ILE B 468 9.12 36.82 22.70
CA ILE B 468 9.32 36.73 21.26
C ILE B 468 7.99 37.01 20.57
N ARG B 469 8.01 37.93 19.61
CA ARG B 469 6.82 38.21 18.82
C ARG B 469 6.54 37.05 17.87
N VAL B 470 5.31 36.54 17.92
CA VAL B 470 4.92 35.37 17.13
C VAL B 470 3.71 35.74 16.29
N ILE B 471 3.81 35.50 14.98
CA ILE B 471 2.70 35.69 14.05
C ILE B 471 2.43 34.34 13.40
N ILE B 472 1.19 33.88 13.51
CA ILE B 472 0.80 32.55 13.06
C ILE B 472 -0.44 32.65 12.18
N GLN B 473 -0.47 31.84 11.12
CA GLN B 473 -1.67 31.70 10.30
C GLN B 473 -2.55 30.59 10.88
N LEU B 474 -3.82 30.90 11.11
CA LEU B 474 -4.75 29.98 11.74
C LEU B 474 -5.83 29.58 10.75
N MET B 475 -6.15 28.28 10.72
CA MET B 475 -7.11 27.77 9.75
C MET B 475 -8.55 27.96 10.21
N GLN B 476 -8.84 27.65 11.47
CA GLN B 476 -10.20 27.68 11.99
C GLN B 476 -10.27 28.54 13.24
N TYR B 477 -11.41 29.21 13.41
CA TYR B 477 -11.54 30.20 14.47
C TYR B 477 -11.58 29.57 15.87
N HIS B 478 -12.17 28.38 16.01
CA HIS B 478 -12.30 27.77 17.33
C HIS B 478 -10.96 27.36 17.93
N ASN B 479 -9.90 27.31 17.12
CA ASN B 479 -8.57 27.04 17.65
C ASN B 479 -7.88 28.29 18.19
N LYS B 480 -8.48 29.48 18.00
CA LYS B 480 -7.90 30.70 18.51
C LYS B 480 -7.93 30.75 20.03
N ALA B 481 -8.88 30.05 20.65
CA ALA B 481 -8.99 30.07 22.11
C ALA B 481 -7.79 29.41 22.78
N TYR B 482 -7.25 28.36 22.17
CA TYR B 482 -6.09 27.67 22.74
C TYR B 482 -4.89 28.59 22.83
N LEU B 483 -4.64 29.38 21.76
CA LEU B 483 -3.50 30.29 21.77
C LEU B 483 -3.71 31.43 22.77
N LEU B 484 -4.94 31.92 22.89
CA LEU B 484 -5.21 33.01 23.83
C LEU B 484 -5.05 32.56 25.28
N ASN B 485 -5.34 31.30 25.58
CA ASN B 485 -5.22 30.79 26.94
C ASN B 485 -3.77 30.52 27.34
N ILE B 486 -2.83 30.62 26.42
CA ILE B 486 -1.41 30.43 26.75
C ILE B 486 -0.96 31.55 27.69
N PRO B 487 -0.34 31.24 28.83
CA PRO B 487 0.07 32.31 29.75
C PRO B 487 1.08 33.28 29.15
N SER B 488 1.93 32.82 28.24
CA SER B 488 2.95 33.67 27.65
C SER B 488 2.46 34.45 26.44
N TRP B 489 1.21 34.25 26.02
CA TRP B 489 0.67 34.95 24.87
C TRP B 489 0.19 36.34 25.29
N ASP B 490 0.72 37.37 24.63
CA ASP B 490 0.36 38.76 24.93
C ASP B 490 0.17 39.50 23.62
N TRP B 491 -1.06 39.95 23.36
CA TRP B 491 -1.33 40.70 22.13
C TRP B 491 -0.69 42.08 22.15
N LYS B 492 -0.57 42.68 23.34
CA LYS B 492 0.03 44.02 23.43
C LYS B 492 1.51 44.01 23.06
N GLN B 493 2.18 42.86 23.20
CA GLN B 493 3.59 42.77 22.89
C GLN B 493 3.88 42.50 21.42
N GLY B 494 2.84 42.35 20.60
CA GLY B 494 3.00 42.13 19.18
C GLY B 494 2.54 40.78 18.68
N ASP B 495 2.15 39.88 19.57
CA ASP B 495 1.66 38.57 19.15
C ASP B 495 0.35 38.71 18.41
N ASP B 496 0.26 38.11 17.22
CA ASP B 496 -0.92 38.23 16.37
C ASP B 496 -1.30 36.86 15.82
N VAL B 497 -2.59 36.66 15.63
CA VAL B 497 -3.12 35.45 15.00
C VAL B 497 -3.89 35.88 13.75
N ILE B 498 -3.48 35.35 12.61
CA ILE B 498 -4.15 35.61 11.34
C ILE B 498 -5.06 34.41 11.07
N CYS B 499 -6.35 34.57 11.33
CA CYS B 499 -7.32 33.51 11.16
C CYS B 499 -7.84 33.55 9.72
N LEU B 500 -7.51 32.52 8.95
CA LEU B 500 -7.95 32.47 7.56
C LEU B 500 -9.47 32.42 7.46
N ALA B 501 -10.11 31.60 8.30
CA ALA B 501 -11.57 31.47 8.25
C ALA B 501 -12.26 32.77 8.62
N GLU B 502 -11.77 33.45 9.66
CA GLU B 502 -12.40 34.70 10.10
C GLU B 502 -12.27 35.79 9.05
N LEU B 503 -11.08 35.92 8.45
CA LEU B 503 -10.88 36.97 7.46
C LEU B 503 -11.60 36.65 6.15
N LYS B 504 -11.59 35.38 5.74
CA LYS B 504 -12.24 35.00 4.49
C LYS B 504 -13.74 35.26 4.54
N LEU B 505 -14.40 34.81 5.61
CA LEU B 505 -15.83 35.04 5.75
C LEU B 505 -16.17 36.48 6.10
N GLY B 506 -15.25 37.20 6.73
CA GLY B 506 -15.48 38.61 6.99
C GLY B 506 -15.60 39.43 5.71
N PHE B 507 -14.78 39.09 4.71
CA PHE B 507 -14.86 39.78 3.42
C PHE B 507 -16.16 39.46 2.72
N ILE B 508 -16.63 38.21 2.84
CA ILE B 508 -17.90 37.82 2.23
C ILE B 508 -19.05 38.60 2.83
N ALA B 509 -19.06 38.74 4.17
CA ALA B 509 -20.12 39.48 4.82
C ALA B 509 -20.12 40.95 4.42
N GLN B 510 -18.93 41.56 4.31
CA GLN B 510 -18.84 42.94 3.87
C GLN B 510 -19.32 43.11 2.43
N SER B 511 -19.17 42.07 1.60
CA SER B 511 -19.65 42.14 0.23
C SER B 511 -21.18 42.18 0.17
N CYS B 512 -21.86 41.59 1.16
CA CYS B 512 -23.31 41.66 1.20
C CYS B 512 -23.79 43.09 1.39
N LEU B 513 -23.15 43.85 2.28
CA LEU B 513 -23.52 45.24 2.47
C LEU B 513 -23.14 46.08 1.26
N ALA B 514 -21.98 45.82 0.66
CA ALA B 514 -21.52 46.55 -0.51
C ALA B 514 -20.84 45.58 -1.48
N PRO B 515 -21.49 45.25 -2.59
CA PRO B 515 -20.88 44.31 -3.54
C PRO B 515 -19.56 44.83 -4.09
N GLY B 516 -18.62 43.90 -4.30
CA GLY B 516 -17.30 44.23 -4.79
C GLY B 516 -16.33 44.71 -3.74
N PHE B 517 -16.72 44.75 -2.47
CA PHE B 517 -15.82 45.21 -1.42
C PHE B 517 -14.69 44.22 -1.16
N SER B 518 -14.93 42.93 -1.40
CA SER B 518 -13.89 41.93 -1.18
C SER B 518 -12.72 42.13 -2.12
N THR B 519 -13.01 42.42 -3.40
CA THR B 519 -11.93 42.69 -4.35
C THR B 519 -11.15 43.95 -3.98
N MET B 520 -11.85 45.01 -3.61
CA MET B 520 -11.17 46.24 -3.21
C MET B 520 -10.30 46.02 -1.98
N MET B 521 -10.82 45.31 -0.99
CA MET B 521 -10.08 45.14 0.26
C MET B 521 -8.87 44.24 0.07
N ALA B 522 -9.01 43.18 -0.73
CA ALA B 522 -7.89 42.25 -0.94
C ALA B 522 -6.75 42.91 -1.70
N ASN B 523 -7.07 43.74 -2.70
CA ASN B 523 -6.04 44.37 -3.51
C ASN B 523 -5.28 45.45 -2.76
N LEU B 524 -5.78 45.90 -1.61
CA LEU B 524 -5.15 46.99 -0.87
C LEU B 524 -4.00 46.52 0.02
N PHE B 525 -3.80 45.21 0.17
CA PHE B 525 -2.75 44.68 1.02
C PHE B 525 -1.81 43.73 0.27
N ALA B 526 -1.85 43.72 -1.05
CA ALA B 526 -0.93 42.94 -1.86
C ALA B 526 0.05 43.88 -2.55
N MET B 527 1.34 43.58 -2.43
CA MET B 527 2.37 44.44 -3.01
C MET B 527 2.34 44.34 -4.53
N ARG B 528 1.77 45.36 -5.18
CA ARG B 528 1.65 45.40 -6.64
C ARG B 528 2.26 46.70 -7.15
N SER B 529 3.13 46.60 -8.15
CA SER B 529 3.72 47.75 -8.81
C SER B 529 2.97 48.00 -10.12
N PHE B 530 2.41 49.19 -10.27
CA PHE B 530 1.58 49.53 -11.41
C PHE B 530 2.38 50.38 -12.40
N LYS B 531 2.41 49.95 -13.65
CA LYS B 531 3.03 50.69 -14.74
C LYS B 531 1.97 51.04 -15.77
N THR B 532 1.91 52.31 -16.14
CA THR B 532 0.92 52.75 -17.11
C THR B 532 1.16 52.09 -18.46
N SER B 533 0.07 51.79 -19.18
CA SER B 533 0.14 51.12 -20.46
C SER B 533 -0.25 52.09 -21.58
N PRO B 534 0.44 52.04 -22.73
CA PRO B 534 0.11 52.96 -23.82
C PRO B 534 -1.27 52.71 -24.41
N ASP B 535 -1.56 51.47 -24.80
CA ASP B 535 -2.82 51.17 -25.45
C ASP B 535 -3.19 49.71 -25.20
N MET B 536 -4.26 49.50 -24.45
CA MET B 536 -4.88 48.18 -24.29
C MET B 536 -6.33 48.39 -23.87
N GLN B 537 -6.96 47.34 -23.35
CA GLN B 537 -8.36 47.43 -22.94
C GLN B 537 -8.54 48.55 -21.92
N SER B 538 -9.56 49.39 -22.15
CA SER B 538 -9.70 50.62 -21.37
C SER B 538 -10.07 50.33 -19.92
N TRP B 539 -11.07 49.48 -19.69
CA TRP B 539 -11.52 49.23 -18.32
C TRP B 539 -10.45 48.49 -17.51
N THR B 540 -9.57 47.75 -18.19
CA THR B 540 -8.47 47.11 -17.49
C THR B 540 -7.46 48.13 -16.96
N ASN B 541 -7.25 49.21 -17.70
CA ASN B 541 -6.32 50.26 -17.25
C ASN B 541 -6.80 50.90 -15.96
N ASP B 542 -8.11 51.19 -15.87
CA ASP B 542 -8.65 51.77 -14.65
C ASP B 542 -8.57 50.80 -13.50
N TYR B 543 -8.86 49.51 -13.75
CA TYR B 543 -8.79 48.51 -12.69
C TYR B 543 -7.36 48.29 -12.22
N LEU B 544 -6.40 48.23 -13.16
CA LEU B 544 -5.02 47.97 -12.77
C LEU B 544 -4.42 49.12 -11.98
N ARG B 545 -4.84 50.36 -12.26
CA ARG B 545 -4.37 51.49 -11.47
C ARG B 545 -4.81 51.38 -10.02
N GLY B 546 -6.05 50.92 -9.79
CA GLY B 546 -6.52 50.74 -8.43
C GLY B 546 -5.79 49.62 -7.71
N THR B 547 -5.44 48.55 -8.42
CA THR B 547 -4.76 47.42 -7.80
C THR B 547 -3.37 47.80 -7.30
N GLY B 548 -2.75 48.82 -7.87
CA GLY B 548 -1.41 49.22 -7.47
C GLY B 548 -1.33 50.04 -6.19
N MET B 549 -2.47 50.45 -5.63
CA MET B 549 -2.46 51.26 -4.43
C MET B 549 -2.59 50.39 -3.19
N GLU B 550 -1.90 50.78 -2.12
CA GLU B 550 -1.78 49.95 -0.93
C GLU B 550 -1.93 50.82 0.31
N MET B 551 -2.08 50.16 1.45
CA MET B 551 -2.26 50.84 2.73
C MET B 551 -0.90 51.12 3.36
N TYR B 552 -0.68 52.37 3.77
CA TYR B 552 0.56 52.79 4.39
C TYR B 552 0.27 53.64 5.61
N THR B 553 1.24 53.70 6.53
CA THR B 553 1.13 54.49 7.75
C THR B 553 2.29 55.49 7.80
N GLU B 554 1.98 56.71 8.22
CA GLU B 554 2.98 57.76 8.33
C GLU B 554 2.57 58.73 9.42
N THR B 555 3.56 59.26 10.13
CA THR B 555 3.29 60.25 11.17
C THR B 555 2.82 61.55 10.55
N LEU B 556 1.73 62.10 11.06
CA LEU B 556 1.17 63.33 10.53
C LEU B 556 2.08 64.52 10.84
N SER B 557 2.10 65.48 9.92
CA SER B 557 2.91 66.67 10.09
C SER B 557 2.38 67.52 11.24
N PRO B 558 3.26 68.28 11.91
CA PRO B 558 2.78 69.19 12.97
C PRO B 558 1.84 70.25 12.46
N THR B 559 1.83 70.53 11.15
CA THR B 559 0.89 71.50 10.61
C THR B 559 -0.55 71.05 10.80
N PHE B 560 -0.80 69.74 10.74
CA PHE B 560 -2.14 69.19 10.90
C PHE B 560 -2.64 69.23 12.34
N ILE B 561 -1.78 69.59 13.30
CA ILE B 561 -2.18 69.60 14.71
C ILE B 561 -3.21 70.69 14.94
N GLY B 562 -4.29 70.35 15.64
CA GLY B 562 -5.31 71.31 16.00
C GLY B 562 -6.49 71.41 15.06
N ILE B 563 -6.46 70.70 13.93
CA ILE B 563 -7.57 70.75 12.97
C ILE B 563 -8.38 69.45 13.08
N PRO B 564 -9.66 69.47 12.76
CA PRO B 564 -10.45 68.24 12.81
C PRO B 564 -10.04 67.27 11.71
N PHE B 565 -10.45 66.00 11.89
CA PHE B 565 -10.10 64.96 10.92
C PHE B 565 -10.72 65.25 9.56
N ALA B 566 -11.97 65.73 9.54
CA ALA B 566 -12.65 65.98 8.28
C ALA B 566 -11.90 67.02 7.45
N GLN B 567 -11.41 68.08 8.08
CA GLN B 567 -10.62 69.07 7.36
C GLN B 567 -9.23 68.54 7.02
N ALA B 568 -8.71 67.61 7.84
CA ALA B 568 -7.36 67.09 7.59
C ALA B 568 -7.32 66.20 6.36
N THR B 569 -8.28 65.27 6.24
CA THR B 569 -8.27 64.36 5.10
C THR B 569 -8.69 65.06 3.81
N GLU B 570 -9.56 66.07 3.90
CA GLU B 570 -9.91 66.84 2.72
C GLU B 570 -8.72 67.60 2.18
N LEU B 571 -7.91 68.19 3.07
CA LEU B 571 -6.71 68.90 2.63
C LEU B 571 -5.69 67.95 2.02
N CYS B 572 -5.54 66.77 2.60
CA CYS B 572 -4.58 65.81 2.06
C CYS B 572 -4.96 65.35 0.66
N PHE B 573 -6.25 65.09 0.43
CA PHE B 573 -6.70 64.65 -0.88
C PHE B 573 -6.50 65.74 -1.94
N SER B 574 -6.82 66.99 -1.60
CA SER B 574 -6.73 68.07 -2.58
C SER B 574 -5.28 68.46 -2.85
N LYS B 575 -4.45 68.53 -1.81
CA LYS B 575 -3.09 69.03 -1.95
C LYS B 575 -2.09 67.90 -2.16
N LEU B 576 -2.01 66.97 -1.22
CA LEU B 576 -1.02 65.90 -1.26
C LEU B 576 -1.45 64.71 -2.11
N LYS B 577 -2.68 64.72 -2.63
CA LYS B 577 -3.21 63.61 -3.44
C LYS B 577 -3.13 62.28 -2.68
N LEU B 578 -3.42 62.32 -1.38
CA LEU B 578 -3.41 61.14 -0.53
C LEU B 578 -4.75 61.01 0.17
N LEU B 579 -5.19 59.77 0.36
CA LEU B 579 -6.47 59.48 1.01
C LEU B 579 -6.20 59.03 2.45
N LEU B 580 -6.57 59.88 3.40
CA LEU B 580 -6.46 59.54 4.82
C LEU B 580 -7.83 59.09 5.32
N LEU B 581 -7.91 57.85 5.81
CA LEU B 581 -9.18 57.28 6.23
C LEU B 581 -9.23 56.90 7.71
N ALA B 582 -8.08 56.70 8.35
CA ALA B 582 -8.08 56.32 9.76
C ALA B 582 -6.86 56.92 10.44
N ILE B 583 -7.01 57.20 11.73
CA ILE B 583 -5.95 57.71 12.57
C ILE B 583 -5.96 56.94 13.88
N GLU B 584 -4.83 57.00 14.59
CA GLU B 584 -4.69 56.36 15.89
C GLU B 584 -4.79 57.40 16.98
N ILE B 585 -5.71 57.18 17.92
CA ILE B 585 -5.99 58.12 19.00
C ILE B 585 -5.50 57.51 20.31
N LYS B 586 -4.67 58.25 21.04
CA LYS B 586 -4.14 57.78 22.31
C LYS B 586 -4.71 58.58 23.47
N SER B 594 -4.28 54.51 21.35
CA SER B 594 -4.48 53.13 21.81
C SER B 594 -5.56 52.44 21.00
N LYS B 595 -6.34 53.22 20.27
CA LYS B 595 -7.42 52.70 19.43
C LYS B 595 -7.37 53.38 18.07
N ILE B 596 -7.90 52.69 17.07
CA ILE B 596 -7.93 53.16 15.69
C ILE B 596 -9.37 53.53 15.34
N SER B 597 -9.56 54.75 14.87
CA SER B 597 -10.86 55.26 14.47
C SER B 597 -10.90 55.40 12.95
N ILE B 598 -11.91 54.80 12.33
CA ILE B 598 -12.08 54.82 10.88
C ILE B 598 -12.98 55.99 10.54
N ASN B 599 -12.41 57.01 9.90
CA ASN B 599 -13.12 58.23 9.55
C ASN B 599 -13.85 58.84 10.75
N PRO B 600 -13.11 59.27 11.78
CA PRO B 600 -13.76 59.83 12.97
C PRO B 600 -14.45 61.14 12.67
N ARG B 601 -15.52 61.41 13.42
CA ARG B 601 -16.30 62.63 13.27
C ARG B 601 -15.98 63.57 14.43
N GLY B 602 -15.54 64.77 14.11
CA GLY B 602 -15.22 65.76 15.13
C GLY B 602 -14.09 65.34 16.05
N ALA B 603 -13.02 64.78 15.49
CA ALA B 603 -11.87 64.34 16.25
C ALA B 603 -10.67 65.20 15.88
N LYS B 604 -10.04 65.81 16.89
CA LYS B 604 -8.87 66.65 16.65
C LYS B 604 -7.65 65.79 16.35
N ILE B 605 -6.66 66.40 15.71
CA ILE B 605 -5.41 65.75 15.36
C ILE B 605 -4.40 66.08 16.45
N GLN B 606 -3.86 65.04 17.10
CA GLN B 606 -2.91 65.21 18.18
C GLN B 606 -1.48 65.20 17.64
N ALA B 607 -0.53 65.45 18.53
CA ALA B 607 0.88 65.45 18.15
C ALA B 607 1.35 64.04 17.85
N ASN B 608 2.12 63.90 16.77
CA ASN B 608 2.67 62.62 16.34
C ASN B 608 1.57 61.58 16.14
N THR B 609 0.47 62.02 15.54
CA THR B 609 -0.65 61.12 15.26
C THR B 609 -0.31 60.22 14.08
N GLN B 610 -0.55 58.92 14.24
CA GLN B 610 -0.31 57.95 13.19
C GLN B 610 -1.55 57.84 12.32
N GLY B 611 -1.41 58.14 11.03
CA GLY B 611 -2.51 58.11 10.09
C GLY B 611 -2.32 57.01 9.06
N PHE B 612 -3.45 56.49 8.56
CA PHE B 612 -3.45 55.44 7.56
C PHE B 612 -3.77 56.05 6.20
N PHE B 613 -2.90 55.84 5.23
CA PHE B 613 -3.03 56.44 3.91
C PHE B 613 -3.05 55.35 2.84
N ILE B 614 -3.72 55.65 1.74
CA ILE B 614 -3.77 54.76 0.58
C ILE B 614 -3.02 55.45 -0.55
N ALA B 615 -1.98 54.80 -1.06
CA ALA B 615 -1.14 55.39 -2.09
C ALA B 615 -0.46 54.29 -2.89
N GLN B 616 0.07 54.67 -4.05
CA GLN B 616 0.76 53.71 -4.92
C GLN B 616 2.00 53.14 -4.24
N SER B 617 2.77 53.99 -3.56
CA SER B 617 4.01 53.57 -2.94
C SER B 617 4.23 54.37 -1.66
N ALA B 618 5.13 53.86 -0.81
CA ALA B 618 5.44 54.53 0.44
C ALA B 618 6.14 55.87 0.23
N ASP B 619 6.78 56.08 -0.92
CA ASP B 619 7.43 57.35 -1.20
C ASP B 619 6.41 58.48 -1.27
N GLU B 620 5.25 58.23 -1.89
CA GLU B 620 4.23 59.26 -1.99
C GLU B 620 3.63 59.59 -0.63
N VAL B 621 3.58 58.61 0.29
CA VAL B 621 3.02 58.84 1.61
C VAL B 621 3.87 59.80 2.43
N LYS B 622 5.17 59.89 2.13
CA LYS B 622 6.05 60.77 2.89
C LYS B 622 5.70 62.24 2.72
N ARG B 623 4.90 62.59 1.71
CA ARG B 623 4.51 63.98 1.51
C ARG B 623 3.70 64.51 2.68
N ALA B 624 2.97 63.62 3.37
CA ALA B 624 2.20 64.05 4.54
C ALA B 624 3.11 64.52 5.66
N TRP B 625 4.23 63.81 5.87
CA TRP B 625 5.15 64.19 6.94
C TRP B 625 5.85 65.51 6.64
N PHE B 626 6.21 65.73 5.38
CA PHE B 626 6.97 66.92 4.98
C PHE B 626 6.10 68.08 4.56
N TYR B 627 4.77 67.97 4.68
CA TYR B 627 3.89 69.04 4.25
C TYR B 627 4.05 70.28 5.13
N CYS B 628 4.09 71.45 4.49
CA CYS B 628 4.17 72.71 5.19
C CYS B 628 3.42 73.77 4.39
N LYS B 629 2.91 74.78 5.11
CA LYS B 629 2.15 75.84 4.45
C LYS B 629 3.02 76.68 3.53
N ALA B 630 4.26 76.98 3.94
CA ALA B 630 5.16 77.79 3.14
C ALA B 630 5.70 77.01 1.96
N MET B 778 -30.27 43.89 27.10
CA MET B 778 -30.34 42.60 26.43
C MET B 778 -30.43 42.77 24.91
N LYS B 779 -30.60 44.02 24.48
CA LYS B 779 -30.65 44.30 23.04
C LYS B 779 -29.30 44.01 22.38
N TYR B 780 -28.21 44.34 23.06
CA TYR B 780 -26.86 44.14 22.54
C TYR B 780 -26.07 43.26 23.50
N ASP B 781 -24.84 42.95 23.12
CA ASP B 781 -23.97 42.12 23.93
C ASP B 781 -23.28 42.96 25.00
N SER B 782 -22.36 42.33 25.75
CA SER B 782 -21.65 43.04 26.80
C SER B 782 -20.81 44.17 26.23
N THR B 783 -20.12 43.92 25.11
CA THR B 783 -19.32 44.96 24.49
C THR B 783 -20.16 46.04 23.82
N GLY B 784 -21.42 45.75 23.50
CA GLY B 784 -22.28 46.72 22.86
C GLY B 784 -21.99 46.94 21.40
N MET B 785 -21.32 46.00 20.74
CA MET B 785 -20.98 46.14 19.33
C MET B 785 -21.87 45.34 18.40
N PHE B 786 -22.61 44.36 18.92
CA PHE B 786 -23.46 43.52 18.10
C PHE B 786 -24.81 43.33 18.79
N HIS B 787 -25.84 43.07 17.98
CA HIS B 787 -27.16 42.79 18.50
C HIS B 787 -27.19 41.43 19.17
N TRP B 788 -28.14 41.26 20.10
CA TRP B 788 -28.22 40.05 20.90
C TRP B 788 -29.65 39.52 20.92
N SER B 789 -29.77 38.21 21.04
CA SER B 789 -31.05 37.51 21.12
C SER B 789 -30.98 36.49 22.25
N PRO B 790 -32.13 36.14 22.85
CA PRO B 790 -32.12 35.24 24.00
C PRO B 790 -32.08 33.75 23.63
N ALA B 791 -31.03 33.36 22.91
CA ALA B 791 -30.70 31.95 22.66
C ALA B 791 -31.86 31.20 22.00
N LYS B 792 -32.19 31.62 20.78
CA LYS B 792 -33.22 30.95 20.01
C LYS B 792 -32.81 29.52 19.69
N SER B 793 -33.77 28.59 19.77
CA SER B 793 -33.50 27.20 19.50
C SER B 793 -33.38 26.94 18.00
N LEU B 794 -32.68 25.86 17.66
CA LEU B 794 -32.50 25.51 16.25
C LEU B 794 -33.82 25.09 15.61
N GLU B 795 -34.62 24.29 16.32
CA GLU B 795 -35.86 23.75 15.74
C GLU B 795 -36.82 24.87 15.39
N ASP B 796 -36.89 25.92 16.21
CA ASP B 796 -37.77 27.04 15.92
C ASP B 796 -37.35 27.83 14.69
N CYS B 797 -36.10 27.66 14.24
CA CYS B 797 -35.57 28.39 13.10
C CYS B 797 -35.59 27.56 11.82
N ILE B 798 -36.08 26.33 11.88
CA ILE B 798 -36.09 25.44 10.73
C ILE B 798 -37.38 25.62 9.95
N LEU B 799 -37.26 25.91 8.66
CA LEU B 799 -38.39 26.22 7.80
C LEU B 799 -38.46 25.24 6.63
N ASP B 800 -39.67 25.00 6.16
CA ASP B 800 -39.91 24.10 5.04
C ASP B 800 -40.14 24.90 3.75
N ARG B 801 -40.37 24.19 2.65
CA ARG B 801 -40.62 24.85 1.38
C ARG B 801 -41.89 25.68 1.42
N ASN B 802 -42.97 25.13 1.99
CA ASN B 802 -44.22 25.88 2.07
C ASN B 802 -44.12 27.04 3.05
N GLN B 803 -43.41 26.84 4.18
CA GLN B 803 -43.23 27.93 5.13
C GLN B 803 -42.40 29.06 4.52
N ALA B 804 -41.34 28.72 3.78
CA ALA B 804 -40.51 29.75 3.17
C ALA B 804 -41.19 30.38 1.98
N ALA B 805 -42.17 29.70 1.38
CA ALA B 805 -42.85 30.26 0.20
C ALA B 805 -43.78 31.39 0.57
N MET B 806 -44.55 31.23 1.66
CA MET B 806 -45.54 32.22 2.05
C MET B 806 -44.93 33.45 2.71
N THR B 807 -43.74 33.35 3.29
CA THR B 807 -43.11 34.46 3.97
C THR B 807 -42.35 35.35 2.98
N VAL B 808 -42.39 36.65 3.24
CA VAL B 808 -41.72 37.62 2.39
C VAL B 808 -40.24 37.69 2.76
N LEU B 809 -39.37 37.63 1.75
CA LEU B 809 -37.92 37.73 1.94
C LEU B 809 -37.39 38.68 0.87
N ASN B 810 -37.34 39.97 1.21
CA ASN B 810 -36.85 41.01 0.32
C ASN B 810 -35.61 41.65 0.93
N GLY B 811 -34.55 41.75 0.14
CA GLY B 811 -33.31 42.33 0.63
C GLY B 811 -32.59 41.46 1.64
N HIS B 812 -32.83 40.15 1.62
CA HIS B 812 -32.20 39.24 2.55
C HIS B 812 -30.89 38.70 1.98
N VAL B 813 -30.22 37.84 2.75
CA VAL B 813 -28.96 37.24 2.35
C VAL B 813 -29.14 35.72 2.37
N VAL B 814 -28.80 35.08 1.25
CA VAL B 814 -28.91 33.64 1.10
C VAL B 814 -27.50 33.05 1.13
N VAL B 815 -27.30 32.07 2.00
CA VAL B 815 -26.00 31.41 2.16
C VAL B 815 -26.16 29.99 1.64
N CYS B 816 -25.62 29.73 0.45
CA CYS B 816 -25.63 28.40 -0.13
C CYS B 816 -24.47 27.60 0.44
N LEU B 817 -24.78 26.58 1.22
CA LEU B 817 -23.78 25.79 1.95
C LEU B 817 -23.73 24.38 1.40
N PHE B 818 -22.54 23.94 1.00
CA PHE B 818 -22.29 22.55 0.60
C PHE B 818 -21.43 21.91 1.69
N ALA B 819 -22.05 21.03 2.49
CA ALA B 819 -21.35 20.45 3.62
C ALA B 819 -21.96 19.11 3.97
N ASP B 820 -21.10 18.10 4.15
CA ASP B 820 -21.52 16.82 4.69
C ASP B 820 -21.72 16.94 6.20
N PRO B 821 -22.48 16.02 6.80
CA PRO B 821 -22.65 16.06 8.26
C PRO B 821 -21.35 15.94 9.02
N ASP B 822 -20.34 15.28 8.45
CA ASP B 822 -19.04 15.13 9.09
C ASP B 822 -18.00 16.10 8.56
N SER B 823 -18.41 17.11 7.78
CA SER B 823 -17.47 18.06 7.23
C SER B 823 -16.87 18.93 8.32
N PRO B 824 -15.62 19.38 8.14
CA PRO B 824 -15.00 20.27 9.14
C PRO B 824 -15.78 21.56 9.27
N LEU B 825 -15.81 22.08 10.50
CA LEU B 825 -16.52 23.33 10.77
C LEU B 825 -15.80 24.50 10.11
N ILE B 826 -16.58 25.40 9.51
CA ILE B 826 -16.03 26.58 8.85
C ILE B 826 -16.34 27.86 9.62
N GLY B 827 -17.09 27.76 10.71
CA GLY B 827 -17.38 28.93 11.53
C GLY B 827 -18.33 29.91 10.86
N LEU B 828 -19.59 29.52 10.70
CA LEU B 828 -20.58 30.41 10.11
C LEU B 828 -20.83 31.64 10.97
N ARG B 829 -20.39 31.62 12.23
CA ARG B 829 -20.53 32.79 13.09
C ARG B 829 -19.77 33.99 12.53
N ASN B 830 -18.64 33.74 11.87
CA ASN B 830 -17.84 34.84 11.32
C ASN B 830 -18.54 35.52 10.16
N LEU B 831 -19.58 34.89 9.61
CA LEU B 831 -20.27 35.46 8.46
C LEU B 831 -21.48 36.28 8.89
N VAL B 832 -22.06 35.98 10.05
CA VAL B 832 -23.31 36.61 10.46
C VAL B 832 -23.06 37.83 11.34
N MET B 833 -22.10 37.77 12.25
CA MET B 833 -21.85 38.89 13.16
C MET B 833 -21.53 40.19 12.44
N PRO B 834 -20.70 40.22 11.38
CA PRO B 834 -20.52 41.49 10.65
C PRO B 834 -21.83 42.06 10.12
N LEU B 835 -22.79 41.20 9.78
CA LEU B 835 -24.11 41.67 9.37
C LEU B 835 -25.01 42.00 10.55
N ARG B 836 -24.58 41.71 11.78
CA ARG B 836 -25.37 41.98 12.98
C ARG B 836 -24.69 43.02 13.88
N ALA B 837 -23.88 43.90 13.29
CA ALA B 837 -23.20 44.92 14.06
C ALA B 837 -24.18 45.97 14.57
N SER B 838 -23.78 46.67 15.64
CA SER B 838 -24.62 47.71 16.21
C SER B 838 -24.70 48.95 15.34
N ASN B 839 -23.88 49.05 14.28
CA ASN B 839 -23.95 50.19 13.38
C ASN B 839 -25.29 50.24 12.64
N PHE B 840 -25.89 49.09 12.39
CA PHE B 840 -27.15 49.02 11.67
C PHE B 840 -28.31 48.98 12.66
N HIS B 841 -29.36 49.74 12.35
CA HIS B 841 -30.57 49.70 13.15
C HIS B 841 -31.27 48.36 12.97
N TYR B 842 -32.14 48.03 13.93
CA TYR B 842 -32.83 46.75 13.90
C TYR B 842 -33.75 46.64 12.68
N HIS B 843 -34.31 47.76 12.23
CA HIS B 843 -35.20 47.72 11.06
C HIS B 843 -34.43 47.48 9.77
N GLU B 844 -33.20 47.95 9.69
CA GLU B 844 -32.40 47.80 8.47
C GLU B 844 -31.52 46.56 8.47
N LEU B 845 -31.62 45.72 9.50
CA LEU B 845 -30.85 44.48 9.52
C LEU B 845 -31.29 43.55 8.40
N LYS B 846 -30.32 42.92 7.75
CA LYS B 846 -30.60 42.02 6.64
C LYS B 846 -30.87 40.61 7.16
N HIS B 847 -32.00 40.04 6.74
CA HIS B 847 -32.33 38.68 7.13
C HIS B 847 -31.37 37.70 6.49
N VAL B 848 -30.96 36.69 7.26
CA VAL B 848 -30.00 35.69 6.81
C VAL B 848 -30.69 34.33 6.80
N VAL B 849 -30.68 33.68 5.64
CA VAL B 849 -31.24 32.35 5.46
C VAL B 849 -30.13 31.43 4.97
N ILE B 850 -30.02 30.26 5.60
CA ILE B 850 -28.97 29.29 5.29
C ILE B 850 -29.63 28.08 4.64
N VAL B 851 -29.15 27.71 3.46
CA VAL B 851 -29.65 26.55 2.73
C VAL B 851 -28.58 25.47 2.81
N GLY B 852 -28.91 24.37 3.46
CA GLY B 852 -27.97 23.27 3.62
C GLY B 852 -28.53 22.20 4.51
N SER B 853 -27.69 21.22 4.79
CA SER B 853 -28.09 20.11 5.64
C SER B 853 -28.19 20.55 7.09
N VAL B 854 -29.28 20.15 7.75
CA VAL B 854 -29.47 20.49 9.16
C VAL B 854 -28.40 19.86 10.03
N ASP B 855 -27.95 18.66 9.68
CA ASP B 855 -27.00 17.95 10.53
C ASP B 855 -25.71 18.74 10.69
N TYR B 856 -25.24 19.37 9.61
CA TYR B 856 -24.03 20.19 9.71
C TYR B 856 -24.30 21.49 10.45
N ILE B 857 -25.42 22.16 10.15
CA ILE B 857 -25.76 23.41 10.81
C ILE B 857 -26.03 23.21 12.30
N ARG B 858 -26.45 22.01 12.69
CA ARG B 858 -26.70 21.73 14.11
C ARG B 858 -25.43 21.92 14.94
N ARG B 859 -24.28 21.47 14.42
CA ARG B 859 -23.01 21.70 15.09
C ARG B 859 -22.64 23.17 15.09
N GLU B 860 -23.02 23.91 14.04
CA GLU B 860 -22.72 25.33 13.94
C GLU B 860 -23.70 26.21 14.72
N TRP B 861 -24.82 25.65 15.19
CA TRP B 861 -25.81 26.44 15.91
C TRP B 861 -25.35 26.83 17.31
N LYS B 862 -24.24 26.28 17.80
CA LYS B 862 -23.78 26.59 19.14
C LYS B 862 -23.44 28.08 19.28
N MET B 863 -22.84 28.67 18.26
CA MET B 863 -22.45 30.07 18.29
C MET B 863 -23.42 30.98 17.55
N LEU B 864 -24.57 30.45 17.10
CA LEU B 864 -25.55 31.24 16.35
C LEU B 864 -26.87 31.41 17.09
N GLN B 865 -26.94 31.03 18.37
CA GLN B 865 -28.20 31.11 19.10
C GLN B 865 -28.63 32.56 19.32
N ASN B 866 -27.69 33.43 19.64
CA ASN B 866 -28.00 34.79 20.08
C ASN B 866 -28.02 35.81 18.94
N LEU B 867 -27.86 35.38 17.70
CA LEU B 867 -27.85 36.31 16.58
C LEU B 867 -29.26 36.42 16.00
N PRO B 868 -29.86 37.61 15.99
CA PRO B 868 -31.24 37.73 15.53
C PRO B 868 -31.38 37.55 14.02
N LYS B 869 -32.59 37.17 13.62
CA LYS B 869 -32.98 37.08 12.20
C LYS B 869 -32.08 36.09 11.46
N ILE B 870 -32.15 34.83 11.88
CA ILE B 870 -31.43 33.74 11.24
C ILE B 870 -32.44 32.64 10.89
N SER B 871 -32.42 32.20 9.63
CA SER B 871 -33.31 31.16 9.16
C SER B 871 -32.51 30.02 8.55
N VAL B 872 -33.00 28.80 8.74
CA VAL B 872 -32.37 27.60 8.23
C VAL B 872 -33.38 26.83 7.39
N LEU B 873 -33.00 26.52 6.15
CA LEU B 873 -33.84 25.76 5.24
C LEU B 873 -33.11 24.47 4.85
N ASN B 874 -33.74 23.33 5.09
CA ASN B 874 -33.15 22.06 4.72
C ASN B 874 -33.25 21.83 3.21
N GLY B 875 -32.27 21.13 2.68
CA GLY B 875 -32.21 20.79 1.27
C GLY B 875 -30.86 21.13 0.69
N SER B 876 -30.80 21.11 -0.64
CA SER B 876 -29.57 21.41 -1.37
C SER B 876 -29.74 22.67 -2.18
N PRO B 877 -28.76 23.59 -2.16
CA PRO B 877 -28.88 24.81 -2.98
C PRO B 877 -28.91 24.53 -4.47
N LEU B 878 -28.43 23.37 -4.93
CA LEU B 878 -28.45 23.06 -6.35
C LEU B 878 -29.87 22.92 -6.88
N SER B 879 -30.79 22.42 -6.06
CA SER B 879 -32.17 22.24 -6.50
C SER B 879 -32.83 23.60 -6.75
N ARG B 880 -33.61 23.67 -7.84
CA ARG B 880 -34.28 24.91 -8.19
C ARG B 880 -35.46 25.20 -7.28
N ALA B 881 -36.08 24.15 -6.72
CA ALA B 881 -37.24 24.34 -5.86
C ALA B 881 -36.88 25.11 -4.60
N ASP B 882 -35.74 24.77 -3.98
CA ASP B 882 -35.32 25.46 -2.76
C ASP B 882 -34.95 26.92 -3.05
N LEU B 883 -34.30 27.16 -4.20
CA LEU B 883 -33.91 28.53 -4.54
C LEU B 883 -35.12 29.42 -4.75
N ARG B 884 -36.15 28.91 -5.41
CA ARG B 884 -37.36 29.70 -5.63
C ARG B 884 -38.12 29.94 -4.33
N ALA B 885 -38.02 29.02 -3.37
CA ALA B 885 -38.71 29.20 -2.10
C ALA B 885 -38.16 30.40 -1.32
N VAL B 886 -36.83 30.57 -1.34
CA VAL B 886 -36.22 31.67 -0.59
C VAL B 886 -36.13 32.96 -1.41
N ASN B 887 -36.60 32.95 -2.65
CA ASN B 887 -36.63 34.14 -3.52
C ASN B 887 -35.23 34.72 -3.69
N VAL B 888 -34.35 33.93 -4.33
CA VAL B 888 -32.99 34.37 -4.60
C VAL B 888 -32.95 35.56 -5.55
N ASN B 889 -34.03 35.76 -6.33
CA ASN B 889 -34.09 36.89 -7.24
C ASN B 889 -34.22 38.22 -6.51
N LEU B 890 -34.63 38.20 -5.24
CA LEU B 890 -34.81 39.41 -4.45
C LEU B 890 -33.76 39.58 -3.36
N CYS B 891 -32.86 38.61 -3.20
CA CYS B 891 -31.84 38.70 -2.17
C CYS B 891 -30.79 39.75 -2.53
N ASP B 892 -30.21 40.37 -1.51
CA ASP B 892 -29.17 41.37 -1.73
C ASP B 892 -27.85 40.74 -2.13
N MET B 893 -27.58 39.53 -1.67
CA MET B 893 -26.34 38.83 -2.00
C MET B 893 -26.52 37.35 -1.75
N CYS B 894 -26.04 36.54 -2.69
CA CYS B 894 -26.08 35.08 -2.58
C CYS B 894 -24.65 34.58 -2.40
N CYS B 895 -24.41 33.90 -1.28
CA CYS B 895 -23.08 33.39 -0.95
C CYS B 895 -23.06 31.88 -1.13
N ILE B 896 -22.09 31.39 -1.90
CA ILE B 896 -21.91 29.97 -2.15
C ILE B 896 -20.65 29.54 -1.41
N LEU B 897 -20.82 28.69 -0.39
CA LEU B 897 -19.73 28.23 0.43
C LEU B 897 -19.69 26.69 0.42
N SER B 898 -18.50 26.13 0.33
CA SER B 898 -18.29 24.70 0.33
C SER B 898 -17.45 24.31 1.54
N ALA B 899 -17.93 23.34 2.32
CA ALA B 899 -17.22 22.86 3.49
C ALA B 899 -16.70 21.44 3.34
N LYS B 900 -17.00 20.78 2.22
CA LYS B 900 -16.55 19.41 2.02
C LYS B 900 -15.04 19.37 1.79
N VAL B 901 -14.42 18.29 2.27
CA VAL B 901 -12.98 18.10 2.12
C VAL B 901 -12.65 17.85 0.66
N PRO B 902 -11.48 18.28 0.18
CA PRO B 902 -11.12 18.02 -1.23
C PRO B 902 -10.59 16.61 -1.40
N SER B 903 -11.21 15.86 -2.32
CA SER B 903 -10.79 14.50 -2.58
C SER B 903 -9.40 14.41 -3.20
N ASN B 904 -8.89 15.51 -3.75
CA ASN B 904 -7.58 15.62 -4.37
C ASN B 904 -7.41 14.70 -5.57
N ASP B 905 -8.51 14.16 -6.11
CA ASP B 905 -8.42 13.34 -7.32
C ASP B 905 -7.97 14.18 -8.51
N ASP B 906 -8.47 15.41 -8.61
CA ASP B 906 -8.11 16.32 -9.68
C ASP B 906 -8.28 17.74 -9.14
N PRO B 907 -7.27 18.60 -9.28
CA PRO B 907 -7.40 19.97 -8.77
C PRO B 907 -8.53 20.75 -9.41
N THR B 908 -8.81 20.50 -10.69
CA THR B 908 -9.90 21.17 -11.39
C THR B 908 -11.27 20.75 -10.87
N LEU B 909 -11.39 19.53 -10.34
CA LEU B 909 -12.65 19.01 -9.83
C LEU B 909 -12.97 19.48 -8.43
N ALA B 910 -12.08 20.26 -7.80
CA ALA B 910 -12.30 20.69 -6.42
C ALA B 910 -13.51 21.60 -6.29
N ASP B 911 -13.69 22.53 -7.24
CA ASP B 911 -14.80 23.47 -7.22
C ASP B 911 -15.98 23.01 -8.06
N LYS B 912 -16.21 21.69 -8.10
CA LYS B 912 -17.24 21.12 -8.96
C LYS B 912 -18.64 21.61 -8.56
N GLU B 913 -18.95 21.56 -7.26
CA GLU B 913 -20.30 21.92 -6.82
C GLU B 913 -20.50 23.43 -6.82
N ALA B 914 -19.47 24.20 -6.48
CA ALA B 914 -19.61 25.66 -6.46
C ALA B 914 -19.86 26.21 -7.85
N ILE B 915 -19.17 25.68 -8.86
CA ILE B 915 -19.36 26.15 -10.23
C ILE B 915 -20.77 25.80 -10.72
N LEU B 916 -21.23 24.57 -10.43
CA LEU B 916 -22.55 24.16 -10.88
C LEU B 916 -23.65 25.01 -10.25
N ALA B 917 -23.51 25.32 -8.95
CA ALA B 917 -24.50 26.15 -8.29
C ALA B 917 -24.52 27.55 -8.87
N SER B 918 -23.35 28.12 -9.16
CA SER B 918 -23.29 29.46 -9.75
C SER B 918 -23.93 29.49 -11.13
N LEU B 919 -23.67 28.48 -11.95
CA LEU B 919 -24.25 28.44 -13.29
C LEU B 919 -25.75 28.18 -13.25
N ASN B 920 -26.22 27.38 -12.30
CA ASN B 920 -27.64 27.07 -12.22
C ASN B 920 -28.46 28.32 -11.92
N ILE B 921 -27.98 29.17 -11.00
CA ILE B 921 -28.72 30.37 -10.64
C ILE B 921 -28.73 31.36 -11.79
N LYS B 922 -27.62 31.45 -12.54
CA LYS B 922 -27.53 32.40 -13.65
C LYS B 922 -28.52 32.08 -14.77
N ALA B 923 -29.05 30.87 -14.82
CA ALA B 923 -29.92 30.46 -15.91
C ALA B 923 -31.40 30.45 -15.54
N MET B 924 -31.75 30.46 -14.25
CA MET B 924 -33.16 30.39 -13.87
C MET B 924 -33.88 31.69 -14.20
N THR B 925 -35.15 31.57 -14.55
CA THR B 925 -36.01 32.70 -14.89
C THR B 925 -37.11 32.83 -13.85
N PHE B 926 -37.35 34.06 -13.42
CA PHE B 926 -38.35 34.35 -12.40
C PHE B 926 -39.47 35.21 -12.98
N ASP B 927 -40.68 34.98 -12.49
CA ASP B 927 -41.86 35.71 -12.96
C ASP B 927 -42.12 36.95 -12.10
N VAL B 959 -37.47 39.54 -14.48
CA VAL B 959 -36.19 39.43 -13.80
C VAL B 959 -35.63 38.01 -13.93
N TYR B 960 -34.47 37.89 -14.54
CA TYR B 960 -33.80 36.61 -14.73
C TYR B 960 -32.68 36.46 -13.71
N GLY B 961 -32.16 35.23 -13.62
CA GLY B 961 -31.14 34.92 -12.63
C GLY B 961 -29.76 35.45 -12.95
N ALA B 962 -29.53 35.92 -14.18
CA ALA B 962 -28.22 36.46 -14.54
C ALA B 962 -27.93 37.77 -13.83
N ASN B 963 -28.95 38.49 -13.37
CA ASN B 963 -28.76 39.74 -12.67
C ASN B 963 -28.66 39.58 -11.15
N VAL B 964 -28.76 38.36 -10.65
CA VAL B 964 -28.67 38.09 -9.21
C VAL B 964 -27.24 38.30 -8.76
N PRO B 965 -26.99 39.17 -7.77
CA PRO B 965 -25.61 39.35 -7.28
C PRO B 965 -25.17 38.15 -6.46
N MET B 966 -24.06 37.54 -6.87
CA MET B 966 -23.54 36.34 -6.24
C MET B 966 -22.05 36.47 -6.00
N ILE B 967 -21.57 35.83 -4.93
CA ILE B 967 -20.15 35.75 -4.62
C ILE B 967 -19.83 34.31 -4.27
N THR B 968 -18.77 33.79 -4.88
CA THR B 968 -18.31 32.42 -4.64
C THR B 968 -16.83 32.46 -4.28
N GLU B 969 -16.49 31.92 -3.11
CA GLU B 969 -15.11 31.83 -2.66
C GLU B 969 -14.61 30.41 -2.91
N LEU B 970 -13.46 30.30 -3.57
CA LEU B 970 -13.01 29.06 -4.18
C LEU B 970 -11.82 28.49 -3.41
N VAL B 971 -11.85 27.17 -3.20
CA VAL B 971 -10.70 26.49 -2.60
C VAL B 971 -9.53 26.39 -3.56
N ASN B 972 -9.77 26.32 -4.86
CA ASN B 972 -8.72 26.26 -5.87
C ASN B 972 -8.90 27.47 -6.79
N ASP B 973 -7.83 28.25 -6.98
CA ASP B 973 -7.93 29.47 -7.77
C ASP B 973 -7.88 29.22 -9.27
N GLY B 974 -7.52 28.02 -9.71
CA GLY B 974 -7.46 27.72 -11.13
C GLY B 974 -8.81 27.48 -11.77
N ASN B 975 -9.87 27.37 -10.97
CA ASN B 975 -11.21 27.12 -11.47
C ASN B 975 -12.01 28.40 -11.68
N VAL B 976 -11.38 29.57 -11.50
CA VAL B 976 -12.08 30.83 -11.71
C VAL B 976 -12.45 31.03 -13.18
N GLN B 977 -11.80 30.30 -14.08
CA GLN B 977 -12.08 30.44 -15.51
C GLN B 977 -13.49 29.99 -15.88
N PHE B 978 -14.09 29.12 -15.08
CA PHE B 978 -15.42 28.58 -15.37
C PHE B 978 -16.54 29.40 -14.78
N LEU B 979 -16.22 30.43 -13.98
CA LEU B 979 -17.27 31.24 -13.38
C LEU B 979 -17.90 32.19 -14.39
N ASP B 980 -17.12 32.69 -15.34
CA ASP B 980 -17.62 33.60 -16.37
C ASP B 980 -17.45 32.96 -17.75
N GLN B 981 -18.34 33.33 -18.66
CA GLN B 981 -18.34 32.77 -20.01
C GLN B 981 -17.84 33.74 -21.08
N ASP B 982 -18.12 35.03 -20.94
CA ASP B 982 -17.73 36.02 -21.93
C ASP B 982 -16.37 36.64 -21.62
N ASP B 983 -15.36 35.79 -21.45
CA ASP B 983 -14.01 36.26 -21.17
C ASP B 983 -13.01 35.23 -21.65
N ASP B 984 -11.78 35.67 -21.84
CA ASP B 984 -10.68 34.79 -22.24
C ASP B 984 -10.01 34.20 -21.01
N ASP B 985 -9.73 32.90 -21.06
CA ASP B 985 -9.18 32.17 -19.94
C ASP B 985 -7.76 31.74 -20.22
N ASP B 986 -6.90 31.83 -19.20
CA ASP B 986 -5.51 31.43 -19.30
C ASP B 986 -5.08 30.74 -18.00
N PRO B 987 -4.53 29.53 -18.07
CA PRO B 987 -4.12 28.86 -16.83
C PRO B 987 -3.06 29.61 -16.05
N ASP B 988 -2.18 30.36 -16.72
CA ASP B 988 -1.04 31.00 -16.07
C ASP B 988 -1.33 32.43 -15.63
N THR B 989 -2.54 32.94 -15.84
CA THR B 989 -2.84 34.32 -15.48
C THR B 989 -2.86 34.49 -13.96
N GLU B 990 -2.54 35.70 -13.51
CA GLU B 990 -2.58 36.01 -12.09
C GLU B 990 -4.04 36.11 -11.62
N LEU B 991 -4.26 35.74 -10.36
CA LEU B 991 -5.62 35.63 -9.85
C LEU B 991 -6.35 36.97 -9.90
N TYR B 992 -5.72 38.04 -9.39
CA TYR B 992 -6.38 39.34 -9.37
C TYR B 992 -6.53 39.95 -10.77
N LEU B 993 -5.87 39.38 -11.78
CA LEU B 993 -6.04 39.84 -13.15
C LEU B 993 -7.29 39.26 -13.81
N THR B 994 -7.91 38.25 -13.21
CA THR B 994 -9.07 37.61 -13.80
C THR B 994 -10.31 38.50 -13.71
N GLN B 995 -11.18 38.36 -14.71
CA GLN B 995 -12.42 39.13 -14.73
C GLN B 995 -13.33 38.84 -13.55
N PRO B 996 -13.62 37.58 -13.18
CA PRO B 996 -14.53 37.37 -12.03
C PRO B 996 -14.04 37.99 -10.74
N PHE B 997 -12.73 37.98 -10.49
CA PHE B 997 -12.22 38.62 -9.29
C PHE B 997 -12.32 40.14 -9.37
N ALA B 998 -12.06 40.70 -10.55
CA ALA B 998 -12.14 42.14 -10.74
C ALA B 998 -13.56 42.67 -10.56
N CYS B 999 -14.57 41.83 -10.78
CA CYS B 999 -15.96 42.23 -10.63
C CYS B 999 -16.52 41.95 -9.24
N GLY B 1000 -15.70 41.44 -8.32
CA GLY B 1000 -16.17 41.14 -6.98
C GLY B 1000 -17.02 39.89 -6.89
N THR B 1001 -16.93 38.99 -7.88
CA THR B 1001 -17.72 37.77 -7.89
C THR B 1001 -16.96 36.58 -7.31
N ALA B 1002 -15.69 36.42 -7.65
CA ALA B 1002 -14.89 35.31 -7.18
C ALA B 1002 -14.00 35.73 -6.01
N PHE B 1003 -13.66 34.76 -5.18
CA PHE B 1003 -12.79 35.01 -4.03
C PHE B 1003 -12.02 33.73 -3.72
N ALA B 1004 -10.90 33.88 -3.01
CA ALA B 1004 -10.09 32.75 -2.61
C ALA B 1004 -9.23 33.16 -1.42
N VAL B 1005 -8.75 32.14 -0.70
CA VAL B 1005 -7.87 32.39 0.44
C VAL B 1005 -6.43 32.65 0.03
N SER B 1006 -6.09 32.45 -1.25
CA SER B 1006 -4.73 32.67 -1.71
C SER B 1006 -4.35 34.15 -1.72
N VAL B 1007 -5.34 35.05 -1.77
CA VAL B 1007 -5.05 36.48 -1.73
C VAL B 1007 -4.73 36.97 -0.34
N LEU B 1008 -4.90 36.15 0.69
CA LEU B 1008 -4.63 36.53 2.06
C LEU B 1008 -3.23 36.15 2.52
N ASP B 1009 -2.40 35.61 1.62
CA ASP B 1009 -1.04 35.23 2.00
C ASP B 1009 -0.18 36.46 2.29
N SER B 1010 -0.49 37.60 1.66
CA SER B 1010 0.29 38.81 1.86
C SER B 1010 0.05 39.45 3.21
N LEU B 1011 -0.96 39.01 3.96
CA LEU B 1011 -1.25 39.60 5.26
C LEU B 1011 -0.18 39.31 6.30
N MET B 1012 0.53 38.18 6.16
CA MET B 1012 1.60 37.85 7.11
C MET B 1012 2.73 38.87 7.05
N SER B 1013 3.13 39.28 5.84
CA SER B 1013 4.17 40.29 5.70
C SER B 1013 3.69 41.65 6.19
N THR B 1014 2.44 42.00 5.90
CA THR B 1014 1.90 43.29 6.33
C THR B 1014 1.83 43.39 7.84
N THR B 1015 1.43 42.30 8.51
CA THR B 1015 1.30 42.32 9.96
C THR B 1015 2.63 42.54 10.64
N TYR B 1016 3.70 41.90 10.14
CA TYR B 1016 5.00 42.02 10.78
C TYR B 1016 5.53 43.44 10.72
N PHE B 1017 5.39 44.11 9.58
CA PHE B 1017 5.91 45.46 9.43
C PHE B 1017 5.14 46.47 10.26
N ASN B 1018 3.86 46.21 10.53
CA ASN B 1018 3.07 47.10 11.36
C ASN B 1018 1.92 46.31 11.96
N GLN B 1019 1.88 46.21 13.29
CA GLN B 1019 0.79 45.50 13.95
C GLN B 1019 -0.53 46.24 13.79
N ASN B 1020 -0.51 47.57 13.77
CA ASN B 1020 -1.73 48.34 13.63
C ASN B 1020 -2.43 48.12 12.30
N ALA B 1021 -1.70 47.68 11.27
CA ALA B 1021 -2.32 47.41 9.98
C ALA B 1021 -3.34 46.29 10.08
N LEU B 1022 -2.98 45.22 10.80
CA LEU B 1022 -3.92 44.11 10.98
C LEU B 1022 -5.11 44.52 11.83
N THR B 1023 -4.90 45.39 12.82
CA THR B 1023 -6.00 45.84 13.66
C THR B 1023 -7.04 46.61 12.85
N LEU B 1024 -6.58 47.43 11.90
CA LEU B 1024 -7.50 48.15 11.03
C LEU B 1024 -8.31 47.19 10.17
N ILE B 1025 -7.67 46.13 9.67
CA ILE B 1025 -8.37 45.17 8.82
C ILE B 1025 -9.48 44.48 9.59
N ARG B 1026 -9.18 44.02 10.82
CA ARG B 1026 -10.17 43.29 11.60
C ARG B 1026 -11.36 44.18 11.97
N SER B 1027 -11.09 45.44 12.35
CA SER B 1027 -12.17 46.33 12.72
C SER B 1027 -13.01 46.72 11.51
N LEU B 1028 -12.42 46.75 10.32
CA LEU B 1028 -13.15 47.18 9.12
C LEU B 1028 -14.07 46.09 8.58
N ILE B 1029 -13.73 44.81 8.76
CA ILE B 1029 -14.49 43.73 8.15
C ILE B 1029 -15.35 42.96 9.15
N THR B 1030 -15.00 42.95 10.43
CA THR B 1030 -15.76 42.21 11.44
C THR B 1030 -16.80 43.08 12.15
N GLY B 1031 -16.95 44.34 11.75
CA GLY B 1031 -17.89 45.22 12.40
C GLY B 1031 -17.46 45.72 13.75
N GLY B 1032 -16.20 45.50 14.14
CA GLY B 1032 -15.72 45.91 15.44
C GLY B 1032 -15.62 44.76 16.42
N ALA B 1033 -14.40 44.25 16.62
CA ALA B 1033 -14.13 43.14 17.50
C ALA B 1033 -13.15 43.61 18.58
N THR B 1034 -13.70 44.07 19.70
CA THR B 1034 -12.88 44.54 20.80
C THR B 1034 -12.11 43.37 21.43
N PRO B 1035 -10.94 43.64 22.00
CA PRO B 1035 -10.11 42.53 22.53
C PRO B 1035 -10.81 41.67 23.57
N GLU B 1036 -11.56 42.26 24.49
CA GLU B 1036 -12.20 41.45 25.53
C GLU B 1036 -13.38 40.65 25.01
N LEU B 1037 -13.88 40.97 23.82
CA LEU B 1037 -14.86 40.09 23.18
C LEU B 1037 -14.24 38.74 22.85
N GLU B 1038 -12.98 38.73 22.42
CA GLU B 1038 -12.29 37.47 22.17
C GLU B 1038 -12.13 36.66 23.44
N LEU B 1039 -11.79 37.31 24.55
CA LEU B 1039 -11.66 36.61 25.82
C LEU B 1039 -12.99 36.01 26.27
N ILE B 1040 -14.09 36.76 26.09
CA ILE B 1040 -15.40 36.25 26.44
C ILE B 1040 -15.76 35.05 25.58
N LEU B 1041 -15.50 35.15 24.27
CA LEU B 1041 -15.78 34.04 23.37
C LEU B 1041 -14.90 32.83 23.66
N ALA B 1042 -13.65 33.06 24.06
CA ALA B 1042 -12.74 31.97 24.37
C ALA B 1042 -13.12 31.20 25.62
N GLU B 1043 -14.03 31.72 26.43
CA GLU B 1043 -14.46 31.02 27.64
C GLU B 1043 -15.17 29.71 27.28
N GLY B 1044 -15.99 29.74 26.23
CA GLY B 1044 -16.72 28.57 25.79
C GLY B 1044 -18.22 28.63 26.01
N ALA B 1045 -18.74 29.74 26.53
CA ALA B 1045 -20.17 29.90 26.77
C ALA B 1045 -20.89 30.60 25.62
N GLY B 1046 -20.18 30.90 24.54
CA GLY B 1046 -20.79 31.60 23.42
C GLY B 1046 -20.93 33.09 23.67
N LEU B 1047 -21.68 33.73 22.79
CA LEU B 1047 -21.92 35.16 22.91
C LEU B 1047 -22.74 35.44 24.17
N ARG B 1048 -22.32 36.47 24.91
CA ARG B 1048 -22.96 36.85 26.16
C ARG B 1048 -23.53 38.24 26.03
N GLY B 1049 -24.81 38.40 26.39
CA GLY B 1049 -25.47 39.68 26.33
C GLY B 1049 -25.14 40.56 27.52
N GLY B 1050 -25.66 41.79 27.46
CA GLY B 1050 -25.45 42.74 28.54
C GLY B 1050 -26.47 43.85 28.49
N TYR B 1051 -26.63 44.52 29.62
CA TYR B 1051 -27.58 45.61 29.74
C TYR B 1051 -26.96 46.90 29.21
N SER B 1052 -27.66 47.56 28.29
CA SER B 1052 -27.12 48.77 27.67
C SER B 1052 -27.16 49.93 28.65
N THR B 1053 -26.04 50.65 28.73
CA THR B 1053 -25.91 51.84 29.57
C THR B 1053 -25.64 53.05 28.68
N VAL B 1054 -25.45 54.21 29.32
CA VAL B 1054 -25.18 55.42 28.56
C VAL B 1054 -23.80 55.35 27.91
N GLU B 1055 -22.82 54.74 28.59
CA GLU B 1055 -21.49 54.56 28.00
C GLU B 1055 -21.48 53.41 27.00
N SER B 1056 -22.23 52.35 27.28
CA SER B 1056 -22.26 51.20 26.37
C SER B 1056 -22.87 51.57 25.03
N LEU B 1057 -23.93 52.37 25.04
CA LEU B 1057 -24.58 52.78 23.80
C LEU B 1057 -23.74 53.73 22.98
N SER B 1058 -22.69 54.33 23.56
CA SER B 1058 -21.83 55.23 22.80
C SER B 1058 -20.99 54.49 21.77
N ASN B 1059 -20.78 53.18 21.94
CA ASN B 1059 -20.00 52.42 20.98
C ASN B 1059 -20.72 52.22 19.66
N ARG B 1060 -22.03 52.48 19.61
CA ARG B 1060 -22.78 52.34 18.37
C ARG B 1060 -22.41 53.40 17.34
N ASP B 1061 -21.77 54.48 17.76
CA ASP B 1061 -21.42 55.58 16.86
C ASP B 1061 -20.05 55.34 16.27
N ARG B 1062 -20.01 54.70 15.10
CA ARG B 1062 -18.78 54.49 14.36
C ARG B 1062 -19.12 54.32 12.90
N CYS B 1063 -18.11 54.51 12.05
CA CYS B 1063 -18.32 54.43 10.61
C CYS B 1063 -18.56 52.99 10.16
N ARG B 1064 -19.31 52.84 9.08
CA ARG B 1064 -19.64 51.53 8.52
C ARG B 1064 -19.39 51.55 7.02
N VAL B 1065 -19.18 50.36 6.47
CA VAL B 1065 -18.92 50.20 5.04
C VAL B 1065 -20.25 50.15 4.30
N GLY B 1066 -20.41 51.04 3.32
CA GLY B 1066 -21.63 51.10 2.54
C GLY B 1066 -21.36 51.53 1.12
N GLN B 1067 -22.40 51.44 0.30
CA GLN B 1067 -22.33 51.79 -1.12
C GLN B 1067 -23.50 52.71 -1.47
N ILE B 1068 -23.22 53.74 -2.26
CA ILE B 1068 -24.23 54.69 -2.70
C ILE B 1068 -24.26 54.70 -4.22
N SER B 1069 -25.32 55.28 -4.77
CA SER B 1069 -25.50 55.43 -6.20
C SER B 1069 -25.74 56.89 -6.55
N LEU B 1070 -25.18 57.34 -7.67
CA LEU B 1070 -25.33 58.71 -8.13
C LEU B 1070 -26.49 58.90 -9.09
N TYR B 1071 -27.42 57.93 -9.14
CA TYR B 1071 -28.52 58.01 -10.10
C TYR B 1071 -29.52 59.09 -9.73
N ASP B 1072 -30.11 58.97 -8.54
CA ASP B 1072 -31.12 59.91 -8.07
C ASP B 1072 -30.88 60.31 -6.62
N GLY B 1073 -30.43 61.55 -6.39
CA GLY B 1073 -30.22 62.03 -5.05
C GLY B 1073 -29.60 63.42 -5.02
N PRO B 1074 -29.27 63.89 -3.81
CA PRO B 1074 -28.61 65.21 -3.69
C PRO B 1074 -27.21 65.26 -4.26
N LEU B 1075 -26.57 64.11 -4.50
CA LEU B 1075 -25.25 64.05 -5.08
C LEU B 1075 -25.28 63.69 -6.56
N ALA B 1076 -26.45 63.69 -7.19
CA ALA B 1076 -26.59 63.28 -8.58
C ALA B 1076 -26.00 64.27 -9.57
N GLN B 1077 -25.73 65.52 -9.15
CA GLN B 1077 -25.19 66.50 -10.07
C GLN B 1077 -23.78 66.15 -10.54
N PHE B 1078 -23.03 65.38 -9.76
CA PHE B 1078 -21.70 64.97 -10.17
C PHE B 1078 -21.70 63.73 -11.06
N GLY B 1079 -22.84 63.05 -11.18
CA GLY B 1079 -22.89 61.86 -12.01
C GLY B 1079 -22.74 62.15 -13.49
N GLU B 1080 -23.34 63.25 -13.95
CA GLU B 1080 -23.33 63.57 -15.38
C GLU B 1080 -21.90 63.81 -15.87
N CYS B 1081 -21.25 64.85 -15.36
CA CYS B 1081 -19.90 65.18 -15.78
C CYS B 1081 -19.00 65.62 -14.64
N GLY B 1082 -19.46 65.57 -13.39
CA GLY B 1082 -18.63 66.02 -12.29
C GLY B 1082 -17.43 65.12 -12.07
N LYS B 1083 -16.34 65.74 -11.63
CA LYS B 1083 -15.11 65.01 -11.36
C LYS B 1083 -15.23 64.24 -10.05
N TYR B 1084 -14.37 63.23 -9.90
CA TYR B 1084 -14.36 62.43 -8.67
C TYR B 1084 -13.94 63.29 -7.48
N GLY B 1085 -12.98 64.19 -7.67
CA GLY B 1085 -12.55 65.05 -6.58
C GLY B 1085 -13.67 65.93 -6.06
N ASP B 1086 -14.51 66.45 -6.95
CA ASP B 1086 -15.64 67.27 -6.53
C ASP B 1086 -16.63 66.46 -5.70
N LEU B 1087 -16.90 65.22 -6.11
CA LEU B 1087 -17.80 64.36 -5.36
C LEU B 1087 -17.23 64.03 -3.98
N PHE B 1088 -15.92 63.76 -3.91
CA PHE B 1088 -15.29 63.44 -2.63
C PHE B 1088 -15.36 64.63 -1.69
N VAL B 1089 -15.12 65.84 -2.20
CA VAL B 1089 -15.14 67.03 -1.35
C VAL B 1089 -16.55 67.33 -0.87
N ALA B 1090 -17.52 67.29 -1.78
CA ALA B 1090 -18.90 67.64 -1.43
C ALA B 1090 -19.49 66.65 -0.43
N ALA B 1091 -19.26 65.35 -0.64
CA ALA B 1091 -19.83 64.35 0.25
C ALA B 1091 -19.26 64.45 1.66
N LEU B 1092 -17.96 64.71 1.76
CA LEU B 1092 -17.31 64.78 3.08
C LEU B 1092 -17.82 65.97 3.89
N LYS B 1093 -17.93 67.14 3.26
CA LYS B 1093 -18.34 68.34 3.99
C LYS B 1093 -19.78 68.25 4.47
N SER B 1094 -20.68 67.75 3.62
CA SER B 1094 -22.10 67.77 3.92
C SER B 1094 -22.54 66.59 4.77
N TYR B 1095 -22.07 65.38 4.44
CA TYR B 1095 -22.57 64.17 5.08
C TYR B 1095 -21.53 63.44 5.91
N GLY B 1096 -20.25 63.78 5.78
CA GLY B 1096 -19.20 63.06 6.45
C GLY B 1096 -18.78 61.78 5.75
N MET B 1097 -19.39 61.46 4.61
CA MET B 1097 -19.02 60.27 3.87
C MET B 1097 -17.62 60.40 3.28
N LEU B 1098 -16.87 59.31 3.31
CA LEU B 1098 -15.51 59.27 2.75
C LEU B 1098 -15.51 58.31 1.57
N CYS B 1099 -15.35 58.85 0.37
CA CYS B 1099 -15.35 58.02 -0.83
C CYS B 1099 -14.05 57.23 -0.92
N ILE B 1100 -14.16 55.93 -1.17
CA ILE B 1100 -13.01 55.04 -1.26
C ILE B 1100 -12.72 54.64 -2.69
N GLY B 1101 -13.76 54.35 -3.47
CA GLY B 1101 -13.57 53.92 -4.84
C GLY B 1101 -14.85 53.97 -5.63
N LEU B 1102 -14.80 53.37 -6.82
CA LEU B 1102 -15.94 53.37 -7.73
C LEU B 1102 -16.30 51.94 -8.11
N TYR B 1103 -17.56 51.74 -8.47
CA TYR B 1103 -18.10 50.44 -8.89
C TYR B 1103 -18.83 50.69 -10.20
N ARG B 1104 -18.09 50.59 -11.31
CA ARG B 1104 -18.55 51.04 -12.61
C ARG B 1104 -18.78 49.87 -13.56
N PHE B 1105 -19.76 50.01 -14.44
CA PHE B 1105 -20.05 49.00 -15.45
C PHE B 1105 -18.83 48.77 -16.33
N ARG B 1106 -18.59 47.50 -16.69
CA ARG B 1106 -17.48 47.17 -17.56
C ARG B 1106 -17.63 47.80 -18.94
N ASP B 1107 -18.83 47.75 -19.50
CA ASP B 1107 -19.12 48.30 -20.82
C ASP B 1107 -20.10 49.45 -20.71
N THR B 1108 -19.78 50.57 -21.36
CA THR B 1108 -20.62 51.76 -21.34
C THR B 1108 -21.62 51.79 -22.49
N SER B 1109 -21.63 50.78 -23.35
CA SER B 1109 -22.54 50.69 -24.49
C SER B 1109 -22.45 51.92 -25.38
N ALA B 1114 -25.43 44.33 -23.73
CA ALA B 1114 -24.69 44.87 -22.60
C ALA B 1114 -24.97 44.07 -21.33
N SER B 1115 -23.90 43.66 -20.65
CA SER B 1115 -24.00 42.88 -19.43
C SER B 1115 -23.94 43.80 -18.21
N SER B 1116 -24.60 43.38 -17.14
CA SER B 1116 -24.62 44.14 -15.89
C SER B 1116 -23.47 43.73 -14.96
N LYS B 1117 -22.25 43.77 -15.50
CA LYS B 1117 -21.06 43.43 -14.74
C LYS B 1117 -20.30 44.70 -14.40
N ARG B 1118 -20.01 44.89 -13.11
CA ARG B 1118 -19.33 46.08 -12.61
C ARG B 1118 -18.00 45.69 -12.00
N TYR B 1119 -16.94 46.38 -12.40
CA TYR B 1119 -15.61 46.18 -11.85
C TYR B 1119 -15.30 47.26 -10.82
N VAL B 1120 -14.25 47.02 -10.05
CA VAL B 1120 -13.90 47.87 -8.91
C VAL B 1120 -12.70 48.73 -9.26
N ILE B 1121 -12.85 50.04 -9.07
CA ILE B 1121 -11.76 51.00 -9.19
C ILE B 1121 -11.47 51.55 -7.80
N THR B 1122 -10.25 51.36 -7.33
CA THR B 1122 -9.86 51.77 -5.98
C THR B 1122 -9.17 53.13 -6.05
N ASN B 1123 -9.77 54.12 -5.39
CA ASN B 1123 -9.23 55.47 -5.28
C ASN B 1123 -8.88 56.07 -6.64
N PRO B 1124 -9.87 56.43 -7.44
CA PRO B 1124 -9.58 57.08 -8.73
C PRO B 1124 -9.00 58.47 -8.51
N PRO B 1125 -8.25 58.99 -9.48
CA PRO B 1125 -7.70 60.35 -9.33
C PRO B 1125 -8.80 61.40 -9.27
N ASP B 1126 -8.44 62.55 -8.71
CA ASP B 1126 -9.41 63.64 -8.56
C ASP B 1126 -9.91 64.16 -9.90
N ASP B 1127 -9.18 63.91 -10.98
CA ASP B 1127 -9.60 64.33 -12.32
C ASP B 1127 -10.41 63.26 -13.05
N PHE B 1128 -10.75 62.17 -12.38
CA PHE B 1128 -11.51 61.10 -13.02
C PHE B 1128 -12.91 61.60 -13.38
N SER B 1129 -13.41 61.08 -14.50
CA SER B 1129 -14.73 61.45 -15.00
C SER B 1129 -15.76 60.43 -14.52
N LEU B 1130 -16.84 60.94 -13.93
CA LEU B 1130 -17.89 60.08 -13.37
C LEU B 1130 -18.95 59.79 -14.41
N LEU B 1131 -19.80 58.82 -14.10
CA LEU B 1131 -20.91 58.41 -14.95
C LEU B 1131 -22.19 58.35 -14.12
N PRO B 1132 -23.35 58.58 -14.74
CA PRO B 1132 -24.61 58.51 -13.99
C PRO B 1132 -24.92 57.14 -13.42
N THR B 1133 -24.36 56.08 -14.01
CA THR B 1133 -24.57 54.72 -13.53
C THR B 1133 -23.40 54.20 -12.70
N ASP B 1134 -22.77 55.08 -11.93
CA ASP B 1134 -21.60 54.71 -11.12
C ASP B 1134 -21.98 54.62 -9.65
N GLN B 1135 -21.42 53.61 -8.97
CA GLN B 1135 -21.62 53.42 -7.55
C GLN B 1135 -20.30 53.66 -6.81
N VAL B 1136 -20.38 54.30 -5.66
CA VAL B 1136 -19.21 54.76 -4.92
C VAL B 1136 -19.14 54.04 -3.58
N PHE B 1137 -17.96 53.49 -3.28
CA PHE B 1137 -17.71 52.91 -1.97
C PHE B 1137 -17.44 54.03 -0.97
N VAL B 1138 -18.27 54.13 0.07
CA VAL B 1138 -18.18 55.21 1.04
C VAL B 1138 -18.27 54.64 2.45
N LEU B 1139 -17.79 55.43 3.40
CA LEU B 1139 -17.81 55.09 4.82
C LEU B 1139 -18.76 56.07 5.50
N MET B 1140 -20.00 55.62 5.75
CA MET B 1140 -21.02 56.46 6.35
C MET B 1140 -20.99 56.41 7.86
N GLN B 1141 -21.27 57.54 8.49
CA GLN B 1141 -21.35 57.65 9.94
C GLN B 1141 -22.65 57.03 10.46
N PHE B 1142 -22.72 56.85 11.78
CA PHE B 1142 -23.90 56.29 12.42
C PHE B 1142 -24.88 57.42 12.73
N ASP B 1143 -26.08 57.31 12.17
CA ASP B 1143 -27.11 58.33 12.38
C ASP B 1143 -28.14 57.81 13.36
N PRO B 1144 -28.22 58.35 14.57
CA PRO B 1144 -29.23 57.88 15.53
C PRO B 1144 -30.64 58.19 15.04
N GLY B 1145 -31.57 57.31 15.39
CA GLY B 1145 -32.96 57.47 15.00
C GLY B 1145 -33.33 56.69 13.76
N LEU C 44 44.87 -39.80 -41.52
CA LEU C 44 44.99 -38.48 -40.90
C LEU C 44 44.88 -37.38 -41.95
N LYS C 45 45.53 -37.59 -43.10
CA LYS C 45 45.44 -36.62 -44.18
C LYS C 45 44.01 -36.49 -44.70
N VAL C 46 43.33 -37.62 -44.85
CA VAL C 46 41.91 -37.60 -45.20
C VAL C 46 41.08 -37.52 -43.93
N ARG C 47 40.03 -36.71 -43.96
CA ARG C 47 39.19 -36.45 -42.80
C ARG C 47 37.84 -37.14 -42.99
N LYS C 48 37.46 -37.97 -42.02
CA LYS C 48 36.19 -38.67 -42.03
C LYS C 48 35.23 -38.13 -40.98
N TYR C 49 35.39 -36.85 -40.62
CA TYR C 49 34.49 -36.23 -39.64
C TYR C 49 33.07 -36.15 -40.17
N TRP C 50 32.91 -36.07 -41.49
CA TRP C 50 31.57 -36.02 -42.07
C TRP C 50 30.82 -37.33 -41.88
N CYS C 51 31.55 -38.45 -41.81
CA CYS C 51 30.90 -39.74 -41.58
C CYS C 51 30.23 -39.76 -40.20
N PHE C 52 30.91 -39.25 -39.18
CA PHE C 52 30.30 -39.15 -37.86
C PHE C 52 29.08 -38.23 -37.87
N LEU C 53 29.19 -37.09 -38.56
CA LEU C 53 28.07 -36.16 -38.66
C LEU C 53 26.92 -36.77 -39.46
N LEU C 54 27.23 -37.49 -40.53
CA LEU C 54 26.19 -38.06 -41.37
C LEU C 54 25.34 -39.08 -40.61
N SER C 55 25.98 -39.90 -39.78
CA SER C 55 25.24 -40.88 -38.99
C SER C 55 24.31 -40.21 -38.00
N SER C 56 24.77 -39.14 -37.36
CA SER C 56 23.94 -38.42 -36.39
C SER C 56 22.72 -37.79 -37.07
N ILE C 57 22.93 -37.17 -38.23
CA ILE C 57 21.82 -36.55 -38.95
C ILE C 57 20.85 -37.61 -39.46
N PHE C 58 21.38 -38.72 -39.99
CA PHE C 58 20.52 -39.79 -40.48
C PHE C 58 19.68 -40.40 -39.36
N THR C 59 20.29 -40.60 -38.19
CA THR C 59 19.56 -41.18 -37.07
C THR C 59 18.39 -40.29 -36.66
N PHE C 60 18.60 -38.98 -36.60
CA PHE C 60 17.51 -38.06 -36.29
C PHE C 60 16.43 -38.09 -37.37
N LEU C 61 16.85 -38.09 -38.64
CA LEU C 61 15.89 -38.09 -39.73
C LEU C 61 15.15 -39.42 -39.84
N ALA C 62 15.89 -40.53 -39.76
CA ALA C 62 15.25 -41.84 -39.83
C ALA C 62 14.30 -42.06 -38.66
N GLY C 63 14.72 -41.69 -37.45
CA GLY C 63 13.86 -41.84 -36.29
C GLY C 63 12.60 -40.99 -36.40
N LEU C 64 12.74 -39.75 -36.87
CA LEU C 64 11.58 -38.91 -37.07
C LEU C 64 10.65 -39.48 -38.13
N LEU C 65 11.23 -40.04 -39.20
CA LEU C 65 10.41 -40.64 -40.26
C LEU C 65 9.65 -41.86 -39.73
N VAL C 66 10.31 -42.71 -38.95
CA VAL C 66 9.66 -43.91 -38.44
C VAL C 66 8.48 -43.56 -37.55
N VAL C 67 8.64 -42.57 -36.69
CA VAL C 67 7.52 -42.10 -35.88
C VAL C 67 6.41 -41.58 -36.77
N LEU C 68 6.77 -40.79 -37.80
CA LEU C 68 5.79 -40.33 -38.77
C LEU C 68 5.27 -41.47 -39.64
N LEU C 69 6.04 -42.55 -39.80
CA LEU C 69 5.61 -43.69 -40.60
C LEU C 69 4.83 -44.71 -39.80
N TRP C 70 5.06 -44.78 -38.48
CA TRP C 70 4.30 -45.73 -37.66
C TRP C 70 2.82 -45.39 -37.65
N ARG C 71 2.49 -44.09 -37.56
CA ARG C 71 1.08 -43.69 -37.65
C ARG C 71 0.53 -43.95 -39.04
N ALA C 72 1.37 -43.85 -40.07
CA ALA C 72 0.96 -44.27 -41.41
C ALA C 72 0.69 -45.76 -41.45
N PHE C 73 1.53 -46.56 -40.79
CA PHE C 73 1.25 -47.99 -40.67
C PHE C 73 0.12 -48.26 -39.69
N ALA C 74 -0.09 -47.38 -38.72
CA ALA C 74 -1.21 -47.53 -37.81
C ALA C 74 -2.55 -47.30 -38.51
N PHE C 75 -2.55 -46.61 -39.65
CA PHE C 75 -3.79 -46.40 -40.39
C PHE C 75 -4.34 -47.72 -40.94
N VAL C 76 -3.48 -48.50 -41.60
CA VAL C 76 -3.93 -49.80 -42.11
C VAL C 76 -4.12 -50.79 -40.98
N CYS C 77 -3.33 -50.70 -39.93
CA CYS C 77 -3.45 -51.59 -38.79
C CYS C 77 -4.57 -51.15 -37.85
N THR C 106 -3.84 -53.48 -24.37
CA THR C 106 -2.84 -54.13 -25.22
C THR C 106 -1.45 -54.00 -24.61
N PHE C 107 -0.42 -54.23 -25.44
CA PHE C 107 0.95 -54.11 -24.96
C PHE C 107 1.28 -52.68 -24.57
N MET C 108 0.82 -51.71 -25.35
CA MET C 108 1.11 -50.30 -25.04
C MET C 108 0.45 -49.85 -23.75
N THR C 109 -0.71 -50.41 -23.42
CA THR C 109 -1.39 -50.01 -22.18
C THR C 109 -0.57 -50.37 -20.95
N GLU C 110 0.04 -51.55 -20.94
CA GLU C 110 0.81 -51.99 -19.78
C GLU C 110 2.24 -51.47 -19.83
N ALA C 111 2.87 -51.49 -21.01
CA ALA C 111 4.27 -51.09 -21.11
C ALA C 111 4.45 -49.61 -20.78
N LYS C 112 3.57 -48.75 -21.29
CA LYS C 112 3.69 -47.32 -21.03
C LYS C 112 3.54 -47.00 -19.55
N ASP C 113 2.56 -47.63 -18.89
CA ASP C 113 2.39 -47.43 -17.45
C ASP C 113 3.57 -47.99 -16.67
N TRP C 114 4.07 -49.16 -17.08
CA TRP C 114 5.21 -49.76 -16.39
C TRP C 114 6.47 -48.91 -16.59
N ALA C 115 6.68 -48.40 -17.80
CA ALA C 115 7.88 -47.61 -18.06
C ALA C 115 7.83 -46.25 -17.36
N GLY C 116 6.63 -45.71 -17.15
CA GLY C 116 6.52 -44.43 -16.46
C GLY C 116 6.98 -44.50 -15.02
N GLU C 117 6.70 -45.63 -14.34
CA GLU C 117 7.15 -45.79 -12.97
C GLU C 117 8.66 -45.96 -12.89
N LEU C 118 9.27 -46.59 -13.90
CA LEU C 118 10.71 -46.82 -13.88
C LEU C 118 11.49 -45.53 -14.00
N ILE C 119 11.09 -44.64 -14.91
CA ILE C 119 11.85 -43.42 -15.13
C ILE C 119 11.75 -42.48 -13.94
N SER C 120 10.60 -42.45 -13.27
CA SER C 120 10.42 -41.59 -12.10
C SER C 120 10.79 -42.27 -10.79
N GLY C 121 11.13 -43.56 -10.83
CA GLY C 121 11.57 -44.28 -9.66
C GLY C 121 10.52 -44.46 -8.59
N GLN C 122 9.29 -44.79 -8.99
CA GLN C 122 8.23 -45.03 -8.02
C GLN C 122 8.40 -46.37 -7.31
N THR C 123 8.74 -47.42 -8.04
CA THR C 123 8.88 -48.75 -7.47
C THR C 123 10.28 -48.94 -6.89
N THR C 124 10.47 -50.09 -6.24
CA THR C 124 11.78 -50.39 -5.65
C THR C 124 12.85 -50.53 -6.71
N THR C 125 12.51 -51.13 -7.85
CA THR C 125 13.45 -51.22 -8.97
C THR C 125 13.53 -49.93 -9.76
N GLY C 126 12.56 -49.03 -9.60
CA GLY C 126 12.60 -47.77 -10.32
C GLY C 126 13.73 -46.87 -9.86
N ARG C 127 13.84 -46.65 -8.54
CA ARG C 127 14.90 -45.79 -8.05
C ARG C 127 16.27 -46.43 -8.19
N ILE C 128 16.34 -47.75 -8.34
CA ILE C 128 17.60 -48.40 -8.69
C ILE C 128 18.07 -47.90 -10.05
N LEU C 129 17.16 -47.82 -11.02
CA LEU C 129 17.50 -47.25 -12.31
C LEU C 129 17.81 -45.76 -12.20
N VAL C 130 17.03 -45.03 -11.41
CA VAL C 130 17.19 -43.58 -11.30
C VAL C 130 18.54 -43.24 -10.67
N VAL C 131 18.91 -43.94 -9.59
CA VAL C 131 20.20 -43.67 -8.96
C VAL C 131 21.35 -44.08 -9.88
N LEU C 132 21.21 -45.24 -10.54
CA LEU C 132 22.31 -45.76 -11.34
C LEU C 132 22.60 -44.88 -12.56
N VAL C 133 21.55 -44.38 -13.22
CA VAL C 133 21.77 -43.48 -14.35
C VAL C 133 22.35 -42.16 -13.87
N PHE C 134 22.03 -41.76 -12.63
CA PHE C 134 22.64 -40.56 -12.06
C PHE C 134 24.15 -40.74 -11.89
N ILE C 135 24.58 -41.93 -11.47
CA ILE C 135 26.01 -42.19 -11.29
C ILE C 135 26.72 -42.22 -12.63
N LEU C 136 26.15 -42.90 -13.62
CA LEU C 136 26.80 -43.02 -14.91
C LEU C 136 26.80 -41.70 -15.68
N SER C 137 25.83 -40.82 -15.39
CA SER C 137 25.85 -39.50 -16.01
C SER C 137 27.08 -38.71 -15.60
N ILE C 138 27.44 -38.76 -14.31
CA ILE C 138 28.66 -38.12 -13.85
C ILE C 138 29.88 -38.83 -14.42
N ALA C 139 29.85 -40.16 -14.45
CA ALA C 139 31.00 -40.92 -14.94
C ALA C 139 31.23 -40.67 -16.43
N SER C 140 30.15 -40.55 -17.21
CA SER C 140 30.30 -40.30 -18.64
C SER C 140 31.00 -38.98 -18.90
N LEU C 141 30.67 -37.94 -18.13
CA LEU C 141 31.33 -36.65 -18.28
C LEU C 141 32.81 -36.75 -17.94
N ILE C 142 33.16 -37.55 -16.93
CA ILE C 142 34.56 -37.71 -16.55
C ILE C 142 35.35 -38.35 -17.68
N ILE C 143 34.75 -39.33 -18.38
CA ILE C 143 35.41 -39.97 -19.50
C ILE C 143 35.72 -38.95 -20.59
N TYR C 144 34.81 -38.01 -20.81
CA TYR C 144 35.06 -36.96 -21.80
C TYR C 144 36.20 -36.04 -21.38
N PHE C 145 36.36 -35.81 -20.07
CA PHE C 145 37.42 -34.93 -19.60
C PHE C 145 38.80 -35.47 -19.94
N VAL C 146 39.01 -36.77 -19.74
CA VAL C 146 40.29 -37.37 -20.09
C VAL C 146 40.40 -37.60 -21.59
N ASP C 147 39.27 -37.65 -22.31
CA ASP C 147 39.31 -37.80 -23.76
C ASP C 147 39.68 -36.50 -24.46
N ALA C 148 39.32 -35.36 -23.88
CA ALA C 148 39.63 -34.07 -24.46
C ALA C 148 41.08 -33.64 -24.23
N SER C 149 41.81 -34.35 -23.35
CA SER C 149 43.20 -34.01 -23.09
C SER C 149 44.12 -34.38 -24.24
N SER C 150 43.64 -35.16 -25.21
CA SER C 150 44.47 -35.53 -26.35
C SER C 150 44.79 -34.32 -27.21
N GLU C 151 46.04 -34.24 -27.65
CA GLU C 151 46.47 -33.11 -28.47
C GLU C 151 45.74 -33.07 -29.81
N GLU C 152 45.59 -34.22 -30.45
CA GLU C 152 44.96 -34.30 -31.76
C GLU C 152 43.46 -34.52 -31.62
N VAL C 153 42.71 -33.94 -32.56
CA VAL C 153 41.26 -34.15 -32.60
C VAL C 153 40.88 -35.43 -33.35
N GLU C 154 41.77 -35.97 -34.16
CA GLU C 154 41.54 -37.20 -34.89
C GLU C 154 42.59 -38.23 -34.51
N ARG C 155 42.15 -39.44 -34.20
CA ARG C 155 43.04 -40.53 -33.83
C ARG C 155 42.68 -41.78 -34.63
N CYS C 156 43.70 -42.58 -34.92
CA CYS C 156 43.55 -43.82 -35.68
C CYS C 156 44.12 -44.96 -34.83
N GLN C 157 43.26 -45.55 -34.00
CA GLN C 157 43.65 -46.64 -33.12
C GLN C 157 42.56 -47.70 -33.12
N LYS C 158 42.97 -48.95 -32.94
CA LYS C 158 42.02 -50.04 -32.88
C LYS C 158 41.24 -50.01 -31.56
N TRP C 159 40.07 -50.63 -31.58
CA TRP C 159 39.19 -50.59 -30.41
C TRP C 159 39.80 -51.32 -29.22
N SER C 160 40.45 -52.46 -29.46
CA SER C 160 40.99 -53.26 -28.37
C SER C 160 42.20 -52.61 -27.70
N ASN C 161 42.91 -51.72 -28.40
CA ASN C 161 44.13 -51.15 -27.84
C ASN C 161 43.84 -50.25 -26.64
N ASN C 162 42.79 -49.43 -26.72
CA ASN C 162 42.48 -48.47 -25.68
C ASN C 162 41.28 -48.94 -24.88
N ILE C 163 41.40 -48.91 -23.54
CA ILE C 163 40.31 -49.35 -22.68
C ILE C 163 39.30 -48.24 -22.43
N THR C 164 39.66 -46.97 -22.69
CA THR C 164 38.71 -45.89 -22.51
C THR C 164 37.53 -46.02 -23.47
N GLN C 165 37.79 -46.45 -24.71
CA GLN C 165 36.71 -46.68 -25.66
C GLN C 165 35.78 -47.78 -25.18
N GLN C 166 36.33 -48.85 -24.60
CA GLN C 166 35.50 -49.94 -24.09
C GLN C 166 34.61 -49.47 -22.94
N ILE C 167 35.16 -48.66 -22.04
CA ILE C 167 34.37 -48.13 -20.94
C ILE C 167 33.27 -47.21 -21.46
N ASP C 168 33.59 -46.41 -22.48
CA ASP C 168 32.58 -45.54 -23.10
C ASP C 168 31.49 -46.39 -23.77
N LEU C 169 31.89 -47.49 -24.40
CA LEU C 169 30.93 -48.35 -25.08
C LEU C 169 29.96 -48.99 -24.09
N ALA C 170 30.45 -49.36 -22.91
CA ALA C 170 29.58 -49.98 -21.91
C ALA C 170 28.54 -48.99 -21.40
N PHE C 171 28.91 -47.70 -21.31
CA PHE C 171 27.98 -46.70 -20.82
C PHE C 171 26.91 -46.36 -21.85
N ASN C 172 27.23 -46.44 -23.13
CA ASN C 172 26.32 -45.99 -24.18
C ASN C 172 25.16 -46.97 -24.39
N ILE C 173 25.41 -48.28 -24.30
CA ILE C 173 24.35 -49.25 -24.47
C ILE C 173 23.33 -49.13 -23.34
N PHE C 174 23.79 -48.76 -22.14
CA PHE C 174 22.85 -48.43 -21.07
C PHE C 174 22.10 -47.14 -21.39
N PHE C 175 22.80 -46.14 -21.93
CA PHE C 175 22.14 -44.90 -22.32
C PHE C 175 21.24 -45.08 -23.54
N MET C 176 21.40 -46.18 -24.28
CA MET C 176 20.52 -46.47 -25.41
C MET C 176 19.24 -47.19 -24.97
N VAL C 177 19.35 -48.18 -24.09
CA VAL C 177 18.16 -48.84 -23.57
C VAL C 177 17.35 -47.89 -22.69
N TYR C 178 18.03 -47.00 -21.96
CA TYR C 178 17.32 -45.98 -21.19
C TYR C 178 16.55 -45.03 -22.10
N PHE C 179 17.11 -44.72 -23.26
CA PHE C 179 16.40 -43.92 -24.25
C PHE C 179 15.14 -44.64 -24.73
N PHE C 180 15.25 -45.96 -24.95
CA PHE C 180 14.08 -46.72 -25.39
C PHE C 180 13.02 -46.79 -24.30
N ILE C 181 13.43 -46.90 -23.04
CA ILE C 181 12.47 -46.95 -21.94
C ILE C 181 11.67 -45.65 -21.86
N ARG C 182 12.35 -44.52 -22.00
CA ARG C 182 11.66 -43.23 -21.99
C ARG C 182 10.73 -43.09 -23.19
N PHE C 183 11.11 -43.67 -24.33
CA PHE C 183 10.26 -43.62 -25.51
C PHE C 183 8.93 -44.34 -25.27
N ILE C 184 8.97 -45.49 -24.59
CA ILE C 184 7.75 -46.21 -24.28
C ILE C 184 6.89 -45.41 -23.31
N ALA C 185 7.51 -44.81 -22.28
CA ALA C 185 6.76 -44.05 -21.29
C ALA C 185 6.24 -42.72 -21.82
N ALA C 186 6.74 -42.26 -22.97
CA ALA C 186 6.30 -40.98 -23.50
C ALA C 186 4.88 -41.09 -24.06
N SER C 187 3.99 -40.23 -23.58
CA SER C 187 2.62 -40.22 -24.08
C SER C 187 2.56 -39.79 -25.54
N ASP C 188 3.34 -38.78 -25.90
CA ASP C 188 3.41 -38.28 -27.28
C ASP C 188 4.78 -38.63 -27.85
N LYS C 189 4.78 -39.24 -29.03
CA LYS C 189 6.02 -39.71 -29.66
C LYS C 189 6.71 -38.61 -30.48
N LEU C 190 5.93 -37.77 -31.17
CA LEU C 190 6.54 -36.74 -32.00
C LEU C 190 7.27 -35.71 -31.15
N TRP C 191 6.65 -35.24 -30.07
CA TRP C 191 7.29 -34.26 -29.21
C TRP C 191 8.43 -34.87 -28.39
N PHE C 192 8.38 -36.17 -28.13
CA PHE C 192 9.49 -36.84 -27.46
C PHE C 192 10.73 -36.86 -28.35
N MET C 193 10.55 -36.99 -29.66
CA MET C 193 11.70 -37.03 -30.57
C MET C 193 12.41 -35.68 -30.63
N LEU C 194 11.68 -34.59 -30.41
CA LEU C 194 12.24 -33.25 -30.47
C LEU C 194 12.74 -32.75 -29.12
N GLU C 195 12.70 -33.58 -28.09
CA GLU C 195 13.15 -33.15 -26.77
C GLU C 195 14.65 -32.84 -26.79
N MET C 196 15.05 -31.89 -25.94
CA MET C 196 16.45 -31.51 -25.85
C MET C 196 17.31 -32.68 -25.40
N TYR C 197 16.85 -33.42 -24.40
CA TYR C 197 17.63 -34.57 -23.92
C TYR C 197 17.69 -35.67 -24.98
N SER C 198 16.72 -35.69 -25.89
CA SER C 198 16.74 -36.68 -26.97
C SER C 198 17.83 -36.36 -27.98
N PHE C 199 18.03 -35.07 -28.28
CA PHE C 199 19.09 -34.69 -29.22
C PHE C 199 20.46 -35.04 -28.68
N VAL C 200 20.63 -35.04 -27.36
CA VAL C 200 21.90 -35.46 -26.77
C VAL C 200 22.20 -36.91 -27.14
N ASP C 201 21.16 -37.75 -27.17
CA ASP C 201 21.35 -39.15 -27.58
C ASP C 201 21.65 -39.27 -29.05
N TYR C 202 21.13 -38.34 -29.86
CA TYR C 202 21.28 -38.44 -31.32
C TYR C 202 22.73 -38.24 -31.75
N PHE C 203 23.45 -37.32 -31.11
CA PHE C 203 24.82 -37.01 -31.49
C PHE C 203 25.86 -37.66 -30.60
N THR C 204 25.48 -38.62 -29.77
CA THR C 204 26.41 -39.29 -28.87
C THR C 204 26.57 -40.78 -29.17
N ILE C 205 25.48 -41.53 -29.23
CA ILE C 205 25.53 -42.98 -29.40
C ILE C 205 25.76 -43.37 -30.85
N PRO C 206 25.05 -42.82 -31.83
CA PRO C 206 25.33 -43.18 -33.25
C PRO C 206 26.77 -42.89 -33.64
N PRO C 207 27.39 -41.79 -33.20
CA PRO C 207 28.83 -41.65 -33.43
C PRO C 207 29.68 -42.74 -32.79
N SER C 208 29.25 -43.27 -31.65
CA SER C 208 30.05 -44.28 -30.95
C SER C 208 30.18 -45.57 -31.77
N PHE C 209 29.09 -46.03 -32.37
CA PHE C 209 29.14 -47.22 -33.21
C PHE C 209 29.80 -46.97 -34.55
N VAL C 210 30.04 -45.71 -34.92
CA VAL C 210 30.88 -45.43 -36.09
C VAL C 210 32.34 -45.77 -35.78
N SER C 211 32.80 -45.42 -34.58
CA SER C 211 34.20 -45.66 -34.21
C SER C 211 34.53 -47.14 -34.18
N ILE C 212 33.62 -47.97 -33.69
CA ILE C 212 33.87 -49.40 -33.62
C ILE C 212 34.00 -49.98 -35.03
N TYR C 213 33.43 -49.32 -36.03
CA TYR C 213 33.48 -49.78 -37.41
C TYR C 213 34.48 -48.99 -38.27
N LEU C 214 34.46 -47.67 -38.17
CA LEU C 214 35.37 -46.85 -38.97
C LEU C 214 36.82 -46.94 -38.48
N ASP C 215 37.03 -47.49 -37.28
CA ASP C 215 38.37 -47.71 -36.72
C ASP C 215 39.13 -46.40 -36.55
N ARG C 216 38.42 -45.31 -36.27
CA ARG C 216 39.07 -44.04 -35.97
C ARG C 216 38.15 -43.24 -35.05
N THR C 217 38.75 -42.43 -34.19
CA THR C 217 38.02 -41.66 -33.20
C THR C 217 38.15 -40.17 -33.48
N TRP C 218 37.06 -39.44 -33.29
CA TRP C 218 37.02 -38.00 -33.46
C TRP C 218 36.35 -37.38 -32.24
N ILE C 219 36.85 -36.22 -31.82
CA ILE C 219 36.30 -35.54 -30.64
C ILE C 219 34.83 -35.20 -30.87
N GLY C 220 34.49 -34.79 -32.09
CA GLY C 220 33.12 -34.61 -32.54
C GLY C 220 32.30 -33.72 -31.62
N LEU C 221 31.07 -34.16 -31.36
CA LEU C 221 30.15 -33.47 -30.47
C LEU C 221 29.85 -34.26 -29.21
N ARG C 222 30.81 -35.05 -28.72
CA ARG C 222 30.59 -35.84 -27.51
C ARG C 222 30.54 -34.99 -26.25
N PHE C 223 30.87 -33.69 -26.35
CA PHE C 223 30.76 -32.79 -25.21
C PHE C 223 29.32 -32.56 -24.78
N LEU C 224 28.34 -32.98 -25.59
CA LEU C 224 26.94 -32.77 -25.28
C LEU C 224 26.47 -33.58 -24.08
N ARG C 225 27.27 -34.53 -23.60
CA ARG C 225 26.89 -35.26 -22.39
C ARG C 225 26.90 -34.37 -21.16
N ALA C 226 27.58 -33.23 -21.22
CA ALA C 226 27.50 -32.25 -20.14
C ALA C 226 26.11 -31.65 -20.01
N LEU C 227 25.31 -31.69 -21.07
CA LEU C 227 23.93 -31.23 -20.99
C LEU C 227 23.07 -32.12 -20.10
N ARG C 228 23.51 -33.34 -19.83
CA ARG C 228 22.80 -34.23 -18.93
C ARG C 228 22.86 -33.78 -17.48
N LEU C 229 23.72 -32.81 -17.15
CA LEU C 229 23.83 -32.32 -15.78
C LEU C 229 22.60 -31.53 -15.34
N MET C 230 21.81 -31.04 -16.29
CA MET C 230 20.58 -30.31 -15.94
C MET C 230 19.43 -31.23 -15.59
N THR C 231 19.59 -32.54 -15.75
CA THR C 231 18.63 -33.52 -15.25
C THR C 231 18.90 -33.91 -13.80
N VAL C 232 19.98 -33.39 -13.21
CA VAL C 232 20.30 -33.71 -11.81
C VAL C 232 19.20 -33.28 -10.85
N PRO C 233 18.65 -32.05 -10.93
CA PRO C 233 17.55 -31.71 -10.02
C PRO C 233 16.35 -32.62 -10.16
N ASP C 234 16.04 -33.06 -11.39
CA ASP C 234 14.92 -33.98 -11.58
C ASP C 234 15.19 -35.32 -10.90
N ILE C 235 16.43 -35.81 -10.98
CA ILE C 235 16.77 -37.07 -10.33
C ILE C 235 16.62 -36.95 -8.82
N LEU C 236 17.10 -35.85 -8.25
CA LEU C 236 17.00 -35.66 -6.80
C LEU C 236 15.56 -35.59 -6.33
N GLN C 237 14.71 -34.91 -7.11
CA GLN C 237 13.29 -34.83 -6.75
C GLN C 237 12.60 -36.19 -6.84
N TYR C 238 13.05 -37.04 -7.78
CA TYR C 238 12.47 -38.38 -7.89
C TYR C 238 12.76 -39.21 -6.65
N LEU C 239 13.94 -39.05 -6.07
CA LEU C 239 14.33 -39.78 -4.87
C LEU C 239 13.90 -39.09 -3.58
N ASN C 240 13.14 -38.00 -3.68
CA ASN C 240 12.65 -37.27 -2.51
C ASN C 240 13.79 -36.78 -1.64
N VAL C 241 14.87 -36.33 -2.28
CA VAL C 241 16.00 -35.75 -1.55
C VAL C 241 15.82 -34.26 -1.34
N LEU C 242 15.29 -33.55 -2.33
CA LEU C 242 15.03 -32.12 -2.23
C LEU C 242 13.54 -31.91 -2.00
N LYS C 243 13.21 -31.19 -0.93
CA LYS C 243 11.83 -30.90 -0.57
C LYS C 243 11.55 -29.40 -0.47
N THR C 244 12.46 -28.63 0.09
CA THR C 244 12.27 -27.19 0.24
C THR C 244 12.42 -26.50 -1.10
N SER C 245 11.61 -25.46 -1.31
CA SER C 245 11.65 -24.71 -2.57
C SER C 245 13.01 -24.09 -2.80
N SER C 246 13.62 -23.51 -1.75
CA SER C 246 14.93 -22.90 -1.90
C SER C 246 15.98 -23.93 -2.28
N SER C 247 15.93 -25.12 -1.67
CA SER C 247 16.87 -26.18 -2.03
C SER C 247 16.66 -26.63 -3.48
N ILE C 248 15.40 -26.77 -3.90
CA ILE C 248 15.12 -27.14 -5.28
C ILE C 248 15.59 -26.05 -6.24
N ARG C 249 15.31 -24.79 -5.91
CA ARG C 249 15.72 -23.68 -6.77
C ARG C 249 17.24 -23.59 -6.87
N LEU C 250 17.94 -23.80 -5.75
CA LEU C 250 19.40 -23.71 -5.77
C LEU C 250 20.00 -24.81 -6.65
N ALA C 251 19.46 -26.02 -6.57
CA ALA C 251 19.98 -27.12 -7.39
C ALA C 251 19.73 -26.85 -8.88
N GLN C 252 18.56 -26.30 -9.21
CA GLN C 252 18.26 -26.03 -10.61
C GLN C 252 19.20 -24.97 -11.19
N LEU C 253 19.46 -23.91 -10.43
CA LEU C 253 20.34 -22.85 -10.91
C LEU C 253 21.79 -23.33 -11.01
N VAL C 254 22.23 -24.12 -10.03
CA VAL C 254 23.60 -24.62 -10.07
C VAL C 254 23.80 -25.56 -11.25
N SER C 255 22.84 -26.47 -11.48
CA SER C 255 22.98 -27.41 -12.58
C SER C 255 22.95 -26.71 -13.94
N ILE C 256 22.10 -25.69 -14.08
CA ILE C 256 21.99 -24.98 -15.35
C ILE C 256 23.29 -24.24 -15.65
N PHE C 257 23.85 -23.56 -14.66
CA PHE C 257 25.06 -22.76 -14.88
C PHE C 257 26.26 -23.66 -15.21
N ILE C 258 26.42 -24.75 -14.46
CA ILE C 258 27.57 -25.62 -14.66
C ILE C 258 27.50 -26.31 -16.01
N SER C 259 26.31 -26.83 -16.37
CA SER C 259 26.17 -27.54 -17.64
C SER C 259 26.41 -26.62 -18.83
N VAL C 260 25.86 -25.40 -18.77
CA VAL C 260 26.09 -24.44 -19.85
C VAL C 260 27.57 -24.06 -19.92
N TRP C 261 28.21 -23.87 -18.76
CA TRP C 261 29.62 -23.52 -18.73
C TRP C 261 30.47 -24.62 -19.35
N LEU C 262 30.20 -25.88 -19.02
CA LEU C 262 30.99 -26.98 -19.56
C LEU C 262 30.67 -27.22 -21.04
N THR C 263 29.40 -27.12 -21.42
CA THR C 263 29.04 -27.33 -22.82
C THR C 263 29.62 -26.26 -23.72
N ALA C 264 29.58 -24.99 -23.27
CA ALA C 264 30.13 -23.91 -24.07
C ALA C 264 31.63 -24.07 -24.27
N ALA C 265 32.33 -24.54 -23.22
CA ALA C 265 33.77 -24.77 -23.34
C ALA C 265 34.07 -25.86 -24.37
N GLY C 266 33.25 -26.90 -24.41
CA GLY C 266 33.44 -27.95 -25.40
C GLY C 266 33.26 -27.46 -26.82
N ILE C 267 32.27 -26.60 -27.04
CA ILE C 267 32.05 -26.02 -28.37
C ILE C 267 33.25 -25.18 -28.78
N ILE C 268 33.76 -24.35 -27.87
CA ILE C 268 34.93 -23.53 -28.16
C ILE C 268 36.15 -24.42 -28.41
N HIS C 269 36.33 -25.45 -27.59
CA HIS C 269 37.47 -26.34 -27.75
C HIS C 269 37.44 -27.05 -29.10
N LEU C 270 36.26 -27.51 -29.52
CA LEU C 270 36.14 -28.21 -30.79
C LEU C 270 36.40 -27.26 -31.97
N LEU C 271 35.75 -26.09 -31.96
CA LEU C 271 35.86 -25.17 -33.08
C LEU C 271 37.28 -24.63 -33.22
N GLU C 272 37.92 -24.28 -32.11
CA GLU C 272 39.25 -23.70 -32.18
C GLU C 272 40.30 -24.73 -32.60
N ASN C 273 40.22 -25.94 -32.03
CA ASN C 273 41.23 -26.95 -32.34
C ASN C 273 41.08 -27.53 -33.74
N SER C 274 39.84 -27.75 -34.20
CA SER C 274 39.64 -28.33 -35.52
C SER C 274 40.00 -27.35 -36.63
N GLY C 275 39.75 -26.06 -36.42
CA GLY C 275 40.00 -25.06 -37.43
C GLY C 275 38.79 -24.83 -38.32
N ASP C 276 38.94 -23.88 -39.23
CA ASP C 276 37.85 -23.52 -40.13
C ASP C 276 37.60 -24.64 -41.13
N PRO C 277 36.34 -24.85 -41.51
CA PRO C 277 36.02 -25.94 -42.46
C PRO C 277 36.64 -25.72 -43.82
N LEU C 278 36.81 -26.82 -44.55
CA LEU C 278 37.20 -26.93 -45.95
C LEU C 278 38.68 -26.64 -46.19
N ASP C 279 39.41 -26.14 -45.20
CA ASP C 279 40.87 -26.03 -45.35
C ASP C 279 41.57 -26.62 -44.13
N PHE C 280 41.01 -26.36 -42.95
CA PHE C 280 41.54 -26.88 -41.69
C PHE C 280 43.04 -26.59 -41.55
N ASP C 281 43.44 -25.38 -41.95
CA ASP C 281 44.82 -24.97 -41.90
C ASP C 281 45.10 -23.88 -40.87
N ASN C 282 44.07 -23.36 -40.20
CA ASN C 282 44.22 -22.33 -39.17
C ASN C 282 43.87 -22.87 -37.79
N ALA C 283 44.23 -24.12 -37.53
CA ALA C 283 43.94 -24.72 -36.24
C ALA C 283 44.70 -24.01 -35.12
N HIS C 284 44.00 -23.74 -34.02
CA HIS C 284 44.56 -23.07 -32.86
C HIS C 284 44.65 -24.08 -31.72
N ARG C 285 45.88 -24.49 -31.38
CA ARG C 285 46.09 -25.42 -30.29
C ARG C 285 45.68 -24.80 -28.96
N LEU C 286 44.60 -25.31 -28.37
CA LEU C 286 44.06 -24.72 -27.15
C LEU C 286 43.47 -25.83 -26.29
N SER C 287 43.93 -25.91 -25.05
CA SER C 287 43.47 -26.98 -24.15
C SER C 287 42.03 -26.76 -23.73
N TYR C 288 41.36 -27.86 -23.39
CA TYR C 288 39.96 -27.78 -22.96
C TYR C 288 39.84 -27.01 -21.65
N TRP C 289 40.75 -27.24 -20.70
CA TRP C 289 40.69 -26.53 -19.43
C TRP C 289 40.99 -25.05 -19.58
N THR C 290 41.83 -24.68 -20.56
CA THR C 290 42.04 -23.28 -20.85
C THR C 290 40.77 -22.64 -21.40
N CYS C 291 40.01 -23.40 -22.19
CA CYS C 291 38.71 -22.91 -22.65
C CYS C 291 37.77 -22.68 -21.48
N VAL C 292 37.78 -23.59 -20.49
CA VAL C 292 36.97 -23.40 -19.29
C VAL C 292 37.35 -22.10 -18.60
N TYR C 293 38.65 -21.82 -18.50
CA TYR C 293 39.10 -20.54 -17.97
C TYR C 293 38.73 -19.39 -18.90
N PHE C 294 38.63 -19.66 -20.21
CA PHE C 294 38.31 -18.61 -21.17
C PHE C 294 36.85 -18.19 -21.06
N LEU C 295 35.93 -19.16 -20.94
CA LEU C 295 34.51 -18.84 -20.88
C LEU C 295 34.17 -18.08 -19.59
N ILE C 296 34.74 -18.48 -18.46
CA ILE C 296 34.41 -17.81 -17.20
C ILE C 296 34.88 -16.36 -17.21
N VAL C 297 36.02 -16.08 -17.87
CA VAL C 297 36.44 -14.69 -18.06
C VAL C 297 35.45 -13.96 -18.96
N THR C 298 34.99 -14.62 -20.02
CA THR C 298 34.04 -14.00 -20.94
C THR C 298 32.70 -13.73 -20.24
N MET C 299 32.19 -14.71 -19.48
CA MET C 299 30.90 -14.55 -18.84
C MET C 299 30.95 -13.47 -17.76
N SER C 300 32.11 -13.28 -17.14
CA SER C 300 32.28 -12.22 -16.15
C SER C 300 32.56 -10.87 -16.78
N THR C 301 32.65 -10.80 -18.12
CA THR C 301 32.93 -9.56 -18.84
C THR C 301 34.23 -8.93 -18.38
N VAL C 302 35.24 -9.76 -18.11
CA VAL C 302 36.56 -9.27 -17.75
C VAL C 302 37.42 -9.04 -18.99
N GLY C 303 37.50 -10.05 -19.86
CA GLY C 303 38.20 -9.93 -21.12
C GLY C 303 39.68 -9.59 -21.01
N TYR C 304 40.46 -10.52 -20.45
CA TYR C 304 41.90 -10.29 -20.34
C TYR C 304 42.55 -10.17 -21.72
N GLY C 305 42.14 -11.01 -22.66
CA GLY C 305 42.71 -11.00 -23.99
C GLY C 305 43.89 -11.92 -24.18
N ASP C 306 44.39 -12.56 -23.11
CA ASP C 306 45.48 -13.52 -23.27
C ASP C 306 45.03 -14.72 -24.09
N VAL C 307 43.80 -15.18 -23.87
CA VAL C 307 43.21 -16.28 -24.63
C VAL C 307 42.00 -15.73 -25.36
N TYR C 308 41.97 -15.93 -26.68
CA TYR C 308 40.87 -15.43 -27.49
C TYR C 308 40.69 -16.33 -28.70
N CYS C 309 39.50 -16.27 -29.29
CA CYS C 309 39.19 -17.08 -30.46
C CYS C 309 39.75 -16.45 -31.72
N GLU C 310 40.32 -17.28 -32.60
CA GLU C 310 40.88 -16.82 -33.86
C GLU C 310 40.14 -17.33 -35.09
N THR C 311 39.55 -18.53 -35.02
CA THR C 311 38.84 -19.07 -36.15
C THR C 311 37.51 -18.34 -36.38
N VAL C 312 37.00 -18.45 -37.60
CA VAL C 312 35.74 -17.79 -37.95
C VAL C 312 34.58 -18.40 -37.15
N LEU C 313 34.54 -19.73 -37.06
CA LEU C 313 33.47 -20.38 -36.31
C LEU C 313 33.54 -20.04 -34.83
N GLY C 314 34.75 -20.01 -34.27
CA GLY C 314 34.89 -19.69 -32.86
C GLY C 314 34.39 -18.29 -32.52
N ARG C 315 34.70 -17.31 -33.37
CA ARG C 315 34.19 -15.97 -33.17
C ARG C 315 32.68 -15.91 -33.40
N THR C 316 32.19 -16.66 -34.39
CA THR C 316 30.75 -16.67 -34.66
C THR C 316 29.97 -17.24 -33.48
N PHE C 317 30.46 -18.33 -32.90
CA PHE C 317 29.80 -18.88 -31.71
C PHE C 317 29.94 -17.96 -30.51
N LEU C 318 31.09 -17.27 -30.39
CA LEU C 318 31.27 -16.32 -29.30
C LEU C 318 30.26 -15.18 -29.39
N VAL C 319 29.99 -14.70 -30.60
CA VAL C 319 28.98 -13.66 -30.78
C VAL C 319 27.62 -14.16 -30.33
N PHE C 320 27.26 -15.38 -30.71
CA PHE C 320 26.00 -15.97 -30.29
C PHE C 320 25.97 -16.19 -28.79
N PHE C 321 27.09 -16.65 -28.21
CA PHE C 321 27.14 -16.90 -26.78
C PHE C 321 27.03 -15.61 -25.98
N LEU C 322 27.66 -14.53 -26.46
CA LEU C 322 27.62 -13.27 -25.73
C LEU C 322 26.20 -12.74 -25.56
N LEU C 323 25.29 -13.10 -26.47
CA LEU C 323 23.92 -12.63 -26.38
C LEU C 323 23.13 -13.36 -25.30
N VAL C 324 23.38 -14.66 -25.12
CA VAL C 324 22.61 -15.49 -24.22
C VAL C 324 23.42 -15.95 -23.02
N GLY C 325 24.73 -16.21 -23.21
CA GLY C 325 25.54 -16.68 -22.11
C GLY C 325 25.71 -15.67 -21.01
N LEU C 326 25.82 -14.38 -21.35
CA LEU C 326 25.96 -13.34 -20.34
C LEU C 326 24.69 -13.21 -19.50
N ALA C 327 23.52 -13.45 -20.10
CA ALA C 327 22.27 -13.40 -19.34
C ALA C 327 22.21 -14.54 -18.32
N ILE C 328 22.75 -15.70 -18.67
CA ILE C 328 22.77 -16.83 -17.73
C ILE C 328 23.62 -16.49 -16.51
N PHE C 329 24.79 -15.89 -16.74
CA PHE C 329 25.64 -15.49 -15.63
C PHE C 329 25.00 -14.39 -14.78
N ALA C 330 24.29 -13.46 -15.43
CA ALA C 330 23.68 -12.36 -14.70
C ALA C 330 22.49 -12.79 -13.84
N SER C 331 21.89 -13.93 -14.14
CA SER C 331 20.71 -14.40 -13.41
C SER C 331 21.00 -15.53 -12.43
N CYS C 332 21.92 -16.44 -12.78
CA CYS C 332 22.17 -17.60 -11.93
C CYS C 332 23.11 -17.26 -10.79
N ILE C 333 24.24 -16.63 -11.10
CA ILE C 333 25.26 -16.38 -10.08
C ILE C 333 24.75 -15.50 -8.93
N PRO C 334 24.09 -14.37 -9.17
CA PRO C 334 23.58 -13.58 -8.02
C PRO C 334 22.61 -14.35 -7.15
N GLU C 335 21.76 -15.20 -7.74
CA GLU C 335 20.78 -15.94 -6.96
C GLU C 335 21.40 -17.12 -6.23
N ILE C 336 22.46 -17.72 -6.79
CA ILE C 336 23.07 -18.89 -6.16
C ILE C 336 23.64 -18.53 -4.80
N ILE C 337 24.38 -17.42 -4.72
CA ILE C 337 24.91 -16.98 -3.44
C ILE C 337 23.79 -16.49 -2.54
N ASP C 338 22.79 -15.82 -3.12
CA ASP C 338 21.64 -15.35 -2.34
C ASP C 338 20.88 -16.52 -1.73
N LEU C 339 20.68 -17.58 -2.51
CA LEU C 339 19.95 -18.75 -2.01
C LEU C 339 20.70 -19.42 -0.87
N ILE C 340 22.04 -19.50 -0.97
CA ILE C 340 22.83 -20.01 0.14
C ILE C 340 22.66 -19.13 1.36
N GLY C 341 22.75 -17.81 1.17
CA GLY C 341 22.45 -16.87 2.23
C GLY C 341 23.50 -16.83 3.31
N THR C 342 23.20 -16.03 4.33
CA THR C 342 24.08 -15.90 5.49
C THR C 342 23.70 -16.94 6.54
N ARG C 343 24.71 -17.44 7.24
CA ARG C 343 24.48 -18.44 8.29
C ARG C 343 23.63 -17.84 9.41
N ALA C 344 22.82 -18.70 10.04
CA ALA C 344 22.02 -18.30 11.19
C ALA C 344 22.95 -18.06 12.37
N LYS C 345 23.25 -16.79 12.64
CA LYS C 345 24.22 -16.44 13.68
C LYS C 345 23.73 -16.90 15.05
N TYR C 346 22.45 -16.70 15.34
CA TYR C 346 21.88 -17.01 16.65
C TYR C 346 21.05 -18.27 16.53
N GLY C 347 21.38 -19.26 17.37
CA GLY C 347 20.68 -20.54 17.34
C GLY C 347 21.34 -21.52 18.26
N GLY C 348 20.88 -22.75 18.19
CA GLY C 348 21.43 -23.82 19.02
C GLY C 348 20.83 -23.85 20.41
N THR C 349 21.50 -24.61 21.27
CA THR C 349 21.05 -24.85 22.64
C THR C 349 22.02 -24.22 23.62
N LEU C 350 21.48 -23.60 24.66
CA LEU C 350 22.30 -23.04 25.74
C LEU C 350 23.17 -24.12 26.35
N LYS C 351 24.44 -23.81 26.54
CA LYS C 351 25.37 -24.74 27.16
C LYS C 351 25.03 -24.91 28.64
N ASN C 352 25.00 -26.16 29.10
CA ASN C 352 24.70 -26.46 30.48
C ASN C 352 25.94 -26.31 31.36
N GLU C 353 25.78 -25.66 32.50
CA GLU C 353 26.86 -25.46 33.45
C GLU C 353 26.40 -25.86 34.84
N LYS C 354 27.33 -26.42 35.61
CA LYS C 354 27.01 -26.84 36.97
C LYS C 354 26.89 -25.64 37.89
N GLY C 355 25.81 -25.59 38.66
CA GLY C 355 25.59 -24.47 39.55
C GLY C 355 25.41 -23.14 38.85
N ARG C 356 24.67 -23.14 37.74
CA ARG C 356 24.45 -21.94 36.94
C ARG C 356 23.01 -21.48 37.11
N ARG C 357 22.84 -20.20 37.47
CA ARG C 357 21.53 -19.60 37.67
C ARG C 357 21.26 -18.62 36.53
N HIS C 358 20.26 -18.91 35.71
CA HIS C 358 19.95 -18.10 34.56
C HIS C 358 18.45 -17.84 34.49
N ILE C 359 18.09 -16.74 33.82
CA ILE C 359 16.70 -16.36 33.62
C ILE C 359 16.46 -16.13 32.14
N VAL C 360 15.20 -16.20 31.74
CA VAL C 360 14.79 -16.03 30.35
C VAL C 360 13.94 -14.78 30.24
N VAL C 361 14.30 -13.90 29.31
CA VAL C 361 13.58 -12.66 29.07
C VAL C 361 13.02 -12.71 27.65
N CYS C 362 11.72 -12.51 27.52
CA CYS C 362 11.03 -12.55 26.24
C CYS C 362 10.06 -11.38 26.16
N GLY C 363 9.32 -11.31 25.06
CA GLY C 363 8.34 -10.26 24.85
C GLY C 363 8.87 -9.18 23.92
N HIS C 364 8.87 -7.94 24.39
CA HIS C 364 9.35 -6.80 23.60
C HIS C 364 10.87 -6.70 23.77
N ILE C 365 11.60 -7.26 22.80
CA ILE C 365 13.05 -7.25 22.84
C ILE C 365 13.60 -6.31 21.78
N THR C 366 13.87 -5.07 22.17
CA THR C 366 14.46 -4.06 21.30
C THR C 366 15.64 -3.42 22.00
N TYR C 367 16.37 -2.57 21.29
CA TYR C 367 17.46 -1.83 21.92
C TYR C 367 16.93 -0.91 23.01
N GLU C 368 15.68 -0.46 22.90
CA GLU C 368 15.09 0.35 23.96
C GLU C 368 14.95 -0.46 25.26
N SER C 369 14.31 -1.62 25.17
CA SER C 369 14.02 -2.38 26.37
C SER C 369 15.26 -3.06 26.96
N VAL C 370 16.12 -3.61 26.11
CA VAL C 370 17.27 -4.36 26.60
C VAL C 370 18.23 -3.46 27.35
N SER C 371 18.52 -2.28 26.80
CA SER C 371 19.50 -1.39 27.42
C SER C 371 19.03 -0.90 28.79
N HIS C 372 17.75 -0.50 28.89
CA HIS C 372 17.23 -0.06 30.19
C HIS C 372 17.17 -1.22 31.18
N PHE C 373 16.79 -2.42 30.71
CA PHE C 373 16.72 -3.56 31.61
C PHE C 373 18.10 -3.97 32.10
N LEU C 374 19.10 -3.99 31.21
CA LEU C 374 20.43 -4.44 31.60
C LEU C 374 21.07 -3.48 32.59
N LYS C 375 20.85 -2.18 32.41
CA LYS C 375 21.42 -1.20 33.35
C LYS C 375 20.87 -1.39 34.76
N ASP C 376 19.56 -1.65 34.86
CA ASP C 376 18.96 -1.89 36.17
C ASP C 376 19.38 -3.24 36.72
N PHE C 377 19.33 -4.28 35.89
CA PHE C 377 19.64 -5.63 36.37
C PHE C 377 21.09 -5.75 36.83
N LEU C 378 22.01 -5.16 36.09
CA LEU C 378 23.43 -5.18 36.41
C LEU C 378 23.82 -3.79 36.92
N HIS C 379 23.67 -3.58 38.21
CA HIS C 379 24.00 -2.32 38.86
C HIS C 379 24.97 -2.55 40.01
N GLU C 380 25.87 -1.59 40.21
CA GLU C 380 26.87 -1.72 41.26
C GLU C 380 26.25 -1.61 42.65
N ASP C 381 25.11 -0.95 42.77
CA ASP C 381 24.47 -0.80 44.08
C ASP C 381 23.70 -2.06 44.50
N ARG C 382 23.49 -2.99 43.58
CA ARG C 382 22.76 -4.21 43.90
C ARG C 382 23.70 -5.25 44.52
N GLU C 383 23.08 -6.33 45.01
CA GLU C 383 23.84 -7.45 45.56
C GLU C 383 24.64 -8.13 44.47
N ASP C 384 25.84 -8.61 44.83
CA ASP C 384 26.73 -9.25 43.87
C ASP C 384 26.32 -10.71 43.72
N VAL C 385 25.43 -10.99 42.78
CA VAL C 385 24.98 -12.34 42.47
C VAL C 385 25.19 -12.60 40.98
N ASP C 386 25.59 -13.82 40.64
CA ASP C 386 25.89 -14.20 39.27
C ASP C 386 24.64 -14.84 38.66
N VAL C 387 23.94 -14.07 37.84
CA VAL C 387 22.76 -14.56 37.12
C VAL C 387 22.91 -14.19 35.65
N GLU C 388 22.97 -15.21 34.79
CA GLU C 388 23.02 -15.00 33.36
C GLU C 388 21.63 -14.64 32.83
N VAL C 389 21.59 -13.78 31.82
CA VAL C 389 20.35 -13.32 31.21
C VAL C 389 20.28 -13.86 29.79
N VAL C 390 19.20 -14.55 29.47
CA VAL C 390 18.99 -15.14 28.15
C VAL C 390 17.82 -14.43 27.50
N PHE C 391 18.04 -13.90 26.29
CA PHE C 391 17.02 -13.20 25.54
C PHE C 391 16.54 -14.06 24.39
N LEU C 392 15.22 -14.19 24.26
CA LEU C 392 14.60 -14.95 23.19
C LEU C 392 13.67 -14.04 22.40
N HIS C 393 13.88 -13.98 21.08
CA HIS C 393 13.09 -13.12 20.22
C HIS C 393 13.01 -13.75 18.84
N ARG C 394 12.00 -13.33 18.07
CA ARG C 394 11.79 -13.88 16.74
C ARG C 394 12.69 -13.21 15.71
N LYS C 395 12.61 -11.88 15.61
CA LYS C 395 13.40 -11.16 14.63
C LYS C 395 14.87 -11.17 15.02
N PRO C 396 15.79 -11.24 14.05
CA PRO C 396 17.21 -11.07 14.36
C PRO C 396 17.47 -9.66 14.86
N PRO C 397 18.39 -9.50 15.81
CA PRO C 397 18.68 -8.16 16.35
C PRO C 397 19.40 -7.30 15.32
N ASP C 398 19.20 -5.99 15.44
CA ASP C 398 19.89 -5.04 14.58
C ASP C 398 21.32 -4.85 15.06
N LEU C 399 22.08 -4.05 14.31
CA LEU C 399 23.49 -3.85 14.63
C LEU C 399 23.67 -3.18 16.00
N GLU C 400 22.74 -2.30 16.38
CA GLU C 400 22.82 -1.67 17.69
C GLU C 400 22.68 -2.70 18.81
N LEU C 401 21.72 -3.62 18.66
CA LEU C 401 21.50 -4.64 19.69
C LEU C 401 22.64 -5.65 19.74
N GLU C 402 23.18 -6.01 18.57
CA GLU C 402 24.29 -6.96 18.54
C GLU C 402 25.52 -6.40 19.24
N GLY C 403 25.80 -5.11 19.05
CA GLY C 403 26.91 -4.50 19.75
C GLY C 403 26.70 -4.46 21.25
N LEU C 404 25.47 -4.23 21.69
CA LEU C 404 25.17 -4.24 23.12
C LEU C 404 25.39 -5.62 23.72
N PHE C 405 25.02 -6.68 22.98
CA PHE C 405 25.26 -8.04 23.47
C PHE C 405 26.75 -8.35 23.51
N LYS C 406 27.53 -7.79 22.59
CA LYS C 406 28.97 -8.04 22.58
C LYS C 406 29.63 -7.48 23.83
N ARG C 407 29.22 -6.28 24.26
CA ARG C 407 29.78 -5.67 25.46
C ARG C 407 29.40 -6.42 26.72
N HIS C 408 28.34 -7.24 26.67
CA HIS C 408 27.92 -8.08 27.79
C HIS C 408 28.02 -9.55 27.41
N PHE C 409 29.12 -9.92 26.75
CA PHE C 409 29.28 -11.28 26.25
C PHE C 409 29.31 -12.31 27.37
N THR C 410 29.96 -11.98 28.49
CA THR C 410 30.14 -12.94 29.57
C THR C 410 28.92 -13.06 30.47
N THR C 411 27.92 -12.20 30.31
CA THR C 411 26.75 -12.23 31.20
C THR C 411 25.41 -12.18 30.49
N VAL C 412 25.37 -11.81 29.20
CA VAL C 412 24.12 -11.67 28.46
C VAL C 412 24.20 -12.51 27.21
N GLU C 413 23.15 -13.29 26.94
CA GLU C 413 23.11 -14.17 25.78
C GLU C 413 21.78 -13.99 25.06
N PHE C 414 21.81 -14.19 23.74
CA PHE C 414 20.62 -14.02 22.91
C PHE C 414 20.39 -15.27 22.08
N PHE C 415 19.11 -15.57 21.87
CA PHE C 415 18.68 -16.67 21.00
C PHE C 415 17.57 -16.17 20.07
N GLN C 416 17.45 -16.84 18.93
CA GLN C 416 16.42 -16.53 17.96
C GLN C 416 15.34 -17.60 18.02
N GLY C 417 14.10 -17.18 18.21
CA GLY C 417 12.99 -18.12 18.30
C GLY C 417 11.83 -17.50 19.06
N THR C 418 10.69 -18.17 18.95
CA THR C 418 9.46 -17.74 19.60
C THR C 418 9.23 -18.53 20.88
N ILE C 419 8.63 -17.88 21.86
CA ILE C 419 8.37 -18.52 23.15
C ILE C 419 7.24 -19.54 23.06
N MET C 420 6.38 -19.45 22.03
CA MET C 420 5.26 -20.36 21.90
C MET C 420 5.65 -21.70 21.27
N ASN C 421 6.91 -21.84 20.83
CA ASN C 421 7.39 -23.08 20.24
C ASN C 421 8.00 -23.96 21.33
N PRO C 422 7.48 -25.15 21.57
CA PRO C 422 8.10 -26.03 22.57
C PRO C 422 9.54 -26.39 22.25
N ILE C 423 9.90 -26.46 20.96
CA ILE C 423 11.29 -26.73 20.59
C ILE C 423 12.18 -25.58 21.04
N ASP C 424 11.75 -24.35 20.85
CA ASP C 424 12.56 -23.20 21.27
C ASP C 424 12.65 -23.11 22.79
N LEU C 425 11.60 -23.53 23.50
CA LEU C 425 11.66 -23.53 24.96
C LEU C 425 12.74 -24.47 25.46
N GLN C 426 12.90 -25.62 24.80
CA GLN C 426 13.94 -26.57 25.20
C GLN C 426 15.34 -26.00 24.97
N ARG C 427 15.51 -25.23 23.90
CA ARG C 427 16.83 -24.69 23.57
C ARG C 427 17.34 -23.77 24.67
N VAL C 428 16.47 -22.90 25.21
CA VAL C 428 16.88 -21.97 26.25
C VAL C 428 16.77 -22.56 27.65
N LYS C 429 16.25 -23.79 27.78
CA LYS C 429 16.17 -24.50 29.05
C LYS C 429 15.37 -23.70 30.09
N VAL C 430 14.09 -23.50 29.77
CA VAL C 430 13.20 -22.75 30.67
C VAL C 430 12.98 -23.54 31.97
N HIS C 431 12.93 -24.87 31.87
CA HIS C 431 12.68 -25.68 33.06
C HIS C 431 13.77 -25.51 34.10
N GLU C 432 15.01 -25.26 33.68
CA GLU C 432 16.11 -25.01 34.59
C GLU C 432 16.30 -23.52 34.89
N ALA C 433 15.51 -22.64 34.26
CA ALA C 433 15.64 -21.21 34.48
C ALA C 433 15.07 -20.82 35.83
N ASP C 434 15.69 -19.83 36.47
CA ASP C 434 15.19 -19.34 37.75
C ASP C 434 13.79 -18.76 37.61
N ALA C 435 13.58 -17.92 36.59
CA ALA C 435 12.29 -17.31 36.35
C ALA C 435 12.24 -16.84 34.90
N CYS C 436 11.02 -16.60 34.43
CA CYS C 436 10.79 -16.11 33.07
C CYS C 436 10.18 -14.72 33.12
N LEU C 437 10.79 -13.78 32.42
CA LEU C 437 10.35 -12.39 32.40
C LEU C 437 9.76 -12.07 31.03
N VAL C 438 8.54 -11.55 31.02
CA VAL C 438 7.84 -11.23 29.78
C VAL C 438 7.68 -9.72 29.73
N LEU C 439 8.50 -9.06 28.91
CA LEU C 439 8.38 -7.63 28.72
C LEU C 439 7.18 -7.31 27.83
N ALA C 440 6.67 -6.09 27.96
CA ALA C 440 5.51 -5.65 27.21
C ALA C 440 5.81 -4.34 26.50
N ASN C 441 5.15 -4.14 25.37
CA ASN C 441 5.29 -2.91 24.58
C ASN C 441 4.31 -1.89 25.13
N LYS C 442 4.81 -0.97 25.97
CA LYS C 442 3.94 0.03 26.57
C LYS C 442 3.36 0.96 25.52
N TYR C 443 4.17 1.38 24.55
CA TYR C 443 3.73 2.28 23.48
C TYR C 443 3.18 1.47 22.30
N CYS C 444 2.08 0.79 22.54
CA CYS C 444 1.44 -0.06 21.55
C CYS C 444 0.12 0.56 21.09
N GLN C 445 -0.19 0.37 19.81
CA GLN C 445 -1.41 0.93 19.25
C GLN C 445 -2.66 0.33 19.89
N ASP C 446 -2.71 -0.98 20.07
CA ASP C 446 -3.85 -1.65 20.69
C ASP C 446 -3.38 -2.38 21.94
N PRO C 447 -3.63 -1.81 23.12
CA PRO C 447 -3.24 -2.51 24.36
C PRO C 447 -3.91 -3.86 24.51
N ASP C 448 -5.15 -4.00 24.04
CA ASP C 448 -5.85 -5.29 24.16
C ASP C 448 -5.09 -6.40 23.43
N ALA C 449 -4.60 -6.11 22.23
CA ALA C 449 -3.82 -7.10 21.49
C ALA C 449 -2.50 -7.40 22.19
N GLU C 450 -1.82 -6.35 22.68
CA GLU C 450 -0.55 -6.54 23.36
C GLU C 450 -0.72 -7.35 24.63
N ASP C 451 -1.77 -7.06 25.41
CA ASP C 451 -2.01 -7.79 26.65
C ASP C 451 -2.28 -9.25 26.39
N ALA C 452 -3.16 -9.56 25.43
CA ALA C 452 -3.55 -10.94 25.20
C ALA C 452 -2.44 -11.74 24.54
N ALA C 453 -1.61 -11.10 23.71
CA ALA C 453 -0.45 -11.78 23.15
C ALA C 453 0.52 -12.19 24.24
N ASN C 454 0.74 -11.30 25.22
CA ASN C 454 1.62 -11.66 26.34
C ASN C 454 0.99 -12.71 27.23
N ILE C 455 -0.34 -12.71 27.36
CA ILE C 455 -1.02 -13.73 28.14
C ILE C 455 -0.81 -15.10 27.52
N MET C 456 -0.89 -15.19 26.20
CA MET C 456 -0.62 -16.47 25.51
C MET C 456 0.79 -16.95 25.76
N ARG C 457 1.74 -16.02 25.93
CA ARG C 457 3.12 -16.42 26.22
C ARG C 457 3.22 -17.15 27.55
N VAL C 458 2.50 -16.66 28.56
CA VAL C 458 2.51 -17.31 29.88
C VAL C 458 1.92 -18.70 29.79
N ILE C 459 0.85 -18.86 29.01
CA ILE C 459 0.22 -20.16 28.85
C ILE C 459 1.19 -21.17 28.25
N SER C 460 1.94 -20.75 27.22
CA SER C 460 2.92 -21.64 26.62
C SER C 460 4.03 -22.01 27.61
N ILE C 461 4.50 -21.03 28.38
CA ILE C 461 5.53 -21.31 29.39
C ILE C 461 4.99 -22.26 30.45
N LYS C 462 3.77 -21.99 30.93
CA LYS C 462 3.18 -22.88 31.94
C LYS C 462 2.86 -24.24 31.37
N ASN C 463 2.50 -24.32 30.09
CA ASN C 463 2.24 -25.62 29.46
C ASN C 463 3.50 -26.47 29.43
N TYR C 464 4.66 -25.86 29.16
CA TYR C 464 5.92 -26.60 29.18
C TYR C 464 6.22 -27.12 30.58
N SER C 465 6.01 -26.30 31.60
CA SER C 465 6.21 -26.71 32.99
C SER C 465 5.48 -25.74 33.90
N ASP C 466 4.65 -26.28 34.79
CA ASP C 466 3.88 -25.43 35.69
C ASP C 466 4.72 -24.80 36.78
N ASP C 467 5.79 -25.49 37.21
CA ASP C 467 6.63 -25.02 38.32
C ASP C 467 7.74 -24.07 37.87
N ILE C 468 7.36 -23.05 37.09
CA ILE C 468 8.28 -22.03 36.62
C ILE C 468 7.76 -20.67 37.04
N ARG C 469 8.61 -19.88 37.69
CA ARG C 469 8.24 -18.54 38.09
C ARG C 469 8.13 -17.63 36.86
N VAL C 470 7.03 -16.89 36.77
CA VAL C 470 6.75 -16.05 35.62
C VAL C 470 6.42 -14.65 36.12
N ILE C 471 7.09 -13.64 35.56
CA ILE C 471 6.81 -12.24 35.84
C ILE C 471 6.47 -11.58 34.51
N ILE C 472 5.32 -10.92 34.44
CA ILE C 472 4.81 -10.35 33.20
C ILE C 472 4.37 -8.92 33.46
N GLN C 473 4.63 -8.05 32.47
CA GLN C 473 4.12 -6.69 32.48
C GLN C 473 2.74 -6.67 31.82
N LEU C 474 1.80 -5.97 32.46
CA LEU C 474 0.40 -5.98 32.04
C LEU C 474 -0.05 -4.54 31.85
N MET C 475 -0.68 -4.26 30.71
CA MET C 475 -1.06 -2.87 30.42
C MET C 475 -2.38 -2.50 31.08
N GLN C 476 -3.41 -3.33 30.94
CA GLN C 476 -4.72 -3.04 31.52
C GLN C 476 -5.07 -4.07 32.57
N TYR C 477 -5.87 -3.63 33.56
CA TYR C 477 -6.13 -4.44 34.74
C TYR C 477 -7.10 -5.58 34.45
N HIS C 478 -8.12 -5.35 33.61
CA HIS C 478 -9.12 -6.38 33.39
C HIS C 478 -8.58 -7.61 32.71
N ASN C 479 -7.37 -7.56 32.14
CA ASN C 479 -6.72 -8.75 31.61
C ASN C 479 -6.05 -9.58 32.69
N LYS C 480 -5.97 -9.08 33.93
CA LYS C 480 -5.35 -9.84 35.01
C LYS C 480 -6.24 -11.01 35.43
N ALA C 481 -7.55 -10.91 35.20
CA ALA C 481 -8.46 -11.99 35.59
C ALA C 481 -8.17 -13.26 34.81
N TYR C 482 -7.79 -13.13 33.53
CA TYR C 482 -7.48 -14.29 32.72
C TYR C 482 -6.26 -15.04 33.27
N LEU C 483 -5.23 -14.30 33.69
CA LEU C 483 -4.05 -14.93 34.24
C LEU C 483 -4.33 -15.57 35.60
N LEU C 484 -5.15 -14.91 36.43
CA LEU C 484 -5.46 -15.45 37.74
C LEU C 484 -6.31 -16.71 37.66
N ASN C 485 -7.05 -16.88 36.56
CA ASN C 485 -7.88 -18.06 36.38
C ASN C 485 -7.12 -19.24 35.81
N ILE C 486 -5.84 -19.07 35.48
CA ILE C 486 -5.03 -20.18 34.97
C ILE C 486 -4.81 -21.18 36.11
N PRO C 487 -5.07 -22.48 35.89
CA PRO C 487 -4.88 -23.45 36.98
C PRO C 487 -3.45 -23.54 37.48
N SER C 488 -2.46 -23.31 36.61
CA SER C 488 -1.06 -23.41 37.00
C SER C 488 -0.51 -22.12 37.58
N TRP C 489 -1.31 -21.06 37.65
CA TRP C 489 -0.85 -19.78 38.19
C TRP C 489 -0.96 -19.81 39.71
N ASP C 490 0.16 -19.57 40.39
CA ASP C 490 0.19 -19.55 41.85
C ASP C 490 1.03 -18.37 42.29
N TRP C 491 0.41 -17.42 43.00
CA TRP C 491 1.14 -16.26 43.48
C TRP C 491 2.10 -16.62 44.61
N LYS C 492 1.77 -17.64 45.40
CA LYS C 492 2.63 -18.03 46.51
C LYS C 492 3.96 -18.59 46.03
N GLN C 493 4.00 -19.18 44.83
CA GLN C 493 5.23 -19.76 44.31
C GLN C 493 6.15 -18.71 43.67
N GLY C 494 5.71 -17.47 43.57
CA GLY C 494 6.53 -16.40 43.01
C GLY C 494 5.98 -15.78 41.73
N ASP C 495 4.86 -16.26 41.19
CA ASP C 495 4.29 -15.65 40.00
C ASP C 495 3.74 -14.27 40.34
N ASP C 496 4.12 -13.28 39.54
CA ASP C 496 3.74 -11.90 39.78
C ASP C 496 3.24 -11.27 38.49
N VAL C 497 2.28 -10.36 38.63
CA VAL C 497 1.74 -9.58 37.53
C VAL C 497 2.00 -8.12 37.83
N ILE C 498 2.71 -7.43 36.94
CA ILE C 498 3.00 -6.02 37.07
C ILE C 498 2.03 -5.30 36.13
N CYS C 499 0.98 -4.71 36.70
CA CYS C 499 -0.04 -4.01 35.92
C CYS C 499 0.37 -2.54 35.79
N LEU C 500 0.63 -2.12 34.55
CA LEU C 500 1.04 -0.74 34.32
C LEU C 500 -0.05 0.25 34.69
N ALA C 501 -1.30 -0.04 34.31
CA ALA C 501 -2.39 0.88 34.61
C ALA C 501 -2.65 0.97 36.12
N GLU C 502 -2.63 -0.16 36.82
CA GLU C 502 -2.90 -0.15 38.25
C GLU C 502 -1.83 0.62 39.02
N LEU C 503 -0.56 0.43 38.66
CA LEU C 503 0.51 1.12 39.36
C LEU C 503 0.56 2.59 38.99
N LYS C 504 0.40 2.90 37.70
CA LYS C 504 0.48 4.30 37.25
C LYS C 504 -0.63 5.13 37.87
N LEU C 505 -1.87 4.64 37.80
CA LEU C 505 -2.99 5.37 38.40
C LEU C 505 -2.97 5.33 39.92
N GLY C 506 -2.37 4.30 40.52
CA GLY C 506 -2.23 4.27 41.96
C GLY C 506 -1.31 5.37 42.46
N PHE C 507 -0.26 5.69 41.70
CA PHE C 507 0.63 6.77 42.08
C PHE C 507 -0.07 8.13 42.00
N ILE C 508 -0.91 8.31 40.97
CA ILE C 508 -1.65 9.56 40.84
C ILE C 508 -2.61 9.75 42.00
N ALA C 509 -3.28 8.68 42.40
CA ALA C 509 -4.19 8.76 43.53
C ALA C 509 -3.46 9.10 44.83
N GLN C 510 -2.28 8.53 45.03
CA GLN C 510 -1.48 8.86 46.21
C GLN C 510 -1.01 10.31 46.18
N SER C 511 -0.80 10.86 44.99
CA SER C 511 -0.39 12.26 44.88
C SER C 511 -1.51 13.20 45.32
N CYS C 512 -2.78 12.77 45.18
CA CYS C 512 -3.89 13.60 45.64
C CYS C 512 -3.85 13.79 47.15
N LEU C 513 -3.57 12.71 47.89
CA LEU C 513 -3.46 12.82 49.34
C LEU C 513 -2.21 13.61 49.74
N ALA C 514 -1.09 13.37 49.05
CA ALA C 514 0.14 14.08 49.32
C ALA C 514 0.83 14.45 48.02
N PRO C 515 0.82 15.73 47.63
CA PRO C 515 1.46 16.12 46.37
C PRO C 515 2.95 15.81 46.37
N GLY C 516 3.45 15.42 45.19
CA GLY C 516 4.84 15.05 45.05
C GLY C 516 5.18 13.64 45.48
N PHE C 517 4.19 12.85 45.90
CA PHE C 517 4.46 11.49 46.34
C PHE C 517 4.83 10.58 45.18
N SER C 518 4.32 10.86 43.98
CA SER C 518 4.64 10.03 42.83
C SER C 518 6.12 10.09 42.48
N THR C 519 6.71 11.28 42.57
CA THR C 519 8.14 11.41 42.31
C THR C 519 8.96 10.62 43.33
N MET C 520 8.58 10.69 44.61
CA MET C 520 9.28 9.92 45.63
C MET C 520 9.14 8.43 45.40
N MET C 521 7.95 7.99 44.96
CA MET C 521 7.76 6.57 44.67
C MET C 521 8.61 6.12 43.49
N ALA C 522 8.58 6.88 42.39
CA ALA C 522 9.28 6.45 41.18
C ALA C 522 10.79 6.38 41.40
N ASN C 523 11.36 7.37 42.09
CA ASN C 523 12.80 7.40 42.31
C ASN C 523 13.29 6.34 43.28
N LEU C 524 12.40 5.75 44.07
CA LEU C 524 12.77 4.78 45.09
C LEU C 524 12.89 3.36 44.55
N PHE C 525 12.65 3.15 43.25
CA PHE C 525 12.80 1.84 42.64
C PHE C 525 13.72 1.88 41.42
N ALA C 526 14.20 3.05 41.03
CA ALA C 526 15.18 3.18 39.95
C ALA C 526 16.57 3.19 40.57
N MET C 527 17.40 2.22 40.17
CA MET C 527 18.73 2.06 40.75
C MET C 527 19.64 3.16 40.22
N ARG C 528 19.92 4.16 41.06
CA ARG C 528 20.75 5.29 40.68
C ARG C 528 21.96 5.38 41.60
N SER C 529 23.13 5.59 41.00
CA SER C 529 24.36 5.80 41.74
C SER C 529 24.63 7.30 41.81
N PHE C 530 24.79 7.82 43.03
CA PHE C 530 24.89 9.26 43.25
C PHE C 530 26.29 9.61 43.73
N LYS C 531 26.95 10.51 43.00
CA LYS C 531 28.22 11.09 43.41
C LYS C 531 27.95 12.48 43.97
N THR C 532 28.48 12.76 45.15
CA THR C 532 28.35 14.11 45.70
C THR C 532 29.15 15.09 44.85
N SER C 533 28.59 16.29 44.67
CA SER C 533 29.24 17.25 43.79
C SER C 533 29.84 18.39 44.61
N PRO C 534 30.96 18.96 44.14
CA PRO C 534 31.58 20.06 44.90
C PRO C 534 30.72 21.32 44.94
N ASP C 535 30.29 21.82 43.78
CA ASP C 535 29.52 23.05 43.74
C ASP C 535 28.64 23.06 42.50
N MET C 536 27.33 23.15 42.71
CA MET C 536 26.36 23.29 41.64
C MET C 536 25.10 23.89 42.24
N GLN C 537 23.99 23.83 41.51
CA GLN C 537 22.73 24.37 42.00
C GLN C 537 22.33 23.68 43.30
N SER C 538 21.92 24.49 44.29
CA SER C 538 21.72 23.97 45.64
C SER C 538 20.54 23.01 45.71
N TRP C 539 19.39 23.39 45.14
CA TRP C 539 18.20 22.56 45.24
C TRP C 539 18.35 21.28 44.43
N THR C 540 19.09 21.33 43.32
CA THR C 540 19.35 20.12 42.55
C THR C 540 20.23 19.15 43.33
N ASN C 541 21.22 19.66 44.06
CA ASN C 541 22.10 18.79 44.84
C ASN C 541 21.32 18.03 45.91
N ASP C 542 20.41 18.71 46.60
CA ASP C 542 19.57 18.03 47.59
C ASP C 542 18.64 17.03 46.92
N TYR C 543 18.08 17.39 45.76
CA TYR C 543 17.19 16.48 45.05
C TYR C 543 17.94 15.26 44.54
N LEU C 544 19.14 15.45 44.00
CA LEU C 544 19.89 14.33 43.44
C LEU C 544 20.32 13.34 44.52
N ARG C 545 20.60 13.82 45.73
CA ARG C 545 20.95 12.91 46.82
C ARG C 545 19.77 11.99 47.15
N GLY C 546 18.56 12.53 47.13
CA GLY C 546 17.39 11.70 47.35
C GLY C 546 17.17 10.66 46.28
N THR C 547 17.51 10.99 45.02
CA THR C 547 17.33 10.05 43.93
C THR C 547 18.25 8.83 44.04
N GLY C 548 19.30 8.92 44.86
CA GLY C 548 20.17 7.79 45.10
C GLY C 548 19.63 6.78 46.08
N MET C 549 18.43 7.00 46.61
CA MET C 549 17.82 6.10 47.57
C MET C 549 16.93 5.11 46.86
N GLU C 550 16.85 3.89 47.40
CA GLU C 550 16.01 2.85 46.84
C GLU C 550 15.69 1.83 47.92
N MET C 551 14.69 0.98 47.64
CA MET C 551 14.30 -0.05 48.58
C MET C 551 15.41 -1.06 48.77
N TYR C 552 15.51 -1.58 50.00
CA TYR C 552 16.44 -2.66 50.31
C TYR C 552 15.85 -3.50 51.44
N THR C 553 16.24 -4.77 51.47
CA THR C 553 15.75 -5.71 52.47
C THR C 553 16.94 -6.43 53.11
N GLU C 554 16.86 -6.64 54.42
CA GLU C 554 17.91 -7.31 55.16
C GLU C 554 17.33 -7.91 56.43
N THR C 555 17.87 -9.04 56.84
CA THR C 555 17.44 -9.67 58.08
C THR C 555 17.91 -8.86 59.27
N LEU C 556 16.98 -8.59 60.20
CA LEU C 556 17.31 -7.79 61.37
C LEU C 556 18.24 -8.54 62.30
N SER C 557 19.12 -7.79 62.97
CA SER C 557 20.06 -8.37 63.90
C SER C 557 19.34 -8.97 65.11
N PRO C 558 19.90 -10.01 65.72
CA PRO C 558 19.28 -10.56 66.94
C PRO C 558 19.23 -9.57 68.10
N THR C 559 20.04 -8.51 68.06
CA THR C 559 19.97 -7.49 69.11
C THR C 559 18.62 -6.79 69.11
N PHE C 560 17.95 -6.71 67.97
CA PHE C 560 16.65 -6.07 67.87
C PHE C 560 15.51 -6.95 68.37
N ILE C 561 15.77 -8.21 68.69
CA ILE C 561 14.73 -9.12 69.13
C ILE C 561 14.20 -8.68 70.48
N GLY C 562 12.87 -8.59 70.61
CA GLY C 562 12.23 -8.26 71.86
C GLY C 562 11.88 -6.79 72.06
N ILE C 563 12.23 -5.93 71.12
CA ILE C 563 11.93 -4.50 71.23
C ILE C 563 10.80 -4.15 70.27
N PRO C 564 10.00 -3.12 70.55
CA PRO C 564 8.94 -2.73 69.62
C PRO C 564 9.51 -2.09 68.37
N PHE C 565 8.66 -2.00 67.35
CA PHE C 565 9.08 -1.45 66.06
C PHE C 565 9.47 0.03 66.20
N ALA C 566 8.72 0.79 67.01
CA ALA C 566 8.99 2.21 67.14
C ALA C 566 10.39 2.48 67.68
N GLN C 567 10.81 1.71 68.69
CA GLN C 567 12.18 1.85 69.19
C GLN C 567 13.20 1.26 68.22
N ALA C 568 12.79 0.28 67.42
CA ALA C 568 13.73 -0.35 66.49
C ALA C 568 14.10 0.60 65.35
N THR C 569 13.11 1.25 64.74
CA THR C 569 13.39 2.16 63.64
C THR C 569 14.05 3.44 64.11
N GLU C 570 13.74 3.89 65.33
CA GLU C 570 14.41 5.07 65.87
C GLU C 570 15.90 4.80 66.10
N LEU C 571 16.23 3.61 66.62
CA LEU C 571 17.63 3.27 66.86
C LEU C 571 18.40 3.18 65.54
N CYS C 572 17.78 2.60 64.50
CA CYS C 572 18.46 2.47 63.22
C CYS C 572 18.76 3.84 62.61
N PHE C 573 17.82 4.78 62.71
CA PHE C 573 18.04 6.11 62.17
C PHE C 573 19.14 6.84 62.92
N SER C 574 19.16 6.74 64.25
CA SER C 574 20.14 7.48 65.04
C SER C 574 21.53 6.84 64.95
N LYS C 575 21.60 5.51 64.99
CA LYS C 575 22.88 4.83 65.05
C LYS C 575 23.39 4.43 63.67
N LEU C 576 22.61 3.63 62.94
CA LEU C 576 23.04 3.10 61.66
C LEU C 576 22.74 4.02 60.49
N LYS C 577 22.08 5.16 60.73
CA LYS C 577 21.70 6.10 59.68
C LYS C 577 20.88 5.42 58.59
N LEU C 578 19.98 4.54 59.01
CA LEU C 578 19.11 3.80 58.09
C LEU C 578 17.66 4.00 58.50
N LEU C 579 16.78 4.08 57.52
CA LEU C 579 15.35 4.27 57.75
C LEU C 579 14.63 2.95 57.57
N LEU C 580 14.08 2.42 58.67
CA LEU C 580 13.29 1.20 58.65
C LEU C 580 11.82 1.59 58.67
N LEU C 581 11.08 1.21 57.62
CA LEU C 581 9.70 1.61 57.47
C LEU C 581 8.71 0.46 57.45
N ALA C 582 9.15 -0.76 57.18
CA ALA C 582 8.24 -1.90 57.12
C ALA C 582 8.97 -3.15 57.55
N ILE C 583 8.23 -4.07 58.17
CA ILE C 583 8.73 -5.37 58.58
C ILE C 583 7.72 -6.43 58.18
N GLU C 584 8.19 -7.67 58.11
CA GLU C 584 7.36 -8.82 57.76
C GLU C 584 7.09 -9.64 59.02
N ILE C 585 5.83 -9.89 59.30
CA ILE C 585 5.41 -10.65 60.48
C ILE C 585 4.86 -11.99 60.01
N LYS C 586 5.39 -13.08 60.56
CA LYS C 586 4.95 -14.42 60.18
C LYS C 586 4.53 -15.22 61.41
N SER C 594 4.45 -13.59 56.85
CA SER C 594 3.41 -13.92 55.89
C SER C 594 2.77 -12.65 55.33
N LYS C 595 2.78 -11.58 56.12
CA LYS C 595 2.23 -10.30 55.72
C LYS C 595 3.20 -9.19 56.08
N ILE C 596 3.09 -8.08 55.35
CA ILE C 596 3.97 -6.93 55.52
C ILE C 596 3.18 -5.80 56.15
N SER C 597 3.72 -5.23 57.23
CA SER C 597 3.10 -4.12 57.93
C SER C 597 3.96 -2.88 57.76
N ILE C 598 3.34 -1.78 57.33
CA ILE C 598 4.03 -0.52 57.11
C ILE C 598 3.94 0.32 58.37
N ASN C 599 5.08 0.53 59.02
CA ASN C 599 5.17 1.27 60.28
C ASN C 599 4.19 0.73 61.31
N PRO C 600 4.34 -0.52 61.74
CA PRO C 600 3.40 -1.09 62.72
C PRO C 600 3.50 -0.40 64.07
N ARG C 601 2.37 -0.36 64.78
CA ARG C 601 2.28 0.24 66.09
C ARG C 601 2.21 -0.85 67.14
N GLY C 602 3.15 -0.81 68.09
CA GLY C 602 3.17 -1.80 69.16
C GLY C 602 3.39 -3.22 68.68
N ALA C 603 4.29 -3.41 67.72
CA ALA C 603 4.61 -4.72 67.17
C ALA C 603 6.03 -5.07 67.55
N LYS C 604 6.21 -6.23 68.20
CA LYS C 604 7.52 -6.67 68.61
C LYS C 604 8.34 -7.14 67.41
N ILE C 605 9.65 -6.98 67.52
CA ILE C 605 10.60 -7.45 66.51
C ILE C 605 10.95 -8.89 66.87
N GLN C 606 10.50 -9.83 66.05
CA GLN C 606 10.70 -11.25 66.34
C GLN C 606 11.98 -11.75 65.68
N ALA C 607 12.32 -13.00 66.00
CA ALA C 607 13.55 -13.59 65.48
C ALA C 607 13.48 -13.79 63.98
N ASN C 608 14.63 -13.62 63.31
CA ASN C 608 14.76 -13.81 61.88
C ASN C 608 13.77 -12.97 61.08
N THR C 609 13.54 -11.73 61.52
CA THR C 609 12.57 -10.86 60.86
C THR C 609 13.21 -10.14 59.68
N GLN C 610 12.52 -10.13 58.55
CA GLN C 610 12.96 -9.39 57.37
C GLN C 610 12.46 -7.95 57.46
N GLY C 611 13.39 -7.01 57.36
CA GLY C 611 13.07 -5.59 57.47
C GLY C 611 13.30 -4.88 56.14
N PHE C 612 12.53 -3.83 55.92
CA PHE C 612 12.63 -3.01 54.71
C PHE C 612 13.34 -1.70 55.06
N PHE C 613 14.42 -1.41 54.34
CA PHE C 613 15.25 -0.25 54.62
C PHE C 613 15.41 0.61 53.39
N ILE C 614 15.71 1.88 53.61
CA ILE C 614 15.96 2.85 52.55
C ILE C 614 17.39 3.34 52.72
N ALA C 615 18.23 3.12 51.70
CA ALA C 615 19.63 3.49 51.79
C ALA C 615 20.19 3.71 50.39
N GLN C 616 21.37 4.33 50.35
CA GLN C 616 22.03 4.61 49.06
C GLN C 616 22.41 3.32 48.35
N SER C 617 22.93 2.35 49.09
CA SER C 617 23.41 1.11 48.50
C SER C 617 23.18 -0.04 49.47
N ALA C 618 23.23 -1.27 48.93
CA ALA C 618 23.02 -2.45 49.75
C ALA C 618 24.13 -2.64 50.78
N ASP C 619 25.30 -2.05 50.53
CA ASP C 619 26.40 -2.16 51.49
C ASP C 619 26.05 -1.47 52.80
N GLU C 620 25.42 -0.31 52.74
CA GLU C 620 25.04 0.41 53.95
C GLU C 620 23.96 -0.34 54.72
N VAL C 621 23.12 -1.11 54.03
CA VAL C 621 22.04 -1.84 54.68
C VAL C 621 22.57 -2.96 55.56
N LYS C 622 23.73 -3.53 55.21
CA LYS C 622 24.27 -4.66 55.95
C LYS C 622 24.60 -4.31 57.40
N ARG C 623 24.71 -3.01 57.71
CA ARG C 623 25.01 -2.62 59.09
C ARG C 623 23.89 -3.03 60.03
N ALA C 624 22.65 -3.11 59.53
CA ALA C 624 21.54 -3.53 60.38
C ALA C 624 21.68 -4.99 60.79
N TRP C 625 22.32 -5.81 59.95
CA TRP C 625 22.51 -7.21 60.29
C TRP C 625 23.61 -7.40 61.32
N PHE C 626 24.66 -6.58 61.27
CA PHE C 626 25.82 -6.74 62.13
C PHE C 626 25.77 -5.89 63.39
N TYR C 627 24.67 -5.19 63.65
CA TYR C 627 24.59 -4.34 64.82
C TYR C 627 24.58 -5.16 66.10
N CYS C 628 25.32 -4.70 67.10
CA CYS C 628 25.37 -5.34 68.40
C CYS C 628 25.86 -4.33 69.43
N LYS C 629 25.61 -4.63 70.70
CA LYS C 629 26.06 -3.77 71.78
C LYS C 629 27.57 -3.76 71.92
N ALA C 630 28.22 -4.90 71.69
CA ALA C 630 29.68 -4.99 71.80
C ALA C 630 30.36 -4.25 70.66
N MET C 778 -22.66 -3.03 55.48
CA MET C 778 -22.71 -2.53 54.10
C MET C 778 -21.87 -1.27 53.96
N LYS C 779 -21.28 -0.83 55.05
CA LYS C 779 -20.43 0.37 55.00
C LYS C 779 -19.12 0.09 54.28
N TYR C 780 -18.61 -1.13 54.37
CA TYR C 780 -17.35 -1.52 53.74
C TYR C 780 -17.58 -2.76 52.88
N ASP C 781 -16.54 -3.15 52.16
CA ASP C 781 -16.61 -4.32 51.28
C ASP C 781 -16.40 -5.59 52.09
N SER C 782 -16.26 -6.73 51.40
CA SER C 782 -16.06 -8.00 52.10
C SER C 782 -14.73 -8.02 52.84
N THR C 783 -13.67 -7.50 52.22
CA THR C 783 -12.37 -7.47 52.88
C THR C 783 -12.28 -6.42 53.98
N GLY C 784 -13.19 -5.43 53.97
CA GLY C 784 -13.16 -4.39 54.99
C GLY C 784 -12.05 -3.38 54.82
N MET C 785 -11.50 -3.25 53.62
CA MET C 785 -10.41 -2.31 53.36
C MET C 785 -10.85 -1.05 52.62
N PHE C 786 -12.04 -1.06 52.02
CA PHE C 786 -12.53 0.08 51.26
C PHE C 786 -13.99 0.32 51.58
N HIS C 787 -14.43 1.57 51.43
CA HIS C 787 -15.82 1.92 51.64
C HIS C 787 -16.70 1.35 50.52
N TRP C 788 -17.98 1.19 50.83
CA TRP C 788 -18.92 0.57 49.91
C TRP C 788 -20.19 1.40 49.81
N SER C 789 -20.85 1.29 48.65
CA SER C 789 -22.10 1.98 48.38
C SER C 789 -23.05 1.01 47.68
N PRO C 790 -24.38 1.23 47.83
CA PRO C 790 -25.38 0.31 47.25
C PRO C 790 -25.61 0.51 45.75
N ALA C 791 -24.51 0.56 44.97
CA ALA C 791 -24.54 0.55 43.52
C ALA C 791 -25.37 1.72 42.97
N LYS C 792 -24.86 2.93 43.22
CA LYS C 792 -25.50 4.12 42.70
C LYS C 792 -25.45 4.14 41.18
N SER C 793 -26.56 4.55 40.56
CA SER C 793 -26.67 4.56 39.10
C SER C 793 -25.86 5.71 38.50
N LEU C 794 -25.45 5.53 37.25
CA LEU C 794 -24.67 6.56 36.56
C LEU C 794 -25.51 7.80 36.29
N GLU C 795 -26.79 7.62 35.92
CA GLU C 795 -27.63 8.76 35.59
C GLU C 795 -27.84 9.68 36.78
N ASP C 796 -27.81 9.14 38.00
CA ASP C 796 -27.95 9.95 39.20
C ASP C 796 -26.67 10.72 39.54
N CYS C 797 -25.53 10.35 38.96
CA CYS C 797 -24.26 11.01 39.22
C CYS C 797 -23.89 12.04 38.16
N ILE C 798 -24.75 12.26 37.18
CA ILE C 798 -24.49 13.20 36.09
C ILE C 798 -24.92 14.59 36.51
N LEU C 799 -24.02 15.56 36.35
CA LEU C 799 -24.29 16.94 36.75
C LEU C 799 -24.19 17.87 35.55
N ASP C 800 -24.91 18.98 35.63
CA ASP C 800 -24.91 20.00 34.60
C ASP C 800 -24.07 21.20 35.06
N ARG C 801 -23.95 22.19 34.17
CA ARG C 801 -23.16 23.38 34.49
C ARG C 801 -23.74 24.14 35.66
N ASN C 802 -25.07 24.32 35.68
CA ASN C 802 -25.70 25.02 36.79
C ASN C 802 -25.77 24.16 38.04
N GLN C 803 -25.95 22.84 37.88
CA GLN C 803 -25.99 21.95 39.04
C GLN C 803 -24.66 21.93 39.76
N ALA C 804 -23.55 21.89 39.02
CA ALA C 804 -22.23 21.86 39.63
C ALA C 804 -21.80 23.21 40.18
N ALA C 805 -22.33 24.31 39.63
CA ALA C 805 -21.94 25.63 40.11
C ALA C 805 -22.58 25.95 41.46
N MET C 806 -23.84 25.55 41.64
CA MET C 806 -24.57 25.85 42.86
C MET C 806 -24.12 25.03 44.05
N THR C 807 -23.53 23.85 43.82
CA THR C 807 -23.06 23.02 44.92
C THR C 807 -21.64 23.40 45.31
N VAL C 808 -21.28 23.11 46.55
CA VAL C 808 -19.96 23.44 47.08
C VAL C 808 -19.01 22.28 46.85
N LEU C 809 -17.83 22.57 46.34
CA LEU C 809 -16.78 21.58 46.09
C LEU C 809 -15.46 22.15 46.60
N ASN C 810 -15.14 21.87 47.86
CA ASN C 810 -13.91 22.33 48.49
C ASN C 810 -13.09 21.13 48.90
N GLY C 811 -11.80 21.13 48.54
CA GLY C 811 -10.93 20.02 48.86
C GLY C 811 -11.22 18.76 48.09
N HIS C 812 -11.86 18.87 46.93
CA HIS C 812 -12.21 17.72 46.12
C HIS C 812 -11.08 17.39 45.14
N VAL C 813 -11.32 16.37 44.31
CA VAL C 813 -10.36 15.94 43.30
C VAL C 813 -11.04 16.01 41.94
N VAL C 814 -10.40 16.70 41.00
CA VAL C 814 -10.91 16.86 39.64
C VAL C 814 -10.09 15.99 38.71
N VAL C 815 -10.77 15.15 37.94
CA VAL C 815 -10.14 14.20 37.04
C VAL C 815 -10.44 14.67 35.61
N CYS C 816 -9.46 15.29 34.97
CA CYS C 816 -9.61 15.75 33.59
C CYS C 816 -9.32 14.57 32.66
N LEU C 817 -10.36 14.04 32.04
CA LEU C 817 -10.26 12.84 31.20
C LEU C 817 -10.47 13.22 29.75
N PHE C 818 -9.54 12.83 28.89
CA PHE C 818 -9.62 13.01 27.45
C PHE C 818 -9.74 11.63 26.82
N ALA C 819 -10.94 11.28 26.36
CA ALA C 819 -11.17 9.93 25.84
C ALA C 819 -12.32 9.97 24.84
N ASP C 820 -12.11 9.38 23.68
CA ASP C 820 -13.17 9.15 22.71
C ASP C 820 -14.08 8.02 23.20
N PRO C 821 -15.31 7.95 22.70
CA PRO C 821 -16.20 6.84 23.11
C PRO C 821 -15.63 5.47 22.78
N ASP C 822 -14.82 5.34 21.73
CA ASP C 822 -14.22 4.07 21.34
C ASP C 822 -12.80 3.90 21.86
N SER C 823 -12.32 4.81 22.72
CA SER C 823 -10.97 4.73 23.23
C SER C 823 -10.79 3.52 24.14
N PRO C 824 -9.59 2.94 24.18
CA PRO C 824 -9.34 1.83 25.11
C PRO C 824 -9.52 2.24 26.56
N LEU C 825 -10.07 1.32 27.35
CA LEU C 825 -10.35 1.60 28.75
C LEU C 825 -9.07 1.64 29.57
N ILE C 826 -8.98 2.62 30.46
CA ILE C 826 -7.80 2.81 31.29
C ILE C 826 -8.06 2.42 32.74
N GLY C 827 -9.26 1.93 33.06
CA GLY C 827 -9.54 1.48 34.41
C GLY C 827 -9.63 2.62 35.41
N LEU C 828 -10.71 3.41 35.33
CA LEU C 828 -10.84 4.55 36.22
C LEU C 828 -11.00 4.16 37.68
N ARG C 829 -11.16 2.86 37.99
CA ARG C 829 -11.14 2.46 39.39
C ARG C 829 -9.81 2.78 40.05
N ASN C 830 -8.69 2.57 39.32
CA ASN C 830 -7.38 2.53 39.96
C ASN C 830 -6.99 3.89 40.53
N LEU C 831 -7.73 4.92 40.17
CA LEU C 831 -7.48 6.25 40.70
C LEU C 831 -8.43 6.58 41.84
N VAL C 832 -9.64 6.01 41.82
CA VAL C 832 -10.66 6.38 42.80
C VAL C 832 -10.58 5.53 44.04
N MET C 833 -10.48 4.21 43.87
CA MET C 833 -10.50 3.30 45.01
C MET C 833 -9.42 3.57 46.05
N PRO C 834 -8.15 3.86 45.70
CA PRO C 834 -7.19 4.22 46.76
C PRO C 834 -7.62 5.42 47.57
N LEU C 835 -8.38 6.34 46.98
CA LEU C 835 -8.95 7.45 47.71
C LEU C 835 -10.15 7.05 48.57
N ARG C 836 -10.65 5.82 48.41
CA ARG C 836 -11.79 5.32 49.16
C ARG C 836 -11.39 4.23 50.15
N ALA C 837 -10.14 4.24 50.60
CA ALA C 837 -9.68 3.25 51.54
C ALA C 837 -10.31 3.45 52.92
N SER C 838 -10.34 2.36 53.70
CA SER C 838 -10.91 2.40 55.03
C SER C 838 -10.06 3.19 56.02
N ASN C 839 -8.83 3.57 55.63
CA ASN C 839 -7.99 4.37 56.52
C ASN C 839 -8.58 5.75 56.76
N PHE C 840 -9.33 6.27 55.80
CA PHE C 840 -9.92 7.59 55.90
C PHE C 840 -11.34 7.49 56.42
N HIS C 841 -11.70 8.38 57.35
CA HIS C 841 -13.07 8.45 57.83
C HIS C 841 -13.98 8.98 56.72
N TYR C 842 -15.28 8.69 56.87
CA TYR C 842 -16.24 9.11 55.85
C TYR C 842 -16.33 10.61 55.73
N HIS C 843 -16.08 11.34 56.82
CA HIS C 843 -16.16 12.79 56.78
C HIS C 843 -14.95 13.41 56.05
N GLU C 844 -13.79 12.74 56.11
CA GLU C 844 -12.58 13.25 55.49
C GLU C 844 -12.36 12.71 54.09
N LEU C 845 -13.29 11.92 53.55
CA LEU C 845 -13.15 11.42 52.19
C LEU C 845 -13.20 12.56 51.19
N LYS C 846 -12.34 12.49 50.18
CA LYS C 846 -12.25 13.52 49.16
C LYS C 846 -13.24 13.24 48.05
N HIS C 847 -14.07 14.22 47.73
CA HIS C 847 -15.02 14.08 46.63
C HIS C 847 -14.29 14.00 45.30
N VAL C 848 -14.76 13.11 44.43
CA VAL C 848 -14.13 12.89 43.13
C VAL C 848 -15.14 13.27 42.05
N VAL C 849 -14.73 14.19 41.17
CA VAL C 849 -15.54 14.62 40.04
C VAL C 849 -14.75 14.34 38.76
N ILE C 850 -15.41 13.75 37.78
CA ILE C 850 -14.79 13.37 36.52
C ILE C 850 -15.37 14.24 35.42
N VAL C 851 -14.50 14.91 34.68
CA VAL C 851 -14.90 15.77 33.57
C VAL C 851 -14.51 15.06 32.28
N GLY C 852 -15.51 14.69 31.49
CA GLY C 852 -15.25 13.99 30.24
C GLY C 852 -16.55 13.57 29.60
N SER C 853 -16.41 12.83 28.50
CA SER C 853 -17.58 12.33 27.78
C SER C 853 -18.27 11.23 28.57
N VAL C 854 -19.59 11.34 28.71
CA VAL C 854 -20.35 10.34 29.45
C VAL C 854 -20.32 9.00 28.73
N ASP C 855 -20.20 9.01 27.40
CA ASP C 855 -20.18 7.76 26.64
C ASP C 855 -19.00 6.89 27.04
N TYR C 856 -17.83 7.49 27.24
CA TYR C 856 -16.67 6.71 27.67
C TYR C 856 -16.80 6.28 29.13
N ILE C 857 -17.23 7.20 30.00
CA ILE C 857 -17.41 6.86 31.42
C ILE C 857 -18.50 5.83 31.63
N ARG C 858 -19.45 5.73 30.70
CA ARG C 858 -20.50 4.72 30.82
C ARG C 858 -19.91 3.32 30.82
N ARG C 859 -18.93 3.07 29.95
CA ARG C 859 -18.26 1.78 29.94
C ARG C 859 -17.41 1.58 31.20
N GLU C 860 -16.95 2.66 31.82
CA GLU C 860 -16.17 2.58 33.04
C GLU C 860 -17.02 2.54 34.30
N TRP C 861 -18.33 2.75 34.18
CA TRP C 861 -19.18 2.84 35.37
C TRP C 861 -19.50 1.48 35.98
N LYS C 862 -19.12 0.37 35.32
CA LYS C 862 -19.38 -0.94 35.91
C LYS C 862 -18.74 -1.08 37.27
N MET C 863 -17.50 -0.62 37.42
CA MET C 863 -16.79 -0.90 38.66
C MET C 863 -16.76 0.31 39.58
N LEU C 864 -17.43 1.40 39.23
CA LEU C 864 -17.51 2.60 40.04
C LEU C 864 -18.87 2.77 40.71
N GLN C 865 -19.73 1.75 40.60
CA GLN C 865 -21.07 1.86 41.17
C GLN C 865 -21.04 1.93 42.69
N ASN C 866 -20.18 1.15 43.32
CA ASN C 866 -20.16 1.00 44.77
C ASN C 866 -19.21 1.96 45.48
N LEU C 867 -18.56 2.86 44.74
CA LEU C 867 -17.64 3.80 45.35
C LEU C 867 -18.37 5.09 45.71
N PRO C 868 -18.40 5.48 46.99
CA PRO C 868 -19.16 6.68 47.37
C PRO C 868 -18.51 7.96 46.88
N LYS C 869 -19.33 9.00 46.78
CA LYS C 869 -18.90 10.36 46.47
C LYS C 869 -18.17 10.42 45.13
N ILE C 870 -18.90 10.07 44.07
CA ILE C 870 -18.38 10.14 42.71
C ILE C 870 -19.34 10.99 41.88
N SER C 871 -18.79 11.95 41.16
CA SER C 871 -19.58 12.86 40.34
C SER C 871 -19.04 12.85 38.91
N VAL C 872 -19.94 12.98 37.95
CA VAL C 872 -19.61 12.97 36.53
C VAL C 872 -20.18 14.23 35.89
N LEU C 873 -19.33 14.99 35.20
CA LEU C 873 -19.73 16.20 34.50
C LEU C 873 -19.40 16.03 33.02
N ASN C 874 -20.39 16.23 32.17
CA ASN C 874 -20.18 16.13 30.73
C ASN C 874 -19.51 17.41 30.20
N GLY C 875 -18.74 17.24 29.12
CA GLY C 875 -18.06 18.34 28.48
C GLY C 875 -16.60 18.03 28.30
N SER C 876 -15.83 19.08 28.00
CA SER C 876 -14.39 18.97 27.82
C SER C 876 -13.68 19.82 28.85
N PRO C 877 -12.67 19.28 29.55
CA PRO C 877 -11.96 20.08 30.54
C PRO C 877 -11.16 21.23 29.95
N LEU C 878 -10.96 21.24 28.62
CA LEU C 878 -10.31 22.39 27.99
C LEU C 878 -11.13 23.66 28.16
N SER C 879 -12.45 23.56 28.06
CA SER C 879 -13.32 24.72 28.18
C SER C 879 -13.22 25.31 29.59
N ARG C 880 -13.14 26.64 29.65
CA ARG C 880 -13.02 27.31 30.94
C ARG C 880 -14.33 27.29 31.72
N ALA C 881 -15.47 27.18 31.02
CA ALA C 881 -16.76 27.14 31.70
C ALA C 881 -16.89 25.91 32.59
N ASP C 882 -16.48 24.76 32.09
CA ASP C 882 -16.55 23.53 32.89
C ASP C 882 -15.60 23.58 34.08
N LEU C 883 -14.40 24.12 33.87
CA LEU C 883 -13.43 24.21 34.97
C LEU C 883 -13.92 25.12 36.08
N ARG C 884 -14.54 26.25 35.71
CA ARG C 884 -15.06 27.17 36.73
C ARG C 884 -16.27 26.57 37.45
N ALA C 885 -17.03 25.72 36.77
CA ALA C 885 -18.20 25.10 37.40
C ALA C 885 -17.79 24.18 38.55
N VAL C 886 -16.70 23.41 38.37
CA VAL C 886 -16.27 22.47 39.39
C VAL C 886 -15.31 23.10 40.39
N ASN C 887 -15.00 24.39 40.25
CA ASN C 887 -14.13 25.12 41.18
C ASN C 887 -12.75 24.45 41.28
N VAL C 888 -12.04 24.46 40.16
CA VAL C 888 -10.70 23.88 40.12
C VAL C 888 -9.72 24.63 41.02
N ASN C 889 -10.02 25.89 41.34
CA ASN C 889 -9.15 26.66 42.22
C ASN C 889 -9.19 26.19 43.66
N LEU C 890 -10.18 25.39 44.05
CA LEU C 890 -10.31 24.89 45.41
C LEU C 890 -10.04 23.40 45.53
N CYS C 891 -9.75 22.71 44.43
CA CYS C 891 -9.51 21.28 44.49
C CYS C 891 -8.13 20.99 45.07
N ASP C 892 -8.01 19.83 45.72
CA ASP C 892 -6.73 19.42 46.30
C ASP C 892 -5.76 18.95 45.23
N MET C 893 -6.26 18.40 44.13
CA MET C 893 -5.40 17.90 43.06
C MET C 893 -6.21 17.78 41.79
N CYS C 894 -5.65 18.28 40.68
CA CYS C 894 -6.25 18.16 39.36
C CYS C 894 -5.43 17.17 38.54
N CYS C 895 -6.09 16.10 38.08
CA CYS C 895 -5.44 15.02 37.35
C CYS C 895 -5.83 15.10 35.88
N ILE C 896 -4.83 15.10 35.01
CA ILE C 896 -5.04 15.14 33.56
C ILE C 896 -4.68 13.77 33.01
N LEU C 897 -5.67 13.05 32.50
CA LEU C 897 -5.48 11.72 31.95
C LEU C 897 -5.98 11.68 30.52
N SER C 898 -5.21 11.04 29.65
CA SER C 898 -5.55 10.90 28.23
C SER C 898 -5.68 9.43 27.90
N ALA C 899 -6.80 9.06 27.26
CA ALA C 899 -7.05 7.68 26.86
C ALA C 899 -7.08 7.51 25.35
N LYS C 900 -6.97 8.58 24.58
CA LYS C 900 -6.98 8.48 23.13
C LYS C 900 -5.72 7.77 22.63
N VAL C 901 -5.89 7.00 21.56
CA VAL C 901 -4.79 6.25 20.97
C VAL C 901 -3.82 7.23 20.31
N PRO C 902 -2.52 6.96 20.30
CA PRO C 902 -1.57 7.86 19.65
C PRO C 902 -1.62 7.68 18.14
N SER C 903 -1.76 8.81 17.42
CA SER C 903 -1.81 8.76 15.96
C SER C 903 -0.45 8.47 15.33
N ASN C 904 0.63 8.53 16.11
CA ASN C 904 1.99 8.24 15.65
C ASN C 904 2.44 9.18 14.53
N ASP C 905 1.75 10.31 14.36
CA ASP C 905 2.17 11.28 13.35
C ASP C 905 3.46 11.98 13.76
N ASP C 906 3.58 12.34 15.03
CA ASP C 906 4.77 13.01 15.54
C ASP C 906 4.88 12.79 17.05
N PRO C 907 6.06 12.44 17.56
CA PRO C 907 6.21 12.27 19.01
C PRO C 907 5.89 13.53 19.80
N THR C 908 6.18 14.71 19.26
CA THR C 908 5.91 15.96 19.96
C THR C 908 4.43 16.32 19.98
N LEU C 909 3.63 15.75 19.08
CA LEU C 909 2.21 16.03 19.00
C LEU C 909 1.37 15.00 19.77
N ALA C 910 2.00 14.04 20.43
CA ALA C 910 1.25 13.02 21.14
C ALA C 910 0.55 13.58 22.37
N ASP C 911 1.21 14.48 23.10
CA ASP C 911 0.66 15.05 24.32
C ASP C 911 0.20 16.50 24.13
N LYS C 912 -0.26 16.84 22.92
CA LYS C 912 -0.74 18.20 22.67
C LYS C 912 -2.02 18.47 23.46
N GLU C 913 -2.80 17.43 23.78
CA GLU C 913 -4.05 17.62 24.48
C GLU C 913 -3.82 17.92 25.96
N ALA C 914 -2.88 17.22 26.58
CA ALA C 914 -2.62 17.43 28.01
C ALA C 914 -1.83 18.72 28.24
N ILE C 915 -0.93 19.06 27.32
CA ILE C 915 -0.14 20.28 27.47
C ILE C 915 -1.04 21.51 27.40
N LEU C 916 -1.98 21.51 26.45
CA LEU C 916 -2.91 22.63 26.33
C LEU C 916 -3.78 22.76 27.57
N ALA C 917 -4.27 21.63 28.09
CA ALA C 917 -5.09 21.68 29.30
C ALA C 917 -4.31 22.20 30.50
N SER C 918 -3.06 21.76 30.64
CA SER C 918 -2.24 22.22 31.76
C SER C 918 -1.95 23.71 31.65
N LEU C 919 -1.64 24.19 30.45
CA LEU C 919 -1.36 25.61 30.27
C LEU C 919 -2.62 26.46 30.45
N ASN C 920 -3.78 25.94 30.03
CA ASN C 920 -5.01 26.70 30.16
C ASN C 920 -5.36 26.98 31.62
N ILE C 921 -5.21 25.97 32.48
CA ILE C 921 -5.53 26.15 33.90
C ILE C 921 -4.53 27.11 34.55
N LYS C 922 -3.27 27.05 34.16
CA LYS C 922 -2.24 27.90 34.76
C LYS C 922 -2.48 29.38 34.49
N ALA C 923 -3.31 29.72 33.50
CA ALA C 923 -3.53 31.10 33.11
C ALA C 923 -4.87 31.67 33.57
N MET C 924 -5.80 30.82 34.02
CA MET C 924 -7.11 31.32 34.42
C MET C 924 -7.02 32.08 35.74
N THR C 925 -7.91 33.05 35.89
CA THR C 925 -7.96 33.90 37.09
C THR C 925 -9.31 33.73 37.78
N PHE C 926 -9.27 33.59 39.10
CA PHE C 926 -10.47 33.39 39.90
C PHE C 926 -10.66 34.56 40.85
N ASP C 927 -11.92 34.87 41.14
CA ASP C 927 -12.27 35.95 42.05
C ASP C 927 -12.35 35.46 43.49
N VAL C 959 -6.78 34.62 44.04
CA VAL C 959 -6.25 33.30 43.72
C VAL C 959 -6.27 33.08 42.21
N TYR C 960 -5.10 32.80 41.65
CA TYR C 960 -4.94 32.54 40.22
C TYR C 960 -4.69 31.06 39.99
N GLY C 961 -4.80 30.66 38.72
CA GLY C 961 -4.67 29.26 38.36
C GLY C 961 -3.26 28.72 38.42
N ALA C 962 -2.25 29.60 38.50
CA ALA C 962 -0.88 29.14 38.57
C ALA C 962 -0.56 28.42 39.88
N ASN C 963 -1.34 28.66 40.92
CA ASN C 963 -1.14 28.01 42.21
C ASN C 963 -1.95 26.72 42.36
N VAL C 964 -2.72 26.33 41.35
CA VAL C 964 -3.53 25.13 41.40
C VAL C 964 -2.62 23.91 41.31
N PRO C 965 -2.65 23.00 42.28
CA PRO C 965 -1.81 21.80 42.21
C PRO C 965 -2.34 20.83 41.16
N MET C 966 -1.49 20.49 40.20
CA MET C 966 -1.88 19.64 39.08
C MET C 966 -0.82 18.56 38.87
N ILE C 967 -1.28 17.40 38.39
CA ILE C 967 -0.39 16.32 37.97
C ILE C 967 -0.82 15.88 36.58
N THR C 968 0.15 15.68 35.69
CA THR C 968 -0.12 15.42 34.29
C THR C 968 0.48 14.09 33.86
N GLU C 969 -0.31 13.30 33.13
CA GLU C 969 0.14 12.05 32.54
C GLU C 969 0.69 12.32 31.15
N LEU C 970 1.88 11.80 30.87
CA LEU C 970 2.52 11.95 29.57
C LEU C 970 2.77 10.59 28.94
N VAL C 971 2.36 10.45 27.68
CA VAL C 971 2.63 9.23 26.92
C VAL C 971 4.02 9.26 26.29
N ASN C 972 4.66 10.42 26.20
CA ASN C 972 6.01 10.56 25.67
C ASN C 972 6.86 11.34 26.66
N ASP C 973 8.09 10.88 26.88
CA ASP C 973 8.97 11.53 27.84
C ASP C 973 9.45 12.89 27.36
N GLY C 974 9.60 13.09 26.06
CA GLY C 974 10.16 14.32 25.53
C GLY C 974 9.24 15.52 25.58
N ASN C 975 7.96 15.32 25.89
CA ASN C 975 7.00 16.41 25.96
C ASN C 975 6.97 17.09 27.32
N VAL C 976 7.79 16.63 28.27
CA VAL C 976 7.84 17.26 29.58
C VAL C 976 8.41 18.67 29.51
N GLN C 977 9.16 18.98 28.44
CA GLN C 977 9.77 20.30 28.31
C GLN C 977 8.75 21.41 28.17
N PHE C 978 7.55 21.11 27.68
CA PHE C 978 6.52 22.12 27.49
C PHE C 978 5.63 22.31 28.71
N LEU C 979 5.79 21.48 29.76
CA LEU C 979 4.97 21.62 30.94
C LEU C 979 5.38 22.82 31.78
N ASP C 980 6.67 23.15 31.78
CA ASP C 980 7.21 24.25 32.55
C ASP C 980 7.81 25.30 31.61
N GLN C 981 7.84 26.54 32.08
CA GLN C 981 8.33 27.67 31.30
C GLN C 981 9.67 28.21 31.78
N ASP C 982 9.85 28.32 33.09
CA ASP C 982 11.07 28.91 33.66
C ASP C 982 12.14 27.86 33.93
N ASP C 983 12.53 27.12 32.89
CA ASP C 983 13.56 26.10 33.03
C ASP C 983 14.22 25.88 31.67
N ASP C 984 15.42 25.30 31.71
CA ASP C 984 16.14 24.96 30.50
C ASP C 984 15.77 23.55 30.05
N ASP C 985 15.58 23.38 28.75
CA ASP C 985 15.11 22.13 28.18
C ASP C 985 16.21 21.49 27.33
N ASP C 986 16.33 20.18 27.42
CA ASP C 986 17.32 19.42 26.67
C ASP C 986 16.71 18.09 26.24
N PRO C 987 16.71 17.78 24.94
CA PRO C 987 16.11 16.51 24.49
C PRO C 987 16.79 15.28 25.07
N ASP C 988 18.09 15.33 25.35
CA ASP C 988 18.83 14.16 25.79
C ASP C 988 18.83 13.98 27.30
N THR C 989 18.22 14.90 28.06
CA THR C 989 18.23 14.76 29.51
C THR C 989 17.31 13.61 29.94
N GLU C 990 17.62 13.05 31.11
CA GLU C 990 16.81 11.96 31.65
C GLU C 990 15.54 12.53 32.27
N LEU C 991 14.48 11.71 32.27
CA LEU C 991 13.18 12.19 32.73
C LEU C 991 13.22 12.62 34.19
N TYR C 992 13.83 11.81 35.06
CA TYR C 992 13.85 12.15 36.48
C TYR C 992 14.75 13.35 36.78
N LEU C 993 15.56 13.79 35.83
CA LEU C 993 16.37 14.99 35.98
C LEU C 993 15.62 16.26 35.63
N THR C 994 14.44 16.15 35.03
CA THR C 994 13.68 17.31 34.61
C THR C 994 13.01 17.99 35.81
N GLN C 995 12.84 19.31 35.70
CA GLN C 995 12.19 20.07 36.76
C GLN C 995 10.75 19.65 37.01
N PRO C 996 9.88 19.50 35.99
CA PRO C 996 8.50 19.10 36.28
C PRO C 996 8.38 17.77 37.00
N PHE C 997 9.23 16.80 36.68
CA PHE C 997 9.19 15.52 37.38
C PHE C 997 9.70 15.67 38.82
N ALA C 998 10.74 16.47 39.02
CA ALA C 998 11.26 16.69 40.36
C ALA C 998 10.28 17.41 41.26
N CYS C 999 9.32 18.15 40.68
CA CYS C 999 8.32 18.86 41.45
C CYS C 999 7.04 18.06 41.67
N GLY C 1000 7.00 16.81 41.19
CA GLY C 1000 5.80 16.01 41.34
C GLY C 1000 4.65 16.41 40.44
N THR C 1001 4.94 17.12 39.34
CA THR C 1001 3.92 17.59 38.42
C THR C 1001 3.74 16.66 37.22
N ALA C 1002 4.83 16.14 36.67
CA ALA C 1002 4.79 15.27 35.50
C ALA C 1002 4.98 13.82 35.92
N PHE C 1003 4.39 12.91 35.15
CA PHE C 1003 4.53 11.48 35.40
C PHE C 1003 4.37 10.73 34.09
N ALA C 1004 5.07 9.61 33.99
CA ALA C 1004 5.02 8.77 32.79
C ALA C 1004 5.26 7.32 33.19
N VAL C 1005 4.84 6.41 32.31
CA VAL C 1005 5.00 4.98 32.58
C VAL C 1005 6.43 4.49 32.32
N SER C 1006 7.28 5.34 31.74
CA SER C 1006 8.66 4.93 31.46
C SER C 1006 9.47 4.71 32.73
N VAL C 1007 9.07 5.33 33.84
CA VAL C 1007 9.79 5.14 35.10
C VAL C 1007 9.42 3.85 35.80
N LEU C 1008 8.42 3.12 35.30
CA LEU C 1008 7.96 1.88 35.91
C LEU C 1008 8.64 0.65 35.35
N ASP C 1009 9.52 0.81 34.35
CA ASP C 1009 10.22 -0.33 33.79
C ASP C 1009 11.22 -0.94 34.76
N SER C 1010 11.63 -0.19 35.78
CA SER C 1010 12.57 -0.70 36.78
C SER C 1010 11.93 -1.73 37.71
N LEU C 1011 10.61 -1.88 37.68
CA LEU C 1011 9.95 -2.81 38.60
C LEU C 1011 10.15 -4.26 38.20
N MET C 1012 10.45 -4.52 36.92
CA MET C 1012 10.67 -5.89 36.49
C MET C 1012 11.89 -6.50 37.18
N SER C 1013 12.97 -5.74 37.28
CA SER C 1013 14.18 -6.25 37.93
C SER C 1013 13.99 -6.31 39.45
N THR C 1014 13.29 -5.32 40.02
CA THR C 1014 13.08 -5.31 41.46
C THR C 1014 12.24 -6.50 41.91
N THR C 1015 11.20 -6.83 41.15
CA THR C 1015 10.32 -7.93 41.53
C THR C 1015 11.06 -9.27 41.53
N TYR C 1016 11.92 -9.50 40.54
CA TYR C 1016 12.61 -10.78 40.43
C TYR C 1016 13.54 -11.00 41.62
N PHE C 1017 14.28 -9.97 42.03
CA PHE C 1017 15.22 -10.11 43.13
C PHE C 1017 14.53 -10.29 44.47
N ASN C 1018 13.30 -9.81 44.62
CA ASN C 1018 12.55 -9.97 45.86
C ASN C 1018 11.08 -9.81 45.57
N GLN C 1019 10.29 -10.88 45.79
CA GLN C 1019 8.85 -10.80 45.57
C GLN C 1019 8.18 -9.87 46.58
N ASN C 1020 8.69 -9.83 47.81
CA ASN C 1020 8.10 -8.98 48.84
C ASN C 1020 8.22 -7.49 48.51
N ALA C 1021 9.19 -7.12 47.67
CA ALA C 1021 9.32 -5.72 47.29
C ALA C 1021 8.10 -5.22 46.52
N LEU C 1022 7.59 -6.04 45.59
CA LEU C 1022 6.40 -5.65 44.84
C LEU C 1022 5.16 -5.63 45.73
N THR C 1023 5.09 -6.55 46.70
CA THR C 1023 3.96 -6.58 47.61
C THR C 1023 3.88 -5.29 48.44
N LEU C 1024 5.03 -4.80 48.90
CA LEU C 1024 5.05 -3.54 49.62
C LEU C 1024 4.60 -2.38 48.74
N ILE C 1025 4.91 -2.45 47.44
CA ILE C 1025 4.51 -1.40 46.51
C ILE C 1025 2.98 -1.32 46.43
N ARG C 1026 2.34 -2.47 46.21
CA ARG C 1026 0.90 -2.49 46.01
C ARG C 1026 0.14 -2.10 47.27
N SER C 1027 0.59 -2.59 48.43
CA SER C 1027 -0.09 -2.26 49.68
C SER C 1027 0.03 -0.78 50.03
N LEU C 1028 1.07 -0.12 49.53
CA LEU C 1028 1.31 1.28 49.90
C LEU C 1028 0.59 2.25 48.96
N ILE C 1029 0.30 1.84 47.73
CA ILE C 1029 -0.32 2.73 46.76
C ILE C 1029 -1.76 2.38 46.43
N THR C 1030 -2.17 1.11 46.57
CA THR C 1030 -3.53 0.70 46.24
C THR C 1030 -4.46 0.71 47.44
N GLY C 1031 -4.00 1.20 48.60
CA GLY C 1031 -4.84 1.24 49.77
C GLY C 1031 -5.04 -0.11 50.43
N GLY C 1032 -4.10 -1.03 50.28
CA GLY C 1032 -4.20 -2.34 50.90
C GLY C 1032 -5.12 -3.28 50.16
N ALA C 1033 -4.76 -3.64 48.94
CA ALA C 1033 -5.54 -4.56 48.12
C ALA C 1033 -5.18 -5.98 48.52
N THR C 1034 -6.05 -6.64 49.28
CA THR C 1034 -5.81 -7.99 49.74
C THR C 1034 -5.91 -8.98 48.58
N PRO C 1035 -5.26 -10.15 48.71
CA PRO C 1035 -5.18 -11.08 47.57
C PRO C 1035 -6.50 -11.54 47.02
N GLU C 1036 -7.37 -12.16 47.82
CA GLU C 1036 -8.57 -12.77 47.26
C GLU C 1036 -9.59 -11.69 46.87
N LEU C 1037 -9.34 -10.45 47.26
CA LEU C 1037 -10.15 -9.35 46.74
C LEU C 1037 -10.03 -9.27 45.23
N GLU C 1038 -8.83 -9.48 44.70
CA GLU C 1038 -8.66 -9.61 43.25
C GLU C 1038 -9.36 -10.85 42.73
N LEU C 1039 -9.40 -11.92 43.54
CA LEU C 1039 -10.19 -13.09 43.19
C LEU C 1039 -11.67 -12.77 43.15
N ILE C 1040 -12.14 -11.92 44.07
CA ILE C 1040 -13.52 -11.44 44.01
C ILE C 1040 -13.73 -10.63 42.74
N LEU C 1041 -12.77 -9.77 42.41
CA LEU C 1041 -12.91 -8.92 41.24
C LEU C 1041 -12.84 -9.73 39.95
N ALA C 1042 -12.03 -10.80 39.94
CA ALA C 1042 -11.90 -11.64 38.76
C ALA C 1042 -13.15 -12.46 38.48
N GLU C 1043 -14.07 -12.56 39.44
CA GLU C 1043 -15.30 -13.31 39.21
C GLU C 1043 -16.15 -12.65 38.13
N GLY C 1044 -16.21 -11.32 38.12
CA GLY C 1044 -17.00 -10.58 37.14
C GLY C 1044 -18.23 -9.89 37.69
N ALA C 1045 -18.52 -10.05 38.99
CA ALA C 1045 -19.67 -9.40 39.60
C ALA C 1045 -19.34 -8.05 40.20
N GLY C 1046 -18.12 -7.57 40.05
CA GLY C 1046 -17.76 -6.29 40.60
C GLY C 1046 -17.44 -6.33 42.08
N LEU C 1047 -17.36 -5.13 42.66
CA LEU C 1047 -17.12 -5.01 44.09
C LEU C 1047 -18.38 -5.37 44.86
N ARG C 1048 -18.27 -6.36 45.73
CA ARG C 1048 -19.39 -6.78 46.57
C ARG C 1048 -19.08 -6.46 48.04
N GLY C 1049 -20.08 -5.95 48.74
CA GLY C 1049 -19.92 -5.52 50.11
C GLY C 1049 -20.05 -6.65 51.11
N GLY C 1050 -19.96 -6.29 52.38
CA GLY C 1050 -20.09 -7.24 53.46
C GLY C 1050 -20.41 -6.53 54.75
N TYR C 1051 -20.94 -7.31 55.70
CA TYR C 1051 -21.33 -6.79 57.00
C TYR C 1051 -20.10 -6.68 57.90
N SER C 1052 -19.90 -5.50 58.49
CA SER C 1052 -18.74 -5.25 59.32
C SER C 1052 -18.87 -5.95 60.66
N THR C 1053 -17.83 -6.69 61.04
CA THR C 1053 -17.75 -7.36 62.33
C THR C 1053 -16.55 -6.83 63.10
N VAL C 1054 -16.39 -7.33 64.33
CA VAL C 1054 -15.25 -6.92 65.15
C VAL C 1054 -13.94 -7.39 64.50
N GLU C 1055 -13.94 -8.61 63.95
CA GLU C 1055 -12.76 -9.08 63.24
C GLU C 1055 -12.52 -8.28 61.97
N SER C 1056 -13.58 -7.95 61.23
CA SER C 1056 -13.42 -7.23 59.97
C SER C 1056 -12.99 -5.79 60.20
N LEU C 1057 -13.54 -5.14 61.24
CA LEU C 1057 -13.21 -3.74 61.51
C LEU C 1057 -11.77 -3.54 61.97
N SER C 1058 -11.08 -4.61 62.37
CA SER C 1058 -9.69 -4.48 62.79
C SER C 1058 -8.77 -4.14 61.62
N ASN C 1059 -9.19 -4.41 60.39
CA ASN C 1059 -8.37 -4.10 59.23
C ASN C 1059 -8.26 -2.60 58.97
N ARG C 1060 -9.14 -1.80 59.57
CA ARG C 1060 -9.08 -0.35 59.37
C ARG C 1060 -7.87 0.29 60.03
N ASP C 1061 -7.19 -0.42 60.93
CA ASP C 1061 -6.06 0.13 61.66
C ASP C 1061 -4.78 -0.20 60.92
N ARG C 1062 -4.34 0.74 60.07
CA ARG C 1062 -3.06 0.60 59.38
C ARG C 1062 -2.59 2.00 58.98
N CYS C 1063 -1.30 2.09 58.67
CA CYS C 1063 -0.71 3.38 58.34
C CYS C 1063 -1.16 3.85 56.97
N ARG C 1064 -1.16 5.17 56.78
CA ARG C 1064 -1.57 5.79 55.53
C ARG C 1064 -0.57 6.87 55.16
N VAL C 1065 -0.53 7.20 53.87
CA VAL C 1065 0.38 8.23 53.36
C VAL C 1065 -0.25 9.60 53.58
N GLY C 1066 0.49 10.48 54.26
CA GLY C 1066 0.00 11.82 54.53
C GLY C 1066 1.13 12.83 54.46
N GLN C 1067 0.74 14.11 54.45
CA GLN C 1067 1.67 15.22 54.40
C GLN C 1067 1.29 16.22 55.48
N ILE C 1068 2.31 16.77 56.16
CA ILE C 1068 2.12 17.73 57.24
C ILE C 1068 2.95 18.98 56.94
N SER C 1069 2.65 20.04 57.68
CA SER C 1069 3.35 21.30 57.56
C SER C 1069 3.90 21.72 58.91
N LEU C 1070 5.07 22.36 58.90
CA LEU C 1070 5.74 22.79 60.12
C LEU C 1070 5.43 24.24 60.48
N TYR C 1071 4.55 24.90 59.74
CA TYR C 1071 4.23 26.29 60.03
C TYR C 1071 3.51 26.43 61.37
N ASP C 1072 2.55 25.54 61.63
CA ASP C 1072 1.76 25.58 62.85
C ASP C 1072 1.67 24.19 63.46
N GLY C 1073 1.15 24.14 64.68
CA GLY C 1073 1.01 22.89 65.40
C GLY C 1073 2.09 22.69 66.44
N PRO C 1074 2.09 21.53 67.10
CA PRO C 1074 3.11 21.25 68.13
C PRO C 1074 4.45 20.83 67.57
N LEU C 1075 4.59 20.72 66.25
CA LEU C 1075 5.85 20.37 65.61
C LEU C 1075 6.51 21.57 64.95
N ALA C 1076 6.05 22.78 65.24
CA ALA C 1076 6.56 23.97 64.58
C ALA C 1076 7.89 24.45 65.13
N GLN C 1077 8.31 23.96 66.30
CA GLN C 1077 9.57 24.40 66.88
C GLN C 1077 10.78 23.97 66.06
N PHE C 1078 10.67 22.88 65.30
CA PHE C 1078 11.77 22.42 64.46
C PHE C 1078 11.82 23.11 63.11
N GLY C 1079 10.78 23.87 62.75
CA GLY C 1079 10.78 24.54 61.46
C GLY C 1079 11.80 25.65 61.36
N GLU C 1080 11.99 26.41 62.45
CA GLU C 1080 12.90 27.55 62.42
C GLU C 1080 14.33 27.10 62.16
N CYS C 1081 14.90 26.33 63.08
CA CYS C 1081 16.27 25.87 62.93
C CYS C 1081 16.48 24.42 63.36
N GLY C 1082 15.42 23.70 63.72
CA GLY C 1082 15.59 22.33 64.17
C GLY C 1082 16.07 21.42 63.05
N LYS C 1083 16.91 20.45 63.42
CA LYS C 1083 17.43 19.50 62.46
C LYS C 1083 16.35 18.49 62.06
N TYR C 1084 16.56 17.86 60.91
CA TYR C 1084 15.63 16.84 60.45
C TYR C 1084 15.60 15.64 61.39
N GLY C 1085 16.77 15.25 61.92
CA GLY C 1085 16.81 14.13 62.84
C GLY C 1085 16.01 14.37 64.11
N ASP C 1086 16.05 15.60 64.63
CA ASP C 1086 15.27 15.94 65.81
C ASP C 1086 13.78 15.82 65.54
N LEU C 1087 13.34 16.27 64.36
CA LEU C 1087 11.93 16.16 63.99
C LEU C 1087 11.51 14.70 63.85
N PHE C 1088 12.39 13.86 63.29
CA PHE C 1088 12.06 12.46 63.08
C PHE C 1088 11.80 11.74 64.40
N VAL C 1089 12.65 12.00 65.41
CA VAL C 1089 12.48 11.34 66.70
C VAL C 1089 11.25 11.87 67.43
N ALA C 1090 11.06 13.19 67.40
CA ALA C 1090 9.94 13.79 68.12
C ALA C 1090 8.59 13.34 67.55
N ALA C 1091 8.47 13.30 66.23
CA ALA C 1091 7.22 12.85 65.61
C ALA C 1091 6.96 11.38 65.88
N LEU C 1092 8.00 10.54 65.85
CA LEU C 1092 7.82 9.12 66.09
C LEU C 1092 7.38 8.85 67.53
N LYS C 1093 7.97 9.55 68.49
CA LYS C 1093 7.65 9.29 69.89
C LYS C 1093 6.25 9.80 70.24
N SER C 1094 5.87 10.97 69.72
CA SER C 1094 4.61 11.59 70.12
C SER C 1094 3.41 10.95 69.43
N TYR C 1095 3.38 11.00 68.10
CA TYR C 1095 2.22 10.55 67.34
C TYR C 1095 2.46 9.27 66.56
N GLY C 1096 3.69 8.75 66.53
CA GLY C 1096 4.00 7.56 65.78
C GLY C 1096 4.22 7.78 64.30
N MET C 1097 4.16 9.02 63.82
CA MET C 1097 4.38 9.29 62.41
C MET C 1097 5.83 9.04 62.04
N LEU C 1098 6.04 8.46 60.86
CA LEU C 1098 7.36 8.16 60.35
C LEU C 1098 7.67 9.10 59.19
N CYS C 1099 8.63 9.99 59.39
CA CYS C 1099 9.00 10.93 58.35
C CYS C 1099 9.78 10.23 57.25
N ILE C 1100 9.38 10.45 56.00
CA ILE C 1100 10.01 9.83 54.85
C ILE C 1100 10.84 10.83 54.05
N GLY C 1101 10.32 12.03 53.83
CA GLY C 1101 11.03 13.01 53.06
C GLY C 1101 10.52 14.41 53.33
N LEU C 1102 10.93 15.35 52.48
CA LEU C 1102 10.59 16.75 52.63
C LEU C 1102 10.11 17.32 51.31
N TYR C 1103 9.27 18.37 51.41
CA TYR C 1103 8.65 19.02 50.25
C TYR C 1103 8.72 20.54 50.50
N ARG C 1104 9.77 21.16 50.01
CA ARG C 1104 9.99 22.59 50.20
C ARG C 1104 10.12 23.31 48.86
N PHE C 1105 9.99 24.63 48.92
CA PHE C 1105 10.00 25.46 47.71
C PHE C 1105 11.34 25.36 46.99
N ARG C 1106 11.29 25.45 45.67
CA ARG C 1106 12.51 25.40 44.86
C ARG C 1106 13.42 26.59 45.16
N ASP C 1107 12.84 27.78 45.32
CA ASP C 1107 13.59 28.99 45.60
C ASP C 1107 13.23 29.51 46.98
N THR C 1108 14.25 29.84 47.77
CA THR C 1108 14.05 30.35 49.12
C THR C 1108 13.99 31.87 49.19
N SER C 1109 14.09 32.55 48.05
CA SER C 1109 14.04 34.02 47.99
C SER C 1109 15.09 34.65 48.90
N ALA C 1114 8.87 33.67 45.34
CA ALA C 1114 8.62 34.09 43.96
C ALA C 1114 7.72 33.09 43.24
N SER C 1115 8.12 31.82 43.24
CA SER C 1115 7.37 30.76 42.60
C SER C 1115 7.01 29.70 43.63
N SER C 1116 5.77 29.22 43.58
CA SER C 1116 5.28 28.20 44.50
C SER C 1116 5.51 26.79 43.96
N LYS C 1117 6.75 26.49 43.61
CA LYS C 1117 7.14 25.18 43.10
C LYS C 1117 7.95 24.46 44.16
N ARG C 1118 7.53 23.24 44.50
CA ARG C 1118 8.18 22.45 45.54
C ARG C 1118 8.76 21.17 44.93
N TYR C 1119 10.01 20.88 45.28
CA TYR C 1119 10.68 19.67 44.84
C TYR C 1119 10.76 18.68 46.00
N VAL C 1120 11.05 17.43 45.65
CA VAL C 1120 10.99 16.31 46.60
C VAL C 1120 12.41 15.95 47.02
N ILE C 1121 12.63 15.89 48.33
CA ILE C 1121 13.87 15.39 48.91
C ILE C 1121 13.54 14.13 49.68
N THR C 1122 14.16 13.01 49.30
CA THR C 1122 13.88 11.71 49.90
C THR C 1122 14.93 11.39 50.95
N ASN C 1123 14.50 11.21 52.19
CA ASN C 1123 15.34 10.82 53.31
C ASN C 1123 16.55 11.74 53.46
N PRO C 1124 16.36 12.99 53.91
CA PRO C 1124 17.50 13.86 54.14
C PRO C 1124 18.31 13.38 55.33
N PRO C 1125 19.59 13.75 55.40
CA PRO C 1125 20.40 13.34 56.55
C PRO C 1125 19.88 13.94 57.85
N ASP C 1126 20.25 13.29 58.97
CA ASP C 1126 19.79 13.73 60.28
C ASP C 1126 20.29 15.13 60.63
N ASP C 1127 21.37 15.59 60.00
CA ASP C 1127 21.91 16.92 60.23
C ASP C 1127 21.35 17.97 59.26
N PHE C 1128 20.40 17.58 58.41
CA PHE C 1128 19.85 18.51 57.44
C PHE C 1128 19.03 19.60 58.13
N SER C 1129 19.12 20.81 57.60
CA SER C 1129 18.46 21.98 58.18
C SER C 1129 17.05 22.11 57.61
N LEU C 1130 16.11 22.51 58.47
CA LEU C 1130 14.72 22.66 58.08
C LEU C 1130 14.37 24.14 57.90
N LEU C 1131 13.22 24.37 57.27
CA LEU C 1131 12.70 25.71 57.05
C LEU C 1131 11.24 25.77 57.51
N PRO C 1132 10.78 26.94 57.94
CA PRO C 1132 9.38 27.04 58.41
C PRO C 1132 8.34 26.76 57.33
N THR C 1133 8.70 26.87 56.05
CA THR C 1133 7.78 26.61 54.94
C THR C 1133 8.00 25.23 54.35
N ASP C 1134 8.33 24.24 55.18
CA ASP C 1134 8.62 22.90 54.71
C ASP C 1134 7.42 21.98 54.94
N GLN C 1135 7.27 20.99 54.05
CA GLN C 1135 6.25 19.96 54.17
C GLN C 1135 6.93 18.60 54.23
N VAL C 1136 6.46 17.75 55.13
CA VAL C 1136 7.10 16.48 55.43
C VAL C 1136 6.18 15.33 55.00
N PHE C 1137 6.73 14.40 54.25
CA PHE C 1137 6.02 13.17 53.92
C PHE C 1137 6.08 12.22 55.11
N VAL C 1138 4.91 11.85 55.64
CA VAL C 1138 4.84 11.04 56.84
C VAL C 1138 3.86 9.89 56.62
N LEU C 1139 4.07 8.82 57.41
CA LEU C 1139 3.16 7.69 57.44
C LEU C 1139 2.32 7.82 58.71
N MET C 1140 1.03 8.10 58.55
CA MET C 1140 0.16 8.43 59.67
C MET C 1140 -0.63 7.21 60.12
N GLN C 1141 -0.65 7.00 61.44
CA GLN C 1141 -1.43 5.91 62.01
C GLN C 1141 -2.92 6.24 61.94
N PHE C 1142 -3.74 5.21 62.07
CA PHE C 1142 -5.19 5.35 62.02
C PHE C 1142 -5.71 5.68 63.42
N ASP C 1143 -6.38 6.82 63.54
CA ASP C 1143 -6.92 7.26 64.83
C ASP C 1143 -8.43 7.05 64.83
N PRO C 1144 -8.96 6.11 65.62
CA PRO C 1144 -10.42 5.93 65.66
C PRO C 1144 -11.12 7.14 66.23
N GLY C 1145 -12.33 7.39 65.75
CA GLY C 1145 -13.12 8.51 66.20
C GLY C 1145 -13.04 9.72 65.28
N LEU D 44 66.94 22.04 -19.02
CA LEU D 44 66.18 20.84 -19.31
C LEU D 44 66.71 19.65 -18.52
N LYS D 45 68.04 19.56 -18.44
CA LYS D 45 68.66 18.49 -17.64
C LYS D 45 68.30 18.63 -16.17
N VAL D 46 68.35 19.85 -15.65
CA VAL D 46 67.91 20.11 -14.28
C VAL D 46 66.41 20.40 -14.29
N ARG D 47 65.71 19.85 -13.31
CA ARG D 47 64.26 19.97 -13.23
C ARG D 47 63.88 20.91 -12.10
N LYS D 48 63.09 21.94 -12.41
CA LYS D 48 62.61 22.90 -11.44
C LYS D 48 61.12 22.74 -11.16
N TYR D 49 60.60 21.53 -11.34
CA TYR D 49 59.19 21.27 -11.07
C TYR D 49 58.87 21.44 -9.59
N TRP D 50 59.85 21.22 -8.72
CA TRP D 50 59.63 21.41 -7.29
C TRP D 50 59.41 22.87 -6.94
N CYS D 51 59.99 23.80 -7.70
CA CYS D 51 59.76 25.21 -7.46
C CYS D 51 58.30 25.59 -7.66
N PHE D 52 57.68 25.06 -8.72
CA PHE D 52 56.26 25.30 -8.94
C PHE D 52 55.42 24.69 -7.82
N LEU D 53 55.77 23.48 -7.38
CA LEU D 53 55.05 22.83 -6.31
C LEU D 53 55.26 23.56 -4.98
N LEU D 54 56.48 24.04 -4.74
CA LEU D 54 56.78 24.72 -3.47
C LEU D 54 55.95 25.99 -3.32
N SER D 55 55.79 26.76 -4.41
CA SER D 55 55.00 27.98 -4.34
C SER D 55 53.55 27.67 -4.04
N SER D 56 53.00 26.62 -4.65
CA SER D 56 51.60 26.27 -4.41
C SER D 56 51.38 25.85 -2.96
N ILE D 57 52.29 25.04 -2.42
CA ILE D 57 52.16 24.61 -1.03
C ILE D 57 52.33 25.78 -0.07
N PHE D 58 53.31 26.66 -0.35
CA PHE D 58 53.53 27.81 0.50
C PHE D 58 52.33 28.75 0.50
N THR D 59 51.73 28.96 -0.67
CA THR D 59 50.56 29.84 -0.76
C THR D 59 49.41 29.32 0.09
N PHE D 60 49.16 28.00 0.04
CA PHE D 60 48.11 27.42 0.87
C PHE D 60 48.46 27.53 2.36
N LEU D 61 49.71 27.27 2.71
CA LEU D 61 50.12 27.35 4.12
C LEU D 61 50.15 28.79 4.61
N ALA D 62 50.72 29.70 3.84
CA ALA D 62 50.77 31.10 4.25
C ALA D 62 49.37 31.69 4.36
N GLY D 63 48.51 31.39 3.38
CA GLY D 63 47.15 31.90 3.45
C GLY D 63 46.38 31.36 4.63
N LEU D 64 46.55 30.06 4.93
CA LEU D 64 45.91 29.49 6.11
C LEU D 64 46.44 30.12 7.38
N LEU D 65 47.75 30.37 7.44
CA LEU D 65 48.34 31.01 8.62
C LEU D 65 47.81 32.42 8.81
N VAL D 66 47.72 33.20 7.73
CA VAL D 66 47.25 34.58 7.83
C VAL D 66 45.83 34.64 8.37
N VAL D 67 44.96 33.75 7.87
CA VAL D 67 43.60 33.67 8.42
C VAL D 67 43.64 33.30 9.90
N LEU D 68 44.48 32.33 10.25
CA LEU D 68 44.67 31.98 11.64
C LEU D 68 45.39 33.07 12.42
N LEU D 69 46.18 33.91 11.74
CA LEU D 69 46.89 35.00 12.40
C LEU D 69 46.06 36.27 12.48
N TRP D 70 45.13 36.48 11.56
CA TRP D 70 44.28 37.67 11.62
C TRP D 70 43.43 37.69 12.88
N ARG D 71 42.87 36.53 13.25
CA ARG D 71 42.13 36.45 14.51
C ARG D 71 43.05 36.65 15.70
N ALA D 72 44.31 36.21 15.58
CA ALA D 72 45.30 36.52 16.61
C ALA D 72 45.54 38.02 16.69
N PHE D 73 45.63 38.69 15.53
CA PHE D 73 45.73 40.14 15.52
C PHE D 73 44.40 40.80 15.89
N ALA D 74 43.28 40.13 15.62
CA ALA D 74 41.99 40.65 16.03
C ALA D 74 41.83 40.66 17.55
N PHE D 75 42.60 39.83 18.26
CA PHE D 75 42.53 39.81 19.71
C PHE D 75 43.00 41.13 20.31
N VAL D 76 44.18 41.61 19.88
CA VAL D 76 44.69 42.88 20.37
C VAL D 76 43.89 44.04 19.80
N CYS D 77 43.41 43.91 18.56
CA CYS D 77 42.62 44.96 17.92
C CYS D 77 41.17 44.91 18.40
N THR D 106 31.02 48.84 10.07
CA THR D 106 32.38 49.11 9.63
C THR D 106 32.57 48.75 8.16
N PHE D 107 33.83 48.62 7.75
CA PHE D 107 34.13 48.25 6.37
C PHE D 107 33.62 46.85 6.05
N MET D 108 33.79 45.91 6.98
CA MET D 108 33.36 44.53 6.74
C MET D 108 31.84 44.43 6.63
N THR D 109 31.10 45.28 7.33
CA THR D 109 29.64 45.23 7.27
C THR D 109 29.14 45.55 5.86
N GLU D 110 29.74 46.54 5.20
CA GLU D 110 29.28 46.95 3.88
C GLU D 110 29.93 46.11 2.78
N ALA D 111 31.23 45.82 2.92
CA ALA D 111 31.94 45.10 1.86
C ALA D 111 31.41 43.68 1.71
N LYS D 112 31.16 42.98 2.82
CA LYS D 112 30.67 41.61 2.75
C LYS D 112 29.29 41.55 2.10
N ASP D 113 28.40 42.47 2.48
CA ASP D 113 27.08 42.51 1.85
C ASP D 113 27.19 42.88 0.37
N TRP D 114 28.05 43.84 0.03
CA TRP D 114 28.22 44.24 -1.35
C TRP D 114 28.82 43.12 -2.18
N ALA D 115 29.81 42.41 -1.63
CA ALA D 115 30.45 41.32 -2.38
C ALA D 115 29.53 40.13 -2.56
N GLY D 116 28.60 39.91 -1.62
CA GLY D 116 27.67 38.80 -1.76
C GLY D 116 26.74 38.97 -2.94
N GLU D 117 26.31 40.19 -3.22
CA GLU D 117 25.45 40.44 -4.37
C GLU D 117 26.21 40.27 -5.68
N LEU D 118 27.50 40.59 -5.70
CA LEU D 118 28.28 40.49 -6.93
C LEU D 118 28.47 39.05 -7.36
N ILE D 119 28.80 38.17 -6.41
CA ILE D 119 29.09 36.78 -6.76
C ILE D 119 27.82 36.05 -7.23
N SER D 120 26.67 36.38 -6.65
CA SER D 120 25.41 35.75 -7.04
C SER D 120 24.69 36.51 -8.15
N GLY D 121 25.21 37.66 -8.56
CA GLY D 121 24.64 38.41 -9.67
C GLY D 121 23.25 38.98 -9.40
N GLN D 122 23.03 39.53 -8.21
CA GLN D 122 21.75 40.13 -7.91
C GLN D 122 21.58 41.48 -8.60
N THR D 123 22.61 42.31 -8.59
CA THR D 123 22.54 43.64 -9.18
C THR D 123 22.81 43.58 -10.69
N THR D 124 22.65 44.73 -11.34
CA THR D 124 22.91 44.81 -12.77
C THR D 124 24.37 44.54 -13.09
N THR D 125 25.29 45.05 -12.26
CA THR D 125 26.71 44.76 -12.43
C THR D 125 27.09 43.39 -11.90
N GLY D 126 26.24 42.77 -11.08
CA GLY D 126 26.55 41.45 -10.56
C GLY D 126 26.54 40.38 -11.64
N ARG D 127 25.46 40.34 -12.43
CA ARG D 127 25.39 39.33 -13.48
C ARG D 127 26.37 39.61 -14.61
N ILE D 128 26.85 40.85 -14.73
CA ILE D 128 27.94 41.11 -15.66
C ILE D 128 29.18 40.35 -15.25
N LEU D 129 29.49 40.36 -13.95
CA LEU D 129 30.59 39.54 -13.45
C LEU D 129 30.31 38.05 -13.58
N VAL D 130 29.07 37.64 -13.29
CA VAL D 130 28.72 36.22 -13.32
C VAL D 130 28.82 35.67 -14.73
N VAL D 131 28.29 36.39 -15.72
CA VAL D 131 28.36 35.93 -17.10
C VAL D 131 29.81 35.94 -17.59
N LEU D 132 30.57 36.98 -17.24
CA LEU D 132 31.92 37.12 -17.78
C LEU D 132 32.84 36.04 -17.23
N VAL D 133 32.74 35.72 -15.95
CA VAL D 133 33.56 34.64 -15.39
C VAL D 133 33.15 33.30 -15.98
N PHE D 134 31.87 33.16 -16.35
CA PHE D 134 31.42 31.95 -17.03
C PHE D 134 32.11 31.79 -18.38
N ILE D 135 32.27 32.89 -19.12
CA ILE D 135 32.91 32.84 -20.43
C ILE D 135 34.40 32.51 -20.28
N LEU D 136 35.07 33.18 -19.35
CA LEU D 136 36.51 32.96 -19.18
C LEU D 136 36.81 31.59 -18.59
N SER D 137 35.88 31.00 -17.85
CA SER D 137 36.08 29.64 -17.36
C SER D 137 36.18 28.66 -18.51
N ILE D 138 35.32 28.79 -19.52
CA ILE D 138 35.41 27.95 -20.71
C ILE D 138 36.68 28.28 -21.50
N ALA D 139 37.01 29.57 -21.62
CA ALA D 139 38.19 29.96 -22.37
C ALA D 139 39.47 29.47 -21.72
N SER D 140 39.53 29.49 -20.39
CA SER D 140 40.72 29.03 -19.69
C SER D 140 40.98 27.55 -19.96
N LEU D 141 39.92 26.74 -19.99
CA LEU D 141 40.08 25.32 -20.30
C LEU D 141 40.59 25.11 -21.72
N ILE D 142 40.13 25.95 -22.65
CA ILE D 142 40.58 25.83 -24.04
C ILE D 142 42.07 26.12 -24.15
N ILE D 143 42.56 27.10 -23.39
CA ILE D 143 43.98 27.40 -23.39
C ILE D 143 44.79 26.21 -22.92
N TYR D 144 44.28 25.47 -21.93
CA TYR D 144 44.97 24.27 -21.47
C TYR D 144 44.99 23.18 -22.53
N PHE D 145 43.95 23.10 -23.35
CA PHE D 145 43.88 22.06 -24.39
C PHE D 145 45.01 22.23 -25.39
N VAL D 146 45.26 23.46 -25.84
CA VAL D 146 46.36 23.69 -26.77
C VAL D 146 47.70 23.68 -26.07
N ASP D 147 47.73 23.89 -24.75
CA ASP D 147 48.97 23.84 -24.00
C ASP D 147 49.43 22.40 -23.77
N ALA D 148 48.49 21.47 -23.64
CA ALA D 148 48.83 20.06 -23.43
C ALA D 148 49.27 19.36 -24.70
N SER D 149 49.09 19.98 -25.86
CA SER D 149 49.52 19.37 -27.12
C SER D 149 51.03 19.37 -27.30
N SER D 150 51.77 20.09 -26.45
CA SER D 150 53.22 20.11 -26.55
C SER D 150 53.79 18.74 -26.20
N GLU D 151 54.79 18.31 -26.97
CA GLU D 151 55.41 17.00 -26.74
C GLU D 151 56.12 16.96 -25.39
N GLU D 152 56.85 18.03 -25.06
CA GLU D 152 57.62 18.07 -23.83
C GLU D 152 56.79 18.65 -22.68
N VAL D 153 57.04 18.13 -21.48
CA VAL D 153 56.37 18.65 -20.29
C VAL D 153 57.10 19.87 -19.71
N GLU D 154 58.37 20.08 -20.06
CA GLU D 154 59.14 21.22 -19.61
C GLU D 154 59.61 22.02 -20.83
N ARG D 155 59.42 23.33 -20.78
CA ARG D 155 59.84 24.23 -21.84
C ARG D 155 60.61 25.40 -21.27
N CYS D 156 61.57 25.90 -22.04
CA CYS D 156 62.41 27.03 -21.64
C CYS D 156 62.28 28.11 -22.71
N GLN D 157 61.29 28.98 -22.53
CA GLN D 157 61.04 30.06 -23.47
C GLN D 157 60.73 31.33 -22.70
N LYS D 158 61.09 32.47 -23.29
CA LYS D 158 60.81 33.75 -22.66
C LYS D 158 59.32 34.08 -22.75
N TRP D 159 58.87 34.95 -21.85
CA TRP D 159 57.46 35.28 -21.76
C TRP D 159 56.97 35.99 -23.01
N SER D 160 57.77 36.90 -23.55
CA SER D 160 57.34 37.70 -24.70
C SER D 160 57.27 36.89 -25.98
N ASN D 161 57.99 35.77 -26.08
CA ASN D 161 58.02 35.02 -27.32
C ASN D 161 56.67 34.38 -27.63
N ASN D 162 56.01 33.83 -26.63
CA ASN D 162 54.75 33.12 -26.84
C ASN D 162 53.58 33.95 -26.34
N ILE D 163 52.55 34.09 -27.18
CA ILE D 163 51.38 34.88 -26.79
C ILE D 163 50.38 34.07 -25.97
N THR D 164 50.48 32.74 -25.97
CA THR D 164 49.58 31.92 -25.16
C THR D 164 49.79 32.21 -23.67
N GLN D 165 51.05 32.39 -23.26
CA GLN D 165 51.33 32.73 -21.87
C GLN D 165 50.72 34.08 -21.49
N GLN D 166 50.79 35.05 -22.40
CA GLN D 166 50.20 36.36 -22.13
C GLN D 166 48.69 36.28 -21.97
N ILE D 167 48.04 35.49 -22.83
CA ILE D 167 46.59 35.30 -22.71
C ILE D 167 46.24 34.61 -21.41
N ASP D 168 47.04 33.61 -21.01
CA ASP D 168 46.81 32.95 -19.74
C ASP D 168 47.01 33.91 -18.57
N LEU D 169 48.01 34.79 -18.69
CA LEU D 169 48.28 35.75 -17.62
C LEU D 169 47.12 36.73 -17.44
N ALA D 170 46.49 37.13 -18.55
CA ALA D 170 45.37 38.07 -18.45
C ALA D 170 44.17 37.42 -17.75
N PHE D 171 43.99 36.11 -17.96
CA PHE D 171 42.86 35.42 -17.34
C PHE D 171 43.07 35.22 -15.84
N ASN D 172 44.32 35.03 -15.41
CA ASN D 172 44.59 34.68 -14.03
C ASN D 172 44.41 35.86 -13.07
N ILE D 173 44.78 37.07 -13.49
CA ILE D 173 44.61 38.22 -12.62
C ILE D 173 43.12 38.50 -12.39
N PHE D 174 42.29 38.19 -13.40
CA PHE D 174 40.85 38.24 -13.17
C PHE D 174 40.40 37.14 -12.22
N PHE D 175 40.96 35.94 -12.38
CA PHE D 175 40.66 34.84 -11.47
C PHE D 175 41.24 35.05 -10.08
N MET D 176 42.18 35.98 -9.92
CA MET D 176 42.73 36.31 -8.62
C MET D 176 41.89 37.35 -7.89
N VAL D 177 41.46 38.40 -8.58
CA VAL D 177 40.59 39.38 -7.96
C VAL D 177 39.21 38.77 -7.67
N TYR D 178 38.75 37.86 -8.53
CA TYR D 178 37.50 37.15 -8.25
C TYR D 178 37.63 36.30 -7.00
N PHE D 179 38.80 35.70 -6.78
CA PHE D 179 39.04 34.96 -5.55
C PHE D 179 38.97 35.88 -4.33
N PHE D 180 39.52 37.09 -4.45
CA PHE D 180 39.47 38.04 -3.35
C PHE D 180 38.04 38.50 -3.07
N ILE D 181 37.24 38.68 -4.13
CA ILE D 181 35.86 39.11 -3.95
C ILE D 181 35.07 38.05 -3.18
N ARG D 182 35.26 36.77 -3.52
CA ARG D 182 34.58 35.70 -2.81
C ARG D 182 35.06 35.61 -1.36
N PHE D 183 36.32 35.93 -1.11
CA PHE D 183 36.84 35.92 0.26
C PHE D 183 36.13 36.95 1.12
N ILE D 184 35.88 38.14 0.58
CA ILE D 184 35.16 39.16 1.32
C ILE D 184 33.73 38.72 1.59
N ALA D 185 33.07 38.15 0.60
CA ALA D 185 31.68 37.72 0.74
C ALA D 185 31.54 36.49 1.63
N ALA D 186 32.62 35.77 1.92
CA ALA D 186 32.52 34.57 2.73
C ALA D 186 32.28 34.92 4.19
N SER D 187 31.21 34.37 4.76
CA SER D 187 30.91 34.60 6.18
C SER D 187 31.98 34.01 7.07
N ASP D 188 32.46 32.80 6.76
CA ASP D 188 33.49 32.12 7.51
C ASP D 188 34.76 32.06 6.67
N LYS D 189 35.87 32.49 7.24
CA LYS D 189 37.13 32.56 6.50
C LYS D 189 37.90 31.24 6.52
N LEU D 190 37.87 30.52 7.64
CA LEU D 190 38.62 29.26 7.73
C LEU D 190 38.05 28.22 6.78
N TRP D 191 36.72 28.06 6.76
CA TRP D 191 36.12 27.08 5.86
C TRP D 191 36.18 27.52 4.40
N PHE D 192 36.24 28.83 4.13
CA PHE D 192 36.43 29.29 2.77
C PHE D 192 37.80 28.91 2.23
N MET D 193 38.81 28.89 3.09
CA MET D 193 40.16 28.54 2.65
C MET D 193 40.25 27.08 2.25
N LEU D 194 39.44 26.22 2.87
CA LEU D 194 39.46 24.79 2.60
C LEU D 194 38.49 24.38 1.50
N GLU D 195 37.81 25.33 0.85
CA GLU D 195 36.86 25.00 -0.19
C GLU D 195 37.57 24.35 -1.39
N MET D 196 36.85 23.46 -2.06
CA MET D 196 37.41 22.77 -3.21
C MET D 196 37.77 23.75 -4.32
N TYR D 197 36.89 24.72 -4.59
CA TYR D 197 37.16 25.71 -5.63
C TYR D 197 38.33 26.61 -5.23
N SER D 198 38.58 26.74 -3.93
CA SER D 198 39.72 27.54 -3.47
C SER D 198 41.03 26.84 -3.76
N PHE D 199 41.08 25.51 -3.62
CA PHE D 199 42.31 24.77 -3.92
C PHE D 199 42.66 24.86 -5.40
N VAL D 200 41.65 25.01 -6.26
CA VAL D 200 41.92 25.20 -7.68
C VAL D 200 42.73 26.47 -7.90
N ASP D 201 42.42 27.53 -7.13
CA ASP D 201 43.18 28.76 -7.22
C ASP D 201 44.60 28.60 -6.68
N TYR D 202 44.76 27.72 -5.69
CA TYR D 202 46.07 27.59 -5.02
C TYR D 202 47.12 27.01 -5.96
N PHE D 203 46.73 26.04 -6.79
CA PHE D 203 47.67 25.36 -7.67
C PHE D 203 47.64 25.88 -9.10
N THR D 204 46.99 27.01 -9.36
CA THR D 204 46.90 27.56 -10.71
C THR D 204 47.59 28.91 -10.86
N ILE D 205 47.25 29.87 -10.01
CA ILE D 205 47.76 31.24 -10.13
C ILE D 205 49.17 31.37 -9.56
N PRO D 206 49.48 30.86 -8.37
CA PRO D 206 50.86 30.95 -7.87
C PRO D 206 51.87 30.29 -8.80
N PRO D 207 51.55 29.15 -9.43
CA PRO D 207 52.47 28.64 -10.48
C PRO D 207 52.63 29.59 -11.66
N SER D 208 51.59 30.36 -12.01
CA SER D 208 51.68 31.24 -13.17
C SER D 208 52.73 32.33 -12.97
N PHE D 209 52.77 32.94 -11.78
CA PHE D 209 53.78 33.97 -11.52
C PHE D 209 55.16 33.39 -11.29
N VAL D 210 55.29 32.07 -11.13
CA VAL D 210 56.61 31.46 -11.15
C VAL D 210 57.19 31.48 -12.57
N SER D 211 56.35 31.21 -13.57
CA SER D 211 56.83 31.15 -14.95
C SER D 211 57.33 32.51 -15.43
N ILE D 212 56.66 33.59 -15.04
CA ILE D 212 57.08 34.92 -15.45
C ILE D 212 58.44 35.26 -14.85
N TYR D 213 58.82 34.60 -13.75
CA TYR D 213 60.09 34.85 -13.08
C TYR D 213 61.11 33.75 -13.35
N LEU D 214 60.70 32.49 -13.22
CA LEU D 214 61.64 31.38 -13.44
C LEU D 214 61.99 31.21 -14.91
N ASP D 215 61.25 31.85 -15.81
CA ASP D 215 61.54 31.83 -17.26
C ASP D 215 61.47 30.41 -17.83
N ARG D 216 60.62 29.57 -17.26
CA ARG D 216 60.39 28.23 -17.80
C ARG D 216 58.97 27.81 -17.46
N THR D 217 58.38 27.00 -18.33
CA THR D 217 57.00 26.56 -18.19
C THR D 217 56.95 25.05 -17.96
N TRP D 218 56.05 24.63 -17.07
CA TRP D 218 55.82 23.22 -16.77
C TRP D 218 54.33 22.95 -16.83
N ILE D 219 53.96 21.77 -17.33
CA ILE D 219 52.55 21.42 -17.44
C ILE D 219 51.90 21.39 -16.07
N GLY D 220 52.62 20.91 -15.06
CA GLY D 220 52.24 20.98 -13.66
C GLY D 220 50.85 20.45 -13.38
N LEU D 221 50.11 21.20 -12.57
CA LEU D 221 48.74 20.87 -12.21
C LEU D 221 47.73 21.87 -12.76
N ARG D 222 48.01 22.48 -13.91
CA ARG D 222 47.10 23.45 -14.49
C ARG D 222 45.84 22.80 -15.05
N PHE D 223 45.77 21.47 -15.11
CA PHE D 223 44.56 20.79 -15.54
C PHE D 223 43.40 20.96 -14.56
N LEU D 224 43.68 21.47 -13.36
CA LEU D 224 42.64 21.64 -12.35
C LEU D 224 41.61 22.69 -12.72
N ARG D 225 41.86 23.50 -13.75
CA ARG D 225 40.84 24.45 -14.19
C ARG D 225 39.62 23.76 -14.78
N ALA D 226 39.75 22.48 -15.16
CA ALA D 226 38.58 21.71 -15.59
C ALA D 226 37.60 21.47 -14.44
N LEU D 227 38.08 21.55 -13.19
CA LEU D 227 37.19 21.43 -12.04
C LEU D 227 36.23 22.61 -11.94
N ARG D 228 36.54 23.73 -12.60
CA ARG D 228 35.64 24.87 -12.60
C ARG D 228 34.36 24.62 -13.40
N LEU D 229 34.31 23.54 -14.18
CA LEU D 229 33.12 23.22 -14.96
C LEU D 229 31.94 22.81 -14.10
N MET D 230 32.18 22.39 -12.85
CA MET D 230 31.10 22.01 -11.95
C MET D 230 30.44 23.22 -11.30
N THR D 231 30.97 24.42 -11.51
CA THR D 231 30.29 25.64 -11.11
C THR D 231 29.34 26.16 -12.18
N VAL D 232 29.28 25.50 -13.34
CA VAL D 232 28.38 25.92 -14.41
C VAL D 232 26.91 25.89 -13.97
N PRO D 233 26.40 24.83 -13.34
CA PRO D 233 24.99 24.87 -12.89
C PRO D 233 24.71 26.01 -11.92
N ASP D 234 25.67 26.34 -11.04
CA ASP D 234 25.47 27.46 -10.13
C ASP D 234 25.38 28.78 -10.89
N ILE D 235 26.19 28.95 -11.93
CA ILE D 235 26.15 30.17 -12.72
C ILE D 235 24.79 30.30 -13.42
N LEU D 236 24.29 29.21 -13.99
CA LEU D 236 23.02 29.25 -14.69
C LEU D 236 21.87 29.57 -13.74
N GLN D 237 21.90 29.02 -12.53
CA GLN D 237 20.86 29.31 -11.54
C GLN D 237 20.91 30.77 -11.09
N TYR D 238 22.11 31.35 -11.05
CA TYR D 238 22.23 32.76 -10.67
C TYR D 238 21.55 33.67 -11.69
N LEU D 239 21.64 33.32 -12.98
CA LEU D 239 21.04 34.09 -14.05
C LEU D 239 19.59 33.71 -14.31
N ASN D 240 19.02 32.82 -13.50
CA ASN D 240 17.63 32.38 -13.65
C ASN D 240 17.38 31.76 -15.03
N VAL D 241 18.36 31.00 -15.51
CA VAL D 241 18.21 30.29 -16.77
C VAL D 241 17.57 28.91 -16.55
N LEU D 242 17.95 28.22 -15.49
CA LEU D 242 17.40 26.92 -15.15
C LEU D 242 16.38 27.08 -14.03
N LYS D 243 15.16 26.61 -14.26
CA LYS D 243 14.08 26.70 -13.29
C LYS D 243 13.50 25.34 -12.92
N THR D 244 13.31 24.47 -13.90
CA THR D 244 12.74 23.15 -13.64
C THR D 244 13.77 22.26 -12.94
N SER D 245 13.27 21.41 -12.04
CA SER D 245 14.15 20.52 -11.29
C SER D 245 14.90 19.56 -12.21
N SER D 246 14.21 19.02 -13.22
CA SER D 246 14.85 18.10 -14.15
C SER D 246 15.96 18.80 -14.93
N SER D 247 15.71 20.04 -15.36
CA SER D 247 16.75 20.80 -16.07
C SER D 247 17.93 21.09 -15.16
N ILE D 248 17.67 21.44 -13.90
CA ILE D 248 18.75 21.68 -12.95
C ILE D 248 19.52 20.39 -12.68
N ARG D 249 18.80 19.29 -12.48
CA ARG D 249 19.45 18.01 -12.20
C ARG D 249 20.30 17.56 -13.39
N LEU D 250 19.79 17.75 -14.62
CA LEU D 250 20.53 17.33 -15.80
C LEU D 250 21.83 18.12 -15.94
N ALA D 251 21.78 19.43 -15.69
CA ALA D 251 22.98 20.25 -15.79
C ALA D 251 24.01 19.85 -14.74
N GLN D 252 23.56 19.55 -13.52
CA GLN D 252 24.49 19.15 -12.47
C GLN D 252 25.19 17.84 -12.80
N LEU D 253 24.44 16.87 -13.30
CA LEU D 253 25.04 15.57 -13.64
C LEU D 253 25.97 15.69 -14.83
N VAL D 254 25.60 16.48 -15.83
CA VAL D 254 26.45 16.65 -17.00
C VAL D 254 27.76 17.34 -16.63
N SER D 255 27.67 18.40 -15.82
CA SER D 255 28.87 19.13 -15.43
C SER D 255 29.80 18.27 -14.59
N ILE D 256 29.24 17.48 -13.67
CA ILE D 256 30.05 16.64 -12.81
C ILE D 256 30.80 15.59 -13.62
N PHE D 257 30.10 14.93 -14.54
CA PHE D 257 30.73 13.85 -15.33
C PHE D 257 31.82 14.40 -16.24
N ILE D 258 31.55 15.51 -16.93
CA ILE D 258 32.51 16.06 -17.87
C ILE D 258 33.76 16.55 -17.14
N SER D 259 33.57 17.28 -16.03
CA SER D 259 34.71 17.83 -15.30
C SER D 259 35.59 16.72 -14.73
N VAL D 260 34.96 15.68 -14.17
CA VAL D 260 35.74 14.55 -13.64
C VAL D 260 36.48 13.84 -14.77
N TRP D 261 35.80 13.67 -15.91
CA TRP D 261 36.42 13.00 -17.06
C TRP D 261 37.64 13.78 -17.55
N LEU D 262 37.52 15.10 -17.66
CA LEU D 262 38.63 15.90 -18.15
C LEU D 262 39.74 16.00 -17.10
N THR D 263 39.38 16.16 -15.83
CA THR D 263 40.39 16.26 -14.78
C THR D 263 41.17 14.96 -14.63
N ALA D 264 40.48 13.82 -14.71
CA ALA D 264 41.17 12.54 -14.58
C ALA D 264 42.14 12.32 -15.74
N ALA D 265 41.75 12.74 -16.95
CA ALA D 265 42.65 12.62 -18.09
C ALA D 265 43.91 13.45 -17.90
N GLY D 266 43.77 14.65 -17.32
CA GLY D 266 44.93 15.48 -17.07
C GLY D 266 45.89 14.86 -16.07
N ILE D 267 45.35 14.22 -15.03
CA ILE D 267 46.19 13.53 -14.06
C ILE D 267 46.96 12.39 -14.71
N ILE D 268 46.26 11.60 -15.54
CA ILE D 268 46.92 10.50 -16.24
C ILE D 268 47.96 11.03 -17.21
N HIS D 269 47.62 12.10 -17.94
CA HIS D 269 48.56 12.68 -18.90
C HIS D 269 49.81 13.19 -18.22
N LEU D 270 49.67 13.84 -17.06
CA LEU D 270 50.83 14.36 -16.35
C LEU D 270 51.69 13.23 -15.80
N LEU D 271 51.07 12.26 -15.13
CA LEU D 271 51.83 11.19 -14.49
C LEU D 271 52.55 10.32 -15.51
N GLU D 272 51.88 9.99 -16.62
CA GLU D 272 52.48 9.11 -17.61
C GLU D 272 53.61 9.81 -18.37
N ASN D 273 53.41 11.06 -18.76
CA ASN D 273 54.41 11.77 -19.55
C ASN D 273 55.63 12.17 -18.71
N SER D 274 55.42 12.60 -17.46
CA SER D 274 56.54 13.03 -16.64
C SER D 274 57.40 11.85 -16.21
N GLY D 275 56.80 10.69 -15.97
CA GLY D 275 57.51 9.54 -15.49
C GLY D 275 57.58 9.48 -13.98
N ASP D 276 58.18 8.40 -13.49
CA ASP D 276 58.25 8.18 -12.05
C ASP D 276 59.23 9.18 -11.41
N PRO D 277 58.95 9.63 -10.19
CA PRO D 277 59.82 10.62 -9.54
C PRO D 277 61.20 10.07 -9.27
N LEU D 278 62.15 11.00 -9.15
CA LEU D 278 63.54 10.83 -8.71
C LEU D 278 64.42 10.16 -9.76
N ASP D 279 63.88 9.65 -10.85
CA ASP D 279 64.71 9.19 -11.95
C ASP D 279 64.21 9.76 -13.28
N PHE D 280 62.89 9.80 -13.44
CA PHE D 280 62.25 10.35 -14.64
C PHE D 280 62.84 9.74 -15.92
N ASP D 281 63.09 8.44 -15.87
CA ASP D 281 63.66 7.71 -17.01
C ASP D 281 62.68 6.75 -17.66
N ASN D 282 61.48 6.58 -17.12
CA ASN D 282 60.47 5.68 -17.68
C ASN D 282 59.28 6.47 -18.22
N ALA D 283 59.55 7.63 -18.82
CA ALA D 283 58.48 8.46 -19.37
C ALA D 283 57.79 7.76 -20.52
N HIS D 284 56.46 7.81 -20.52
CA HIS D 284 55.63 7.19 -21.55
C HIS D 284 54.99 8.30 -22.37
N ARG D 285 55.43 8.45 -23.62
CA ARG D 285 54.87 9.45 -24.50
C ARG D 285 53.41 9.13 -24.82
N LEU D 286 52.49 9.94 -24.32
CA LEU D 286 51.07 9.68 -24.48
C LEU D 286 50.33 11.00 -24.60
N SER D 287 49.55 11.14 -25.67
CA SER D 287 48.85 12.39 -25.92
C SER D 287 47.70 12.57 -24.93
N TYR D 288 47.34 13.83 -24.70
CA TYR D 288 46.24 14.14 -23.78
C TYR D 288 44.91 13.60 -24.30
N TRP D 289 44.67 13.74 -25.61
CA TRP D 289 43.41 13.25 -26.17
C TRP D 289 43.34 11.73 -26.16
N THR D 290 44.49 11.06 -26.26
CA THR D 290 44.50 9.60 -26.11
C THR D 290 44.15 9.21 -24.69
N CYS D 291 44.59 10.02 -23.71
CA CYS D 291 44.18 9.79 -22.33
C CYS D 291 42.68 9.94 -22.17
N VAL D 292 42.09 10.94 -22.83
CA VAL D 292 40.64 11.11 -22.80
C VAL D 292 39.94 9.87 -23.34
N TYR D 293 40.47 9.30 -24.43
CA TYR D 293 39.96 8.04 -24.94
C TYR D 293 40.26 6.90 -23.99
N PHE D 294 41.35 7.00 -23.22
CA PHE D 294 41.71 5.93 -22.30
C PHE D 294 40.77 5.89 -21.10
N LEU D 295 40.44 7.05 -20.53
CA LEU D 295 39.57 7.07 -19.36
C LEU D 295 38.16 6.60 -19.69
N ILE D 296 37.62 7.01 -20.84
CA ILE D 296 36.26 6.61 -21.18
C ILE D 296 36.17 5.10 -21.38
N VAL D 297 37.21 4.48 -21.92
CA VAL D 297 37.25 3.03 -21.99
C VAL D 297 37.31 2.41 -20.60
N THR D 298 38.10 3.01 -19.71
CA THR D 298 38.22 2.51 -18.35
C THR D 298 36.89 2.65 -17.59
N MET D 299 36.25 3.82 -17.71
CA MET D 299 35.01 4.05 -16.99
C MET D 299 33.89 3.15 -17.49
N SER D 300 33.93 2.79 -18.77
CA SER D 300 32.95 1.86 -19.33
C SER D 300 33.29 0.41 -19.05
N THR D 301 34.41 0.14 -18.38
CA THR D 301 34.86 -1.22 -18.06
C THR D 301 35.00 -2.07 -19.31
N VAL D 302 35.49 -1.46 -20.39
CA VAL D 302 35.77 -2.19 -21.62
C VAL D 302 37.17 -2.77 -21.62
N GLY D 303 38.17 -1.95 -21.32
CA GLY D 303 39.53 -2.40 -21.19
C GLY D 303 40.12 -3.05 -22.43
N TYR D 304 40.29 -2.26 -23.50
CA TYR D 304 40.89 -2.80 -24.72
C TYR D 304 42.32 -3.26 -24.48
N GLY D 305 43.09 -2.48 -23.72
CA GLY D 305 44.48 -2.80 -23.46
C GLY D 305 45.46 -2.22 -24.44
N ASP D 306 45.00 -1.57 -25.51
CA ASP D 306 45.92 -0.92 -26.45
C ASP D 306 46.65 0.23 -25.76
N VAL D 307 45.95 0.99 -24.93
CA VAL D 307 46.54 2.07 -24.15
C VAL D 307 46.37 1.74 -22.68
N TYR D 308 47.49 1.75 -21.95
CA TYR D 308 47.47 1.41 -20.53
C TYR D 308 48.60 2.16 -19.83
N CYS D 309 48.46 2.30 -18.52
CA CYS D 309 49.45 2.99 -17.71
C CYS D 309 50.62 2.07 -17.41
N GLU D 310 51.83 2.63 -17.48
CA GLU D 310 53.05 1.88 -17.21
C GLU D 310 53.81 2.38 -15.98
N THR D 311 53.72 3.66 -15.66
CA THR D 311 54.43 4.21 -14.52
C THR D 311 53.76 3.78 -13.22
N VAL D 312 54.53 3.84 -12.13
CA VAL D 312 54.00 3.45 -10.82
C VAL D 312 52.91 4.41 -10.37
N LEU D 313 53.12 5.72 -10.55
CA LEU D 313 52.10 6.69 -10.15
C LEU D 313 50.84 6.54 -10.99
N GLY D 314 51.00 6.31 -12.30
CA GLY D 314 49.83 6.16 -13.16
C GLY D 314 48.97 4.99 -12.75
N ARG D 315 49.59 3.84 -12.43
CA ARG D 315 48.83 2.70 -11.96
C ARG D 315 48.23 2.96 -10.58
N THR D 316 48.97 3.66 -9.72
CA THR D 316 48.46 3.97 -8.38
C THR D 316 47.22 4.86 -8.45
N PHE D 317 47.25 5.88 -9.31
CA PHE D 317 46.07 6.73 -9.49
C PHE D 317 44.94 5.97 -10.16
N LEU D 318 45.26 5.06 -11.09
CA LEU D 318 44.23 4.25 -11.73
C LEU D 318 43.51 3.37 -10.71
N VAL D 319 44.25 2.80 -9.76
CA VAL D 319 43.63 2.01 -8.70
C VAL D 319 42.67 2.87 -7.89
N PHE D 320 43.11 4.08 -7.53
CA PHE D 320 42.24 4.99 -6.78
C PHE D 320 41.04 5.41 -7.62
N PHE D 321 41.27 5.68 -8.92
CA PHE D 321 40.17 6.11 -9.78
C PHE D 321 39.15 4.99 -9.98
N LEU D 322 39.60 3.74 -10.09
CA LEU D 322 38.68 2.63 -10.32
C LEU D 322 37.68 2.48 -9.18
N LEU D 323 38.05 2.91 -7.97
CA LEU D 323 37.15 2.79 -6.83
C LEU D 323 36.03 3.82 -6.86
N VAL D 324 36.34 5.04 -7.32
CA VAL D 324 35.39 6.15 -7.28
C VAL D 324 34.94 6.56 -8.67
N GLY D 325 35.82 6.48 -9.67
CA GLY D 325 35.46 6.90 -11.01
C GLY D 325 34.39 6.03 -11.64
N LEU D 326 34.42 4.73 -11.38
CA LEU D 326 33.41 3.84 -11.93
C LEU D 326 32.03 4.11 -11.33
N ALA D 327 31.98 4.53 -10.06
CA ALA D 327 30.70 4.87 -9.45
C ALA D 327 30.10 6.12 -10.09
N ILE D 328 30.95 7.08 -10.49
CA ILE D 328 30.46 8.28 -11.15
C ILE D 328 29.81 7.92 -12.49
N PHE D 329 30.45 7.04 -13.25
CA PHE D 329 29.88 6.61 -14.53
C PHE D 329 28.59 5.82 -14.32
N ALA D 330 28.53 5.00 -13.27
CA ALA D 330 27.36 4.17 -13.04
C ALA D 330 26.15 4.98 -12.59
N SER D 331 26.35 6.19 -12.07
CA SER D 331 25.26 7.01 -11.55
C SER D 331 24.88 8.16 -12.46
N CYS D 332 25.85 8.78 -13.14
CA CYS D 332 25.56 9.95 -13.95
C CYS D 332 25.03 9.56 -15.32
N ILE D 333 25.71 8.65 -16.01
CA ILE D 333 25.33 8.32 -17.38
C ILE D 333 23.92 7.75 -17.49
N PRO D 334 23.50 6.77 -16.67
CA PRO D 334 22.11 6.29 -16.79
C PRO D 334 21.07 7.37 -16.57
N GLU D 335 21.33 8.30 -15.64
CA GLU D 335 20.36 9.35 -15.36
C GLU D 335 20.36 10.45 -16.41
N ILE D 336 21.51 10.70 -17.04
CA ILE D 336 21.59 11.78 -18.04
C ILE D 336 20.68 11.48 -19.21
N ILE D 337 20.73 10.26 -19.74
CA ILE D 337 19.84 9.88 -20.82
C ILE D 337 18.40 9.79 -20.33
N ASP D 338 18.20 9.30 -19.11
CA ASP D 338 16.85 9.22 -18.55
C ASP D 338 16.24 10.60 -18.38
N LEU D 339 17.04 11.56 -17.91
CA LEU D 339 16.53 12.92 -17.73
C LEU D 339 16.14 13.55 -19.06
N ILE D 340 16.93 13.30 -20.11
CA ILE D 340 16.56 13.76 -21.45
C ILE D 340 15.25 13.12 -21.87
N GLY D 341 15.13 11.81 -21.69
CA GLY D 341 13.88 11.12 -21.90
C GLY D 341 13.52 10.98 -23.37
N THR D 342 12.34 10.42 -23.59
CA THR D 342 11.80 10.26 -24.93
C THR D 342 10.99 11.47 -25.33
N ARG D 343 11.06 11.83 -26.61
CA ARG D 343 10.31 12.98 -27.11
C ARG D 343 8.81 12.76 -26.96
N ALA D 344 8.08 13.86 -26.75
CA ALA D 344 6.63 13.81 -26.66
C ALA D 344 6.08 13.53 -28.06
N LYS D 345 5.71 12.27 -28.31
CA LYS D 345 5.27 11.86 -29.64
C LYS D 345 4.00 12.59 -30.06
N TYR D 346 3.05 12.74 -29.13
CA TYR D 346 1.76 13.35 -29.42
C TYR D 346 1.72 14.75 -28.82
N GLY D 347 1.45 15.74 -29.66
CA GLY D 347 1.42 17.12 -29.22
C GLY D 347 1.23 18.04 -30.40
N GLY D 348 1.35 19.33 -30.13
CA GLY D 348 1.21 20.33 -31.17
C GLY D 348 -0.23 20.70 -31.45
N THR D 349 -0.42 21.39 -32.57
CA THR D 349 -1.71 21.92 -32.98
C THR D 349 -2.18 21.22 -34.24
N LEU D 350 -3.46 20.89 -34.29
CA LEU D 350 -4.06 20.30 -35.49
C LEU D 350 -3.87 21.23 -36.69
N LYS D 351 -3.43 20.65 -37.81
CA LYS D 351 -3.24 21.44 -39.02
C LYS D 351 -4.58 21.87 -39.58
N ASN D 352 -4.67 23.15 -39.95
CA ASN D 352 -5.91 23.68 -40.51
C ASN D 352 -6.01 23.38 -41.99
N GLU D 353 -7.20 22.94 -42.42
CA GLU D 353 -7.47 22.63 -43.80
C GLU D 353 -8.76 23.32 -44.25
N LYS D 354 -8.78 23.75 -45.50
CA LYS D 354 -9.96 24.42 -46.04
C LYS D 354 -11.06 23.41 -46.31
N GLY D 355 -12.27 23.71 -45.83
CA GLY D 355 -13.39 22.81 -46.01
C GLY D 355 -13.21 21.48 -45.31
N ARG D 356 -12.69 21.48 -44.09
CA ARG D 356 -12.44 20.27 -43.33
C ARG D 356 -13.43 20.19 -42.17
N ARG D 357 -14.11 19.05 -42.08
CA ARG D 357 -15.10 18.81 -41.03
C ARG D 357 -14.53 17.76 -40.07
N HIS D 358 -14.31 18.17 -38.82
CA HIS D 358 -13.71 17.29 -37.82
C HIS D 358 -14.49 17.38 -36.53
N ILE D 359 -14.39 16.32 -35.73
CA ILE D 359 -15.04 16.24 -34.42
C ILE D 359 -13.98 15.86 -33.38
N VAL D 360 -14.30 16.18 -32.12
CA VAL D 360 -13.41 15.93 -31.00
C VAL D 360 -14.05 14.90 -30.08
N VAL D 361 -13.32 13.84 -29.77
CA VAL D 361 -13.78 12.78 -28.89
C VAL D 361 -12.90 12.76 -27.66
N CYS D 362 -13.51 12.85 -26.48
CA CYS D 362 -12.80 12.86 -25.21
C CYS D 362 -13.51 11.95 -24.23
N GLY D 363 -13.01 11.91 -23.00
CA GLY D 363 -13.59 11.10 -21.95
C GLY D 363 -12.81 9.82 -21.74
N HIS D 364 -13.49 8.68 -21.87
CA HIS D 364 -12.87 7.37 -21.69
C HIS D 364 -12.25 6.95 -23.01
N ILE D 365 -10.95 7.18 -23.14
CA ILE D 365 -10.23 6.85 -24.38
C ILE D 365 -9.31 5.67 -24.12
N THR D 366 -9.78 4.46 -24.42
CA THR D 366 -9.00 3.24 -24.29
C THR D 366 -9.13 2.45 -25.59
N TYR D 367 -8.36 1.36 -25.69
CA TYR D 367 -8.51 0.47 -26.84
C TYR D 367 -9.90 -0.14 -26.91
N GLU D 368 -10.55 -0.31 -25.76
CA GLU D 368 -11.93 -0.80 -25.77
C GLU D 368 -12.87 0.18 -26.46
N SER D 369 -12.85 1.45 -26.03
CA SER D 369 -13.81 2.41 -26.54
C SER D 369 -13.50 2.85 -27.96
N VAL D 370 -12.22 3.07 -28.27
CA VAL D 370 -11.84 3.60 -29.58
C VAL D 370 -12.19 2.61 -30.68
N SER D 371 -11.87 1.32 -30.47
CA SER D 371 -12.09 0.33 -31.52
C SER D 371 -13.57 0.16 -31.82
N HIS D 372 -14.41 0.08 -30.78
CA HIS D 372 -15.85 -0.04 -31.01
C HIS D 372 -16.42 1.22 -31.65
N PHE D 373 -15.95 2.39 -31.22
CA PHE D 373 -16.45 3.64 -31.80
C PHE D 373 -16.05 3.78 -33.26
N LEU D 374 -14.80 3.45 -33.59
CA LEU D 374 -14.31 3.62 -34.96
C LEU D 374 -15.02 2.67 -35.92
N LYS D 375 -15.31 1.45 -35.48
CA LYS D 375 -16.01 0.51 -36.35
C LYS D 375 -17.42 1.01 -36.69
N ASP D 376 -18.11 1.58 -35.70
CA ASP D 376 -19.45 2.12 -35.96
C ASP D 376 -19.36 3.41 -36.78
N PHE D 377 -18.44 4.31 -36.41
CA PHE D 377 -18.36 5.60 -37.07
C PHE D 377 -17.96 5.45 -38.54
N LEU D 378 -17.01 4.56 -38.83
CA LEU D 378 -16.55 4.30 -40.18
C LEU D 378 -17.09 2.94 -40.61
N HIS D 379 -18.29 2.95 -41.18
CA HIS D 379 -18.96 1.74 -41.65
C HIS D 379 -19.35 1.90 -43.11
N GLU D 380 -19.28 0.79 -43.86
CA GLU D 380 -19.60 0.83 -45.28
C GLU D 380 -21.08 1.06 -45.52
N ASP D 381 -21.94 0.70 -44.57
CA ASP D 381 -23.38 0.89 -44.74
C ASP D 381 -23.81 2.32 -44.49
N ARG D 382 -22.94 3.16 -43.92
CA ARG D 382 -23.29 4.54 -43.64
C ARG D 382 -23.07 5.41 -44.87
N GLU D 383 -23.53 6.66 -44.78
CA GLU D 383 -23.31 7.64 -45.84
C GLU D 383 -21.83 7.96 -45.98
N ASP D 384 -21.41 8.19 -47.21
CA ASP D 384 -20.00 8.48 -47.50
C ASP D 384 -19.75 9.96 -47.26
N VAL D 385 -19.36 10.30 -46.03
CA VAL D 385 -19.02 11.66 -45.66
C VAL D 385 -17.62 11.65 -45.04
N ASP D 386 -16.85 12.70 -45.33
CA ASP D 386 -15.47 12.81 -44.86
C ASP D 386 -15.45 13.63 -43.58
N VAL D 387 -15.32 12.94 -42.44
CA VAL D 387 -15.22 13.58 -41.14
C VAL D 387 -14.03 12.99 -40.41
N GLU D 388 -13.04 13.84 -40.11
CA GLU D 388 -11.88 13.43 -39.33
C GLU D 388 -12.26 13.34 -37.85
N VAL D 389 -11.65 12.38 -37.16
CA VAL D 389 -11.90 12.15 -35.74
C VAL D 389 -10.63 12.48 -34.97
N VAL D 390 -10.77 13.36 -33.98
CA VAL D 390 -9.64 13.79 -33.15
C VAL D 390 -9.88 13.29 -31.73
N PHE D 391 -8.91 12.56 -31.19
CA PHE D 391 -8.98 12.01 -29.85
C PHE D 391 -8.07 12.81 -28.92
N LEU D 392 -8.62 13.21 -27.78
CA LEU D 392 -7.87 13.95 -26.76
C LEU D 392 -7.92 13.17 -25.45
N HIS D 393 -6.74 12.89 -24.89
CA HIS D 393 -6.64 12.14 -23.66
C HIS D 393 -5.40 12.56 -22.91
N ARG D 394 -5.39 12.28 -21.60
CA ARG D 394 -4.26 12.69 -20.76
C ARG D 394 -3.12 11.68 -20.85
N LYS D 395 -3.40 10.42 -20.57
CA LYS D 395 -2.36 9.41 -20.59
C LYS D 395 -1.92 9.13 -22.03
N PRO D 396 -0.64 8.85 -22.26
CA PRO D 396 -0.20 8.40 -23.58
C PRO D 396 -0.81 7.05 -23.91
N PRO D 397 -1.16 6.82 -25.17
CA PRO D 397 -1.77 5.53 -25.54
C PRO D 397 -0.76 4.39 -25.46
N ASP D 398 -1.28 3.19 -25.22
CA ASP D 398 -0.45 2.01 -25.19
C ASP D 398 -0.14 1.55 -26.61
N LEU D 399 0.67 0.50 -26.73
CA LEU D 399 1.08 0.02 -28.04
C LEU D 399 -0.10 -0.48 -28.87
N GLU D 400 -1.11 -1.05 -28.21
CA GLU D 400 -2.31 -1.49 -28.93
C GLU D 400 -3.06 -0.32 -29.54
N LEU D 401 -3.20 0.77 -28.79
CA LEU D 401 -3.92 1.93 -29.29
C LEU D 401 -3.13 2.65 -30.37
N GLU D 402 -1.80 2.71 -30.23
CA GLU D 402 -0.97 3.37 -31.23
C GLU D 402 -1.05 2.65 -32.57
N GLY D 403 -1.07 1.31 -32.54
CA GLY D 403 -1.22 0.56 -33.78
C GLY D 403 -2.57 0.77 -34.44
N LEU D 404 -3.61 0.91 -33.63
CA LEU D 404 -4.94 1.17 -34.17
C LEU D 404 -4.99 2.54 -34.85
N PHE D 405 -4.33 3.54 -34.26
CA PHE D 405 -4.26 4.85 -34.88
C PHE D 405 -3.46 4.82 -36.18
N LYS D 406 -2.43 3.98 -36.24
CA LYS D 406 -1.63 3.87 -37.46
C LYS D 406 -2.45 3.35 -38.63
N ARG D 407 -3.31 2.35 -38.37
CA ARG D 407 -4.15 1.81 -39.44
C ARG D 407 -5.21 2.80 -39.91
N HIS D 408 -5.51 3.81 -39.11
CA HIS D 408 -6.44 4.87 -39.48
C HIS D 408 -5.73 6.21 -39.53
N PHE D 409 -4.53 6.23 -40.12
CA PHE D 409 -3.71 7.43 -40.13
C PHE D 409 -4.37 8.57 -40.90
N THR D 410 -5.02 8.26 -42.01
CA THR D 410 -5.59 9.29 -42.86
C THR D 410 -6.94 9.81 -42.38
N THR D 411 -7.54 9.19 -41.36
CA THR D 411 -8.85 9.60 -40.89
C THR D 411 -8.96 9.76 -39.38
N VAL D 412 -8.02 9.25 -38.60
CA VAL D 412 -8.10 9.30 -37.14
C VAL D 412 -6.81 9.92 -36.61
N GLU D 413 -6.95 10.88 -35.69
CA GLU D 413 -5.81 11.58 -35.13
C GLU D 413 -5.94 11.62 -33.61
N PHE D 414 -4.80 11.62 -32.92
CA PHE D 414 -4.75 11.61 -31.47
C PHE D 414 -3.89 12.76 -30.96
N PHE D 415 -4.31 13.32 -29.83
CA PHE D 415 -3.55 14.36 -29.13
C PHE D 415 -3.48 14.01 -27.65
N GLN D 416 -2.44 14.52 -27.00
CA GLN D 416 -2.25 14.33 -25.57
C GLN D 416 -2.60 15.63 -24.83
N GLY D 417 -3.51 15.53 -23.87
CA GLY D 417 -3.92 16.70 -23.12
C GLY D 417 -5.28 16.49 -22.51
N THR D 418 -5.63 17.37 -21.59
CA THR D 418 -6.90 17.32 -20.88
C THR D 418 -7.88 18.32 -21.49
N ILE D 419 -9.16 17.97 -21.46
CA ILE D 419 -10.19 18.83 -22.03
C ILE D 419 -10.46 20.06 -21.17
N MET D 420 -10.07 20.03 -19.89
CA MET D 420 -10.32 21.14 -19.00
C MET D 420 -9.28 22.26 -19.14
N ASN D 421 -8.25 22.04 -19.94
CA ASN D 421 -7.21 23.04 -20.17
C ASN D 421 -7.58 23.89 -21.37
N PRO D 422 -7.76 25.20 -21.22
CA PRO D 422 -8.05 26.04 -22.40
C PRO D 422 -6.96 26.01 -23.44
N ILE D 423 -5.69 25.81 -23.04
CA ILE D 423 -4.61 25.70 -24.01
C ILE D 423 -4.79 24.46 -24.87
N ASP D 424 -5.16 23.33 -24.25
CA ASP D 424 -5.36 22.10 -25.02
C ASP D 424 -6.59 22.19 -25.91
N LEU D 425 -7.61 22.95 -25.50
CA LEU D 425 -8.78 23.14 -26.34
C LEU D 425 -8.41 23.86 -27.64
N GLN D 426 -7.50 24.84 -27.54
CA GLN D 426 -7.08 25.57 -28.73
C GLN D 426 -6.30 24.67 -29.68
N ARG D 427 -5.52 23.73 -29.14
CA ARG D 427 -4.70 22.86 -29.98
C ARG D 427 -5.55 22.01 -30.91
N VAL D 428 -6.65 21.45 -30.38
CA VAL D 428 -7.53 20.59 -31.18
C VAL D 428 -8.60 21.38 -31.93
N LYS D 429 -8.66 22.71 -31.72
CA LYS D 429 -9.59 23.58 -32.44
C LYS D 429 -11.04 23.13 -32.26
N VAL D 430 -11.50 23.20 -31.00
CA VAL D 430 -12.87 22.81 -30.68
C VAL D 430 -13.86 23.79 -31.30
N HIS D 431 -13.50 25.08 -31.37
CA HIS D 431 -14.40 26.07 -31.91
C HIS D 431 -14.74 25.80 -33.37
N GLU D 432 -13.81 25.21 -34.12
CA GLU D 432 -14.05 24.83 -35.51
C GLU D 432 -14.56 23.40 -35.64
N ALA D 433 -14.65 22.66 -34.55
CA ALA D 433 -15.11 21.28 -34.61
C ALA D 433 -16.62 21.22 -34.83
N ASP D 434 -17.06 20.21 -35.57
CA ASP D 434 -18.49 20.03 -35.82
C ASP D 434 -19.24 19.77 -34.51
N ALA D 435 -18.71 18.87 -33.68
CA ALA D 435 -19.32 18.55 -32.40
C ALA D 435 -18.27 17.92 -31.51
N CYS D 436 -18.56 17.89 -30.21
CA CYS D 436 -17.68 17.29 -29.22
C CYS D 436 -18.38 16.11 -28.57
N LEU D 437 -17.72 14.95 -28.57
CA LEU D 437 -18.26 13.72 -28.03
C LEU D 437 -17.51 13.36 -26.76
N VAL D 438 -18.24 13.14 -25.68
CA VAL D 438 -17.67 12.83 -24.37
C VAL D 438 -18.07 11.40 -24.03
N LEU D 439 -17.14 10.47 -24.18
CA LEU D 439 -17.39 9.08 -23.81
C LEU D 439 -17.34 8.93 -22.28
N ALA D 440 -18.01 7.89 -21.79
CA ALA D 440 -18.11 7.64 -20.36
C ALA D 440 -17.67 6.22 -20.07
N ASN D 441 -17.13 6.02 -18.87
CA ASN D 441 -16.71 4.69 -18.41
C ASN D 441 -17.91 4.01 -17.78
N LYS D 442 -18.56 3.12 -18.54
CA LYS D 442 -19.75 2.44 -18.04
C LYS D 442 -19.41 1.54 -16.86
N TYR D 443 -18.28 0.82 -16.95
CA TYR D 443 -17.86 -0.09 -15.89
C TYR D 443 -16.96 0.63 -14.89
N CYS D 444 -17.57 1.59 -14.19
CA CYS D 444 -16.87 2.42 -13.21
C CYS D 444 -17.33 2.07 -11.80
N GLN D 445 -16.39 2.14 -10.85
CA GLN D 445 -16.69 1.82 -9.47
C GLN D 445 -17.72 2.77 -8.87
N ASP D 446 -17.58 4.07 -9.09
CA ASP D 446 -18.51 5.06 -8.56
C ASP D 446 -19.13 5.82 -9.72
N PRO D 447 -20.36 5.49 -10.11
CA PRO D 447 -21.01 6.25 -11.19
C PRO D 447 -21.16 7.72 -10.88
N ASP D 448 -21.38 8.08 -9.62
CA ASP D 448 -21.52 9.50 -9.27
C ASP D 448 -20.27 10.29 -9.62
N ALA D 449 -19.09 9.73 -9.32
CA ALA D 449 -17.84 10.41 -9.68
C ALA D 449 -17.67 10.48 -11.19
N GLU D 450 -17.98 9.39 -11.90
CA GLU D 450 -17.82 9.38 -13.35
C GLU D 450 -18.77 10.37 -14.02
N ASP D 451 -20.02 10.44 -13.54
CA ASP D 451 -20.99 11.36 -14.11
C ASP D 451 -20.56 12.80 -13.93
N ALA D 452 -20.15 13.16 -12.71
CA ALA D 452 -19.84 14.55 -12.41
C ALA D 452 -18.53 14.98 -13.06
N ALA D 453 -17.57 14.05 -13.21
CA ALA D 453 -16.35 14.37 -13.94
C ALA D 453 -16.65 14.69 -15.40
N ASN D 454 -17.55 13.92 -16.02
CA ASN D 454 -17.94 14.20 -17.40
C ASN D 454 -18.75 15.48 -17.49
N ILE D 455 -19.54 15.81 -16.47
CA ILE D 455 -20.29 17.06 -16.46
C ILE D 455 -19.33 18.25 -16.46
N MET D 456 -18.26 18.17 -15.67
CA MET D 456 -17.26 19.24 -15.66
C MET D 456 -16.62 19.42 -17.03
N ARG D 457 -16.49 18.33 -17.80
CA ARG D 457 -15.92 18.43 -19.14
C ARG D 457 -16.80 19.29 -20.05
N VAL D 458 -18.11 19.12 -19.95
CA VAL D 458 -19.03 19.92 -20.77
C VAL D 458 -18.93 21.40 -20.39
N ILE D 459 -18.80 21.69 -19.10
CA ILE D 459 -18.69 23.07 -18.64
C ILE D 459 -17.45 23.72 -19.23
N SER D 460 -16.32 23.01 -19.23
CA SER D 460 -15.10 23.55 -19.83
C SER D 460 -15.26 23.80 -21.32
N ILE D 461 -15.88 22.85 -22.03
CA ILE D 461 -16.12 23.02 -23.46
C ILE D 461 -17.04 24.20 -23.72
N LYS D 462 -18.12 24.29 -22.94
CA LYS D 462 -19.05 25.42 -23.12
C LYS D 462 -18.43 26.73 -22.70
N ASN D 463 -17.53 26.71 -21.71
CA ASN D 463 -16.83 27.93 -21.32
C ASN D 463 -15.96 28.46 -22.44
N TYR D 464 -15.29 27.57 -23.17
CA TYR D 464 -14.48 28.00 -24.30
C TYR D 464 -15.34 28.62 -25.38
N SER D 465 -16.49 28.01 -25.69
CA SER D 465 -17.42 28.55 -26.67
C SER D 465 -18.78 27.91 -26.44
N ASP D 466 -19.82 28.75 -26.33
CA ASP D 466 -21.16 28.22 -26.06
C ASP D 466 -21.77 27.57 -27.30
N ASP D 467 -21.41 28.04 -28.50
CA ASP D 467 -22.00 27.55 -29.74
C ASP D 467 -21.29 26.32 -30.29
N ILE D 468 -21.09 25.32 -29.43
CA ILE D 468 -20.46 24.06 -29.81
C ILE D 468 -21.41 22.93 -29.45
N ARG D 469 -21.70 22.07 -30.42
CA ARG D 469 -22.54 20.90 -30.17
C ARG D 469 -21.81 19.89 -29.30
N VAL D 470 -22.47 19.43 -28.25
CA VAL D 470 -21.88 18.51 -27.28
C VAL D 470 -22.79 17.31 -27.11
N ILE D 471 -22.23 16.11 -27.25
CA ILE D 471 -22.94 14.86 -26.99
C ILE D 471 -22.18 14.12 -25.90
N ILE D 472 -22.88 13.75 -24.83
CA ILE D 472 -22.26 13.15 -23.65
C ILE D 472 -23.04 11.90 -23.26
N GLN D 473 -22.31 10.88 -22.82
CA GLN D 473 -22.90 9.68 -22.25
C GLN D 473 -23.08 9.88 -20.75
N LEU D 474 -24.25 9.53 -20.24
CA LEU D 474 -24.63 9.80 -18.86
C LEU D 474 -25.05 8.49 -18.20
N MET D 475 -24.50 8.21 -17.02
CA MET D 475 -24.79 6.92 -16.37
C MET D 475 -26.10 6.96 -15.61
N GLN D 476 -26.32 7.97 -14.78
CA GLN D 476 -27.53 8.07 -13.98
C GLN D 476 -28.35 9.30 -14.40
N TYR D 477 -29.67 9.18 -14.24
CA TYR D 477 -30.57 10.19 -14.77
C TYR D 477 -30.56 11.48 -13.94
N HIS D 478 -30.45 11.37 -12.62
CA HIS D 478 -30.54 12.56 -11.78
C HIS D 478 -29.39 13.53 -12.01
N ASN D 479 -28.32 13.13 -12.69
CA ASN D 479 -27.27 14.05 -13.07
C ASN D 479 -27.61 14.85 -14.32
N LYS D 480 -28.71 14.51 -15.01
CA LYS D 480 -29.10 15.26 -16.20
C LYS D 480 -29.63 16.64 -15.85
N ALA D 481 -30.13 16.82 -14.62
CA ALA D 481 -30.66 18.12 -14.22
C ALA D 481 -29.56 19.16 -14.19
N TYR D 482 -28.35 18.78 -13.76
CA TYR D 482 -27.24 19.71 -13.72
C TYR D 482 -26.89 20.23 -15.12
N LEU D 483 -26.87 19.34 -16.11
CA LEU D 483 -26.57 19.76 -17.48
C LEU D 483 -27.69 20.62 -18.06
N LEU D 484 -28.94 20.28 -17.77
CA LEU D 484 -30.06 21.05 -18.30
C LEU D 484 -30.12 22.45 -17.71
N ASN D 485 -29.57 22.64 -16.50
CA ASN D 485 -29.56 23.95 -15.86
C ASN D 485 -28.40 24.83 -16.32
N ILE D 486 -27.52 24.32 -17.17
CA ILE D 486 -26.42 25.14 -17.69
C ILE D 486 -27.00 26.20 -18.63
N PRO D 487 -26.65 27.49 -18.44
CA PRO D 487 -27.21 28.53 -19.31
C PRO D 487 -26.86 28.34 -20.79
N SER D 488 -25.71 27.78 -21.09
CA SER D 488 -25.26 27.60 -22.47
C SER D 488 -25.77 26.31 -23.10
N TRP D 489 -26.50 25.48 -22.34
CA TRP D 489 -27.00 24.22 -22.87
C TRP D 489 -28.31 24.48 -23.62
N ASP D 490 -28.36 24.08 -24.89
CA ASP D 490 -29.54 24.25 -25.72
C ASP D 490 -29.76 22.99 -26.52
N TRP D 491 -30.89 22.32 -26.28
CA TRP D 491 -31.19 21.09 -27.01
C TRP D 491 -31.54 21.36 -28.47
N LYS D 492 -32.10 22.54 -28.76
CA LYS D 492 -32.49 22.87 -30.12
C LYS D 492 -31.27 23.02 -31.03
N GLN D 493 -30.12 23.43 -30.47
CA GLN D 493 -28.92 23.62 -31.26
C GLN D 493 -28.18 22.33 -31.54
N GLY D 494 -28.61 21.20 -30.97
CA GLY D 494 -27.99 19.91 -31.22
C GLY D 494 -27.38 19.27 -29.99
N ASP D 495 -27.38 19.92 -28.82
CA ASP D 495 -26.84 19.30 -27.62
C ASP D 495 -27.73 18.15 -27.19
N ASP D 496 -27.12 16.99 -26.94
CA ASP D 496 -27.84 15.78 -26.59
C ASP D 496 -27.19 15.11 -25.39
N VAL D 497 -28.03 14.48 -24.57
CA VAL D 497 -27.58 13.70 -23.42
C VAL D 497 -28.05 12.27 -23.62
N ILE D 498 -27.11 11.34 -23.64
CA ILE D 498 -27.42 9.91 -23.77
C ILE D 498 -27.31 9.32 -22.38
N CYS D 499 -28.46 9.07 -21.75
CA CYS D 499 -28.52 8.53 -20.40
C CYS D 499 -28.55 7.01 -20.48
N LEU D 500 -27.51 6.37 -19.96
CA LEU D 500 -27.43 4.92 -20.02
C LEU D 500 -28.54 4.27 -19.20
N ALA D 501 -28.80 4.78 -17.99
CA ALA D 501 -29.83 4.19 -17.14
C ALA D 501 -31.22 4.36 -17.76
N GLU D 502 -31.51 5.54 -18.29
CA GLU D 502 -32.83 5.79 -18.85
C GLU D 502 -33.09 4.90 -20.07
N LEU D 503 -32.11 4.76 -20.95
CA LEU D 503 -32.29 3.93 -22.14
C LEU D 503 -32.32 2.46 -21.79
N LYS D 504 -31.41 2.01 -20.92
CA LYS D 504 -31.34 0.60 -20.57
C LYS D 504 -32.62 0.13 -19.88
N LEU D 505 -33.09 0.88 -18.90
CA LEU D 505 -34.33 0.52 -18.21
C LEU D 505 -35.56 0.77 -19.06
N GLY D 506 -35.49 1.70 -20.01
CA GLY D 506 -36.60 1.88 -20.93
C GLY D 506 -36.81 0.68 -21.83
N PHE D 507 -35.72 0.03 -22.24
CA PHE D 507 -35.83 -1.18 -23.05
C PHE D 507 -36.44 -2.32 -22.26
N ILE D 508 -36.08 -2.45 -20.99
CA ILE D 508 -36.64 -3.50 -20.16
C ILE D 508 -38.15 -3.31 -19.98
N ALA D 509 -38.57 -2.05 -19.77
CA ALA D 509 -39.99 -1.77 -19.64
C ALA D 509 -40.75 -2.10 -20.91
N GLN D 510 -40.17 -1.78 -22.07
CA GLN D 510 -40.82 -2.13 -23.34
C GLN D 510 -40.90 -3.64 -23.53
N SER D 511 -39.94 -4.39 -22.99
CA SER D 511 -39.98 -5.83 -23.09
C SER D 511 -41.14 -6.42 -22.29
N CYS D 512 -41.57 -5.74 -21.24
CA CYS D 512 -42.73 -6.22 -20.47
C CYS D 512 -43.99 -6.19 -21.31
N LEU D 513 -44.20 -5.13 -22.08
CA LEU D 513 -45.36 -5.06 -22.97
C LEU D 513 -45.24 -6.05 -24.12
N ALA D 514 -44.04 -6.18 -24.69
CA ALA D 514 -43.80 -7.11 -25.78
C ALA D 514 -42.45 -7.80 -25.57
N PRO D 515 -42.45 -9.08 -25.20
CA PRO D 515 -41.18 -9.78 -24.98
C PRO D 515 -40.33 -9.82 -26.24
N GLY D 516 -39.02 -9.72 -26.06
CA GLY D 516 -38.09 -9.71 -27.17
C GLY D 516 -37.93 -8.37 -27.86
N PHE D 517 -38.59 -7.32 -27.36
CA PHE D 517 -38.49 -6.02 -28.01
C PHE D 517 -37.13 -5.38 -27.77
N SER D 518 -36.48 -5.70 -26.65
CA SER D 518 -35.16 -5.12 -26.37
C SER D 518 -34.13 -5.57 -27.40
N THR D 519 -34.18 -6.86 -27.80
CA THR D 519 -33.27 -7.34 -28.82
C THR D 519 -33.49 -6.63 -30.15
N MET D 520 -34.75 -6.43 -30.54
CA MET D 520 -35.05 -5.73 -31.77
C MET D 520 -34.57 -4.27 -31.70
N MET D 521 -34.73 -3.64 -30.54
CA MET D 521 -34.24 -2.27 -30.38
C MET D 521 -32.73 -2.20 -30.49
N ALA D 522 -32.01 -3.07 -29.77
CA ALA D 522 -30.55 -2.98 -29.74
C ALA D 522 -29.94 -3.24 -31.10
N ASN D 523 -30.45 -4.23 -31.85
CA ASN D 523 -29.91 -4.57 -33.15
C ASN D 523 -30.20 -3.52 -34.21
N LEU D 524 -31.16 -2.63 -33.99
CA LEU D 524 -31.57 -1.65 -34.98
C LEU D 524 -30.72 -0.39 -34.94
N PHE D 525 -29.74 -0.30 -34.06
CA PHE D 525 -28.84 0.85 -34.00
C PHE D 525 -27.36 0.43 -34.09
N ALA D 526 -27.08 -0.87 -34.12
CA ALA D 526 -25.72 -1.37 -34.32
C ALA D 526 -25.52 -1.61 -35.80
N MET D 527 -24.53 -0.93 -36.38
CA MET D 527 -24.28 -1.00 -37.81
C MET D 527 -23.64 -2.34 -38.14
N ARG D 528 -24.42 -3.25 -38.72
CA ARG D 528 -23.96 -4.59 -39.06
C ARG D 528 -24.11 -4.82 -40.55
N SER D 529 -23.08 -5.38 -41.17
CA SER D 529 -23.10 -5.77 -42.57
C SER D 529 -23.38 -7.27 -42.65
N PHE D 530 -24.42 -7.64 -43.38
CA PHE D 530 -24.90 -9.01 -43.42
C PHE D 530 -24.65 -9.61 -44.80
N LYS D 531 -23.93 -10.73 -44.83
CA LYS D 531 -23.75 -11.53 -46.04
C LYS D 531 -24.68 -12.73 -45.95
N THR D 532 -25.45 -12.97 -47.02
CA THR D 532 -26.29 -14.15 -47.05
C THR D 532 -25.42 -15.40 -47.13
N SER D 533 -25.84 -16.45 -46.42
CA SER D 533 -25.03 -17.65 -46.35
C SER D 533 -25.65 -18.78 -47.16
N PRO D 534 -24.83 -19.64 -47.77
CA PRO D 534 -25.40 -20.75 -48.56
C PRO D 534 -26.17 -21.75 -47.73
N ASP D 535 -25.56 -22.30 -46.68
CA ASP D 535 -26.22 -23.31 -45.86
C ASP D 535 -25.66 -23.28 -44.45
N MET D 536 -26.53 -23.03 -43.47
CA MET D 536 -26.19 -23.09 -42.06
C MET D 536 -27.48 -23.30 -41.29
N GLN D 537 -27.42 -23.08 -39.97
CA GLN D 537 -28.61 -23.25 -39.14
C GLN D 537 -29.72 -22.31 -39.61
N SER D 538 -30.93 -22.86 -39.72
CA SER D 538 -32.02 -22.12 -40.36
C SER D 538 -32.46 -20.92 -39.54
N TRP D 539 -32.67 -21.10 -38.23
CA TRP D 539 -33.17 -20.01 -37.42
C TRP D 539 -32.12 -18.92 -37.24
N THR D 540 -30.83 -19.30 -37.23
CA THR D 540 -29.78 -18.29 -37.17
C THR D 540 -29.73 -17.45 -38.43
N ASN D 541 -29.95 -18.07 -39.59
CA ASN D 541 -29.93 -17.33 -40.85
C ASN D 541 -31.02 -16.28 -40.89
N ASP D 542 -32.23 -16.63 -40.44
CA ASP D 542 -33.30 -15.64 -40.38
C ASP D 542 -32.99 -14.55 -39.36
N TYR D 543 -32.42 -14.92 -38.22
CA TYR D 543 -32.08 -13.94 -37.20
C TYR D 543 -30.97 -13.01 -37.67
N LEU D 544 -29.95 -13.55 -38.35
CA LEU D 544 -28.84 -12.71 -38.80
C LEU D 544 -29.27 -11.71 -39.86
N ARG D 545 -30.23 -12.08 -40.70
CA ARG D 545 -30.74 -11.14 -41.70
C ARG D 545 -31.40 -9.93 -41.03
N GLY D 546 -32.13 -10.17 -39.94
CA GLY D 546 -32.72 -9.08 -39.21
C GLY D 546 -31.70 -8.16 -38.56
N THR D 547 -30.57 -8.74 -38.11
CA THR D 547 -29.53 -7.93 -37.47
C THR D 547 -28.86 -6.96 -38.43
N GLY D 548 -29.01 -7.18 -39.74
CA GLY D 548 -28.50 -6.25 -40.72
C GLY D 548 -29.33 -5.02 -40.95
N MET D 549 -30.44 -4.89 -40.21
CA MET D 549 -31.33 -3.75 -40.35
C MET D 549 -30.97 -2.68 -39.34
N GLU D 550 -31.16 -1.42 -39.72
CA GLU D 550 -30.88 -0.30 -38.84
C GLU D 550 -31.69 0.91 -39.29
N MET D 551 -31.77 1.91 -38.42
CA MET D 551 -32.50 3.13 -38.73
C MET D 551 -31.83 3.87 -39.89
N TYR D 552 -32.66 4.52 -40.70
CA TYR D 552 -32.20 5.38 -41.78
C TYR D 552 -33.22 6.48 -42.01
N THR D 553 -32.75 7.62 -42.49
CA THR D 553 -33.59 8.78 -42.76
C THR D 553 -33.33 9.29 -44.17
N GLU D 554 -34.40 9.67 -44.86
CA GLU D 554 -34.31 10.18 -46.22
C GLU D 554 -35.50 11.06 -46.51
N THR D 555 -35.29 12.09 -47.33
CA THR D 555 -36.38 12.97 -47.73
C THR D 555 -37.32 12.24 -48.67
N LEU D 556 -38.62 12.32 -48.39
CA LEU D 556 -39.61 11.64 -49.21
C LEU D 556 -39.71 12.27 -50.59
N SER D 557 -40.00 11.44 -51.59
CA SER D 557 -40.13 11.91 -52.95
C SER D 557 -41.36 12.81 -53.09
N PRO D 558 -41.32 13.77 -54.02
CA PRO D 558 -42.51 14.60 -54.24
C PRO D 558 -43.72 13.82 -54.72
N THR D 559 -43.53 12.61 -55.24
CA THR D 559 -44.67 11.79 -55.64
C THR D 559 -45.55 11.43 -54.44
N PHE D 560 -44.96 11.34 -53.25
CA PHE D 560 -45.71 11.01 -52.05
C PHE D 560 -46.50 12.20 -51.49
N ILE D 561 -46.32 13.39 -52.04
CA ILE D 561 -47.01 14.57 -51.52
C ILE D 561 -48.50 14.45 -51.78
N GLY D 562 -49.31 14.69 -50.74
CA GLY D 562 -50.75 14.68 -50.86
C GLY D 562 -51.43 13.38 -50.51
N ILE D 563 -50.69 12.34 -50.17
CA ILE D 563 -51.29 11.06 -49.82
C ILE D 563 -51.16 10.84 -48.32
N PRO D 564 -52.05 10.08 -47.70
CA PRO D 564 -51.93 9.82 -46.25
C PRO D 564 -50.75 8.90 -45.95
N PHE D 565 -50.37 8.87 -44.67
CA PHE D 565 -49.24 8.06 -44.25
C PHE D 565 -49.50 6.58 -44.47
N ALA D 566 -50.73 6.14 -44.21
CA ALA D 566 -51.05 4.71 -44.33
C ALA D 566 -50.83 4.21 -45.75
N GLN D 567 -51.26 4.98 -46.75
CA GLN D 567 -51.00 4.61 -48.13
C GLN D 567 -49.54 4.81 -48.51
N ALA D 568 -48.85 5.73 -47.85
CA ALA D 568 -47.45 5.99 -48.18
C ALA D 568 -46.55 4.84 -47.75
N THR D 569 -46.73 4.35 -46.51
CA THR D 569 -45.89 3.27 -46.03
C THR D 569 -46.24 1.94 -46.69
N GLU D 570 -47.51 1.74 -47.05
CA GLU D 570 -47.89 0.53 -47.76
C GLU D 570 -47.26 0.48 -49.14
N LEU D 571 -47.23 1.62 -49.85
CA LEU D 571 -46.61 1.65 -51.17
C LEU D 571 -45.11 1.38 -51.09
N CYS D 572 -44.45 1.94 -50.09
CA CYS D 572 -43.00 1.74 -49.94
C CYS D 572 -42.68 0.27 -49.70
N PHE D 573 -43.47 -0.40 -48.86
CA PHE D 573 -43.24 -1.82 -48.58
C PHE D 573 -43.45 -2.67 -49.83
N SER D 574 -44.51 -2.40 -50.58
CA SER D 574 -44.83 -3.22 -51.73
C SER D 574 -43.90 -2.95 -52.91
N LYS D 575 -43.57 -1.68 -53.15
CA LYS D 575 -42.80 -1.30 -54.34
C LYS D 575 -41.30 -1.23 -54.03
N LEU D 576 -40.92 -0.38 -53.09
CA LEU D 576 -39.50 -0.13 -52.79
C LEU D 576 -38.92 -1.12 -51.79
N LYS D 577 -39.74 -2.03 -51.25
CA LYS D 577 -39.30 -2.99 -50.23
C LYS D 577 -38.66 -2.29 -49.04
N LEU D 578 -39.25 -1.17 -48.63
CA LEU D 578 -38.77 -0.39 -47.50
C LEU D 578 -39.91 -0.20 -46.50
N LEU D 579 -39.56 -0.21 -45.22
CA LEU D 579 -40.54 -0.03 -44.15
C LEU D 579 -40.45 1.39 -43.61
N LEU D 580 -41.50 2.17 -43.84
CA LEU D 580 -41.60 3.52 -43.32
C LEU D 580 -42.47 3.50 -42.06
N LEU D 581 -41.89 3.89 -40.92
CA LEU D 581 -42.58 3.80 -39.65
C LEU D 581 -42.79 5.14 -38.96
N ALA D 582 -42.05 6.18 -39.31
CA ALA D 582 -42.20 7.48 -38.68
C ALA D 582 -41.88 8.58 -39.67
N ILE D 583 -42.55 9.72 -39.50
CA ILE D 583 -42.31 10.91 -40.30
C ILE D 583 -42.26 12.11 -39.37
N GLU D 584 -41.66 13.18 -39.87
CA GLU D 584 -41.52 14.43 -39.12
C GLU D 584 -42.48 15.46 -39.70
N ILE D 585 -43.32 16.03 -38.84
CA ILE D 585 -44.32 17.03 -39.24
C ILE D 585 -43.90 18.38 -38.68
N LYS D 586 -43.80 19.38 -39.56
CA LYS D 586 -43.40 20.71 -39.15
C LYS D 586 -44.45 21.75 -39.58
N SER D 594 -41.12 19.58 -36.80
CA SER D 594 -40.78 20.00 -35.44
C SER D 594 -40.96 18.85 -34.45
N LYS D 595 -41.86 17.93 -34.78
CA LYS D 595 -42.13 16.76 -33.95
C LYS D 595 -42.20 15.52 -34.81
N ILE D 596 -41.92 14.38 -34.19
CA ILE D 596 -41.87 13.09 -34.88
C ILE D 596 -43.07 12.27 -34.43
N SER D 597 -43.82 11.75 -35.41
CA SER D 597 -44.99 10.92 -35.15
C SER D 597 -44.70 9.49 -35.61
N ILE D 598 -44.93 8.53 -34.74
CA ILE D 598 -44.69 7.12 -35.02
C ILE D 598 -45.98 6.51 -35.55
N ASN D 599 -45.97 6.13 -36.83
CA ASN D 599 -47.14 5.56 -37.50
C ASN D 599 -48.37 6.45 -37.33
N PRO D 600 -48.34 7.68 -37.85
CA PRO D 600 -49.49 8.58 -37.67
C PRO D 600 -50.72 8.08 -38.41
N ARG D 601 -51.88 8.41 -37.86
CA ARG D 601 -53.16 8.01 -38.45
C ARG D 601 -53.80 9.23 -39.10
N GLY D 602 -54.11 9.10 -40.39
CA GLY D 602 -54.74 10.20 -41.11
C GLY D 602 -53.89 11.45 -41.21
N ALA D 603 -52.59 11.29 -41.44
CA ALA D 603 -51.66 12.40 -41.56
C ALA D 603 -51.16 12.47 -43.00
N LYS D 604 -51.32 13.63 -43.63
CA LYS D 604 -50.88 13.81 -45.00
C LYS D 604 -49.36 13.91 -45.07
N ILE D 605 -48.81 13.45 -46.18
CA ILE D 605 -47.38 13.56 -46.47
C ILE D 605 -47.15 14.91 -47.13
N GLN D 606 -46.49 15.82 -46.42
CA GLN D 606 -46.27 17.17 -46.91
C GLN D 606 -44.96 17.27 -47.67
N ALA D 607 -44.73 18.43 -48.27
CA ALA D 607 -43.54 18.65 -49.08
C ALA D 607 -42.28 18.66 -48.21
N ASN D 608 -41.20 18.13 -48.77
CA ASN D 608 -39.89 18.10 -48.11
C ASN D 608 -39.95 17.41 -46.75
N THR D 609 -40.72 16.32 -46.65
CA THR D 609 -40.89 15.63 -45.38
C THR D 609 -39.77 14.62 -45.18
N GLN D 610 -39.20 14.61 -43.98
CA GLN D 610 -38.17 13.64 -43.61
C GLN D 610 -38.86 12.38 -43.08
N GLY D 611 -38.52 11.23 -43.67
CA GLY D 611 -39.11 9.96 -43.29
C GLY D 611 -38.08 9.04 -42.66
N PHE D 612 -38.54 8.18 -41.78
CA PHE D 612 -37.69 7.20 -41.11
C PHE D 612 -37.92 5.83 -41.72
N PHE D 613 -36.85 5.19 -42.18
CA PHE D 613 -36.94 3.92 -42.88
C PHE D 613 -36.04 2.89 -42.23
N ILE D 614 -36.37 1.63 -42.46
CA ILE D 614 -35.60 0.49 -41.97
C ILE D 614 -35.11 -0.29 -43.17
N ALA D 615 -33.80 -0.42 -43.32
CA ALA D 615 -33.23 -1.07 -44.49
C ALA D 615 -31.86 -1.61 -44.15
N GLN D 616 -31.36 -2.48 -45.02
CA GLN D 616 -30.04 -3.08 -44.83
C GLN D 616 -28.94 -2.02 -44.90
N SER D 617 -29.05 -1.11 -45.86
CA SER D 617 -28.02 -0.11 -46.07
C SER D 617 -28.65 1.19 -46.55
N ALA D 618 -27.89 2.28 -46.44
CA ALA D 618 -28.39 3.58 -46.87
C ALA D 618 -28.62 3.65 -48.38
N ASP D 619 -27.95 2.78 -49.14
CA ASP D 619 -28.15 2.76 -50.58
C ASP D 619 -29.57 2.37 -50.95
N GLU D 620 -30.13 1.37 -50.24
CA GLU D 620 -31.49 0.94 -50.51
C GLU D 620 -32.51 2.01 -50.14
N VAL D 621 -32.19 2.84 -49.15
CA VAL D 621 -33.10 3.89 -48.71
C VAL D 621 -33.27 4.98 -49.77
N LYS D 622 -32.25 5.21 -50.60
CA LYS D 622 -32.32 6.27 -51.59
C LYS D 622 -33.41 6.05 -52.62
N ARG D 623 -33.93 4.82 -52.73
CA ARG D 623 -35.01 4.55 -53.68
C ARG D 623 -36.27 5.34 -53.33
N ALA D 624 -36.47 5.63 -52.05
CA ALA D 624 -37.64 6.42 -51.64
C ALA D 624 -37.56 7.84 -52.17
N TRP D 625 -36.34 8.37 -52.33
CA TRP D 625 -36.18 9.73 -52.83
C TRP D 625 -36.42 9.80 -54.34
N PHE D 626 -36.03 8.76 -55.07
CA PHE D 626 -36.09 8.76 -56.53
C PHE D 626 -37.37 8.13 -57.09
N TYR D 627 -38.31 7.75 -56.23
CA TYR D 627 -39.52 7.09 -56.71
C TYR D 627 -40.39 8.07 -57.51
N CYS D 628 -40.94 7.57 -58.61
CA CYS D 628 -41.84 8.37 -59.45
C CYS D 628 -42.67 7.42 -60.30
N LYS D 629 -43.77 7.95 -60.83
CA LYS D 629 -44.63 7.15 -61.69
C LYS D 629 -43.97 6.82 -63.02
N ALA D 630 -43.18 7.73 -63.56
CA ALA D 630 -42.49 7.50 -64.84
C ALA D 630 -41.38 6.47 -64.68
N MET D 778 -56.49 15.49 -12.40
CA MET D 778 -55.52 14.84 -11.55
C MET D 778 -55.26 13.40 -12.00
N LYS D 779 -55.96 12.98 -13.05
CA LYS D 779 -55.77 11.64 -13.57
C LYS D 779 -54.43 11.50 -14.29
N TYR D 780 -53.94 12.58 -14.91
CA TYR D 780 -52.69 12.56 -15.64
C TYR D 780 -51.81 13.69 -15.13
N ASP D 781 -50.58 13.74 -15.64
CA ASP D 781 -49.61 14.76 -15.23
C ASP D 781 -49.87 16.05 -16.01
N SER D 782 -48.96 17.01 -15.88
CA SER D 782 -49.11 18.29 -16.58
C SER D 782 -49.04 18.10 -18.09
N THR D 783 -48.12 17.26 -18.56
CA THR D 783 -47.98 17.02 -20.00
C THR D 783 -49.10 16.15 -20.53
N GLY D 784 -49.79 15.40 -19.68
CA GLY D 784 -50.86 14.54 -20.13
C GLY D 784 -50.40 13.28 -20.84
N MET D 785 -49.16 12.86 -20.62
CA MET D 785 -48.62 11.67 -21.26
C MET D 785 -48.53 10.46 -20.33
N PHE D 786 -48.66 10.66 -19.02
CA PHE D 786 -48.55 9.57 -18.06
C PHE D 786 -49.63 9.73 -17.00
N HIS D 787 -50.03 8.60 -16.41
CA HIS D 787 -51.01 8.62 -15.34
C HIS D 787 -50.40 9.21 -14.07
N TRP D 788 -51.27 9.71 -13.20
CA TRP D 788 -50.85 10.40 -11.98
C TRP D 788 -51.62 9.87 -10.78
N SER D 789 -50.99 9.98 -9.61
CA SER D 789 -51.56 9.56 -8.34
C SER D 789 -51.26 10.62 -7.29
N PRO D 790 -52.11 10.75 -6.25
CA PRO D 790 -51.92 11.77 -5.22
C PRO D 790 -50.86 11.43 -4.18
N ALA D 791 -49.67 11.03 -4.65
CA ALA D 791 -48.48 10.84 -3.82
C ALA D 791 -48.73 9.83 -2.69
N LYS D 792 -48.98 8.59 -3.10
CA LYS D 792 -49.16 7.51 -2.14
C LYS D 792 -47.89 7.28 -1.34
N SER D 793 -48.05 7.04 -0.04
CA SER D 793 -46.91 6.86 0.85
C SER D 793 -46.28 5.49 0.65
N LEU D 794 -44.99 5.39 0.99
CA LEU D 794 -44.26 4.13 0.85
C LEU D 794 -44.78 3.09 1.84
N GLU D 795 -45.09 3.51 3.07
CA GLU D 795 -45.53 2.57 4.09
C GLU D 795 -46.83 1.88 3.71
N ASP D 796 -47.69 2.57 2.95
CA ASP D 796 -48.94 1.99 2.50
C ASP D 796 -48.75 0.99 1.35
N CYS D 797 -47.60 1.01 0.69
CA CYS D 797 -47.32 0.12 -0.43
C CYS D 797 -46.51 -1.11 -0.02
N ILE D 798 -46.19 -1.26 1.26
CA ILE D 798 -45.38 -2.36 1.74
C ILE D 798 -46.29 -3.55 2.05
N LEU D 799 -45.93 -4.71 1.52
CA LEU D 799 -46.73 -5.92 1.67
C LEU D 799 -45.91 -7.01 2.36
N ASP D 800 -46.61 -7.90 3.05
CA ASP D 800 -46.02 -9.03 3.74
C ASP D 800 -46.24 -10.31 2.93
N ARG D 801 -45.69 -11.42 3.44
CA ARG D 801 -45.82 -12.70 2.76
C ARG D 801 -47.29 -13.14 2.69
N ASN D 802 -48.02 -13.00 3.80
CA ASN D 802 -49.42 -13.38 3.80
C ASN D 802 -50.28 -12.36 3.05
N GLN D 803 -49.92 -11.07 3.12
CA GLN D 803 -50.69 -10.05 2.42
C GLN D 803 -50.60 -10.24 0.91
N ALA D 804 -49.40 -10.56 0.40
CA ALA D 804 -49.21 -10.75 -1.03
C ALA D 804 -49.77 -12.08 -1.52
N ALA D 805 -49.85 -13.09 -0.65
CA ALA D 805 -50.36 -14.39 -1.08
C ALA D 805 -51.88 -14.35 -1.25
N MET D 806 -52.59 -13.67 -0.35
CA MET D 806 -54.03 -13.61 -0.39
C MET D 806 -54.58 -12.75 -1.53
N THR D 807 -53.82 -11.80 -2.03
CA THR D 807 -54.27 -10.95 -3.12
C THR D 807 -53.95 -11.59 -4.46
N VAL D 808 -54.72 -11.23 -5.48
CA VAL D 808 -54.56 -11.79 -6.82
C VAL D 808 -53.59 -10.91 -7.62
N LEU D 809 -52.63 -11.55 -8.28
CA LEU D 809 -51.66 -10.85 -9.12
C LEU D 809 -51.53 -11.64 -10.42
N ASN D 810 -52.34 -11.28 -11.41
CA ASN D 810 -52.34 -11.92 -12.71
C ASN D 810 -51.95 -10.89 -13.78
N GLY D 811 -51.00 -11.25 -14.63
CA GLY D 811 -50.55 -10.33 -15.66
C GLY D 811 -49.76 -9.16 -15.15
N HIS D 812 -49.16 -9.28 -13.97
CA HIS D 812 -48.40 -8.19 -13.37
C HIS D 812 -46.93 -8.27 -13.80
N VAL D 813 -46.12 -7.35 -13.27
CA VAL D 813 -44.70 -7.29 -13.56
C VAL D 813 -43.95 -7.38 -12.24
N VAL D 814 -43.00 -8.33 -12.16
CA VAL D 814 -42.19 -8.55 -10.97
C VAL D 814 -40.79 -8.03 -11.24
N VAL D 815 -40.31 -7.16 -10.35
CA VAL D 815 -39.01 -6.53 -10.49
C VAL D 815 -38.11 -7.10 -9.40
N CYS D 816 -37.23 -8.02 -9.78
CA CYS D 816 -36.27 -8.60 -8.84
C CYS D 816 -35.09 -7.66 -8.71
N LEU D 817 -34.97 -6.99 -7.57
CA LEU D 817 -33.95 -5.99 -7.34
C LEU D 817 -32.95 -6.49 -6.31
N PHE D 818 -31.66 -6.44 -6.67
CA PHE D 818 -30.57 -6.80 -5.77
C PHE D 818 -29.78 -5.53 -5.49
N ALA D 819 -29.94 -4.98 -4.30
CA ALA D 819 -29.30 -3.70 -3.97
C ALA D 819 -29.09 -3.61 -2.47
N ASP D 820 -27.88 -3.24 -2.07
CA ASP D 820 -27.58 -2.91 -0.69
C ASP D 820 -28.18 -1.55 -0.35
N PRO D 821 -28.38 -1.26 0.93
CA PRO D 821 -28.90 0.06 1.32
C PRO D 821 -28.02 1.21 0.86
N ASP D 822 -26.70 1.00 0.76
CA ASP D 822 -25.77 2.03 0.32
C ASP D 822 -25.42 1.94 -1.16
N SER D 823 -26.10 1.07 -1.91
CA SER D 823 -25.81 0.90 -3.33
C SER D 823 -26.18 2.16 -4.12
N PRO D 824 -25.45 2.44 -5.20
CA PRO D 824 -25.81 3.58 -6.05
C PRO D 824 -27.20 3.42 -6.66
N LEU D 825 -27.91 4.55 -6.76
CA LEU D 825 -29.27 4.54 -7.25
C LEU D 825 -29.30 4.31 -8.76
N ILE D 826 -30.22 3.47 -9.20
CA ILE D 826 -30.34 3.13 -10.62
C ILE D 826 -31.57 3.76 -11.25
N GLY D 827 -32.34 4.54 -10.50
CA GLY D 827 -33.48 5.23 -11.06
C GLY D 827 -34.63 4.30 -11.40
N LEU D 828 -35.31 3.77 -10.38
CA LEU D 828 -36.39 2.82 -10.62
C LEU D 828 -37.58 3.44 -11.34
N ARG D 829 -37.60 4.76 -11.54
CA ARG D 829 -38.65 5.34 -12.38
C ARG D 829 -38.57 4.81 -13.81
N ASN D 830 -37.36 4.66 -14.34
CA ASN D 830 -37.19 4.48 -15.78
C ASN D 830 -37.79 3.17 -16.25
N LEU D 831 -38.11 2.29 -15.31
CA LEU D 831 -38.74 1.03 -15.67
C LEU D 831 -40.25 1.08 -15.47
N VAL D 832 -40.73 1.91 -14.54
CA VAL D 832 -42.14 1.92 -14.17
C VAL D 832 -42.92 2.89 -15.04
N MET D 833 -42.40 4.12 -15.19
CA MET D 833 -43.14 5.16 -15.90
C MET D 833 -43.50 4.79 -17.35
N PRO D 834 -42.63 4.17 -18.15
CA PRO D 834 -43.08 3.73 -19.49
C PRO D 834 -44.27 2.78 -19.43
N LEU D 835 -44.40 1.99 -18.37
CA LEU D 835 -45.57 1.15 -18.17
C LEU D 835 -46.79 1.94 -17.70
N ARG D 836 -46.61 3.22 -17.35
CA ARG D 836 -47.71 4.07 -16.88
C ARG D 836 -48.05 5.17 -17.89
N ALA D 837 -47.78 4.92 -19.17
CA ALA D 837 -48.08 5.91 -20.20
C ALA D 837 -49.57 6.05 -20.40
N SER D 838 -49.97 7.20 -20.94
CA SER D 838 -51.38 7.48 -21.20
C SER D 838 -51.94 6.65 -22.35
N ASN D 839 -51.08 5.95 -23.11
CA ASN D 839 -51.56 5.11 -24.20
C ASN D 839 -52.40 3.95 -23.68
N PHE D 840 -52.12 3.48 -22.47
CA PHE D 840 -52.84 2.37 -21.88
C PHE D 840 -53.97 2.87 -21.00
N HIS D 841 -55.12 2.22 -21.12
CA HIS D 841 -56.24 2.54 -20.24
C HIS D 841 -55.93 2.09 -18.81
N TYR D 842 -56.65 2.68 -17.86
CA TYR D 842 -56.41 2.37 -16.44
C TYR D 842 -56.72 0.91 -16.12
N HIS D 843 -57.67 0.31 -16.85
CA HIS D 843 -58.01 -1.09 -16.59
C HIS D 843 -56.95 -2.04 -17.11
N GLU D 844 -56.24 -1.67 -18.17
CA GLU D 844 -55.22 -2.53 -18.77
C GLU D 844 -53.81 -2.24 -18.25
N LEU D 845 -53.67 -1.35 -17.27
CA LEU D 845 -52.37 -1.07 -16.70
C LEU D 845 -51.84 -2.30 -15.97
N LYS D 846 -50.54 -2.57 -16.14
CA LYS D 846 -49.91 -3.72 -15.52
C LYS D 846 -49.43 -3.37 -14.12
N HIS D 847 -49.84 -4.17 -13.13
CA HIS D 847 -49.39 -3.97 -11.77
C HIS D 847 -47.90 -4.24 -11.65
N VAL D 848 -47.21 -3.40 -10.89
CA VAL D 848 -45.77 -3.50 -10.71
C VAL D 848 -45.49 -3.79 -9.24
N VAL D 849 -44.78 -4.88 -8.99
CA VAL D 849 -44.37 -5.27 -7.64
C VAL D 849 -42.85 -5.36 -7.62
N ILE D 850 -42.24 -4.76 -6.60
CA ILE D 850 -40.79 -4.71 -6.47
C ILE D 850 -40.38 -5.57 -5.27
N VAL D 851 -39.49 -6.52 -5.50
CA VAL D 851 -38.98 -7.41 -4.46
C VAL D 851 -37.56 -6.99 -4.16
N GLY D 852 -37.33 -6.52 -2.94
CA GLY D 852 -36.00 -6.07 -2.54
C GLY D 852 -36.04 -5.45 -1.17
N SER D 853 -34.89 -4.91 -0.77
CA SER D 853 -34.78 -4.27 0.53
C SER D 853 -35.52 -2.94 0.53
N VAL D 854 -36.35 -2.72 1.55
CA VAL D 854 -37.10 -1.48 1.65
C VAL D 854 -36.18 -0.28 1.87
N ASP D 855 -35.02 -0.52 2.51
CA ASP D 855 -34.09 0.57 2.76
C ASP D 855 -33.60 1.21 1.46
N TYR D 856 -33.30 0.39 0.46
CA TYR D 856 -32.87 0.92 -0.84
C TYR D 856 -34.04 1.57 -1.58
N ILE D 857 -35.20 0.91 -1.59
CA ILE D 857 -36.36 1.46 -2.28
C ILE D 857 -36.86 2.73 -1.61
N ARG D 858 -36.57 2.93 -0.32
CA ARG D 858 -36.96 4.15 0.35
C ARG D 858 -36.32 5.38 -0.30
N ARG D 859 -35.04 5.26 -0.66
CA ARG D 859 -34.37 6.35 -1.37
C ARG D 859 -34.92 6.52 -2.78
N GLU D 860 -35.45 5.46 -3.37
CA GLU D 860 -36.04 5.53 -4.70
C GLU D 860 -37.50 5.93 -4.71
N TRP D 861 -38.13 6.02 -3.53
CA TRP D 861 -39.56 6.29 -3.47
C TRP D 861 -39.91 7.75 -3.71
N LYS D 862 -38.91 8.64 -3.80
CA LYS D 862 -39.21 10.04 -4.06
C LYS D 862 -39.97 10.22 -5.36
N MET D 863 -39.56 9.51 -6.41
CA MET D 863 -40.15 9.78 -7.70
C MET D 863 -41.19 8.74 -8.11
N LEU D 864 -41.49 7.79 -7.21
CA LEU D 864 -42.48 6.77 -7.46
C LEU D 864 -43.77 7.01 -6.69
N GLN D 865 -43.90 8.18 -6.03
CA GLN D 865 -45.08 8.46 -5.23
C GLN D 865 -46.33 8.58 -6.09
N ASN D 866 -46.22 9.23 -7.24
CA ASN D 866 -47.37 9.56 -8.07
C ASN D 866 -47.68 8.52 -9.14
N LEU D 867 -46.96 7.40 -9.15
CA LEU D 867 -47.21 6.36 -10.14
C LEU D 867 -48.20 5.34 -9.58
N PRO D 868 -49.35 5.14 -10.21
CA PRO D 868 -50.35 4.22 -9.66
C PRO D 868 -49.92 2.77 -9.78
N LYS D 869 -50.53 1.94 -8.91
CA LYS D 869 -50.37 0.49 -8.92
C LYS D 869 -48.90 0.08 -8.79
N ILE D 870 -48.32 0.44 -7.64
CA ILE D 870 -46.95 0.07 -7.31
C ILE D 870 -46.96 -0.63 -5.96
N SER D 871 -46.33 -1.79 -5.90
CA SER D 871 -46.26 -2.60 -4.69
C SER D 871 -44.81 -2.92 -4.34
N VAL D 872 -44.52 -2.95 -3.04
CA VAL D 872 -43.18 -3.22 -2.54
C VAL D 872 -43.25 -4.39 -1.56
N LEU D 873 -42.43 -5.41 -1.81
CA LEU D 873 -42.34 -6.58 -0.94
C LEU D 873 -40.92 -6.70 -0.42
N ASN D 874 -40.78 -6.77 0.90
CA ASN D 874 -39.46 -6.92 1.50
C ASN D 874 -38.99 -8.37 1.40
N GLY D 875 -37.67 -8.54 1.34
CA GLY D 875 -37.05 -9.84 1.27
C GLY D 875 -36.07 -9.91 0.12
N SER D 876 -35.68 -11.14 -0.23
CA SER D 876 -34.76 -11.39 -1.32
C SER D 876 -35.45 -12.23 -2.38
N PRO D 877 -35.38 -11.84 -3.66
CA PRO D 877 -36.02 -12.66 -4.71
C PRO D 877 -35.39 -14.02 -4.90
N LEU D 878 -34.20 -14.27 -4.33
CA LEU D 878 -33.63 -15.61 -4.38
C LEU D 878 -34.49 -16.62 -3.64
N SER D 879 -35.06 -16.22 -2.50
CA SER D 879 -35.89 -17.13 -1.73
C SER D 879 -37.14 -17.53 -2.51
N ARG D 880 -37.47 -18.83 -2.45
CA ARG D 880 -38.64 -19.32 -3.18
C ARG D 880 -39.94 -18.89 -2.53
N ALA D 881 -39.92 -18.61 -1.22
CA ALA D 881 -41.14 -18.19 -0.53
C ALA D 881 -41.64 -16.85 -1.05
N ASP D 882 -40.74 -15.89 -1.26
CA ASP D 882 -41.14 -14.59 -1.79
C ASP D 882 -41.64 -14.70 -3.22
N LEU D 883 -40.99 -15.53 -4.04
CA LEU D 883 -41.41 -15.68 -5.43
C LEU D 883 -42.79 -16.30 -5.52
N ARG D 884 -43.09 -17.30 -4.69
CA ARG D 884 -44.41 -17.91 -4.70
C ARG D 884 -45.48 -16.96 -4.18
N ALA D 885 -45.11 -16.05 -3.28
CA ALA D 885 -46.08 -15.10 -2.73
C ALA D 885 -46.59 -14.16 -3.82
N VAL D 886 -45.70 -13.69 -4.70
CA VAL D 886 -46.09 -12.74 -5.75
C VAL D 886 -46.58 -13.44 -7.01
N ASN D 887 -46.61 -14.78 -7.03
CA ASN D 887 -47.10 -15.55 -8.16
C ASN D 887 -46.32 -15.22 -9.45
N VAL D 888 -45.02 -15.53 -9.42
CA VAL D 888 -44.16 -15.30 -10.57
C VAL D 888 -44.58 -16.12 -11.78
N ASN D 889 -45.31 -17.22 -11.57
CA ASN D 889 -45.76 -18.05 -12.67
C ASN D 889 -46.86 -17.39 -13.49
N LEU D 890 -47.49 -16.33 -12.98
CA LEU D 890 -48.56 -15.63 -13.68
C LEU D 890 -48.16 -14.25 -14.16
N CYS D 891 -46.94 -13.80 -13.86
CA CYS D 891 -46.52 -12.48 -14.28
C CYS D 891 -46.22 -12.43 -15.77
N ASP D 892 -46.42 -11.26 -16.36
CA ASP D 892 -46.13 -11.08 -17.78
C ASP D 892 -44.63 -10.99 -18.06
N MET D 893 -43.85 -10.49 -17.11
CA MET D 893 -42.41 -10.36 -17.29
C MET D 893 -41.76 -10.24 -15.92
N CYS D 894 -40.68 -10.98 -15.72
CA CYS D 894 -39.87 -10.92 -14.50
C CYS D 894 -38.54 -10.26 -14.85
N CYS D 895 -38.24 -9.15 -14.18
CA CYS D 895 -37.05 -8.36 -14.46
C CYS D 895 -36.06 -8.54 -13.31
N ILE D 896 -34.82 -8.90 -13.64
CA ILE D 896 -33.75 -9.09 -12.68
C ILE D 896 -32.78 -7.93 -12.83
N LEU D 897 -32.70 -7.07 -11.81
CA LEU D 897 -31.83 -5.90 -11.82
C LEU D 897 -30.90 -5.95 -10.62
N SER D 898 -29.63 -5.62 -10.86
CA SER D 898 -28.62 -5.60 -9.81
C SER D 898 -28.04 -4.20 -9.70
N ALA D 899 -28.01 -3.67 -8.47
CA ALA D 899 -27.48 -2.35 -8.20
C ALA D 899 -26.21 -2.37 -7.38
N LYS D 900 -25.78 -3.54 -6.92
CA LYS D 900 -24.57 -3.64 -6.11
C LYS D 900 -23.34 -3.32 -6.95
N VAL D 901 -22.37 -2.67 -6.32
CA VAL D 901 -21.12 -2.29 -7.00
C VAL D 901 -20.33 -3.55 -7.32
N PRO D 902 -19.58 -3.59 -8.42
CA PRO D 902 -18.77 -4.77 -8.73
C PRO D 902 -17.51 -4.79 -7.87
N SER D 903 -17.26 -5.93 -7.23
CA SER D 903 -16.07 -6.09 -6.39
C SER D 903 -14.79 -6.20 -7.19
N ASN D 904 -14.88 -6.41 -8.51
CA ASN D 904 -13.73 -6.50 -9.41
C ASN D 904 -12.81 -7.66 -9.06
N ASP D 905 -13.30 -8.62 -8.25
CA ASP D 905 -12.48 -9.79 -7.93
C ASP D 905 -12.33 -10.71 -9.14
N ASP D 906 -13.39 -10.90 -9.89
CA ASP D 906 -13.36 -11.76 -11.08
C ASP D 906 -14.49 -11.36 -12.02
N PRO D 907 -14.22 -11.24 -13.33
CA PRO D 907 -15.30 -10.91 -14.27
C PRO D 907 -16.42 -11.94 -14.29
N THR D 908 -16.10 -13.22 -14.09
CA THR D 908 -17.11 -14.26 -14.10
C THR D 908 -17.98 -14.26 -12.85
N LEU D 909 -17.51 -13.65 -11.76
CA LEU D 909 -18.25 -13.60 -10.51
C LEU D 909 -19.07 -12.32 -10.36
N ALA D 910 -19.05 -11.44 -11.37
CA ALA D 910 -19.79 -10.18 -11.27
C ALA D 910 -21.29 -10.40 -11.30
N ASP D 911 -21.77 -11.33 -12.13
CA ASP D 911 -23.19 -11.58 -12.29
C ASP D 911 -23.62 -12.89 -11.63
N LYS D 912 -22.95 -13.27 -10.54
CA LYS D 912 -23.32 -14.50 -9.84
C LYS D 912 -24.69 -14.37 -9.19
N GLU D 913 -25.09 -13.15 -8.85
CA GLU D 913 -26.37 -12.94 -8.17
C GLU D 913 -27.54 -13.08 -9.15
N ALA D 914 -27.40 -12.54 -10.35
CA ALA D 914 -28.48 -12.61 -11.33
C ALA D 914 -28.58 -13.99 -11.95
N ILE D 915 -27.44 -14.65 -12.16
CA ILE D 915 -27.45 -16.00 -12.74
C ILE D 915 -28.15 -16.98 -11.80
N LEU D 916 -27.86 -16.90 -10.50
CA LEU D 916 -28.50 -17.78 -9.54
C LEU D 916 -30.00 -17.53 -9.48
N ALA D 917 -30.42 -16.26 -9.52
CA ALA D 917 -31.84 -15.95 -9.49
C ALA D 917 -32.55 -16.46 -10.73
N SER D 918 -31.92 -16.31 -11.90
CA SER D 918 -32.53 -16.79 -13.14
C SER D 918 -32.65 -18.31 -13.14
N LEU D 919 -31.62 -19.01 -12.67
CA LEU D 919 -31.67 -20.47 -12.62
C LEU D 919 -32.66 -20.97 -11.59
N ASN D 920 -32.80 -20.26 -10.47
CA ASN D 920 -33.71 -20.69 -9.42
C ASN D 920 -35.16 -20.68 -9.91
N ILE D 921 -35.55 -19.62 -10.64
CA ILE D 921 -36.92 -19.52 -11.13
C ILE D 921 -37.18 -20.59 -12.19
N LYS D 922 -36.19 -20.88 -13.03
CA LYS D 922 -36.36 -21.86 -14.10
C LYS D 922 -36.63 -23.26 -13.58
N ALA D 923 -36.30 -23.54 -12.31
CA ALA D 923 -36.44 -24.88 -11.76
C ALA D 923 -37.65 -25.04 -10.84
N MET D 924 -38.28 -23.95 -10.40
CA MET D 924 -39.41 -24.07 -9.49
C MET D 924 -40.64 -24.64 -10.21
N THR D 925 -41.46 -25.36 -9.44
CA THR D 925 -42.66 -26.00 -9.96
C THR D 925 -43.88 -25.43 -9.24
N PHE D 926 -44.92 -25.12 -10.02
CA PHE D 926 -46.15 -24.54 -9.50
C PHE D 926 -47.31 -25.50 -9.73
N ASP D 927 -48.27 -25.46 -8.80
CA ASP D 927 -49.46 -26.30 -8.89
C ASP D 927 -50.57 -25.61 -9.69
N VAL D 959 -47.94 -26.02 -14.68
CA VAL D 959 -47.10 -24.90 -15.09
C VAL D 959 -45.81 -24.89 -14.28
N TYR D 960 -44.68 -24.97 -14.97
CA TYR D 960 -43.36 -24.95 -14.34
C TYR D 960 -42.68 -23.62 -14.59
N GLY D 961 -41.60 -23.38 -13.86
CA GLY D 961 -40.90 -22.11 -13.92
C GLY D 961 -40.09 -21.90 -15.19
N ALA D 962 -39.85 -22.97 -15.95
CA ALA D 962 -39.09 -22.85 -17.19
C ALA D 962 -39.83 -22.05 -18.25
N ASN D 963 -41.16 -21.95 -18.16
CA ASN D 963 -41.95 -21.19 -19.11
C ASN D 963 -42.19 -19.75 -18.68
N VAL D 964 -41.64 -19.34 -17.54
CA VAL D 964 -41.82 -17.97 -17.05
C VAL D 964 -40.99 -17.03 -17.90
N PRO D 965 -41.59 -16.01 -18.51
CA PRO D 965 -40.80 -15.06 -19.31
C PRO D 965 -39.98 -14.14 -18.41
N MET D 966 -38.67 -14.14 -18.61
CA MET D 966 -37.75 -13.39 -17.79
C MET D 966 -36.76 -12.63 -18.67
N ILE D 967 -36.33 -11.47 -18.17
CA ILE D 967 -35.27 -10.69 -18.80
C ILE D 967 -34.23 -10.36 -17.73
N THR D 968 -32.96 -10.52 -18.06
CA THR D 968 -31.88 -10.39 -17.10
C THR D 968 -30.90 -9.30 -17.52
N GLU D 969 -30.52 -8.47 -16.56
CA GLU D 969 -29.51 -7.44 -16.75
C GLU D 969 -28.14 -8.02 -16.40
N LEU D 970 -27.18 -7.83 -17.29
CA LEU D 970 -25.81 -8.31 -17.09
C LEU D 970 -24.83 -7.14 -17.12
N VAL D 971 -23.98 -7.07 -16.09
CA VAL D 971 -22.92 -6.08 -16.05
C VAL D 971 -21.69 -6.50 -16.84
N ASN D 972 -21.58 -7.79 -17.18
CA ASN D 972 -20.47 -8.30 -17.98
C ASN D 972 -21.04 -9.12 -19.13
N ASP D 973 -20.47 -8.92 -20.33
CA ASP D 973 -20.96 -9.62 -21.51
C ASP D 973 -20.64 -11.11 -21.48
N GLY D 974 -19.54 -11.51 -20.87
CA GLY D 974 -19.12 -12.90 -20.89
C GLY D 974 -19.91 -13.83 -20.00
N ASN D 975 -20.78 -13.31 -19.15
CA ASN D 975 -21.60 -14.12 -18.26
C ASN D 975 -22.90 -14.58 -18.90
N VAL D 976 -23.16 -14.21 -20.16
CA VAL D 976 -24.36 -14.65 -20.84
C VAL D 976 -24.34 -16.14 -21.11
N GLN D 977 -23.15 -16.76 -21.11
CA GLN D 977 -23.04 -18.19 -21.38
C GLN D 977 -23.72 -19.05 -20.32
N PHE D 978 -23.87 -18.54 -19.10
CA PHE D 978 -24.48 -19.30 -18.03
C PHE D 978 -25.99 -19.11 -17.94
N LEU D 979 -26.56 -18.22 -18.75
CA LEU D 979 -28.01 -18.00 -18.71
C LEU D 979 -28.77 -19.13 -19.37
N ASP D 980 -28.17 -19.75 -20.39
CA ASP D 980 -28.79 -20.83 -21.13
C ASP D 980 -27.98 -22.10 -20.98
N GLN D 981 -28.64 -23.25 -21.11
CA GLN D 981 -28.02 -24.54 -20.95
C GLN D 981 -27.86 -25.31 -22.26
N ASP D 982 -28.87 -25.29 -23.13
CA ASP D 982 -28.84 -26.05 -24.37
C ASP D 982 -28.27 -25.25 -25.53
N ASP D 983 -27.04 -24.77 -25.37
CA ASP D 983 -26.37 -24.02 -26.42
C ASP D 983 -24.85 -24.13 -26.24
N ASP D 984 -24.13 -23.86 -27.31
CA ASP D 984 -22.68 -23.85 -27.29
C ASP D 984 -22.17 -22.47 -26.90
N ASP D 985 -21.15 -22.45 -26.04
CA ASP D 985 -20.62 -21.21 -25.49
C ASP D 985 -19.21 -20.97 -26.01
N ASP D 986 -18.90 -19.70 -26.31
CA ASP D 986 -17.60 -19.31 -26.82
C ASP D 986 -17.23 -17.95 -26.23
N PRO D 987 -16.09 -17.83 -25.54
CA PRO D 987 -15.72 -16.53 -24.96
C PRO D 987 -15.56 -15.42 -25.98
N ASP D 988 -15.13 -15.74 -27.21
CA ASP D 988 -14.83 -14.72 -28.19
C ASP D 988 -16.03 -14.34 -29.06
N THR D 989 -17.18 -14.97 -28.86
CA THR D 989 -18.34 -14.65 -29.68
C THR D 989 -18.90 -13.28 -29.30
N GLU D 990 -19.56 -12.65 -30.27
CA GLU D 990 -20.15 -11.34 -30.03
C GLU D 990 -21.46 -11.50 -29.26
N LEU D 991 -21.81 -10.47 -28.48
CA LEU D 991 -22.97 -10.57 -27.60
C LEU D 991 -24.26 -10.78 -28.39
N TYR D 992 -24.47 -10.05 -29.47
CA TYR D 992 -25.70 -10.18 -30.23
C TYR D 992 -25.78 -11.50 -30.99
N LEU D 993 -24.68 -12.24 -31.09
CA LEU D 993 -24.68 -13.55 -31.70
C LEU D 993 -25.08 -14.66 -30.73
N THR D 994 -25.17 -14.35 -29.44
CA THR D 994 -25.49 -15.36 -28.44
C THR D 994 -26.98 -15.69 -28.47
N GLN D 995 -27.30 -16.94 -28.11
CA GLN D 995 -28.69 -17.38 -28.07
C GLN D 995 -29.54 -16.60 -27.06
N PRO D 996 -29.11 -16.40 -25.80
CA PRO D 996 -29.97 -15.65 -24.87
C PRO D 996 -30.31 -14.25 -25.32
N PHE D 997 -29.37 -13.56 -25.97
CA PHE D 997 -29.67 -12.22 -26.48
C PHE D 997 -30.61 -12.27 -27.66
N ALA D 998 -30.44 -13.27 -28.54
CA ALA D 998 -31.32 -13.41 -29.69
C ALA D 998 -32.74 -13.76 -29.28
N CYS D 999 -32.93 -14.32 -28.09
CA CYS D 999 -34.26 -14.68 -27.60
C CYS D 999 -34.89 -13.58 -26.76
N GLY D 1000 -34.23 -12.43 -26.61
CA GLY D 1000 -34.78 -11.37 -25.80
C GLY D 1000 -34.72 -11.61 -24.31
N THR D 1001 -33.85 -12.51 -23.87
CA THR D 1001 -33.72 -12.84 -22.45
C THR D 1001 -32.60 -12.07 -21.76
N ALA D 1002 -31.46 -11.91 -22.41
CA ALA D 1002 -30.31 -11.21 -21.84
C ALA D 1002 -30.21 -9.80 -22.41
N PHE D 1003 -29.67 -8.90 -21.60
CA PHE D 1003 -29.46 -7.52 -22.01
C PHE D 1003 -28.28 -6.93 -21.25
N ALA D 1004 -27.56 -6.02 -21.92
CA ALA D 1004 -26.41 -5.37 -21.32
C ALA D 1004 -26.26 -3.98 -21.90
N VAL D 1005 -25.54 -3.13 -21.18
CA VAL D 1005 -25.32 -1.75 -21.63
C VAL D 1005 -24.27 -1.65 -22.73
N SER D 1006 -23.55 -2.73 -23.01
CA SER D 1006 -22.52 -2.70 -24.03
C SER D 1006 -23.08 -2.51 -25.43
N VAL D 1007 -24.36 -2.86 -25.65
CA VAL D 1007 -24.97 -2.67 -26.96
C VAL D 1007 -25.43 -1.24 -27.19
N LEU D 1008 -25.36 -0.38 -26.18
CA LEU D 1008 -25.81 1.00 -26.29
C LEU D 1008 -24.69 1.96 -26.69
N ASP D 1009 -23.45 1.47 -26.85
CA ASP D 1009 -22.35 2.32 -27.25
C ASP D 1009 -22.50 2.82 -28.69
N SER D 1010 -23.31 2.13 -29.50
CA SER D 1010 -23.53 2.54 -30.88
C SER D 1010 -24.37 3.80 -30.99
N LEU D 1011 -24.99 4.25 -29.90
CA LEU D 1011 -25.86 5.42 -29.97
C LEU D 1011 -25.08 6.73 -30.08
N MET D 1012 -23.81 6.73 -29.66
CA MET D 1012 -23.01 7.95 -29.77
C MET D 1012 -22.80 8.35 -31.22
N SER D 1013 -22.51 7.37 -32.09
CA SER D 1013 -22.32 7.67 -33.51
C SER D 1013 -23.64 7.99 -34.20
N THR D 1014 -24.71 7.27 -33.82
CA THR D 1014 -26.01 7.51 -34.44
C THR D 1014 -26.53 8.90 -34.14
N THR D 1015 -26.35 9.37 -32.90
CA THR D 1015 -26.85 10.68 -32.51
C THR D 1015 -26.15 11.80 -33.28
N TYR D 1016 -24.84 11.68 -33.47
CA TYR D 1016 -24.09 12.74 -34.14
C TYR D 1016 -24.54 12.91 -35.59
N PHE D 1017 -24.73 11.79 -36.30
CA PHE D 1017 -25.12 11.87 -37.70
C PHE D 1017 -26.54 12.38 -37.90
N ASN D 1018 -27.41 12.22 -36.89
CA ASN D 1018 -28.78 12.72 -36.99
C ASN D 1018 -29.33 12.86 -35.59
N GLN D 1019 -29.66 14.10 -35.20
CA GLN D 1019 -30.24 14.33 -33.87
C GLN D 1019 -31.64 13.72 -33.76
N ASN D 1020 -32.40 13.74 -34.86
CA ASN D 1020 -33.76 13.20 -34.83
C ASN D 1020 -33.78 11.70 -34.58
N ALA D 1021 -32.68 10.99 -34.86
CA ALA D 1021 -32.63 9.56 -34.60
C ALA D 1021 -32.76 9.26 -33.11
N LEU D 1022 -32.06 10.04 -32.27
CA LEU D 1022 -32.15 9.84 -30.83
C LEU D 1022 -33.52 10.23 -30.30
N THR D 1023 -34.13 11.26 -30.89
CA THR D 1023 -35.46 11.67 -30.45
C THR D 1023 -36.49 10.57 -30.69
N LEU D 1024 -36.39 9.89 -31.84
CA LEU D 1024 -37.29 8.77 -32.11
C LEU D 1024 -37.07 7.64 -31.11
N ILE D 1025 -35.83 7.46 -30.65
CA ILE D 1025 -35.53 6.41 -29.68
C ILE D 1025 -36.25 6.68 -28.36
N ARG D 1026 -36.12 7.90 -27.85
CA ARG D 1026 -36.69 8.23 -26.56
C ARG D 1026 -38.21 8.20 -26.58
N SER D 1027 -38.82 8.72 -27.65
CA SER D 1027 -40.28 8.74 -27.73
C SER D 1027 -40.86 7.34 -27.86
N LEU D 1028 -40.07 6.38 -28.35
CA LEU D 1028 -40.58 5.03 -28.58
C LEU D 1028 -40.42 4.14 -27.37
N ILE D 1029 -39.46 4.44 -26.49
CA ILE D 1029 -39.19 3.58 -25.34
C ILE D 1029 -39.58 4.21 -24.01
N THR D 1030 -39.61 5.54 -23.90
CA THR D 1030 -39.94 6.21 -22.65
C THR D 1030 -41.41 6.57 -22.53
N GLY D 1031 -42.23 6.17 -23.50
CA GLY D 1031 -43.65 6.48 -23.45
C GLY D 1031 -43.97 7.91 -23.81
N GLY D 1032 -43.13 8.55 -24.62
CA GLY D 1032 -43.39 9.93 -25.03
C GLY D 1032 -43.03 10.95 -23.97
N ALA D 1033 -41.75 11.05 -23.64
CA ALA D 1033 -41.26 12.01 -22.65
C ALA D 1033 -41.05 13.34 -23.35
N THR D 1034 -41.97 14.27 -23.12
CA THR D 1034 -41.90 15.58 -23.74
C THR D 1034 -40.76 16.40 -23.14
N PRO D 1035 -40.25 17.39 -23.88
CA PRO D 1035 -39.05 18.12 -23.44
C PRO D 1035 -39.17 18.80 -22.08
N GLU D 1036 -40.13 19.71 -21.89
CA GLU D 1036 -40.13 20.48 -20.66
C GLU D 1036 -40.60 19.64 -19.48
N LEU D 1037 -41.09 18.43 -19.75
CA LEU D 1037 -41.34 17.49 -18.67
C LEU D 1037 -40.06 17.18 -17.92
N GLU D 1038 -38.95 17.02 -18.64
CA GLU D 1038 -37.65 16.92 -17.99
C GLU D 1038 -37.27 18.21 -17.28
N LEU D 1039 -37.71 19.35 -17.83
CA LEU D 1039 -37.54 20.62 -17.12
C LEU D 1039 -38.35 20.64 -15.83
N ILE D 1040 -39.55 20.07 -15.86
CA ILE D 1040 -40.33 19.91 -14.63
C ILE D 1040 -39.59 19.01 -13.66
N LEU D 1041 -39.04 17.90 -14.16
CA LEU D 1041 -38.34 16.96 -13.30
C LEU D 1041 -37.05 17.56 -12.74
N ALA D 1042 -36.37 18.39 -13.54
CA ALA D 1042 -35.12 19.01 -13.09
C ALA D 1042 -35.34 20.05 -12.00
N GLU D 1043 -36.59 20.49 -11.79
CA GLU D 1043 -36.85 21.46 -10.73
C GLU D 1043 -36.55 20.88 -9.35
N GLY D 1044 -36.90 19.62 -9.13
CA GLY D 1044 -36.68 18.95 -7.87
C GLY D 1044 -37.93 18.65 -7.07
N ALA D 1045 -39.11 19.04 -7.56
CA ALA D 1045 -40.36 18.77 -6.88
C ALA D 1045 -41.02 17.47 -7.32
N GLY D 1046 -40.37 16.70 -8.18
CA GLY D 1046 -40.94 15.46 -8.63
C GLY D 1046 -41.99 15.64 -9.71
N LEU D 1047 -42.71 14.55 -9.95
CA LEU D 1047 -43.79 14.55 -10.93
C LEU D 1047 -44.99 15.30 -10.36
N ARG D 1048 -45.42 16.36 -11.04
CA ARG D 1048 -46.59 17.13 -10.64
C ARG D 1048 -47.70 16.95 -11.66
N GLY D 1049 -48.92 16.78 -11.16
CA GLY D 1049 -50.07 16.52 -12.01
C GLY D 1049 -50.68 17.78 -12.58
N GLY D 1050 -51.77 17.58 -13.31
CA GLY D 1050 -52.49 18.68 -13.91
C GLY D 1050 -53.90 18.25 -14.28
N TYR D 1051 -54.77 19.25 -14.46
CA TYR D 1051 -56.16 19.00 -14.79
C TYR D 1051 -56.30 18.74 -16.28
N SER D 1052 -56.96 17.64 -16.63
CA SER D 1052 -57.10 17.24 -18.02
C SER D 1052 -58.10 18.14 -18.74
N THR D 1053 -57.70 18.65 -19.90
CA THR D 1053 -58.57 19.46 -20.76
C THR D 1053 -58.71 18.77 -22.11
N VAL D 1054 -59.51 19.38 -22.97
CA VAL D 1054 -59.70 18.84 -24.32
C VAL D 1054 -58.39 18.90 -25.10
N GLU D 1055 -57.63 19.99 -24.94
CA GLU D 1055 -56.32 20.09 -25.57
C GLU D 1055 -55.34 19.09 -24.98
N SER D 1056 -55.36 18.92 -23.65
CA SER D 1056 -54.42 18.01 -23.00
C SER D 1056 -54.74 16.55 -23.32
N LEU D 1057 -56.02 16.20 -23.37
CA LEU D 1057 -56.42 14.81 -23.62
C LEU D 1057 -56.10 14.36 -25.03
N SER D 1058 -55.83 15.27 -25.95
CA SER D 1058 -55.48 14.88 -27.32
C SER D 1058 -54.12 14.19 -27.39
N ASN D 1059 -53.27 14.38 -26.39
CA ASN D 1059 -51.96 13.73 -26.40
C ASN D 1059 -52.05 12.22 -26.16
N ARG D 1060 -53.20 11.73 -25.67
CA ARG D 1060 -53.35 10.30 -25.43
C ARG D 1060 -53.41 9.49 -26.73
N ASP D 1061 -53.64 10.15 -27.87
CA ASP D 1061 -53.80 9.45 -29.14
C ASP D 1061 -52.44 9.37 -29.83
N ARG D 1062 -51.74 8.25 -29.61
CA ARG D 1062 -50.48 7.99 -30.29
C ARG D 1062 -50.25 6.48 -30.30
N CYS D 1063 -49.35 6.05 -31.18
CA CYS D 1063 -49.09 4.62 -31.32
C CYS D 1063 -48.29 4.09 -30.13
N ARG D 1064 -48.46 2.79 -29.87
CA ARG D 1064 -47.79 2.12 -28.78
C ARG D 1064 -47.23 0.79 -29.27
N VAL D 1065 -46.23 0.29 -28.56
CA VAL D 1065 -45.60 -0.97 -28.90
C VAL D 1065 -46.42 -2.12 -28.34
N GLY D 1066 -46.81 -3.05 -29.21
CA GLY D 1066 -47.60 -4.19 -28.80
C GLY D 1066 -47.21 -5.43 -29.57
N GLN D 1067 -47.71 -6.57 -29.09
CA GLN D 1067 -47.47 -7.86 -29.70
C GLN D 1067 -48.79 -8.60 -29.87
N ILE D 1068 -48.95 -9.27 -31.00
CA ILE D 1068 -50.17 -10.00 -31.33
C ILE D 1068 -49.80 -11.43 -31.70
N SER D 1069 -50.81 -12.29 -31.73
CA SER D 1069 -50.65 -13.68 -32.10
C SER D 1069 -51.59 -14.03 -33.24
N LEU D 1070 -51.13 -14.92 -34.13
CA LEU D 1070 -51.88 -15.32 -35.30
C LEU D 1070 -52.69 -16.60 -35.07
N TYR D 1071 -52.70 -17.13 -33.85
CA TYR D 1071 -53.44 -18.36 -33.58
C TYR D 1071 -54.94 -18.13 -33.71
N ASP D 1072 -55.43 -17.02 -33.18
CA ASP D 1072 -56.85 -16.71 -33.19
C ASP D 1072 -57.07 -15.27 -33.62
N GLY D 1073 -58.33 -14.93 -33.88
CA GLY D 1073 -58.70 -13.60 -34.31
C GLY D 1073 -58.95 -13.52 -35.79
N PRO D 1074 -59.21 -12.31 -36.30
CA PRO D 1074 -59.47 -12.14 -37.73
C PRO D 1074 -58.21 -12.11 -38.58
N LEU D 1075 -57.03 -12.22 -37.98
CA LEU D 1075 -55.76 -12.26 -38.71
C LEU D 1075 -55.16 -13.66 -38.75
N ALA D 1076 -55.94 -14.68 -38.38
CA ALA D 1076 -55.42 -16.05 -38.29
C ALA D 1076 -55.31 -16.74 -39.64
N GLN D 1077 -55.93 -16.20 -40.69
CA GLN D 1077 -55.87 -16.84 -42.00
C GLN D 1077 -54.47 -16.81 -42.60
N PHE D 1078 -53.63 -15.84 -42.22
CA PHE D 1078 -52.27 -15.76 -42.72
C PHE D 1078 -51.29 -16.63 -41.93
N GLY D 1079 -51.71 -17.16 -40.79
CA GLY D 1079 -50.82 -17.98 -39.99
C GLY D 1079 -50.47 -19.31 -40.66
N GLU D 1080 -51.45 -19.93 -41.31
CA GLU D 1080 -51.24 -21.24 -41.91
C GLU D 1080 -50.17 -21.19 -43.00
N CYS D 1081 -50.46 -20.44 -44.08
CA CYS D 1081 -49.51 -20.34 -45.18
C CYS D 1081 -49.42 -18.93 -45.76
N GLY D 1082 -50.09 -17.94 -45.17
CA GLY D 1082 -50.04 -16.60 -45.73
C GLY D 1082 -48.66 -15.99 -45.61
N LYS D 1083 -48.29 -15.21 -46.62
CA LYS D 1083 -47.00 -14.54 -46.63
C LYS D 1083 -46.98 -13.37 -45.64
N TYR D 1084 -45.78 -12.96 -45.26
CA TYR D 1084 -45.64 -11.82 -44.36
C TYR D 1084 -46.14 -10.54 -45.00
N GLY D 1085 -45.88 -10.37 -46.30
CA GLY D 1085 -46.35 -9.17 -46.98
C GLY D 1085 -47.86 -9.04 -46.99
N ASP D 1086 -48.56 -10.17 -47.17
CA ASP D 1086 -50.02 -10.14 -47.13
C ASP D 1086 -50.53 -9.72 -45.76
N LEU D 1087 -49.89 -10.22 -44.69
CA LEU D 1087 -50.30 -9.83 -43.34
C LEU D 1087 -50.04 -8.35 -43.09
N PHE D 1088 -48.92 -7.83 -43.61
CA PHE D 1088 -48.59 -6.42 -43.39
C PHE D 1088 -49.63 -5.49 -44.00
N VAL D 1089 -50.09 -5.80 -45.21
CA VAL D 1089 -51.08 -4.94 -45.88
C VAL D 1089 -52.44 -5.08 -45.19
N ALA D 1090 -52.83 -6.31 -44.85
CA ALA D 1090 -54.15 -6.52 -44.26
C ALA D 1090 -54.26 -5.85 -42.90
N ALA D 1091 -53.23 -5.97 -42.07
CA ALA D 1091 -53.25 -5.34 -40.75
C ALA D 1091 -53.26 -3.82 -40.86
N LEU D 1092 -52.49 -3.26 -41.79
CA LEU D 1092 -52.44 -1.81 -41.96
C LEU D 1092 -53.79 -1.25 -42.40
N LYS D 1093 -54.44 -1.93 -43.35
CA LYS D 1093 -55.71 -1.43 -43.89
C LYS D 1093 -56.83 -1.54 -42.86
N SER D 1094 -56.88 -2.65 -42.12
CA SER D 1094 -58.01 -2.91 -41.23
C SER D 1094 -57.91 -2.10 -39.94
N TYR D 1095 -56.84 -2.32 -39.17
CA TYR D 1095 -56.70 -1.73 -37.86
C TYR D 1095 -55.62 -0.66 -37.77
N GLY D 1096 -54.85 -0.44 -38.83
CA GLY D 1096 -53.77 0.52 -38.81
C GLY D 1096 -52.49 0.07 -38.16
N MET D 1097 -52.44 -1.18 -37.69
CA MET D 1097 -51.23 -1.69 -37.06
C MET D 1097 -50.12 -1.84 -38.08
N LEU D 1098 -48.90 -1.49 -37.67
CA LEU D 1098 -47.72 -1.56 -38.53
C LEU D 1098 -46.84 -2.70 -38.03
N CYS D 1099 -46.72 -3.76 -38.83
CA CYS D 1099 -45.90 -4.89 -38.44
C CYS D 1099 -44.43 -4.55 -38.56
N ILE D 1100 -43.66 -4.84 -37.52
CA ILE D 1100 -42.23 -4.54 -37.47
C ILE D 1100 -41.39 -5.80 -37.60
N GLY D 1101 -41.77 -6.87 -36.90
CA GLY D 1101 -41.00 -8.09 -36.95
C GLY D 1101 -41.82 -9.28 -36.51
N LEU D 1102 -41.13 -10.39 -36.26
CA LEU D 1102 -41.77 -11.65 -35.90
C LEU D 1102 -41.08 -12.26 -34.70
N TYR D 1103 -41.85 -13.06 -33.95
CA TYR D 1103 -41.36 -13.71 -32.71
C TYR D 1103 -41.91 -15.15 -32.72
N ARG D 1104 -41.10 -16.07 -33.24
CA ARG D 1104 -41.49 -17.47 -33.36
C ARG D 1104 -40.49 -18.36 -32.64
N PHE D 1105 -40.92 -19.60 -32.41
CA PHE D 1105 -40.13 -20.56 -31.66
C PHE D 1105 -38.83 -20.88 -32.38
N ARG D 1106 -37.78 -21.14 -31.59
CA ARG D 1106 -36.48 -21.49 -32.16
C ARG D 1106 -36.54 -22.80 -32.93
N ASP D 1107 -37.25 -23.78 -32.40
CA ASP D 1107 -37.39 -25.09 -33.03
C ASP D 1107 -38.83 -25.32 -33.43
N THR D 1108 -39.04 -25.77 -34.66
CA THR D 1108 -40.37 -26.02 -35.19
C THR D 1108 -40.83 -27.46 -34.99
N SER D 1109 -40.01 -28.30 -34.37
CA SER D 1109 -40.33 -29.71 -34.12
C SER D 1109 -40.69 -30.44 -35.41
N ALA D 1114 -40.73 -28.54 -28.42
CA ALA D 1114 -39.83 -29.07 -27.42
C ALA D 1114 -39.47 -28.00 -26.38
N SER D 1115 -38.94 -26.88 -26.87
CA SER D 1115 -38.55 -25.76 -26.03
C SER D 1115 -39.33 -24.52 -26.43
N SER D 1116 -39.80 -23.78 -25.43
CA SER D 1116 -40.58 -22.56 -25.66
C SER D 1116 -39.67 -21.33 -25.73
N LYS D 1117 -38.66 -21.38 -26.58
CA LYS D 1117 -37.73 -20.27 -26.78
C LYS D 1117 -38.02 -19.62 -28.12
N ARG D 1118 -38.22 -18.31 -28.12
CA ARG D 1118 -38.55 -17.55 -29.31
C ARG D 1118 -37.45 -16.53 -29.61
N TYR D 1119 -37.02 -16.49 -30.86
CA TYR D 1119 -36.02 -15.54 -31.32
C TYR D 1119 -36.70 -14.44 -32.15
N VAL D 1120 -35.96 -13.35 -32.34
CA VAL D 1120 -36.50 -12.15 -32.95
C VAL D 1120 -36.03 -12.05 -34.40
N ILE D 1121 -36.98 -11.88 -35.32
CA ILE D 1121 -36.69 -11.60 -36.72
C ILE D 1121 -37.20 -10.19 -37.01
N THR D 1122 -36.31 -9.33 -37.46
CA THR D 1122 -36.63 -7.93 -37.71
C THR D 1122 -36.86 -7.72 -39.20
N ASN D 1123 -38.07 -7.26 -39.54
CA ASN D 1123 -38.47 -6.94 -40.91
C ASN D 1123 -38.19 -8.08 -41.87
N PRO D 1124 -38.96 -9.18 -41.81
CA PRO D 1124 -38.77 -10.25 -42.78
C PRO D 1124 -39.20 -9.81 -44.16
N PRO D 1125 -38.71 -10.46 -45.22
CA PRO D 1125 -39.13 -10.09 -46.57
C PRO D 1125 -40.61 -10.37 -46.79
N ASP D 1126 -41.18 -9.68 -47.78
CA ASP D 1126 -42.60 -9.82 -48.07
C ASP D 1126 -42.97 -11.23 -48.51
N ASP D 1127 -42.00 -12.02 -48.99
CA ASP D 1127 -42.24 -13.39 -49.41
C ASP D 1127 -41.98 -14.40 -48.29
N PHE D 1128 -41.68 -13.93 -47.09
CA PHE D 1128 -41.39 -14.83 -45.98
C PHE D 1128 -42.64 -15.60 -45.57
N SER D 1129 -42.44 -16.85 -45.19
CA SER D 1129 -43.54 -17.74 -44.82
C SER D 1129 -43.83 -17.61 -43.34
N LEU D 1130 -45.12 -17.67 -42.99
CA LEU D 1130 -45.56 -17.55 -41.60
C LEU D 1130 -45.93 -18.91 -41.04
N LEU D 1131 -46.07 -18.96 -39.72
CA LEU D 1131 -46.48 -20.15 -39.00
C LEU D 1131 -47.63 -19.81 -38.05
N PRO D 1132 -48.50 -20.78 -37.76
CA PRO D 1132 -49.62 -20.49 -36.85
C PRO D 1132 -49.20 -20.12 -35.44
N THR D 1133 -48.00 -20.48 -35.02
CA THR D 1133 -47.49 -20.18 -33.68
C THR D 1133 -46.56 -18.98 -33.69
N ASP D 1134 -46.83 -17.99 -34.54
CA ASP D 1134 -45.98 -16.82 -34.68
C ASP D 1134 -46.57 -15.63 -33.93
N GLN D 1135 -45.68 -14.77 -33.43
CA GLN D 1135 -46.04 -13.52 -32.78
C GLN D 1135 -45.42 -12.36 -33.54
N VAL D 1136 -46.20 -11.31 -33.74
CA VAL D 1136 -45.81 -10.18 -34.60
C VAL D 1136 -45.66 -8.94 -33.73
N PHE D 1137 -44.52 -8.26 -33.89
CA PHE D 1137 -44.32 -6.96 -33.26
C PHE D 1137 -45.06 -5.90 -34.08
N VAL D 1138 -46.00 -5.21 -33.47
CA VAL D 1138 -46.84 -4.24 -34.16
C VAL D 1138 -46.88 -2.94 -33.38
N LEU D 1139 -47.16 -1.85 -34.09
CA LEU D 1139 -47.39 -0.54 -33.50
C LEU D 1139 -48.89 -0.29 -33.50
N MET D 1140 -49.49 -0.30 -32.32
CA MET D 1140 -50.94 -0.26 -32.17
C MET D 1140 -51.43 1.16 -31.92
N GLN D 1141 -52.46 1.56 -32.65
CA GLN D 1141 -53.08 2.86 -32.46
C GLN D 1141 -53.87 2.87 -31.14
N PHE D 1142 -54.15 4.08 -30.66
CA PHE D 1142 -54.89 4.26 -29.42
C PHE D 1142 -56.39 4.26 -29.72
N ASP D 1143 -57.11 3.33 -29.11
CA ASP D 1143 -58.55 3.22 -29.31
C ASP D 1143 -59.27 3.76 -28.10
N PRO D 1144 -59.98 4.89 -28.20
CA PRO D 1144 -60.72 5.42 -27.05
C PRO D 1144 -61.84 4.48 -26.64
N GLY D 1145 -62.13 4.46 -25.34
CA GLY D 1145 -63.18 3.62 -24.81
C GLY D 1145 -62.67 2.32 -24.22
CA CA E . 0.23 -29.76 26.40
CA CA F . -7.10 -48.72 7.73
MG MG G . -9.14 -44.69 10.19
C20 6PL H . 32.69 15.74 -32.75
C19 6PL H . 34.09 16.32 -33.03
C18 6PL H . 34.77 15.49 -34.14
C17 6PL H . 36.30 15.67 -34.07
C16 6PL H . 36.98 14.54 -34.85
C15 6PL H . 38.52 14.63 -34.65
C14 6PL H . 39.18 15.15 -35.95
C13 6PL H . 40.68 15.44 -35.68
C12 6PL H . 41.52 14.86 -36.86
C11 6PL H . 42.88 15.63 -36.95
O11 6PL H . 43.24 16.32 -36.05
O3 6PL H . 43.70 15.50 -38.12
C3 6PL H . 44.36 16.71 -38.50
C2 6PL H . 45.18 16.45 -39.79
C1 6PL H . 46.57 17.10 -39.66
O3P 6PL H . 47.55 16.09 -39.53
P 6PL H . 47.94 15.52 -38.01
O1P 6PL H . 46.77 14.72 -37.45
O2P 6PL H . 48.23 16.68 -37.09
O4P 6PL H . 49.27 14.53 -38.11
C4 6PL H . 49.51 13.84 -39.32
C5 6PL H . 48.45 12.74 -39.50
N 6PL H . 48.32 12.40 -40.92
C7 6PL H . 49.59 11.89 -41.42
C8 6PL H . 47.30 11.37 -41.08
C6 6PL H . 47.93 13.57 -41.68
O2 6PL H . 44.49 16.90 -40.93
C31 6PL H . 44.32 18.31 -41.13
O31 6PL H . 45.17 18.94 -41.66
C32 6PL H . 43.03 19.02 -40.67
C33 6PL H . 41.81 18.08 -40.91
C34 6PL H . 40.57 18.65 -40.16
C35 6PL H . 39.27 18.06 -40.76
C36 6PL H . 38.84 16.79 -39.98
C37 6PL H . 37.31 16.57 -40.13
C38 6PL H . 36.88 15.30 -39.32
C39 6PL H . 35.35 15.33 -39.11
C19 6PL I . 11.61 -11.03 -40.20
C18 6PL I . 10.53 -12.08 -40.51
C17 6PL I . 9.35 -11.92 -39.53
C16 6PL I . 8.14 -12.72 -40.04
C15 6PL I . 6.86 -12.30 -39.27
C14 6PL I . 6.54 -13.36 -38.19
C13 6PL I . 5.18 -13.03 -37.53
C12 6PL I . 5.39 -12.13 -36.28
C11 6PL I . 5.05 -12.96 -35.00
O11 6PL I . 3.94 -12.99 -34.60
O3 6PL I . 6.10 -13.66 -34.29
C3 6PL I . 5.78 -13.95 -32.94
C2 6PL I . 6.44 -12.91 -32.01
C1 6PL I . 5.53 -12.64 -30.80
O3P 6PL I . 5.44 -13.81 -30.01
P 6PL I . 3.91 -14.47 -29.72
O1P 6PL I . 3.75 -14.75 -28.25
O2P 6PL I . 3.78 -15.76 -30.50
O4P 6PL I . 2.75 -13.40 -30.22
C4 6PL I . 1.69 -13.89 -31.03
C5 6PL I . 0.56 -12.85 -31.10
N 6PL I . 0.46 -12.28 -32.44
C7 6PL I . -0.71 -11.41 -32.51
C8 6PL I . 0.33 -13.33 -33.43
C6 6PL I . 1.65 -11.50 -32.72
O2 6PL I . 6.63 -11.72 -32.71
C31 6PL I . 7.95 -11.17 -32.58
O31 6PL I . 8.34 -10.83 -31.52
C32 6PL I . 8.84 -11.00 -33.83
C33 6PL I . 10.16 -10.30 -33.43
C34 6PL I . 10.76 -9.58 -34.68
C35 6PL I . 11.83 -10.50 -35.35
C36 6PL I . 12.27 -9.89 -36.71
C37 6PL I . 12.47 -8.35 -36.56
C38 6PL I . 13.35 -7.83 -37.74
C39 6PL I . 14.83 -8.07 -37.41
C40 6PL I . 15.69 -7.91 -38.69
C41 6PL I . 15.46 -9.12 -39.63
C42 6PL I . 16.44 -9.04 -40.84
C43 6PL I . 17.89 -8.96 -40.32
C44 6PL I . 18.87 -8.98 -41.51
C45 6PL I . 20.32 -8.84 -40.99
C26 6PL J . 29.90 9.15 -40.47
C25 6PL J . 29.81 8.70 -39.01
C24 6PL J . 28.69 9.48 -38.30
C23 6PL J . 27.33 8.86 -38.68
C22 6PL J . 26.19 9.76 -38.13
C21 6PL J . 24.87 8.98 -38.10
C20 6PL J . 24.89 7.98 -36.92
C19 6PL J . 23.64 7.09 -37.00
C18 6PL J . 22.38 7.94 -36.79
C17 6PL J . 21.19 7.04 -36.41
C16 6PL J . 21.51 6.27 -35.11
C15 6PL J . 20.36 6.48 -34.09
C14 6PL J . 19.34 5.32 -34.22
C13 6PL J . 18.13 5.56 -33.29
C12 6PL J . 18.37 4.88 -31.92
C11 6PL J . 17.01 4.78 -31.16
O11 6PL J . 15.99 4.82 -31.77
O3 6PL J . 16.99 4.63 -29.73
C3 6PL J . 15.75 5.00 -29.13
C2 6PL J . 15.76 4.65 -27.63
C1 6PL J . 15.21 3.23 -27.44
O3P 6PL J . 14.63 3.10 -26.14
P 6PL J . 12.96 3.08 -26.01
O1P 6PL J . 12.43 4.48 -26.15
O2P 6PL J . 12.37 2.20 -27.10
O4P 6PL J . 12.54 2.47 -24.52
C4 6PL J . 12.02 3.37 -23.55
C5 6PL J . 12.37 2.87 -22.15
N 6PL J . 13.45 3.69 -21.57
C7 6PL J . 14.67 3.53 -22.33
C8 6PL J . 13.68 3.27 -20.20
C6 6PL J . 13.05 5.09 -21.57
O2 6PL J . 14.96 5.56 -26.95
C31 6PL J . 15.57 6.11 -25.77
O31 6PL J . 15.78 5.40 -24.85
C32 6PL J . 15.92 7.61 -25.70
C33 6PL J . 16.93 7.98 -26.82
C34 6PL J . 17.57 9.37 -26.50
C35 6PL J . 19.00 9.43 -27.10
C36 6PL J . 19.63 10.82 -26.80
C37 6PL J . 21.14 10.80 -27.17
C19 6PL K . 24.35 -15.33 -40.55
C18 6PL K . 25.81 -15.33 -40.07
C17 6PL K . 26.67 -14.53 -41.08
C16 6PL K . 28.05 -14.24 -40.44
C15 6PL K . 29.07 -13.91 -41.55
C14 6PL K . 29.68 -15.22 -42.11
C13 6PL K . 30.85 -14.90 -43.08
C12 6PL K . 31.84 -13.94 -42.37
C11 6PL K . 33.31 -14.31 -42.78
O11 6PL K . 33.50 -14.95 -43.76
O3 6PL K . 34.42 -13.86 -41.97
C3 6PL K . 34.05 -13.56 -40.63
C2 6PL K . 35.29 -13.05 -39.85
C1 6PL K . 36.57 -13.49 -40.57
O3P 6PL K . 36.98 -12.47 -41.48
P 6PL K . 38.59 -12.44 -41.97
O1P 6PL K . 38.86 -13.62 -42.89
O2P 6PL K . 38.86 -11.16 -42.72
O4P 6PL K . 39.57 -12.54 -40.64
C4 6PL K . 40.94 -12.17 -40.77
C5 6PL K . 41.73 -13.36 -41.34
O2 6PL K . 35.28 -13.57 -38.56
C31 6PL K . 34.38 -12.91 -37.67
O31 6PL K . 34.60 -11.81 -37.31
C32 6PL K . 33.11 -13.64 -37.17
C33 6PL K . 31.92 -12.64 -37.14
C34 6PL K . 30.59 -13.42 -36.91
C35 6PL K . 29.40 -12.41 -36.91
C36 6PL K . 28.06 -13.18 -36.78
C37 6PL K . 26.89 -12.17 -36.79
C38 6PL K . 25.55 -12.91 -36.46
C39 6PL K . 24.44 -11.85 -36.21
C40 6PL K . 23.15 -12.57 -35.74
C41 6PL K . 22.15 -11.51 -35.17
C42 6PL K . 20.86 -12.23 -34.67
C1 CLR L . 33.72 9.86 -44.58
C2 CLR L . 34.94 8.97 -44.40
C3 CLR L . 36.21 9.80 -44.62
C4 CLR L . 36.26 10.88 -43.53
C5 CLR L . 35.03 11.72 -43.60
C6 CLR L . 35.17 13.03 -43.72
C7 CLR L . 34.03 13.96 -43.79
C8 CLR L . 32.79 13.32 -43.19
C9 CLR L . 32.53 11.93 -43.79
C10 CLR L . 33.73 10.98 -43.52
C11 CLR L . 31.22 11.32 -43.26
C12 CLR L . 30.02 12.24 -43.44
C13 CLR L . 30.31 13.61 -42.79
C14 CLR L . 31.57 14.18 -43.48
C15 CLR L . 31.58 15.61 -42.97
C16 CLR L . 30.11 16.03 -43.09
C17 CLR L . 29.27 14.72 -43.08
C18 CLR L . 30.55 13.47 -41.27
C19 CLR L . 33.61 10.36 -42.12
C20 CLR L . 28.13 14.79 -42.05
C21 CLR L . 27.07 13.72 -42.32
C22 CLR L . 27.49 16.18 -42.07
C23 CLR L . 26.90 16.50 -40.71
C24 CLR L . 25.37 16.48 -40.77
C25 CLR L . 24.87 17.40 -41.88
C26 CLR L . 23.41 17.10 -42.16
C27 CLR L . 25.04 18.86 -41.47
O1 CLR L . 37.30 8.94 -44.51
K K M . 41.95 -6.70 -22.72
K K N . 38.83 -6.11 -21.02
K K O . 36.19 -5.73 -19.62
K K P . 32.93 -5.17 -17.77
K K Q . 29.70 -4.92 -16.25
CA CA R . -14.21 32.03 -18.86
CA CA S . 1.91 49.57 -4.89
MG MG T . -2.14 46.50 -4.07
C20 6PL U . 40.03 -27.38 -6.60
C19 6PL U . 40.85 -28.31 -7.51
C18 6PL U . 42.31 -27.84 -7.56
C17 6PL U . 42.99 -28.37 -8.84
C16 6PL U . 44.26 -27.55 -9.11
C15 6PL U . 44.88 -27.97 -10.47
C14 6PL U . 46.15 -28.82 -10.23
C13 6PL U . 46.64 -29.41 -11.56
C12 6PL U . 48.19 -29.22 -11.68
C11 6PL U . 48.78 -30.30 -12.63
O11 6PL U . 48.06 -30.92 -13.35
O3 6PL U . 50.20 -30.53 -12.66
C3 6PL U . 50.56 -31.89 -12.84
C2 6PL U . 52.10 -32.02 -12.83
C1 6PL U . 52.56 -32.97 -13.95
O3P 6PL U . 53.21 -32.21 -14.96
P 6PL U . 52.30 -31.55 -16.20
O1P 6PL U . 51.43 -30.43 -15.65
O2P 6PL U . 51.42 -32.62 -16.82
O4P 6PL U . 53.31 -30.94 -17.38
C4 6PL U . 54.60 -30.50 -16.98
C5 6PL U . 54.46 -29.21 -16.15
N 6PL U . 55.65 -29.04 -15.30
C7 6PL U . 56.84 -28.92 -16.12
C8 6PL U . 55.49 -27.82 -14.51
C6 6PL U . 55.78 -30.17 -14.41
O2 6PL U . 52.57 -32.44 -11.58
C31 6PL U . 52.30 -33.77 -11.14
O31 6PL U . 53.03 -34.66 -11.45
C32 6PL U . 51.08 -34.08 -10.23
C33 6PL U . 50.87 -32.91 -9.23
C34 6PL U . 49.48 -33.06 -8.56
C35 6PL U . 49.44 -32.27 -7.22
C36 6PL U . 48.89 -30.84 -7.49
C37 6PL U . 48.27 -30.27 -6.17
C38 6PL U . 47.69 -28.85 -6.44
C39 6PL U . 46.72 -28.47 -5.29
C19 6PL V . 41.72 2.46 11.38
C18 6PL V . 41.67 3.69 12.29
C17 6PL V . 40.21 3.94 12.73
C16 6PL V . 40.20 4.95 13.90
C15 6PL V . 38.80 4.95 14.58
C14 6PL V . 38.00 6.19 14.10
C13 6PL V . 36.68 6.29 14.90
C12 6PL V . 35.55 5.55 14.13
C11 6PL V . 34.52 6.58 13.59
O11 6PL V . 33.62 6.95 14.29
O3 6PL V . 34.66 7.11 12.26
C3 6PL V . 33.45 7.64 11.71
C2 6PL V . 32.79 6.60 10.79
C1 6PL V . 31.26 6.73 10.90
O3P 6PL V . 30.83 7.98 10.38
P 6PL V . 29.98 9.01 11.40
O1P 6PL V . 28.75 9.52 10.67
O2P 6PL V . 30.86 10.18 11.77
O4P 6PL V . 29.52 8.20 12.77
C4 6PL V . 29.76 8.82 14.02
C5 6PL V . 28.96 8.10 15.12
N 6PL V . 29.88 7.39 16.02
C7 6PL V . 29.11 6.82 17.14
C8 6PL V . 30.88 8.29 16.54
C6 6PL V . 30.53 6.31 15.30
O2 6PL V . 33.16 5.32 11.18
C31 6PL V . 33.61 4.49 10.11
O31 6PL V . 32.86 4.22 9.24
C32 6PL V . 35.06 3.96 10.10
C33 6PL V . 35.24 3.02 8.88
C34 6PL V . 36.40 2.01 9.17
C35 6PL V . 37.73 2.54 8.56
C36 6PL V . 38.92 1.67 9.03
C37 6PL V . 38.53 0.16 8.99
C38 6PL V . 39.82 -0.71 8.99
C39 6PL V . 40.38 -0.80 7.54
C40 6PL V . 41.84 -1.33 7.58
C41 6PL V . 42.79 -0.23 8.14
C42 6PL V . 44.26 -0.71 8.02
C43 6PL V . 44.57 -1.06 6.55
C44 6PL V . 46.06 -1.43 6.41
C45 6PL V . 46.34 -1.85 4.96
C26 6PL W . 46.50 -21.40 -0.87
C25 6PL W . 45.37 -20.75 -1.66
C24 6PL W . 44.03 -21.12 -1.04
C23 6PL W . 43.77 -20.26 0.20
C22 6PL W . 42.53 -20.78 0.94
C21 6PL W . 42.00 -19.70 1.91
C20 6PL W . 41.29 -18.59 1.12
C19 6PL W . 40.92 -17.43 2.07
C18 6PL W . 39.89 -17.92 3.09
C17 6PL W . 39.18 -16.72 3.74
C16 6PL W . 38.47 -15.89 2.65
C15 6PL W . 36.98 -15.67 3.06
C14 6PL W . 36.86 -14.33 3.82
C13 6PL W . 35.40 -14.16 4.32
C12 6PL W . 34.56 -13.37 3.27
C11 6PL W . 33.26 -12.84 3.94
O11 6PL W . 33.22 -12.71 5.13
O3 6PL W . 32.11 -12.52 3.14
C3 6PL W . 30.90 -12.48 3.88
C2 6PL W . 29.75 -11.95 2.99
C1 6PL W . 29.65 -10.42 3.15
O3P 6PL W . 28.32 -9.99 2.89
P 6PL W . 27.35 -9.54 4.18
O1P 6PL W . 26.84 -10.78 4.88
O2P 6PL W . 28.16 -8.71 5.14
O4P 6PL W . 26.06 -8.66 3.62
C4 6PL W . 24.78 -9.27 3.61
C5 6PL W . 23.94 -8.69 2.48
N 6PL W . 23.81 -9.66 1.39
C7 6PL W . 25.12 -9.90 0.78
C8 6PL W . 22.92 -9.13 0.37
C6 6PL W . 23.27 -10.91 1.88
O2 6PL W . 28.55 -12.54 3.38
C31 6PL W . 27.77 -13.05 2.31
O31 6PL W . 27.30 -12.31 1.52
C32 6PL W . 27.52 -14.58 2.17
C33 6PL W . 28.88 -15.33 2.01
C34 6PL W . 28.61 -16.77 1.49
C35 6PL W . 29.83 -17.25 0.66
C36 6PL W . 29.57 -18.70 0.15
C37 6PL W . 30.66 -19.09 -0.88
C19 6PL X . 49.66 3.47 0.56
C18 6PL X . 50.03 3.18 -0.91
C17 6PL X . 51.10 2.06 -0.95
C16 6PL X . 51.23 1.54 -2.40
C15 6PL X . 52.59 0.83 -2.57
C14 6PL X . 53.67 1.87 -2.93
C13 6PL X . 54.99 1.15 -3.31
C12 6PL X . 54.70 0.07 -4.39
C11 6PL X . 55.88 0.02 -5.41
O11 6PL X . 56.95 0.46 -5.11
O3 6PL X . 55.68 -0.56 -6.72
C3 6PL X . 54.32 -0.60 -7.13
C2 6PL X . 54.20 -1.29 -8.51
C1 6PL X . 55.56 -1.26 -9.22
O3P 6PL X . 56.27 -2.46 -8.91
P 6PL X . 57.50 -2.94 -9.95
O1P 6PL X . 58.68 -1.99 -9.82
O2P 6PL X . 57.94 -4.35 -9.60
O4P 6PL X . 56.95 -2.92 -11.52
C4 6PL X . 57.68 -3.60 -12.52
C5 6PL X . 58.84 -2.73 -13.00
O2 6PL X . 53.26 -0.61 -9.29
C31 6PL X . 51.92 -0.91 -8.96
O31 6PL X . 51.46 -1.97 -9.20
C32 6PL X . 51.02 0.17 -8.29
C33 6PL X . 50.13 -0.50 -7.21
C34 6PL X . 49.44 0.60 -6.35
C35 6PL X . 48.58 -0.08 -5.24
C36 6PL X . 47.97 1.00 -4.31
C37 6PL X . 47.13 0.31 -3.21
C38 6PL X . 46.34 1.39 -2.39
C39 6PL X . 45.30 0.68 -1.49
C40 6PL X . 44.42 1.74 -0.79
C41 6PL X . 43.18 1.04 -0.14
C42 6PL X . 42.27 2.10 0.54
C1 CLR Y . 51.69 -23.55 -1.62
C2 CLR Y . 52.39 -22.96 -2.84
C3 CLR Y . 53.02 -24.09 -3.64
C4 CLR Y . 51.90 -25.00 -4.15
C5 CLR Y . 51.12 -25.52 -3.01
C6 CLR Y . 50.97 -26.82 -2.87
C7 CLR Y . 50.21 -27.46 -1.78
C8 CLR Y . 49.22 -26.46 -1.18
C9 CLR Y . 49.92 -25.14 -0.81
C10 CLR Y . 50.55 -24.48 -2.07
C11 CLR Y . 48.95 -24.17 -0.12
C12 CLR Y . 48.25 -24.78 1.08
C13 CLR Y . 47.55 -26.08 0.66
C14 CLR Y . 48.62 -27.03 0.09
C15 CLR Y . 47.86 -28.35 -0.02
C16 CLR Y . 47.10 -28.40 1.31
C17 CLR Y . 46.97 -26.94 1.82
C18 CLR Y . 46.46 -25.82 -0.40
C19 CLR Y . 49.48 -23.68 -2.83
C20 CLR Y . 45.51 -26.60 2.19
C21 CLR Y . 45.45 -25.36 3.08
C22 CLR Y . 44.86 -27.78 2.91
C23 CLR Y . 43.36 -27.76 2.68
C24 CLR Y . 42.62 -27.38 3.96
C25 CLR Y . 43.05 -28.30 5.11
C26 CLR Y . 42.60 -27.69 6.43
C27 CLR Y . 42.45 -29.69 4.94
O1 CLR Y . 53.71 -23.51 -4.71
C1 8I2 Z . 25.93 -9.14 -14.59
C12 8I2 Z . 24.74 -3.08 -19.02
C14 8I2 Z . 25.22 -1.94 -18.15
C17 8I2 Z . 26.78 -0.11 -17.46
C19 8I2 Z . 27.20 -0.65 -16.11
C2 8I2 Z . 26.30 -7.65 -14.55
C22 8I2 Z . 29.19 -0.12 -14.79
C24 8I2 Z . 29.16 -1.06 -13.61
C27 8I2 Z . 30.12 -2.05 -11.54
C29 8I2 Z . 30.15 -3.50 -12.00
C32 8I2 Z . 29.09 -5.17 -10.54
C34 8I2 Z . 28.62 -6.39 -11.31
C37 8I2 Z . 28.92 -8.63 -12.41
C39 8I2 Z . 28.57 -8.36 -13.86
C4 8I2 Z . 25.87 -6.94 -15.83
C42 8I2 Z . 27.80 -9.36 -11.67
C43 8I2 Z . 28.34 -10.06 -10.42
C44 8I2 Z . 27.16 -10.65 -9.64
C45 8I2 Z . 29.29 -11.18 -10.83
C46 8I2 Z . 30.85 -7.50 -11.34
C47 8I2 Z . 29.30 -5.49 -9.05
C48 8I2 Z . 30.56 -4.82 -8.55
C49 8I2 Z . 30.49 -3.54 -8.01
C50 8I2 Z . 31.62 -2.91 -7.55
C51 8I2 Z . 32.85 -3.57 -7.61
C52 8I2 Z . 32.92 -4.85 -8.14
C53 8I2 Z . 31.78 -5.47 -8.60
C55 8I2 Z . 35.18 -3.79 -7.14
C56 8I2 Z . 36.36 -3.03 -6.52
C58 8I2 Z . 35.42 -0.94 -7.23
C59 8I2 Z . 34.23 -1.67 -7.86
C60 8I2 Z . 28.95 -1.74 -10.59
C61 8I2 Z . 29.01 -0.31 -10.06
C62 8I2 Z . 27.79 -0.04 -9.20
C63 8I2 Z . 30.28 -0.12 -9.23
C64 8I2 Z . 31.34 -0.24 -12.79
C65 8I2 Z . 30.01 -0.69 -15.96
C66 8I2 Z . 25.74 1.01 -17.30
C67 8I2 Z . 25.38 1.61 -18.65
C68 8I2 Z . 24.32 2.70 -18.45
C69 8I2 Z . 26.62 2.22 -19.30
C7 8I2 Z . 26.00 -6.36 -18.26
C70 8I2 Z . 27.27 -1.45 -19.47
C71 8I2 Z . 24.19 -2.62 -20.37
C72 8I2 Z . 24.26 -3.74 -21.37
C73 8I2 Z . 23.30 -4.74 -21.36
C74 8I2 Z . 23.37 -5.77 -22.28
C75 8I2 Z . 24.40 -5.81 -23.19
C76 8I2 Z . 25.36 -4.81 -23.20
C77 8I2 Z . 25.30 -3.79 -22.29
C79 8I2 Z . 23.60 -7.97 -23.83
C80 8I2 Z . 23.84 -9.09 -24.85
C82 8I2 Z . 24.48 -7.48 -26.50
C83 8I2 Z . 24.26 -6.34 -25.50
C84 8I2 Z . 24.55 -6.73 -18.65
C85 8I2 Z . 24.47 -8.19 -19.08
C86 8I2 Z . 23.00 -8.60 -19.21
C87 8I2 Z . 25.17 -8.38 -20.43
C88 8I2 Z . 27.64 -7.92 -17.28
C9 8I2 Z . 26.17 -4.86 -18.15
N16 8I2 Z . 26.35 -1.21 -18.34
N26 8I2 Z . 30.16 -1.12 -12.69
N36 8I2 Z . 29.42 -7.45 -11.68
N54 8I2 Z . 33.99 -2.92 -7.13
N6 8I2 Z . 26.46 -7.08 -17.06
N78 8I2 Z . 24.50 -6.84 -24.14
O10 8I2 Z . 26.67 -4.40 -17.16
O11 8I2 Z . 25.76 -4.10 -19.17
O15 8I2 Z . 24.50 -1.69 -17.19
O20 8I2 Z . 26.97 -1.81 -15.85
O21 8I2 Z . 27.84 0.15 -15.25
O25 8I2 Z . 28.19 -1.80 -13.51
O30 8I2 Z . 30.12 -3.77 -13.17
O31 8I2 Z . 30.25 -4.49 -11.10
O35 8I2 Z . 27.44 -6.39 -11.61
O40 8I2 Z . 29.12 -9.02 -14.70
O41 8I2 Z . 27.69 -7.40 -14.20
O5 8I2 Z . 24.90 -6.22 -15.72
O57 8I2 Z . 36.57 -1.80 -7.22
O81 8I2 Z . 24.83 -8.66 -25.79
CA CA AA . 10.44 23.71 30.22
CA CA BA . 21.51 3.97 44.90
MG MG CA . 15.47 7.10 44.84
C20 6PL DA . 22.33 -19.00 -36.51
C19 6PL DA . 23.01 -18.86 -37.89
C18 6PL DA . 24.35 -19.62 -37.88
C17 6PL DA . 25.28 -19.04 -38.96
C16 6PL DA . 26.73 -19.44 -38.64
C15 6PL DA . 27.72 -18.63 -39.53
C14 6PL DA . 28.58 -19.60 -40.37
C13 6PL DA . 29.70 -18.80 -41.08
C12 6PL DA . 30.95 -19.70 -41.24
C11 6PL DA . 31.88 -19.12 -42.33
O11 6PL DA . 31.83 -17.96 -42.61
O3 6PL DA . 32.82 -19.97 -43.02
C3 6PL DA . 33.13 -19.53 -44.34
C2 6PL DA . 34.14 -20.50 -44.99
C1 6PL DA . 34.68 -19.89 -46.29
O3P 6PL DA . 36.06 -19.55 -46.12
P 6PL DA . 36.43 -18.03 -45.51
O1P 6PL DA . 36.21 -18.01 -44.02
O2P 6PL DA . 35.55 -16.99 -46.17
O4P 6PL DA . 38.03 -17.69 -45.85
C4 6PL DA . 38.93 -18.76 -45.98
C5 6PL DA . 39.72 -18.93 -44.68
N 6PL DA . 39.78 -20.35 -44.30
C7 6PL DA . 40.51 -21.11 -45.31
C8 6PL DA . 40.47 -20.46 -43.02
C6 6PL DA . 38.44 -20.87 -44.18
O2 6PL DA . 33.57 -21.77 -45.21
C31 6PL DA . 32.58 -21.91 -46.24
O31 6PL DA . 32.92 -22.14 -47.35
C32 6PL DA . 31.07 -21.81 -45.92
C33 6PL DA . 30.74 -22.75 -44.73
C34 6PL DA . 29.55 -22.17 -43.92
C35 6PL DA . 28.83 -23.30 -43.14
C36 6PL DA . 28.91 -23.02 -41.62
C37 6PL DA . 27.69 -23.67 -40.90
C38 6PL DA . 27.78 -23.38 -39.37
C39 6PL DA . 26.40 -23.62 -38.73
C19 6PL EA . 26.51 -33.88 -6.20
C18 6PL EA . 26.37 -34.62 -4.86
C17 6PL EA . 25.12 -34.10 -4.12
C16 6PL EA . 24.79 -35.06 -2.96
C15 6PL EA . 23.37 -34.74 -2.41
C14 6PL EA . 23.49 -33.90 -1.13
C13 6PL EA . 22.06 -33.67 -0.54
C12 6PL EA . 21.48 -32.34 -1.09
C11 6PL EA . 21.36 -31.31 0.08
O11 6PL EA . 20.44 -31.37 0.84
O3 6PL EA . 22.37 -30.28 0.25
C3 6PL EA . 21.90 -29.13 0.96
C2 6PL EA . 21.59 -28.00 -0.04
C1 6PL EA . 20.68 -26.96 0.65
O3P 6PL EA . 21.04 -26.84 2.02
P 6PL EA . 19.84 -27.05 3.17
O1P 6PL EA . 19.35 -25.70 3.66
O2P 6PL EA . 20.38 -27.85 4.33
O4P 6PL EA . 18.56 -27.87 2.48
C4 6PL EA . 17.57 -28.43 3.32
C5 6PL EA . 16.43 -28.99 2.45
N 6PL EA . 16.32 -30.44 2.59
C7 6PL EA . 15.74 -30.76 3.90
C8 6PL EA . 17.62 -31.07 2.48
C6 6PL EA . 15.46 -30.96 1.55
O2 6PL EA . 20.94 -28.51 -1.15
C31 6PL EA . 21.47 -28.06 -2.39
O31 6PL EA . 21.21 -26.98 -2.79
C32 6PL EA . 22.39 -28.98 -3.23
C33 6PL EA . 22.83 -28.24 -4.52
C34 6PL EA . 23.28 -29.27 -5.59
C35 6PL EA . 24.84 -29.33 -5.65
C36 6PL EA . 25.28 -30.39 -6.71
C37 6PL EA . 24.46 -30.19 -8.01
C38 6PL EA . 25.16 -30.98 -9.17
C39 6PL EA . 26.32 -30.13 -9.73
C40 6PL EA . 27.22 -31.01 -10.64
C41 6PL EA . 28.05 -31.98 -9.76
C42 6PL EA . 29.09 -32.73 -10.66
C43 6PL EA . 29.98 -31.68 -11.39
C44 6PL EA . 31.06 -32.41 -12.20
C45 6PL EA . 31.89 -31.38 -13.00
C26 6PL FA . 28.74 -27.48 -33.20
C25 6PL FA . 28.48 -26.12 -32.55
C24 6PL FA . 26.97 -25.90 -32.43
C23 6PL FA . 26.42 -26.67 -31.22
C22 6PL FA . 24.89 -26.59 -31.21
C21 6PL FA . 24.35 -27.00 -29.82
C20 6PL FA . 24.52 -25.83 -28.83
C19 6PL FA . 24.22 -26.31 -27.41
C18 6PL FA . 22.73 -26.68 -27.28
C17 6PL FA . 22.24 -26.46 -25.84
C16 6PL FA . 22.45 -24.98 -25.45
C15 6PL FA . 21.29 -24.53 -24.51
C14 6PL FA . 21.30 -25.39 -23.22
C13 6PL FA . 20.06 -25.03 -22.36
C12 6PL FA . 20.34 -23.74 -21.54
C11 6PL FA . 19.10 -23.41 -20.65
O11 6PL FA . 18.34 -24.28 -20.36
O3 6PL FA . 18.87 -22.07 -20.18
C3 6PL FA . 17.59 -21.87 -19.59
C2 6PL FA . 17.51 -20.46 -18.96
C1 6PL FA . 17.85 -20.56 -17.47
O3P 6PL FA . 17.15 -19.56 -16.75
P 6PL FA . 15.83 -20.01 -15.80
O1P 6PL FA . 14.64 -20.31 -16.70
O2P 6PL FA . 16.19 -21.25 -15.00
O4P 6PL FA . 15.45 -18.77 -14.77
C4 6PL FA . 14.25 -18.06 -14.99
C5 6PL FA . 14.39 -16.62 -14.46
N 6PL FA . 14.52 -15.67 -15.56
C7 6PL FA . 15.74 -15.94 -16.31
C8 6PL FA . 14.56 -14.32 -15.03
C6 6PL FA . 13.38 -15.80 -16.45
O2 6PL FA . 16.22 -19.96 -19.12
C31 6PL FA . 16.17 -18.63 -19.61
O31 6PL FA . 16.61 -17.74 -18.96
C32 6PL FA . 15.53 -18.33 -20.99
C33 6PL FA . 16.38 -18.97 -22.12
C34 6PL FA . 15.79 -18.58 -23.51
C35 6PL FA . 16.91 -18.66 -24.59
C36 6PL FA . 16.31 -18.31 -25.97
C37 6PL FA . 17.46 -18.15 -27.01
C19 6PL GA . 38.26 -29.61 -10.15
C18 6PL GA . 39.04 -28.71 -11.12
C17 6PL GA . 40.00 -29.57 -11.97
C16 6PL GA . 40.58 -28.71 -13.10
C15 6PL GA . 41.60 -29.55 -13.92
C14 6PL GA . 43.01 -29.42 -13.29
C13 6PL GA . 44.10 -29.73 -14.35
C12 6PL GA . 43.77 -28.94 -15.65
C11 6PL GA . 45.04 -28.87 -16.56
O11 6PL GA . 45.91 -29.66 -16.42
O3 6PL GA . 45.14 -27.83 -17.56
C3 6PL GA . 45.74 -26.64 -17.08
C2 6PL GA . 45.24 -25.43 -17.90
C1 6PL GA . 46.23 -25.15 -19.05
O3P 6PL GA . 46.43 -26.33 -19.80
P 6PL GA . 47.83 -26.44 -20.73
O1P 6PL GA . 49.00 -26.79 -19.85
O2P 6PL GA . 47.66 -27.50 -21.79
O4P 6PL GA . 48.10 -24.97 -21.47
C4 6PL GA . 49.03 -24.90 -22.53
C5 6PL GA . 50.46 -24.80 -21.98
O2 6PL GA . 45.16 -24.32 -17.08
C31 6PL GA . 43.85 -23.83 -16.88
O31 6PL GA . 43.39 -23.03 -17.62
C32 6PL GA . 43.01 -24.32 -15.67
C33 6PL GA . 41.66 -23.56 -15.63
C34 6PL GA . 40.95 -23.81 -14.26
C35 6PL GA . 39.73 -24.74 -14.46
C36 6PL GA . 38.95 -24.87 -13.12
C37 6PL GA . 37.53 -25.46 -13.39
C38 6PL GA . 36.73 -25.51 -12.05
C39 6PL GA . 35.24 -25.82 -12.35
C40 6PL GA . 34.46 -25.92 -11.01
C41 6PL GA . 32.93 -25.97 -11.31
C42 6PL GA . 32.15 -26.07 -9.96
C1 CLR HA . 31.31 -29.83 -36.82
C2 CLR HA . 32.71 -29.23 -36.81
C3 CLR HA . 33.24 -29.17 -38.24
C4 CLR HA . 32.34 -28.20 -39.03
C5 CLR HA . 30.94 -28.70 -38.98
C6 CLR HA . 30.30 -28.88 -40.13
C7 CLR HA . 28.90 -29.37 -40.21
C8 CLR HA . 28.17 -29.10 -38.91
C9 CLR HA . 28.97 -29.64 -37.70
C10 CLR HA . 30.35 -28.94 -37.62
C11 CLR HA . 28.20 -29.47 -36.39
C12 CLR HA . 26.81 -30.08 -36.45
C13 CLR HA . 26.03 -29.50 -37.63
C14 CLR HA . 26.83 -29.80 -38.92
C15 CLR HA . 25.84 -29.43 -40.02
C16 CLR HA . 24.53 -30.01 -39.49
C17 CLR HA . 24.67 -30.16 -37.95
C18 CLR HA . 25.86 -27.96 -37.48
C19 CLR HA . 30.22 -27.57 -36.91
C20 CLR HA . 23.48 -29.53 -37.20
C21 CLR HA . 23.38 -30.06 -35.77
C22 CLR HA . 22.17 -29.81 -37.95
C23 CLR HA . 21.16 -28.71 -37.63
C24 CLR HA . 20.02 -29.27 -36.78
C25 CLR HA . 19.33 -30.42 -37.51
C26 CLR HA . 18.38 -31.12 -36.55
C27 CLR HA . 18.56 -29.89 -38.72
O1 CLR HA . 34.54 -28.67 -38.18
K K IA . 45.73 -7.31 -24.74
CA CA JA . -25.09 -21.37 -22.58
CA CA KA . -26.72 -2.92 -42.19
MG MG LA . -30.53 -4.54 -36.79
C20 6PL MA . 46.21 7.91 -0.70
C19 6PL MA . 47.65 7.43 -0.48
C18 6PL MA . 48.52 7.86 -1.68
C17 6PL MA . 49.74 6.93 -1.79
C16 6PL MA . 50.33 7.03 -3.20
C15 6PL MA . 51.37 5.90 -3.43
C14 6PL MA . 52.73 6.51 -3.78
C13 6PL MA . 53.71 5.38 -4.23
C12 6PL MA . 54.70 5.95 -5.29
C11 6PL MA . 55.95 5.02 -5.38
O11 6PL MA . 55.86 3.87 -5.05
O3 6PL MA . 57.20 5.53 -5.87
C3 6PL MA . 58.33 4.85 -5.35
C2 6PL MA . 59.63 5.48 -5.95
C1 6PL MA . 60.82 4.58 -5.59
O3P 6PL MA . 61.31 3.95 -6.78
P 6PL MA . 60.64 2.48 -7.24
O1P 6PL MA . 59.29 2.73 -7.89
O2P 6PL MA . 60.47 1.60 -6.03
O4P 6PL MA . 61.66 1.74 -8.33
C4 6PL MA . 62.50 2.55 -9.14
C5 6PL MA . 61.87 2.70 -10.53
N 6PL MA . 61.92 4.11 -10.95
C7 6PL MA . 63.32 4.54 -11.09
C8 6PL MA . 61.26 4.23 -12.24
C6 6PL MA . 61.25 4.94 -9.98
O2 6PL MA . 59.81 6.79 -5.49
C31 6PL MA . 60.19 7.01 -4.13
O31 6PL MA . 61.33 7.00 -3.82
C32 6PL MA . 59.12 7.31 -3.05
C33 6PL MA . 58.20 8.45 -3.55
C34 6PL MA . 56.78 8.28 -2.94
C35 6PL MA . 56.05 9.65 -2.91
C36 6PL MA . 54.76 9.55 -3.78
C37 6PL MA . 53.70 10.57 -3.26
C38 6PL MA . 52.41 10.48 -4.14
C39 6PL MA . 51.23 11.13 -3.38
C19 6PL NA . 26.99 25.42 -22.65
C18 6PL NA . 26.00 26.34 -23.36
C17 6PL NA . 24.62 26.23 -22.68
C16 6PL NA . 23.73 27.39 -23.16
C15 6PL NA . 22.47 27.50 -22.25
C14 6PL NA . 21.27 26.83 -22.95
C13 6PL NA . 19.99 27.01 -22.08
C12 6PL NA . 19.82 25.79 -21.14
C11 6PL NA . 18.56 24.98 -21.56
O11 6PL NA . 17.48 25.35 -21.23
O3 6PL NA . 18.68 23.79 -22.36
C3 6PL NA . 17.59 22.89 -22.22
C2 6PL NA . 17.97 21.72 -21.29
C1 6PL NA . 16.69 21.03 -20.78
O3P 6PL NA . 15.72 21.01 -21.82
P 6PL NA . 14.21 21.66 -21.49
O1P 6PL NA . 13.23 20.54 -21.21
O2P 6PL NA . 13.72 22.46 -22.68
O4P 6PL NA . 14.31 22.64 -20.15
C4 6PL NA . 13.24 23.53 -19.88
C5 6PL NA . 13.51 24.21 -18.52
N 6PL NA . 13.68 25.66 -18.68
C7 6PL NA . 12.39 26.28 -18.96
C8 6PL NA . 14.60 25.94 -19.78
C6 6PL NA . 14.22 26.21 -17.45
O2 6PL NA . 18.68 22.22 -20.20
C31 6PL NA . 19.86 21.49 -19.90
O31 6PL NA . 19.80 20.46 -19.33
C32 6PL NA . 21.25 22.05 -20.31
C33 6PL NA . 22.36 21.05 -19.87
C34 6PL NA . 23.73 21.81 -19.77
C35 6PL NA . 24.58 21.50 -21.03
C36 6PL NA . 25.93 22.26 -20.94
C37 6PL NA . 26.55 22.09 -19.52
C38 6PL NA . 28.04 22.52 -19.54
C39 6PL NA . 28.91 21.36 -20.10
C40 6PL NA . 30.33 21.88 -20.43
C41 6PL NA . 30.27 22.75 -21.73
C42 6PL NA . 31.72 23.09 -22.18
C43 6PL NA . 32.52 21.79 -22.38
C44 6PL NA . 33.92 22.13 -22.92
C45 6PL NA . 34.75 20.83 -23.04
C26 6PL OA . 48.82 15.05 -8.82
C25 6PL OA . 47.83 13.88 -8.81
C24 6PL OA . 46.89 14.04 -7.60
C23 6PL OA . 45.81 15.08 -7.91
C22 6PL OA . 44.98 15.35 -6.64
C21 6PL OA . 43.66 16.06 -7.01
C20 6PL OA . 42.65 15.03 -7.55
C19 6PL OA . 41.44 15.76 -8.15
C18 6PL OA . 40.66 16.48 -7.03
C17 6PL OA . 39.17 16.57 -7.40
C16 6PL OA . 38.60 15.16 -7.61
C15 6PL OA . 37.12 15.12 -7.12
C14 6PL OA . 36.27 16.11 -7.93
C13 6PL OA . 34.84 16.17 -7.35
C12 6PL OA . 33.99 14.97 -7.88
C11 6PL OA . 32.55 15.07 -7.30
O11 6PL OA . 32.12 16.12 -6.94
O3 6PL OA . 31.72 13.89 -7.21
C3 6PL OA . 30.53 14.08 -6.45
C2 6PL OA . 29.63 12.83 -6.56
C1 6PL OA . 28.60 13.05 -7.69
O3P 6PL OA . 27.41 12.34 -7.39
P 6PL OA . 26.06 13.21 -6.87
O1P 6PL OA . 26.26 13.66 -5.45
O2P 6PL OA . 25.88 14.43 -7.75
O4P 6PL OA . 24.71 12.25 -6.98
C4 6PL OA . 24.10 11.81 -5.78
C5 6PL OA . 23.39 10.47 -6.02
N 6PL OA . 24.14 9.37 -5.40
C7 6PL OA . 25.45 9.24 -6.04
C8 6PL OA . 23.41 8.14 -5.57
C6 6PL OA . 24.31 9.63 -3.99
O2 6PL OA . 28.97 12.62 -5.36
C31 6PL OA . 29.04 11.28 -4.89
O31 6PL OA . 28.51 10.42 -5.50
C32 6PL OA . 29.77 10.95 -3.56
C33 6PL OA . 31.29 11.23 -3.72
C34 6PL OA . 32.03 10.79 -2.41
C35 6PL OA . 33.51 10.47 -2.74
C36 6PL OA . 34.27 10.07 -1.45
C37 6PL OA . 35.67 9.52 -1.81
C19 6PL PA . 35.28 18.04 -29.65
C18 6PL PA . 36.26 16.86 -29.65
C17 6PL PA . 37.65 17.35 -30.09
C16 6PL PA . 38.68 16.24 -29.84
C15 6PL PA . 40.08 16.70 -30.33
C14 6PL PA . 40.25 16.34 -31.82
C13 6PL PA . 41.76 16.23 -32.16
C12 6PL PA . 42.48 15.37 -31.09
C11 6PL PA . 43.85 14.89 -31.63
O11 6PL PA . 44.39 15.46 -32.52
O3 6PL PA . 44.48 13.73 -31.03
C3 6PL PA . 44.11 12.50 -31.65
C2 6PL PA . 44.24 11.35 -30.64
C1 6PL PA . 45.63 10.69 -30.78
O3P 6PL PA . 46.64 11.68 -30.69
P 6PL PA . 48.15 11.33 -31.34
O1P 6PL PA . 48.10 11.52 -32.84
O2P 6PL PA . 49.18 12.25 -30.74
O4P 6PL PA . 48.53 9.75 -30.98
C4 6PL PA . 49.88 9.33 -31.15
C5 6PL PA . 50.13 8.97 -32.62
O2 6PL PA . 43.25 10.40 -30.90
C31 6PL PA . 42.29 10.26 -29.86
O31 6PL PA . 42.48 9.50 -28.97
C32 6PL PA . 40.98 11.09 -29.90
C33 6PL PA . 40.08 10.68 -28.71
C34 6PL PA . 38.65 11.27 -28.91
C35 6PL PA . 38.40 12.42 -27.89
C36 6PL PA . 36.94 12.91 -28.01
C37 6PL PA . 36.57 13.77 -26.77
C38 6PL PA . 35.06 14.18 -26.85
C39 6PL PA . 34.62 14.80 -25.50
C40 6PL PA . 33.14 15.25 -25.60
C41 6PL PA . 32.60 15.61 -24.19
C42 6PL PA . 31.12 16.07 -24.29
C1 CLR QA . 53.69 16.22 -9.24
C2 CLR QA . 54.25 15.32 -10.32
C3 CLR QA . 55.69 14.94 -9.96
C4 CLR QA . 55.65 14.12 -8.67
C5 CLR QA . 55.00 14.92 -7.59
C6 CLR QA . 55.66 15.09 -6.45
C7 CLR QA . 55.13 15.87 -5.31
C8 CLR QA . 53.61 15.96 -5.41
C9 CLR QA . 53.16 16.45 -6.79
C10 CLR QA . 53.63 15.47 -7.89
C11 CLR QA . 51.65 16.65 -6.85
C12 CLR QA . 51.12 17.56 -5.75
C13 CLR QA . 51.55 17.01 -4.39
C14 CLR QA . 53.10 16.95 -4.37
C15 CLR QA . 53.40 16.67 -2.91
C16 CLR QA . 52.42 17.60 -2.18
C17 CLR QA . 51.27 17.92 -3.16
C18 CLR QA . 50.97 15.59 -4.14
C19 CLR QA . 52.66 14.29 -8.00
C20 CLR QA . 49.89 17.70 -2.52
C21 CLR QA . 48.80 18.42 -3.29
C22 CLR QA . 49.90 18.17 -1.06
C23 CLR QA . 48.85 17.39 -0.27
C24 CLR QA . 47.70 18.30 0.14
C25 CLR QA . 48.23 19.47 0.97
C26 CLR QA . 47.11 20.50 1.13
C27 CLR QA . 48.69 18.98 2.33
O1 CLR QA . 56.18 14.17 -11.01
#